data_8WR4
#
_entry.id   8WR4
#
_cell.length_a   1.00
_cell.length_b   1.00
_cell.length_c   1.00
_cell.angle_alpha   90.00
_cell.angle_beta   90.00
_cell.angle_gamma   90.00
#
_symmetry.space_group_name_H-M   'P 1'
#
loop_
_entity.id
_entity.type
_entity.pdbx_description
1 polymer 'CbCas9 effector-1'
2 polymer 'DNA (62-MER)'
3 polymer PcrIIC1
4 polymer 'sgRNA effector-2'
5 polymer 'DNA (62-MER)'
6 non-polymer 'MAGNESIUM ION'
#
loop_
_entity_poly.entity_id
_entity_poly.type
_entity_poly.pdbx_seq_one_letter_code
_entity_poly.pdbx_strand_id
1 'polypeptide(L)'
;MIKNILGLALGTNSIGWALVKQDFENKQGEILGMGSRIIPMSQDILGDFGKGNSVSQTAERTKYRSVRRLRERFLLRRER
LHRVLYILNFLPEHYASQIDFEKRLGKFKVETEPKLVWKNTDGQFSFLFQNSFNEMLEDFKAAGQELKIPYDWTIYHLRK
KAISQKIEKEELAWILLNFNHKRGYYQLRGEDFEEEKDKTFVRLKVDRIVDSGENVKGKILYDVYFENGWKYDKQVVKTE
DWVDRTKEFIVSESILKNGETKRTFKAVDSEKDWIAIKTKTEQEIEHSHKTVGTYIYETLLQNPKQKIKGKLVRTIERKF
YKEELRQILEKQKEFHQELQSDDLYNDCIRELYRNNEVHQLTLRKKDFVHLFMEDIIFYQRPLRSQKSSVSNCTLEFRKY
KGENGAEHTQYLKAIPKSNPYYQEFRLWQWIFNLNLYTKDNDENVTKVFLNTTQDFENLFEFLNTRKEVDQKALLKHFKL
NEKTHRWNFVEDKKYPCNETKTMISSRLDKVENISDDFLTRDIEQKIWHIIYSVNDKVEYEKALKSFARKHHLDESSFFE
AFRKFPPFKSEYGSFSEKAIKKLLPLMRLGKYWNYAEIDKYSRERIQKIITGEYDENIKDKVREKSVHLTIENDFQGLQL
WLAQYIVYGRHSEASMIGKWNSANDLEVFLKDFKQHSLRNPIVEQVITETLRVVKDIWLKYGNGTKDFFNEIHIELGREM
KLPADDRKKLTNQITENENTNLRIKALLAEMMNDHSVENVRPFSPMQQEILKIYEDGVLKSDIEIEDDILKISKTAQPSS
SDLKRYKLWLEQKYKSPYTGQIIPLNKLFTPEYEIEAIIPQSRYFDDSFSNKIICESAVNKLKDNYIGLGFIKQFGGTII
ELGFGKSVKVFDTEEYEDFVKKHYANNRGKRNKLLMEDIPEKMIERQLNDTRYISKYISGILSNIVRVEDGSDEGVNSKN
IVPGNGKITTQLKQDWGLNDVWNDLILPRFERMNQLTNSKDFTAWNENHQKFLPTVPIEFSKGFSKKRIDHRHHALDALV
IACATTDHVNLLNNQSAKSDTKRYDLKKKLMKFEKVVYHHTQTGEKIEREIPKQFLKPWEKFTVDAKHNLESIIVSFKQN
LRVINKATNYYEKYVEKDGTKNKERVEQAGTNWAIRKPMHKDTVSGKVDLPWVKVPKGKILTATRKSLDSSFDLKSIGSI
TDTGIQKILKNYLAFKDGNPELAFSPEGIDDLNKNIEKYNDGKPHQPINKVRVFELGSKFQVGQTGNKKGKYVEAAKGTN
LFFAVYEDEKGKRSYETIPLNEVIERQKQGLTSVPLENEKGSRLLFDLSPNDLVYVPEIDENIDSNFVFSNLNKEKISRI
YKVEKTSGTECYFVRQDIAYLIKQYDAKTKIGELESQNKLQVTMTDDRIRITDTCVKINCDRLGNINFITKEKIKQIFNE
FR
;
A,B
2 'polydeoxyribonucleotide'
;(DC)(DC)(DA)(DG)(DG)(DT)(DG)(DC)(DT)(DC)(DA)(DA)(DT)(DT)(DT)(DA)(DG)(DC)(DT)(DA)
(DT)(DC)(DT)(DC)(DT)(DC)(DC)(DT)(DC)(DG)(DG)(DC)(DT)(DC)(DC)(DC)(DC)(DG)(DA)(DC)
(DA)(DT)(DT)(DC)(DT)(DC)(DT)(DG)(DG)(DC)(DA)(DT)(DC)(DC)(DT)(DT)(DC)(DC)(DA)(DC)
(DT)(DC)
;
F
3 'polypeptide(L)'
;MSLDKIAIDTNILLYAYDNRDLDKQDRAVEILLKKPFVTQLVVFEFIKVLERRFKMDKKEITKLTIKLLKEVIIPLSLHR
DIYNYSQFLLQRYNFGLSDILVLSDSILNNCTILLSEDMCNGMIVDKKLKIVNPFL
;
G,H
4 'polyribonucleotide'
;GCCUCAUCGUAACAGCCGAGGUUGUGAAUUGCUUUCAAAAAUUAUUGAGAAAUAAUUUUGAAAAGCAAUUCACAAUAAGG
AUUAUUCCGUUGUGAAAACAUUCAAGGCGGGGCAACUCGCCUUUUUU
;
N,O
5 'polydeoxyribonucleotide'
;(DG)(DA)(DG)(DT)(DG)(DG)(DA)(DA)(DG)(DG)(DA)(DT)(DG)(DC)(DC)(DA)(DG)(DA)(DG)(DA)
(DA)(DT)(DG)(DT)(DC)(DG)(DG)(DG)(DG)(DA)(DG)(DC)(DC)(DG)(DA)(DG)(DG)(DA)(DG)(DA)
(DG)(DA)(DT)(DA)(DG)(DC)(DT)(DA)(DA)(DA)(DT)(DT)(DG)(DA)(DG)(DC)(DA)(DC)(DC)(DT)
(DG)(DG)
;
S
#
# COMPACT_ATOMS: atom_id res chain seq x y z
N MET A 1 61.24 5.30 -39.89
CA MET A 1 60.71 6.56 -40.37
C MET A 1 59.53 6.95 -39.48
N ILE A 2 58.47 6.14 -39.52
CA ILE A 2 57.34 6.28 -38.62
C ILE A 2 57.27 4.99 -37.78
N LYS A 3 57.31 5.16 -36.47
CA LYS A 3 57.46 4.04 -35.55
C LYS A 3 56.24 3.93 -34.64
N ASN A 4 55.84 2.69 -34.37
CA ASN A 4 54.75 2.39 -33.44
C ASN A 4 55.34 1.70 -32.22
N ILE A 5 55.09 2.27 -31.05
CA ILE A 5 55.71 1.83 -29.80
C ILE A 5 54.61 1.45 -28.83
N LEU A 6 54.76 0.30 -28.18
CA LEU A 6 53.80 -0.20 -27.20
C LEU A 6 54.56 -0.45 -25.89
N GLY A 7 54.43 0.49 -24.94
CA GLY A 7 55.06 0.35 -23.64
C GLY A 7 54.08 -0.24 -22.65
N LEU A 8 54.55 -1.27 -21.93
CA LEU A 8 53.74 -1.99 -20.97
C LEU A 8 54.46 -1.99 -19.63
N ALA A 9 53.73 -1.66 -18.57
CA ALA A 9 54.24 -1.72 -17.20
C ALA A 9 53.35 -2.68 -16.44
N LEU A 10 53.89 -3.85 -16.09
CA LEU A 10 53.12 -4.91 -15.44
C LEU A 10 53.45 -4.91 -13.96
N GLY A 11 52.51 -4.47 -13.14
CA GLY A 11 52.67 -4.49 -11.70
C GLY A 11 52.25 -5.81 -11.09
N THR A 12 52.11 -5.80 -9.76
CA THR A 12 51.66 -7.00 -9.06
C THR A 12 50.26 -7.40 -9.49
N ASN A 13 49.35 -6.43 -9.60
CA ASN A 13 48.00 -6.71 -10.07
C ASN A 13 47.48 -5.64 -11.00
N SER A 14 48.36 -4.85 -11.61
CA SER A 14 47.96 -3.76 -12.48
C SER A 14 48.76 -3.80 -13.77
N ILE A 15 48.15 -3.35 -14.86
CA ILE A 15 48.74 -3.40 -16.18
C ILE A 15 48.55 -2.02 -16.83
N GLY A 16 49.65 -1.31 -17.04
CA GLY A 16 49.58 -0.03 -17.71
C GLY A 16 50.07 -0.11 -19.14
N TRP A 17 49.24 0.28 -20.09
CA TRP A 17 49.58 0.22 -21.49
C TRP A 17 49.65 1.63 -22.08
N ALA A 18 50.56 1.80 -23.05
CA ALA A 18 50.70 3.07 -23.75
C ALA A 18 51.13 2.79 -25.18
N LEU A 19 50.27 3.15 -26.14
CA LEU A 19 50.60 3.04 -27.56
C LEU A 19 50.85 4.43 -28.11
N VAL A 20 51.97 4.60 -28.82
CA VAL A 20 52.37 5.89 -29.35
C VAL A 20 52.93 5.73 -30.75
N LYS A 21 52.55 6.67 -31.62
CA LYS A 21 53.09 6.75 -32.97
C LYS A 21 54.02 7.94 -33.05
N GLN A 22 55.31 7.69 -33.30
CA GLN A 22 56.34 8.71 -33.18
C GLN A 22 57.25 8.71 -34.40
N ASP A 23 57.88 9.86 -34.63
CA ASP A 23 58.91 10.02 -35.66
C ASP A 23 60.14 10.62 -34.98
N PHE A 24 61.16 9.79 -34.75
CA PHE A 24 62.34 10.25 -34.01
C PHE A 24 63.21 11.18 -34.83
N GLU A 25 63.29 10.96 -36.15
CA GLU A 25 64.23 11.72 -36.96
C GLU A 25 63.85 13.20 -37.05
N ASN A 26 62.57 13.53 -36.97
CA ASN A 26 62.11 14.90 -37.04
C ASN A 26 61.71 15.47 -35.68
N LYS A 27 61.92 14.72 -34.60
CA LYS A 27 61.47 15.12 -33.27
C LYS A 27 59.96 15.43 -33.29
N GLN A 28 59.21 14.59 -34.00
CA GLN A 28 57.77 14.75 -34.15
C GLN A 28 57.07 13.50 -33.64
N GLY A 29 56.04 13.68 -32.83
CA GLY A 29 55.31 12.54 -32.33
C GLY A 29 54.01 12.96 -31.66
N GLU A 30 53.06 12.05 -31.68
CA GLU A 30 51.78 12.21 -31.01
C GLU A 30 51.45 10.89 -30.29
N ILE A 31 50.68 11.00 -29.22
CA ILE A 31 50.37 9.84 -28.38
C ILE A 31 49.05 9.25 -28.85
N LEU A 32 49.09 7.97 -29.22
CA LEU A 32 47.87 7.29 -29.65
C LEU A 32 46.94 6.99 -28.49
N GLY A 33 47.48 6.64 -27.34
CA GLY A 33 46.65 6.44 -26.17
C GLY A 33 47.41 5.73 -25.06
N MET A 34 46.77 5.72 -23.89
CA MET A 34 47.27 4.97 -22.74
C MET A 34 46.09 4.58 -21.87
N GLY A 35 46.32 3.61 -21.00
CA GLY A 35 45.27 3.14 -20.12
C GLY A 35 45.83 2.26 -19.03
N SER A 36 44.99 2.02 -18.02
CA SER A 36 45.36 1.19 -16.88
C SER A 36 44.26 0.15 -16.65
N ARG A 37 44.65 -1.10 -16.52
CA ARG A 37 43.75 -2.19 -16.17
C ARG A 37 44.13 -2.68 -14.78
N ILE A 38 43.15 -2.68 -13.88
CA ILE A 38 43.39 -3.00 -12.47
C ILE A 38 42.69 -4.32 -12.15
N ILE A 39 43.46 -5.29 -11.69
CA ILE A 39 42.91 -6.56 -11.22
C ILE A 39 42.76 -6.46 -9.71
N PRO A 40 41.55 -6.46 -9.17
CA PRO A 40 41.37 -6.07 -7.76
C PRO A 40 41.77 -7.14 -6.76
N MET A 41 42.94 -6.97 -6.15
CA MET A 41 43.35 -7.72 -4.98
C MET A 41 43.32 -6.81 -3.77
N SER A 42 42.92 -7.35 -2.63
CA SER A 42 42.97 -6.59 -1.39
C SER A 42 44.41 -6.48 -0.91
N GLN A 43 44.64 -5.57 0.03
CA GLN A 43 45.99 -5.34 0.55
C GLN A 43 46.54 -6.58 1.25
N ASP A 44 45.68 -7.49 1.71
CA ASP A 44 46.17 -8.69 2.39
C ASP A 44 47.01 -9.55 1.45
N ILE A 45 46.52 -9.78 0.23
CA ILE A 45 47.29 -10.57 -0.73
C ILE A 45 48.57 -9.87 -1.12
N LEU A 46 48.54 -8.54 -1.25
CA LEU A 46 49.74 -7.79 -1.58
C LEU A 46 50.78 -7.91 -0.47
N GLY A 47 50.35 -7.86 0.78
CA GLY A 47 51.28 -8.06 1.87
C GLY A 47 51.67 -9.51 2.14
N ASP A 48 50.93 -10.46 1.56
CA ASP A 48 51.19 -11.87 1.82
C ASP A 48 52.01 -12.56 0.74
N PHE A 49 51.92 -12.12 -0.53
CA PHE A 49 52.60 -12.87 -1.58
C PHE A 49 54.11 -12.72 -1.52
N GLY A 50 54.62 -11.77 -0.74
CA GLY A 50 56.05 -11.69 -0.52
C GLY A 50 56.60 -12.92 0.17
N LYS A 51 55.83 -13.47 1.10
CA LYS A 51 56.19 -14.70 1.79
C LYS A 51 55.40 -15.91 1.31
N GLY A 52 54.07 -15.82 1.32
CA GLY A 52 53.24 -16.90 0.83
C GLY A 52 52.77 -17.86 1.91
N ASN A 53 51.47 -17.83 2.21
CA ASN A 53 50.88 -18.75 3.19
C ASN A 53 49.46 -19.05 2.70
N SER A 54 49.32 -20.16 1.96
CA SER A 54 48.06 -20.53 1.33
C SER A 54 47.52 -19.39 0.47
N VAL A 55 48.41 -18.76 -0.28
CA VAL A 55 48.04 -17.59 -1.10
C VAL A 55 47.57 -18.13 -2.44
N SER A 56 46.30 -18.54 -2.47
CA SER A 56 45.63 -19.02 -3.67
C SER A 56 44.17 -19.30 -3.32
N GLN A 57 43.30 -19.09 -4.31
CA GLN A 57 41.90 -19.49 -4.15
C GLN A 57 41.74 -21.00 -4.31
N THR A 58 42.50 -21.59 -5.23
CA THR A 58 42.41 -23.02 -5.45
C THR A 58 42.80 -23.80 -4.21
N ALA A 59 43.69 -23.26 -3.39
CA ALA A 59 44.08 -23.94 -2.16
C ALA A 59 42.91 -24.10 -1.22
N GLU A 60 42.19 -23.01 -0.94
CA GLU A 60 41.04 -23.10 -0.06
C GLU A 60 39.92 -23.93 -0.69
N ARG A 61 39.77 -23.86 -2.02
CA ARG A 61 38.80 -24.71 -2.67
C ARG A 61 39.11 -26.19 -2.44
N THR A 62 40.39 -26.56 -2.58
CA THR A 62 40.78 -27.94 -2.34
C THR A 62 40.59 -28.33 -0.89
N LYS A 63 40.85 -27.41 0.03
CA LYS A 63 40.62 -27.68 1.45
C LYS A 63 39.15 -28.03 1.71
N TYR A 64 38.25 -27.19 1.20
CA TYR A 64 36.81 -27.46 1.40
C TYR A 64 36.42 -28.77 0.74
N ARG A 65 36.94 -29.04 -0.46
CA ARG A 65 36.60 -30.28 -1.14
C ARG A 65 37.06 -31.50 -0.34
N SER A 66 38.26 -31.44 0.22
CA SER A 66 38.77 -32.56 1.01
C SER A 66 37.92 -32.80 2.25
N VAL A 67 37.53 -31.72 2.93
CA VAL A 67 36.68 -31.87 4.10
C VAL A 67 35.36 -32.54 3.71
N ARG A 68 34.76 -32.07 2.63
CA ARG A 68 33.50 -32.66 2.17
C ARG A 68 33.68 -34.13 1.81
N ARG A 69 34.82 -34.46 1.18
CA ARG A 69 35.07 -35.85 0.80
C ARG A 69 35.18 -36.75 2.02
N LEU A 70 35.87 -36.29 3.07
CA LEU A 70 35.95 -37.07 4.30
C LEU A 70 34.56 -37.28 4.91
N ARG A 71 33.75 -36.21 4.93
CA ARG A 71 32.40 -36.34 5.47
C ARG A 71 31.60 -37.37 4.68
N GLU A 72 31.69 -37.33 3.35
CA GLU A 72 30.93 -38.26 2.53
C GLU A 72 31.40 -39.69 2.71
N ARG A 73 32.72 -39.88 2.88
CA ARG A 73 33.23 -41.22 3.15
C ARG A 73 32.67 -41.77 4.46
N PHE A 74 32.63 -40.92 5.50
CA PHE A 74 32.05 -41.37 6.77
C PHE A 74 30.58 -41.74 6.61
N LEU A 75 29.83 -40.92 5.87
CA LEU A 75 28.42 -41.22 5.67
C LEU A 75 28.23 -42.52 4.90
N LEU A 76 29.08 -42.78 3.91
CA LEU A 76 28.99 -44.04 3.16
C LEU A 76 29.26 -45.23 4.07
N ARG A 77 30.26 -45.11 4.94
CA ARG A 77 30.54 -46.17 5.89
C ARG A 77 29.34 -46.44 6.78
N ARG A 78 28.69 -45.37 7.26
CA ARG A 78 27.51 -45.54 8.10
C ARG A 78 26.38 -46.22 7.33
N GLU A 79 26.20 -45.84 6.06
CA GLU A 79 25.15 -46.46 5.25
C GLU A 79 25.39 -47.96 5.11
N ARG A 80 26.63 -48.35 4.81
CA ARG A 80 26.93 -49.76 4.66
C ARG A 80 26.73 -50.51 5.96
N LEU A 81 27.11 -49.89 7.09
CA LEU A 81 26.86 -50.52 8.39
C LEU A 81 25.39 -50.73 8.64
N HIS A 82 24.55 -49.73 8.33
CA HIS A 82 23.12 -49.89 8.48
C HIS A 82 22.59 -51.03 7.64
N ARG A 83 23.02 -51.11 6.38
CA ARG A 83 22.53 -52.18 5.52
C ARG A 83 22.92 -53.56 6.06
N VAL A 84 24.18 -53.70 6.48
CA VAL A 84 24.64 -54.98 7.00
C VAL A 84 23.88 -55.37 8.26
N LEU A 85 23.73 -54.42 9.19
CA LEU A 85 23.06 -54.73 10.45
C LEU A 85 21.59 -55.08 10.21
N TYR A 86 20.94 -54.41 9.26
CA TYR A 86 19.54 -54.73 8.98
C TYR A 86 19.43 -56.12 8.38
N ILE A 87 20.28 -56.46 7.40
CA ILE A 87 20.16 -57.79 6.80
C ILE A 87 20.52 -58.87 7.81
N LEU A 88 21.34 -58.54 8.82
CA LEU A 88 21.59 -59.47 9.92
C LEU A 88 20.53 -59.38 11.01
N ASN A 89 19.64 -58.38 10.97
CA ASN A 89 18.60 -58.19 11.97
C ASN A 89 19.19 -58.06 13.37
N PHE A 90 19.98 -56.99 13.56
CA PHE A 90 20.55 -56.68 14.86
C PHE A 90 20.01 -55.38 15.45
N LEU A 91 19.46 -54.49 14.64
CA LEU A 91 18.97 -53.20 15.09
C LEU A 91 17.66 -53.33 15.84
N PRO A 92 17.33 -52.38 16.71
CA PRO A 92 16.01 -52.37 17.34
C PRO A 92 14.92 -52.05 16.33
N GLU A 93 13.69 -52.43 16.69
CA GLU A 93 12.58 -52.35 15.75
C GLU A 93 12.30 -50.91 15.33
N HIS A 94 12.20 -50.00 16.29
CA HIS A 94 11.89 -48.61 15.96
C HIS A 94 13.01 -47.98 15.14
N TYR A 95 14.27 -48.30 15.47
CA TYR A 95 15.40 -47.76 14.72
C TYR A 95 15.36 -48.24 13.28
N ALA A 96 15.11 -49.53 13.06
CA ALA A 96 15.03 -50.05 11.70
C ALA A 96 13.80 -49.56 10.97
N SER A 97 12.77 -49.14 11.70
CA SER A 97 11.55 -48.66 11.06
C SER A 97 11.74 -47.34 10.33
N GLN A 98 12.72 -46.53 10.75
CA GLN A 98 12.89 -45.18 10.23
C GLN A 98 14.00 -45.07 9.20
N ILE A 99 14.48 -46.19 8.66
CA ILE A 99 15.56 -46.19 7.67
C ILE A 99 15.06 -46.86 6.41
N ASP A 100 15.26 -46.20 5.27
CA ASP A 100 14.92 -46.79 3.99
C ASP A 100 15.87 -47.93 3.64
N PHE A 101 15.33 -48.93 2.95
CA PHE A 101 16.15 -50.03 2.44
C PHE A 101 15.72 -50.44 1.04
N GLU A 102 15.01 -49.58 0.31
CA GLU A 102 14.50 -49.90 -1.01
C GLU A 102 15.08 -49.00 -2.10
N LYS A 103 15.04 -47.68 -1.92
CA LYS A 103 15.55 -46.75 -2.91
C LYS A 103 16.79 -46.00 -2.40
N ARG A 104 16.68 -45.31 -1.27
CA ARG A 104 17.81 -44.65 -0.65
C ARG A 104 18.30 -45.57 0.48
N LEU A 105 19.11 -46.55 0.09
CA LEU A 105 19.50 -47.61 1.00
C LEU A 105 20.34 -47.05 2.14
N GLY A 106 19.99 -47.43 3.38
CA GLY A 106 20.77 -47.09 4.54
C GLY A 106 20.64 -45.67 5.03
N LYS A 107 19.89 -44.83 4.33
CA LYS A 107 19.74 -43.43 4.72
C LYS A 107 18.51 -43.25 5.60
N PHE A 108 18.59 -42.29 6.52
CA PHE A 108 17.45 -41.96 7.35
C PHE A 108 16.32 -41.41 6.48
N LYS A 109 15.09 -41.70 6.88
CA LYS A 109 13.95 -41.20 6.15
C LYS A 109 13.83 -39.68 6.32
N VAL A 110 13.13 -39.06 5.38
CA VAL A 110 13.05 -37.59 5.35
C VAL A 110 12.39 -37.09 6.62
N GLU A 111 12.99 -36.06 7.23
CA GLU A 111 12.50 -35.45 8.46
C GLU A 111 12.42 -36.49 9.58
N THR A 112 13.56 -37.14 9.83
CA THR A 112 13.70 -38.10 10.91
C THR A 112 15.05 -37.90 11.57
N GLU A 113 15.07 -37.97 12.90
CA GLU A 113 16.31 -37.86 13.68
C GLU A 113 16.33 -39.00 14.69
N PRO A 114 16.45 -40.25 14.21
CA PRO A 114 16.34 -41.39 15.12
C PRO A 114 17.58 -41.53 16.00
N LYS A 115 17.38 -42.22 17.12
CA LYS A 115 18.45 -42.54 18.04
C LYS A 115 18.36 -44.02 18.39
N LEU A 116 19.52 -44.65 18.57
CA LEU A 116 19.55 -46.09 18.83
C LEU A 116 19.09 -46.39 20.25
N VAL A 117 19.49 -45.57 21.22
CA VAL A 117 19.26 -45.86 22.63
C VAL A 117 18.07 -45.06 23.17
N TRP A 118 17.17 -44.61 22.30
CA TRP A 118 16.00 -43.87 22.75
C TRP A 118 14.82 -44.20 21.87
N LYS A 119 13.70 -44.58 22.49
CA LYS A 119 12.48 -44.94 21.80
C LYS A 119 11.39 -43.90 22.08
N ASN A 120 10.68 -43.53 21.03
CA ASN A 120 9.63 -42.51 21.11
C ASN A 120 8.26 -43.16 21.07
N THR A 121 7.38 -42.74 21.96
CA THR A 121 5.98 -43.15 21.90
C THR A 121 5.12 -42.11 22.62
N ASP A 122 4.04 -41.70 21.96
CA ASP A 122 3.13 -40.64 22.43
C ASP A 122 3.89 -39.47 23.05
N GLY A 123 4.89 -38.99 22.33
CA GLY A 123 5.62 -37.81 22.75
C GLY A 123 6.59 -38.01 23.89
N GLN A 124 6.82 -39.24 24.31
CA GLN A 124 7.70 -39.57 25.42
C GLN A 124 8.89 -40.37 24.92
N PHE A 125 10.08 -40.02 25.41
CA PHE A 125 11.31 -40.70 25.04
C PHE A 125 11.77 -41.55 26.21
N SER A 126 12.03 -42.84 25.93
CA SER A 126 12.41 -43.78 26.95
C SER A 126 13.70 -44.48 26.56
N PHE A 127 14.53 -44.77 27.55
CA PHE A 127 15.77 -45.49 27.29
C PHE A 127 15.48 -46.93 26.91
N LEU A 128 16.41 -47.52 26.18
CA LEU A 128 16.22 -48.86 25.61
C LEU A 128 16.92 -49.96 26.41
N PHE A 129 18.04 -49.65 27.05
CA PHE A 129 18.87 -50.65 27.71
C PHE A 129 18.81 -50.42 29.21
N GLN A 130 17.78 -50.96 29.86
CA GLN A 130 17.60 -50.73 31.29
C GLN A 130 18.51 -51.61 32.14
N ASN A 131 18.63 -52.89 31.77
CA ASN A 131 19.43 -53.82 32.56
C ASN A 131 20.90 -53.40 32.59
N SER A 132 21.44 -52.98 31.44
CA SER A 132 22.82 -52.52 31.40
C SER A 132 23.00 -51.26 32.25
N PHE A 133 22.02 -50.36 32.22
CA PHE A 133 22.09 -49.16 33.04
C PHE A 133 22.10 -49.51 34.52
N ASN A 134 21.27 -50.49 34.92
CA ASN A 134 21.29 -50.95 36.30
C ASN A 134 22.62 -51.58 36.66
N GLU A 135 23.21 -52.33 35.71
CA GLU A 135 24.52 -52.91 35.97
C GLU A 135 25.57 -51.84 36.21
N MET A 136 25.55 -50.77 35.42
CA MET A 136 26.48 -49.68 35.66
C MET A 136 26.19 -48.94 36.95
N LEU A 137 24.91 -48.87 37.33
CA LEU A 137 24.56 -48.31 38.64
C LEU A 137 25.19 -49.13 39.75
N GLU A 138 25.12 -50.46 39.64
CA GLU A 138 25.79 -51.33 40.61
C GLU A 138 27.29 -51.14 40.59
N ASP A 139 27.93 -50.92 39.43
CA ASP A 139 29.37 -50.64 39.46
C ASP A 139 29.53 -49.41 40.31
N PHE A 140 28.99 -48.31 39.84
CA PHE A 140 29.25 -47.11 40.64
C PHE A 140 29.00 -47.35 42.12
N LYS A 141 27.98 -48.13 42.47
CA LYS A 141 27.71 -48.42 43.87
C LYS A 141 28.89 -49.12 44.51
N ALA A 142 29.48 -50.08 43.80
CA ALA A 142 30.73 -50.69 44.27
C ALA A 142 31.82 -49.64 44.37
N ALA A 143 31.92 -48.75 43.39
CA ALA A 143 32.81 -47.61 43.50
C ALA A 143 32.36 -46.67 44.62
N GLY A 144 31.05 -46.52 44.80
CA GLY A 144 30.51 -45.72 45.89
C GLY A 144 30.73 -44.22 45.78
N GLN A 145 30.39 -43.63 44.63
CA GLN A 145 30.46 -42.19 44.45
C GLN A 145 29.08 -41.56 44.37
N GLU A 146 28.26 -41.98 43.40
CA GLU A 146 26.95 -41.38 43.21
C GLU A 146 26.05 -42.38 42.50
N LEU A 147 24.74 -42.16 42.63
CA LEU A 147 23.75 -42.96 41.92
C LEU A 147 23.12 -42.20 40.76
N LYS A 148 23.54 -40.97 40.50
CA LYS A 148 22.96 -40.15 39.45
C LYS A 148 23.91 -40.14 38.25
N ILE A 149 23.45 -40.71 37.15
CA ILE A 149 24.24 -40.76 35.92
C ILE A 149 23.33 -40.62 34.72
N PRO A 150 23.84 -40.05 33.63
CA PRO A 150 23.06 -40.02 32.40
C PRO A 150 22.90 -41.42 31.82
N TYR A 151 21.76 -41.64 31.16
CA TYR A 151 21.49 -42.93 30.55
C TYR A 151 22.48 -43.27 29.44
N ASP A 152 23.20 -42.29 28.92
CA ASP A 152 24.07 -42.47 27.77
C ASP A 152 25.54 -42.62 28.14
N TRP A 153 25.85 -42.82 29.42
CA TRP A 153 27.20 -43.24 29.79
C TRP A 153 27.43 -44.73 29.60
N THR A 154 26.38 -45.50 29.34
CA THR A 154 26.49 -46.96 29.31
C THR A 154 27.38 -47.46 28.18
N ILE A 155 27.67 -46.63 27.18
CA ILE A 155 28.36 -47.13 26.00
C ILE A 155 29.75 -47.64 26.35
N TYR A 156 30.49 -46.90 27.18
CA TYR A 156 31.84 -47.32 27.54
C TYR A 156 31.80 -48.56 28.43
N HIS A 157 30.87 -48.60 29.38
CA HIS A 157 30.73 -49.76 30.26
C HIS A 157 30.45 -51.01 29.45
N LEU A 158 29.57 -50.91 28.46
CA LEU A 158 29.22 -52.07 27.65
C LEU A 158 30.33 -52.41 26.66
N ARG A 159 31.07 -51.42 26.18
CA ARG A 159 32.25 -51.71 25.36
C ARG A 159 33.25 -52.55 26.15
N LYS A 160 33.46 -52.23 27.43
CA LYS A 160 34.29 -53.08 28.25
C LYS A 160 33.61 -54.43 28.50
N LYS A 161 32.30 -54.43 28.66
CA LYS A 161 31.57 -55.64 29.01
C LYS A 161 31.59 -56.68 27.90
N ALA A 162 31.58 -56.26 26.63
CA ALA A 162 31.59 -57.20 25.52
C ALA A 162 32.87 -58.00 25.44
N ILE A 163 33.92 -57.61 26.18
CA ILE A 163 35.19 -58.32 26.13
C ILE A 163 35.04 -59.73 26.70
N SER A 164 34.19 -59.89 27.74
CA SER A 164 34.11 -61.18 28.39
C SER A 164 32.68 -61.62 28.71
N GLN A 165 31.67 -60.98 28.13
CA GLN A 165 30.28 -61.36 28.40
C GLN A 165 29.45 -61.14 27.14
N LYS A 166 28.32 -61.85 27.09
CA LYS A 166 27.40 -61.74 25.97
C LYS A 166 26.44 -60.57 26.16
N ILE A 167 26.23 -59.82 25.08
CA ILE A 167 25.30 -58.70 25.07
C ILE A 167 24.41 -58.82 23.83
N GLU A 168 23.38 -57.99 23.79
CA GLU A 168 22.35 -58.09 22.77
C GLU A 168 22.89 -57.66 21.41
N LYS A 169 22.13 -57.99 20.36
CA LYS A 169 22.52 -57.60 19.01
C LYS A 169 22.47 -56.09 18.85
N GLU A 170 21.49 -55.43 19.47
CA GLU A 170 21.45 -53.97 19.45
C GLU A 170 22.69 -53.38 20.11
N GLU A 171 23.20 -54.05 21.14
CA GLU A 171 24.44 -53.63 21.77
C GLU A 171 25.60 -53.64 20.77
N LEU A 172 25.70 -54.74 20.00
CA LEU A 172 26.74 -54.83 18.99
C LEU A 172 26.59 -53.74 17.94
N ALA A 173 25.34 -53.47 17.54
CA ALA A 173 25.11 -52.41 16.56
C ALA A 173 25.56 -51.06 17.09
N TRP A 174 25.21 -50.75 18.34
CA TRP A 174 25.60 -49.47 18.92
C TRP A 174 27.11 -49.35 19.02
N ILE A 175 27.79 -50.41 19.46
CA ILE A 175 29.24 -50.36 19.60
C ILE A 175 29.91 -50.22 18.24
N LEU A 176 29.42 -50.96 17.24
CA LEU A 176 30.01 -50.87 15.90
C LEU A 176 29.83 -49.49 15.31
N LEU A 177 28.64 -48.90 15.45
CA LEU A 177 28.42 -47.55 14.94
C LEU A 177 29.29 -46.54 15.66
N ASN A 178 29.45 -46.69 16.98
CA ASN A 178 30.33 -45.79 17.71
C ASN A 178 31.77 -45.92 17.23
N PHE A 179 32.23 -47.15 16.97
CA PHE A 179 33.58 -47.34 16.46
C PHE A 179 33.76 -46.73 15.09
N ASN A 180 32.75 -46.88 14.22
CA ASN A 180 32.76 -46.20 12.93
C ASN A 180 32.89 -44.69 13.12
N HIS A 181 32.15 -44.14 14.08
CA HIS A 181 32.13 -42.69 14.30
C HIS A 181 33.47 -42.15 14.77
N LYS A 182 34.39 -43.01 15.20
CA LYS A 182 35.65 -42.57 15.80
C LYS A 182 36.72 -43.56 15.36
N ARG A 183 37.43 -43.23 14.27
CA ARG A 183 38.33 -44.18 13.63
C ARG A 183 39.74 -44.14 14.20
N GLY A 184 40.35 -42.97 14.25
CA GLY A 184 41.69 -42.84 14.81
C GLY A 184 42.74 -42.58 13.73
N TYR A 185 43.88 -42.05 14.18
CA TYR A 185 44.96 -41.70 13.28
C TYR A 185 45.62 -42.94 12.69
N TYR A 186 46.14 -42.80 11.48
CA TYR A 186 46.72 -43.92 10.76
C TYR A 186 47.57 -43.41 9.61
N GLN A 187 48.56 -44.20 9.23
CA GLN A 187 49.41 -43.92 8.08
C GLN A 187 49.28 -45.07 7.08
N LEU A 188 48.98 -44.72 5.83
CA LEU A 188 48.73 -45.75 4.81
C LEU A 188 50.02 -46.43 4.38
N ARG A 189 51.12 -45.67 4.29
CA ARG A 189 52.33 -46.20 3.68
C ARG A 189 52.90 -47.38 4.45
N GLY A 190 52.84 -47.33 5.78
CA GLY A 190 53.46 -48.37 6.57
C GLY A 190 54.97 -48.19 6.61
N GLU A 191 55.69 -49.09 5.97
CA GLU A 191 57.16 -49.02 5.88
C GLU A 191 57.77 -48.87 7.28
N ASP A 192 57.60 -49.95 8.06
CA ASP A 192 57.95 -49.92 9.47
C ASP A 192 59.41 -49.53 9.67
N PHE A 193 59.62 -48.58 10.59
CA PHE A 193 60.95 -48.05 10.89
C PHE A 193 61.71 -48.99 11.82
N GLU A 194 62.78 -48.46 12.44
CA GLU A 194 63.61 -49.18 13.39
C GLU A 194 62.78 -50.03 14.35
N GLU A 195 63.31 -51.18 14.76
CA GLU A 195 62.54 -52.13 15.56
C GLU A 195 62.03 -51.50 16.84
N GLU A 196 62.70 -50.47 17.35
CA GLU A 196 62.32 -49.89 18.64
C GLU A 196 61.15 -48.92 18.50
N LYS A 197 61.36 -47.81 17.78
CA LYS A 197 60.39 -46.71 17.72
C LYS A 197 59.94 -46.31 19.12
N ASP A 198 60.91 -46.02 19.98
CA ASP A 198 60.63 -45.74 21.38
C ASP A 198 59.74 -44.51 21.54
N LYS A 199 60.25 -43.33 21.18
CA LYS A 199 59.50 -42.08 21.23
C LYS A 199 58.78 -41.89 22.56
N THR A 200 59.34 -42.43 23.64
CA THR A 200 58.63 -42.46 24.92
C THR A 200 58.57 -41.07 25.54
N PHE A 201 57.38 -40.68 25.99
CA PHE A 201 57.17 -39.41 26.67
C PHE A 201 57.29 -39.64 28.18
N VAL A 202 58.29 -39.01 28.80
CA VAL A 202 58.51 -39.09 30.23
C VAL A 202 58.77 -37.69 30.76
N ARG A 203 58.53 -37.51 32.05
CA ARG A 203 58.75 -36.24 32.74
C ARG A 203 59.84 -36.46 33.78
N LEU A 204 60.99 -35.82 33.58
CA LEU A 204 62.17 -36.01 34.42
C LEU A 204 62.57 -34.69 35.06
N LYS A 205 63.04 -34.77 36.31
CA LYS A 205 63.47 -33.59 37.06
C LYS A 205 65.00 -33.59 37.16
N VAL A 206 65.59 -32.43 36.88
CA VAL A 206 67.04 -32.29 36.90
C VAL A 206 67.52 -32.26 38.35
N ASP A 207 68.53 -33.08 38.66
CA ASP A 207 69.07 -33.12 40.01
C ASP A 207 70.12 -32.04 40.22
N ARG A 208 71.18 -32.07 39.43
CA ARG A 208 72.26 -31.08 39.52
C ARG A 208 72.79 -30.80 38.13
N ILE A 209 73.47 -29.67 38.00
CA ILE A 209 74.07 -29.26 36.73
C ILE A 209 75.56 -29.04 36.98
N VAL A 210 76.36 -30.07 36.73
CA VAL A 210 77.80 -29.96 36.86
C VAL A 210 78.36 -29.14 35.70
N ASP A 211 79.28 -28.24 36.01
CA ASP A 211 79.86 -27.39 34.97
C ASP A 211 80.69 -28.23 34.01
N SER A 212 80.37 -28.13 32.72
CA SER A 212 81.05 -28.91 31.69
C SER A 212 82.26 -28.20 31.10
N GLY A 213 82.54 -26.98 31.53
CA GLY A 213 83.72 -26.26 31.04
C GLY A 213 83.69 -25.97 29.56
N GLU A 214 82.55 -25.54 29.03
CA GLU A 214 82.41 -25.18 27.63
C GLU A 214 82.22 -23.67 27.57
N ASN A 215 83.34 -22.95 27.53
CA ASN A 215 83.31 -21.48 27.52
C ASN A 215 83.20 -21.00 26.08
N VAL A 216 81.99 -20.66 25.67
CA VAL A 216 81.71 -20.17 24.33
C VAL A 216 81.07 -18.80 24.45
N LYS A 217 81.64 -17.81 23.74
CA LYS A 217 81.15 -16.43 23.73
C LYS A 217 81.05 -15.87 25.15
N GLY A 218 82.07 -16.14 25.96
CA GLY A 218 82.12 -15.64 27.32
C GLY A 218 81.07 -16.23 28.25
N LYS A 219 80.79 -17.52 28.13
CA LYS A 219 79.83 -18.18 29.02
C LYS A 219 80.15 -19.66 29.06
N ILE A 220 80.19 -20.23 30.26
CA ILE A 220 80.56 -21.62 30.48
C ILE A 220 79.29 -22.45 30.61
N LEU A 221 79.20 -23.54 29.85
CA LEU A 221 78.00 -24.36 29.80
C LEU A 221 78.08 -25.51 30.79
N TYR A 222 76.91 -26.01 31.20
CA TYR A 222 76.77 -27.10 32.14
C TYR A 222 76.20 -28.33 31.43
N ASP A 223 76.03 -29.40 32.20
CA ASP A 223 75.38 -30.62 31.75
C ASP A 223 74.07 -30.81 32.50
N VAL A 224 73.36 -31.89 32.17
CA VAL A 224 72.07 -32.19 32.79
C VAL A 224 72.12 -33.62 33.33
N TYR A 225 71.72 -33.79 34.59
CA TYR A 225 71.66 -35.10 35.23
C TYR A 225 70.24 -35.35 35.72
N PHE A 226 69.72 -36.54 35.44
CA PHE A 226 68.41 -36.97 35.89
C PHE A 226 68.56 -38.12 36.89
N GLU A 227 67.46 -38.39 37.60
CA GLU A 227 67.49 -39.45 38.61
C GLU A 227 67.69 -40.82 37.96
N ASN A 228 67.10 -41.05 36.78
CA ASN A 228 67.22 -42.34 36.12
C ASN A 228 68.63 -42.61 35.62
N GLY A 229 69.41 -41.57 35.37
CA GLY A 229 70.77 -41.74 34.88
C GLY A 229 70.93 -41.35 33.42
N TRP A 230 70.17 -40.35 32.99
CA TRP A 230 70.22 -39.87 31.61
C TRP A 230 70.76 -38.45 31.58
N LYS A 231 71.36 -38.10 30.45
CA LYS A 231 71.93 -36.78 30.24
C LYS A 231 71.43 -36.18 28.93
N TYR A 232 71.09 -34.90 28.97
CA TYR A 232 70.68 -34.19 27.76
C TYR A 232 71.88 -34.03 26.84
N ASP A 233 71.73 -34.45 25.57
CA ASP A 233 72.85 -34.39 24.64
C ASP A 233 73.26 -32.95 24.35
N LYS A 234 72.30 -32.06 24.19
CA LYS A 234 72.61 -30.66 23.95
C LYS A 234 73.03 -29.97 25.24
N GLN A 235 73.77 -28.89 25.10
CA GLN A 235 74.28 -28.15 26.24
C GLN A 235 73.18 -27.26 26.83
N VAL A 236 73.47 -26.73 28.03
CA VAL A 236 72.57 -25.82 28.73
C VAL A 236 73.34 -24.56 29.09
N VAL A 237 72.71 -23.41 28.87
CA VAL A 237 73.33 -22.11 29.11
C VAL A 237 72.71 -21.42 30.32
N LYS A 238 71.42 -21.13 30.26
CA LYS A 238 70.73 -20.45 31.35
C LYS A 238 70.30 -21.46 32.40
N THR A 239 70.73 -21.26 33.64
CA THR A 239 70.43 -22.17 34.73
C THR A 239 69.12 -21.86 35.44
N GLU A 240 68.47 -20.72 35.13
CA GLU A 240 67.26 -20.35 35.84
C GLU A 240 66.09 -21.27 35.50
N ASP A 241 66.04 -21.76 34.28
CA ASP A 241 64.94 -22.60 33.82
C ASP A 241 65.26 -24.09 33.81
N TRP A 242 66.42 -24.48 34.34
CA TRP A 242 66.85 -25.87 34.29
C TRP A 242 67.14 -26.48 35.65
N VAL A 243 67.43 -25.68 36.68
CA VAL A 243 67.71 -26.23 38.00
C VAL A 243 66.42 -26.78 38.60
N ASP A 244 66.53 -27.99 39.16
CA ASP A 244 65.46 -28.68 39.91
C ASP A 244 64.07 -28.43 39.32
N ARG A 245 63.97 -28.60 38.00
CA ARG A 245 62.72 -28.47 37.27
C ARG A 245 62.37 -29.79 36.60
N THR A 246 61.08 -30.10 36.55
CA THR A 246 60.60 -31.32 35.90
C THR A 246 60.46 -31.04 34.41
N LYS A 247 61.40 -31.56 33.63
CA LYS A 247 61.40 -31.37 32.19
C LYS A 247 60.98 -32.65 31.48
N GLU A 248 60.06 -32.52 30.53
CA GLU A 248 59.49 -33.66 29.82
C GLU A 248 59.94 -33.63 28.36
N PHE A 249 60.36 -34.79 27.86
CA PHE A 249 60.79 -34.94 26.48
C PHE A 249 60.29 -36.27 25.94
N ILE A 250 60.15 -36.33 24.62
CA ILE A 250 59.91 -37.58 23.91
C ILE A 250 61.26 -38.13 23.48
N VAL A 251 61.60 -39.31 23.96
CA VAL A 251 62.94 -39.87 23.80
C VAL A 251 62.85 -41.16 22.98
N SER A 252 63.75 -41.28 22.00
CA SER A 252 63.84 -42.46 21.15
C SER A 252 65.19 -43.12 21.37
N GLU A 253 65.19 -44.41 21.67
CA GLU A 253 66.40 -45.18 21.86
C GLU A 253 66.69 -45.99 20.62
N SER A 254 67.88 -45.80 20.04
CA SER A 254 68.31 -46.51 18.84
C SER A 254 69.52 -47.36 19.17
N ILE A 255 69.48 -48.63 18.79
CA ILE A 255 70.57 -49.56 19.03
C ILE A 255 71.60 -49.38 17.92
N LEU A 256 72.73 -48.76 18.25
CA LEU A 256 73.80 -48.59 17.30
C LEU A 256 74.61 -49.88 17.18
N LYS A 257 75.47 -49.93 16.16
CA LYS A 257 76.29 -51.12 15.92
C LYS A 257 77.28 -51.37 17.05
N ASN A 258 77.66 -50.35 17.80
CA ASN A 258 78.61 -50.53 18.90
C ASN A 258 78.03 -51.38 20.02
N GLY A 259 76.72 -51.38 20.18
CA GLY A 259 76.05 -52.16 21.19
C GLY A 259 75.41 -51.40 22.33
N GLU A 260 75.24 -50.08 22.20
CA GLU A 260 74.62 -49.26 23.25
C GLU A 260 73.56 -48.36 22.63
N THR A 261 72.56 -48.03 23.43
CA THR A 261 71.45 -47.21 22.95
C THR A 261 71.92 -45.78 22.71
N LYS A 262 71.46 -45.19 21.61
CA LYS A 262 71.72 -43.79 21.29
C LYS A 262 70.42 -43.02 21.50
N ARG A 263 70.21 -42.60 22.74
CA ARG A 263 68.94 -41.95 23.11
C ARG A 263 68.89 -40.53 22.56
N THR A 264 67.76 -40.19 21.96
CA THR A 264 67.51 -38.85 21.44
C THR A 264 66.60 -38.09 22.40
N PHE A 265 66.71 -36.77 22.37
CA PHE A 265 65.92 -35.90 23.23
C PHE A 265 65.29 -34.79 22.40
N LYS A 266 64.02 -34.50 22.69
CA LYS A 266 63.30 -33.44 22.00
C LYS A 266 62.26 -32.85 22.94
N ALA A 267 62.28 -31.52 23.07
CA ALA A 267 61.38 -30.85 24.00
C ALA A 267 59.93 -31.01 23.55
N VAL A 268 59.05 -31.36 24.50
CA VAL A 268 57.63 -31.46 24.26
C VAL A 268 56.89 -30.75 25.39
N ASP A 269 55.67 -30.32 25.09
CA ASP A 269 54.83 -29.61 26.05
C ASP A 269 53.50 -30.33 26.18
N SER A 270 53.07 -30.53 27.43
CA SER A 270 51.80 -31.20 27.68
C SER A 270 50.63 -30.35 27.18
N GLU A 271 49.61 -31.03 26.67
CA GLU A 271 48.35 -30.46 26.19
C GLU A 271 48.57 -29.25 25.26
N LYS A 272 49.72 -29.18 24.60
CA LYS A 272 49.97 -28.10 23.64
C LYS A 272 50.53 -28.67 22.34
N ASP A 273 51.22 -29.80 22.42
CA ASP A 273 51.82 -30.44 21.26
C ASP A 273 51.04 -31.68 20.89
N TRP A 274 50.63 -31.77 19.62
CA TRP A 274 49.81 -32.89 19.17
C TRP A 274 50.51 -34.22 19.36
N ILE A 275 51.79 -34.28 18.99
CA ILE A 275 52.56 -35.51 19.15
C ILE A 275 52.73 -35.85 20.63
N ALA A 276 52.94 -34.83 21.47
CA ALA A 276 53.11 -35.07 22.90
C ALA A 276 51.84 -35.64 23.51
N ILE A 277 50.69 -35.07 23.18
CA ILE A 277 49.42 -35.58 23.69
C ILE A 277 49.19 -37.00 23.18
N LYS A 278 49.46 -37.23 21.89
CA LYS A 278 49.30 -38.56 21.33
C LYS A 278 50.13 -39.58 22.09
N THR A 279 51.41 -39.28 22.30
CA THR A 279 52.30 -40.23 22.96
C THR A 279 51.90 -40.43 24.43
N LYS A 280 51.48 -39.35 25.11
CA LYS A 280 51.05 -39.48 26.48
C LYS A 280 49.85 -40.42 26.60
N THR A 281 48.87 -40.24 25.72
CA THR A 281 47.71 -41.13 25.74
C THR A 281 48.09 -42.55 25.34
N GLU A 282 48.99 -42.69 24.37
CA GLU A 282 49.50 -44.01 23.99
C GLU A 282 50.08 -44.74 25.20
N GLN A 283 50.98 -44.08 25.92
CA GLN A 283 51.62 -44.71 27.07
C GLN A 283 50.61 -45.00 28.18
N GLU A 284 49.67 -44.06 28.40
CA GLU A 284 48.68 -44.27 29.45
C GLU A 284 47.81 -45.48 29.16
N ILE A 285 47.43 -45.68 27.89
CA ILE A 285 46.71 -46.90 27.53
C ILE A 285 47.63 -48.11 27.66
N GLU A 286 48.90 -47.96 27.27
CA GLU A 286 49.80 -49.11 27.19
C GLU A 286 50.08 -49.71 28.56
N HIS A 287 50.47 -48.88 29.53
CA HIS A 287 50.86 -49.45 30.81
C HIS A 287 49.66 -50.00 31.58
N SER A 288 48.44 -49.61 31.20
CA SER A 288 47.26 -50.22 31.78
C SER A 288 47.03 -51.63 31.24
N HIS A 289 47.61 -51.96 30.08
CA HIS A 289 47.44 -53.27 29.45
C HIS A 289 45.97 -53.60 29.24
N LYS A 290 45.19 -52.59 28.85
CA LYS A 290 43.77 -52.73 28.62
C LYS A 290 43.38 -51.98 27.37
N THR A 291 42.18 -52.26 26.87
CA THR A 291 41.70 -51.60 25.67
C THR A 291 41.42 -50.12 25.94
N VAL A 292 41.46 -49.33 24.87
CA VAL A 292 41.28 -47.89 25.00
C VAL A 292 39.88 -47.56 25.54
N GLY A 293 38.87 -48.27 25.06
CA GLY A 293 37.54 -48.10 25.63
C GLY A 293 37.51 -48.43 27.11
N THR A 294 38.23 -49.48 27.51
CA THR A 294 38.32 -49.82 28.92
C THR A 294 39.07 -48.74 29.70
N TYR A 295 40.09 -48.14 29.10
CA TYR A 295 40.79 -47.04 29.75
C TYR A 295 39.87 -45.85 29.99
N ILE A 296 39.07 -45.50 28.98
CA ILE A 296 38.08 -44.43 29.13
C ILE A 296 37.09 -44.80 30.23
N TYR A 297 36.70 -46.04 30.30
CA TYR A 297 35.80 -46.41 31.31
C TYR A 297 36.44 -46.15 32.61
N GLU A 298 37.57 -46.75 32.85
CA GLU A 298 38.19 -46.65 34.16
C GLU A 298 38.36 -45.19 34.58
N THR A 299 38.73 -44.32 33.63
CA THR A 299 38.81 -42.90 33.94
C THR A 299 37.47 -42.34 34.37
N LEU A 300 36.39 -42.77 33.71
CA LEU A 300 35.06 -42.36 34.13
C LEU A 300 34.74 -42.89 35.51
N LEU A 301 35.17 -44.12 35.80
CA LEU A 301 34.97 -44.69 37.14
C LEU A 301 35.64 -43.83 38.20
N GLN A 302 36.89 -43.42 37.96
CA GLN A 302 37.61 -42.62 38.95
C GLN A 302 36.96 -41.25 39.12
N ASN A 303 36.73 -40.55 38.02
CA ASN A 303 36.19 -39.19 38.05
C ASN A 303 35.02 -39.09 37.08
N PRO A 304 33.78 -39.10 37.57
CA PRO A 304 32.63 -38.96 36.67
C PRO A 304 32.60 -37.64 35.93
N LYS A 305 33.23 -36.59 36.46
CA LYS A 305 33.19 -35.28 35.83
C LYS A 305 34.19 -35.13 34.69
N GLN A 306 35.04 -36.13 34.45
CA GLN A 306 36.06 -36.02 33.42
C GLN A 306 35.43 -36.09 32.04
N LYS A 307 35.72 -35.09 31.20
CA LYS A 307 35.30 -35.11 29.82
C LYS A 307 36.20 -36.04 29.02
N ILE A 308 35.60 -36.78 28.08
CA ILE A 308 36.36 -37.78 27.34
C ILE A 308 36.84 -37.22 26.02
N LYS A 309 35.91 -36.90 25.13
CA LYS A 309 36.27 -36.54 23.76
C LYS A 309 37.04 -35.23 23.72
N GLY A 310 38.09 -35.19 22.90
CA GLY A 310 38.84 -33.98 22.68
C GLY A 310 39.79 -33.59 23.80
N LYS A 311 39.61 -34.17 24.98
CA LYS A 311 40.49 -33.85 26.11
C LYS A 311 41.26 -35.07 26.62
N LEU A 312 40.57 -36.17 26.95
CA LEU A 312 41.25 -37.31 27.53
C LEU A 312 42.03 -38.08 26.47
N VAL A 313 41.31 -38.63 25.48
CA VAL A 313 41.92 -39.34 24.36
C VAL A 313 41.47 -38.66 23.07
N ARG A 314 42.34 -37.86 22.49
CA ARG A 314 42.04 -37.26 21.21
C ARG A 314 42.59 -38.09 20.05
N THR A 315 43.91 -38.24 19.98
CA THR A 315 44.55 -38.88 18.84
C THR A 315 45.39 -40.06 19.31
N ILE A 316 45.07 -41.23 18.78
CA ILE A 316 45.84 -42.46 19.00
C ILE A 316 45.85 -43.24 17.69
N GLU A 317 46.67 -44.28 17.66
CA GLU A 317 46.77 -45.08 16.44
C GLU A 317 45.52 -45.91 16.22
N ARG A 318 45.15 -46.08 14.95
CA ARG A 318 43.98 -46.86 14.58
C ARG A 318 44.09 -48.31 15.04
N LYS A 319 45.31 -48.80 15.27
CA LYS A 319 45.49 -50.19 15.66
C LYS A 319 44.84 -50.49 17.01
N PHE A 320 44.75 -49.50 17.90
CA PHE A 320 44.11 -49.73 19.19
C PHE A 320 42.62 -50.00 19.02
N TYR A 321 41.94 -49.17 18.24
CA TYR A 321 40.54 -49.40 17.94
C TYR A 321 40.35 -50.72 17.23
N LYS A 322 41.25 -51.03 16.29
CA LYS A 322 41.18 -52.31 15.59
C LYS A 322 41.27 -53.47 16.57
N GLU A 323 42.22 -53.40 17.52
CA GLU A 323 42.40 -54.47 18.48
C GLU A 323 41.17 -54.64 19.37
N GLU A 324 40.65 -53.54 19.89
CA GLU A 324 39.47 -53.64 20.76
C GLU A 324 38.28 -54.19 19.99
N LEU A 325 38.07 -53.71 18.77
CA LEU A 325 36.89 -54.13 18.02
C LEU A 325 37.01 -55.59 17.62
N ARG A 326 38.20 -56.04 17.20
CA ARG A 326 38.35 -57.46 16.94
C ARG A 326 38.02 -58.25 18.20
N GLN A 327 38.66 -57.90 19.33
CA GLN A 327 38.46 -58.66 20.55
C GLN A 327 36.98 -58.82 20.87
N ILE A 328 36.20 -57.73 20.73
CA ILE A 328 34.79 -57.83 21.08
C ILE A 328 34.04 -58.70 20.06
N LEU A 329 34.37 -58.61 18.76
CA LEU A 329 33.68 -59.47 17.80
C LEU A 329 34.03 -60.94 17.95
N GLU A 330 35.31 -61.28 18.11
CA GLU A 330 35.63 -62.68 18.35
C GLU A 330 35.05 -63.18 19.68
N LYS A 331 34.89 -62.31 20.67
CA LYS A 331 34.23 -62.77 21.90
C LYS A 331 32.75 -63.03 21.67
N GLN A 332 32.05 -62.12 21.00
CA GLN A 332 30.62 -62.26 20.80
C GLN A 332 30.26 -63.30 19.75
N LYS A 333 31.21 -63.66 18.87
CA LYS A 333 30.91 -64.59 17.78
C LYS A 333 30.51 -65.97 18.32
N GLU A 334 31.00 -66.35 19.49
CA GLU A 334 30.62 -67.62 20.07
C GLU A 334 29.15 -67.61 20.48
N PHE A 335 28.73 -66.57 21.22
CA PHE A 335 27.40 -66.57 21.81
C PHE A 335 26.31 -66.45 20.73
N HIS A 336 26.54 -65.62 19.72
CA HIS A 336 25.56 -65.40 18.66
C HIS A 336 25.86 -66.36 17.51
N GLN A 337 24.97 -67.33 17.30
CA GLN A 337 25.10 -68.23 16.18
C GLN A 337 25.05 -67.49 14.85
N GLU A 338 24.36 -66.35 14.81
CA GLU A 338 24.22 -65.60 13.57
C GLU A 338 25.57 -65.12 13.07
N LEU A 339 26.49 -64.80 13.97
CA LEU A 339 27.82 -64.39 13.55
C LEU A 339 28.63 -65.54 12.96
N GLN A 340 28.16 -66.78 13.10
CA GLN A 340 28.81 -67.93 12.48
C GLN A 340 28.02 -68.51 11.32
N SER A 341 26.89 -67.91 10.96
CA SER A 341 26.08 -68.42 9.87
C SER A 341 26.75 -68.12 8.53
N ASP A 342 26.18 -68.68 7.46
CA ASP A 342 26.75 -68.52 6.14
C ASP A 342 25.74 -68.01 5.14
N ASP A 343 24.46 -68.35 5.34
CA ASP A 343 23.42 -67.80 4.46
C ASP A 343 23.32 -66.29 4.62
N LEU A 344 23.31 -65.81 5.86
CA LEU A 344 23.30 -64.37 6.10
C LEU A 344 24.58 -63.71 5.60
N TYR A 345 25.74 -64.37 5.67
CA TYR A 345 27.05 -63.81 5.20
C TYR A 345 27.14 -63.78 3.71
N ASN A 346 26.47 -64.70 3.03
CA ASN A 346 26.35 -64.58 1.58
C ASN A 346 25.35 -63.51 1.20
N ASP A 347 24.23 -63.41 1.93
CA ASP A 347 23.23 -62.40 1.60
C ASP A 347 23.77 -60.99 1.76
N CYS A 348 24.51 -60.74 2.85
CA CYS A 348 25.05 -59.40 3.07
C CYS A 348 26.13 -59.09 2.05
N ILE A 349 26.97 -60.06 1.71
CA ILE A 349 27.97 -59.84 0.66
C ILE A 349 27.30 -59.50 -0.65
N ARG A 350 26.24 -60.24 -1.00
CA ARG A 350 25.52 -59.96 -2.24
C ARG A 350 24.88 -58.58 -2.21
N GLU A 351 24.36 -58.17 -1.05
CA GLU A 351 23.79 -56.83 -0.92
C GLU A 351 24.86 -55.77 -1.15
N LEU A 352 26.05 -55.99 -0.61
CA LEU A 352 27.12 -54.99 -0.74
C LEU A 352 27.72 -54.98 -2.14
N TYR A 353 27.84 -56.13 -2.79
CA TYR A 353 28.54 -56.26 -4.06
C TYR A 353 27.72 -57.05 -5.06
N ARG A 354 26.46 -56.67 -5.25
CA ARG A 354 25.60 -57.37 -6.19
C ARG A 354 26.18 -57.33 -7.60
N ASN A 355 26.65 -56.18 -8.04
CA ASN A 355 27.18 -56.04 -9.39
C ASN A 355 28.64 -56.40 -9.51
N ASN A 356 29.27 -56.86 -8.43
CA ASN A 356 30.68 -57.27 -8.45
C ASN A 356 30.75 -58.76 -8.14
N GLU A 357 30.85 -59.58 -9.19
CA GLU A 357 31.03 -61.01 -9.00
C GLU A 357 32.37 -61.33 -8.34
N VAL A 358 33.42 -60.63 -8.77
CA VAL A 358 34.77 -60.93 -8.30
C VAL A 358 34.88 -60.73 -6.80
N HIS A 359 34.45 -59.56 -6.31
CA HIS A 359 34.59 -59.27 -4.89
C HIS A 359 33.68 -60.16 -4.06
N GLN A 360 32.50 -60.50 -4.60
CA GLN A 360 31.63 -61.47 -3.93
C GLN A 360 32.34 -62.80 -3.74
N LEU A 361 32.92 -63.34 -4.81
CA LEU A 361 33.58 -64.63 -4.72
C LEU A 361 34.77 -64.57 -3.77
N THR A 362 35.53 -63.48 -3.82
CA THR A 362 36.68 -63.34 -2.92
C THR A 362 36.24 -63.30 -1.46
N LEU A 363 35.24 -62.49 -1.17
CA LEU A 363 34.87 -62.33 0.20
C LEU A 363 34.05 -63.49 0.73
N ARG A 364 33.50 -64.36 -0.12
CA ARG A 364 32.76 -65.52 0.37
C ARG A 364 33.62 -66.44 1.22
N LYS A 365 34.93 -66.21 1.29
CA LYS A 365 35.84 -67.08 2.03
C LYS A 365 36.23 -66.53 3.39
N LYS A 366 35.74 -65.36 3.78
CA LYS A 366 36.09 -64.73 5.04
C LYS A 366 34.96 -64.94 6.06
N ASP A 367 35.06 -64.26 7.19
CA ASP A 367 34.05 -64.29 8.24
C ASP A 367 33.54 -62.88 8.51
N PHE A 368 32.54 -62.78 9.39
CA PHE A 368 31.93 -61.49 9.69
C PHE A 368 32.92 -60.51 10.30
N VAL A 369 33.91 -61.04 11.02
CA VAL A 369 34.93 -60.17 11.63
C VAL A 369 35.67 -59.38 10.55
N HIS A 370 36.02 -60.05 9.45
CA HIS A 370 36.71 -59.36 8.37
C HIS A 370 35.83 -58.29 7.73
N LEU A 371 34.54 -58.60 7.53
CA LEU A 371 33.64 -57.60 6.94
C LEU A 371 33.54 -56.38 7.83
N PHE A 372 33.32 -56.58 9.13
CA PHE A 372 33.17 -55.43 10.01
C PHE A 372 34.46 -54.65 10.15
N MET A 373 35.60 -55.33 10.22
CA MET A 373 36.87 -54.60 10.33
C MET A 373 37.39 -54.11 8.99
N GLU A 374 37.76 -55.02 8.11
CA GLU A 374 38.67 -54.67 7.02
C GLU A 374 37.95 -54.29 5.74
N ASP A 375 36.62 -54.40 5.70
CA ASP A 375 35.88 -54.07 4.49
C ASP A 375 34.92 -52.90 4.66
N ILE A 376 34.55 -52.56 5.89
CA ILE A 376 33.58 -51.49 6.11
C ILE A 376 34.16 -50.38 6.97
N ILE A 377 34.51 -50.69 8.22
CA ILE A 377 34.84 -49.64 9.17
C ILE A 377 36.24 -49.11 8.93
N PHE A 378 37.24 -49.98 8.87
CA PHE A 378 38.62 -49.56 8.84
C PHE A 378 39.21 -49.56 7.43
N TYR A 379 38.39 -49.72 6.40
CA TYR A 379 38.89 -49.68 5.04
C TYR A 379 39.26 -48.24 4.69
N GLN A 380 40.49 -48.05 4.20
CA GLN A 380 40.97 -46.75 3.76
C GLN A 380 41.49 -46.88 2.34
N ARG A 381 40.98 -46.03 1.44
CA ARG A 381 41.34 -46.13 0.04
C ARG A 381 42.81 -45.80 -0.18
N PRO A 382 43.46 -46.48 -1.13
CA PRO A 382 44.84 -46.14 -1.46
C PRO A 382 44.92 -44.82 -2.21
N LEU A 383 46.12 -44.25 -2.23
CA LEU A 383 46.33 -42.98 -2.89
C LEU A 383 46.00 -43.08 -4.38
N ARG A 384 45.37 -42.03 -4.90
CA ARG A 384 45.08 -41.98 -6.33
C ARG A 384 46.39 -41.92 -7.11
N SER A 385 46.40 -42.58 -8.27
CA SER A 385 47.61 -42.66 -9.07
C SER A 385 48.05 -41.26 -9.51
N GLN A 386 49.33 -40.96 -9.29
CA GLN A 386 49.90 -39.68 -9.66
C GLN A 386 50.66 -39.73 -10.98
N LYS A 387 50.55 -40.84 -11.71
CA LYS A 387 51.26 -40.99 -12.97
C LYS A 387 50.66 -40.14 -14.08
N SER A 388 49.43 -39.65 -13.90
CA SER A 388 48.76 -38.88 -14.94
C SER A 388 49.43 -37.53 -15.19
N SER A 389 50.16 -37.00 -14.20
CA SER A 389 50.82 -35.71 -14.33
C SER A 389 52.28 -35.81 -14.75
N VAL A 390 52.77 -37.03 -15.01
CA VAL A 390 54.17 -37.19 -15.42
C VAL A 390 54.38 -36.58 -16.79
N SER A 391 55.52 -35.91 -16.96
CA SER A 391 55.82 -35.22 -18.21
C SER A 391 56.00 -36.22 -19.36
N ASN A 392 55.93 -35.69 -20.57
CA ASN A 392 55.99 -36.49 -21.79
C ASN A 392 57.40 -36.49 -22.37
N CYS A 393 57.74 -37.59 -23.03
CA CYS A 393 59.01 -37.67 -23.74
C CYS A 393 59.01 -36.68 -24.91
N THR A 394 60.13 -35.98 -25.07
CA THR A 394 60.25 -34.95 -26.09
C THR A 394 60.81 -35.48 -27.40
N LEU A 395 61.05 -36.78 -27.51
CA LEU A 395 61.65 -37.37 -28.71
C LEU A 395 60.75 -38.36 -29.41
N GLU A 396 59.92 -39.10 -28.68
CA GLU A 396 59.13 -40.19 -29.24
C GLU A 396 57.68 -39.77 -29.36
N PHE A 397 57.12 -39.92 -30.56
CA PHE A 397 55.74 -39.56 -30.87
C PHE A 397 55.04 -40.75 -31.51
N ARG A 398 53.72 -40.82 -31.35
CA ARG A 398 52.92 -41.83 -32.03
C ARG A 398 51.78 -41.15 -32.75
N LYS A 399 51.49 -41.59 -33.98
CA LYS A 399 50.43 -41.01 -34.78
C LYS A 399 49.33 -42.04 -34.98
N TYR A 400 48.08 -41.63 -34.72
CA TYR A 400 46.95 -42.54 -34.82
C TYR A 400 45.72 -41.78 -35.27
N LYS A 401 44.81 -42.51 -35.92
CA LYS A 401 43.53 -41.96 -36.36
C LYS A 401 42.49 -42.18 -35.28
N GLY A 402 41.93 -41.10 -34.75
CA GLY A 402 40.90 -41.17 -33.75
C GLY A 402 39.51 -41.32 -34.35
N GLU A 403 38.52 -41.31 -33.46
CA GLU A 403 37.12 -41.43 -33.89
C GLU A 403 36.61 -40.18 -34.58
N ASN A 404 37.36 -39.08 -34.53
CA ASN A 404 36.93 -37.81 -35.12
C ASN A 404 37.36 -37.65 -36.57
N GLY A 405 37.77 -38.73 -37.23
CA GLY A 405 38.17 -38.66 -38.63
C GLY A 405 39.41 -37.84 -38.88
N ALA A 406 40.37 -37.88 -37.96
CA ALA A 406 41.63 -37.17 -38.12
C ALA A 406 42.80 -38.10 -37.81
N GLU A 407 44.01 -37.56 -37.73
CA GLU A 407 45.19 -38.33 -37.36
C GLU A 407 46.08 -37.45 -36.50
N HIS A 408 46.13 -37.72 -35.20
CA HIS A 408 46.86 -36.89 -34.26
C HIS A 408 47.82 -37.74 -33.44
N THR A 409 48.63 -37.05 -32.64
CA THR A 409 49.81 -37.64 -32.01
C THR A 409 49.61 -37.78 -30.51
N GLN A 410 49.94 -38.97 -30.01
CA GLN A 410 50.06 -39.24 -28.59
C GLN A 410 51.54 -39.28 -28.20
N TYR A 411 51.85 -38.67 -27.06
CA TYR A 411 53.22 -38.60 -26.56
C TYR A 411 53.51 -39.80 -25.67
N LEU A 412 54.80 -40.02 -25.42
CA LEU A 412 55.26 -41.09 -24.56
C LEU A 412 55.63 -40.53 -23.19
N LYS A 413 55.18 -41.19 -22.13
CA LYS A 413 55.44 -40.73 -20.78
C LYS A 413 56.92 -40.87 -20.43
N ALA A 414 57.39 -40.00 -19.55
CA ALA A 414 58.80 -39.96 -19.19
C ALA A 414 59.22 -41.24 -18.47
N ILE A 415 60.44 -41.68 -18.75
CA ILE A 415 60.99 -42.86 -18.08
C ILE A 415 61.28 -42.52 -16.63
N PRO A 416 60.99 -43.40 -15.67
CA PRO A 416 61.40 -43.14 -14.29
C PRO A 416 62.92 -43.07 -14.17
N LYS A 417 63.39 -42.18 -13.30
CA LYS A 417 64.83 -42.03 -13.10
C LYS A 417 65.45 -43.23 -12.42
N SER A 418 64.63 -44.08 -11.78
CA SER A 418 65.12 -45.30 -11.15
C SER A 418 65.23 -46.46 -12.13
N ASN A 419 64.85 -46.27 -13.38
CA ASN A 419 64.95 -47.32 -14.38
C ASN A 419 66.41 -47.69 -14.59
N PRO A 420 66.75 -48.99 -14.58
CA PRO A 420 68.15 -49.38 -14.84
C PRO A 420 68.68 -48.90 -16.18
N TYR A 421 67.82 -48.81 -17.20
CA TYR A 421 68.24 -48.26 -18.47
C TYR A 421 68.66 -46.80 -18.33
N TYR A 422 67.86 -46.01 -17.61
CA TYR A 422 68.21 -44.61 -17.39
C TYR A 422 69.45 -44.48 -16.51
N GLN A 423 69.57 -45.33 -15.49
CA GLN A 423 70.76 -45.32 -14.65
C GLN A 423 72.01 -45.60 -15.47
N GLU A 424 71.94 -46.62 -16.33
CA GLU A 424 73.07 -46.97 -17.19
C GLU A 424 73.38 -45.84 -18.17
N PHE A 425 72.34 -45.21 -18.71
CA PHE A 425 72.55 -44.10 -19.64
C PHE A 425 73.26 -42.94 -18.95
N ARG A 426 72.83 -42.58 -17.75
CA ARG A 426 73.48 -41.49 -17.03
C ARG A 426 74.92 -41.85 -16.65
N LEU A 427 75.15 -43.10 -16.24
CA LEU A 427 76.51 -43.53 -15.92
C LEU A 427 77.42 -43.47 -17.14
N TRP A 428 76.90 -43.90 -18.30
CA TRP A 428 77.67 -43.82 -19.54
C TRP A 428 77.97 -42.38 -19.90
N GLN A 429 76.99 -41.50 -19.73
CA GLN A 429 77.21 -40.07 -19.99
C GLN A 429 78.33 -39.53 -19.12
N TRP A 430 78.28 -39.83 -17.82
CA TRP A 430 79.31 -39.32 -16.91
C TRP A 430 80.68 -39.90 -17.24
N ILE A 431 80.74 -41.20 -17.57
CA ILE A 431 82.03 -41.83 -17.85
C ILE A 431 82.64 -41.25 -19.12
N PHE A 432 81.83 -41.02 -20.15
CA PHE A 432 82.34 -40.43 -21.38
C PHE A 432 82.72 -38.96 -21.19
N ASN A 433 81.99 -38.24 -20.34
CA ASN A 433 82.28 -36.82 -20.13
C ASN A 433 83.52 -36.59 -19.28
N LEU A 434 84.10 -37.63 -18.69
CA LEU A 434 85.21 -37.47 -17.77
C LEU A 434 86.47 -36.99 -18.50
N ASN A 435 87.07 -35.92 -17.99
CA ASN A 435 88.39 -35.48 -18.41
C ASN A 435 89.20 -35.16 -17.15
N LEU A 436 90.44 -35.60 -17.14
CA LEU A 436 91.28 -35.55 -15.94
C LEU A 436 92.22 -34.35 -15.99
N TYR A 437 92.62 -33.92 -14.79
CA TYR A 437 93.59 -32.85 -14.64
C TYR A 437 94.59 -33.21 -13.56
N THR A 438 95.80 -32.67 -13.66
CA THR A 438 96.86 -32.90 -12.70
C THR A 438 97.04 -31.69 -11.79
N LYS A 439 97.90 -31.85 -10.79
CA LYS A 439 98.12 -30.80 -9.79
C LYS A 439 99.45 -30.08 -9.93
N ASP A 440 100.43 -30.67 -10.61
CA ASP A 440 101.73 -30.04 -10.74
C ASP A 440 101.72 -28.95 -11.81
N ASN A 441 101.45 -29.34 -13.06
CA ASN A 441 101.39 -28.40 -14.17
C ASN A 441 99.97 -28.09 -14.61
N ASP A 442 98.96 -28.72 -13.98
CA ASP A 442 97.56 -28.48 -14.27
C ASP A 442 97.23 -28.72 -15.75
N GLU A 443 97.86 -29.74 -16.34
CA GLU A 443 97.64 -30.09 -17.72
C GLU A 443 96.47 -31.06 -17.86
N ASN A 444 95.95 -31.16 -19.08
CA ASN A 444 94.87 -32.09 -19.40
C ASN A 444 95.48 -33.47 -19.65
N VAL A 445 95.70 -34.21 -18.56
CA VAL A 445 96.31 -35.53 -18.64
C VAL A 445 95.38 -36.57 -19.25
N THR A 446 94.13 -36.20 -19.53
CA THR A 446 93.20 -37.13 -20.15
C THR A 446 93.65 -37.47 -21.58
N LYS A 447 93.02 -38.50 -22.14
CA LYS A 447 93.31 -39.04 -23.47
C LYS A 447 94.68 -39.71 -23.49
N VAL A 448 95.40 -39.67 -22.38
CA VAL A 448 96.64 -40.41 -22.20
C VAL A 448 96.40 -41.66 -21.35
N PHE A 449 95.79 -41.49 -20.18
CA PHE A 449 95.39 -42.63 -19.37
C PHE A 449 94.07 -43.23 -19.83
N LEU A 450 93.30 -42.51 -20.65
CA LEU A 450 92.04 -42.99 -21.23
C LEU A 450 92.11 -42.74 -22.74
N ASN A 451 92.72 -43.67 -23.46
CA ASN A 451 92.87 -43.57 -24.91
C ASN A 451 92.21 -44.72 -25.65
N THR A 452 92.41 -45.95 -25.20
CA THR A 452 91.84 -47.11 -25.85
C THR A 452 90.48 -47.47 -25.23
N THR A 453 89.78 -48.38 -25.89
CA THR A 453 88.47 -48.83 -25.40
C THR A 453 88.59 -49.69 -24.16
N GLN A 454 89.74 -50.36 -23.96
CA GLN A 454 89.89 -51.24 -22.81
C GLN A 454 89.81 -50.47 -21.50
N ASP A 455 90.42 -49.29 -21.44
CA ASP A 455 90.38 -48.49 -20.23
C ASP A 455 88.96 -48.05 -19.88
N PHE A 456 88.20 -47.60 -20.90
CA PHE A 456 86.83 -47.19 -20.65
C PHE A 456 85.96 -48.38 -20.23
N GLU A 457 86.17 -49.55 -20.85
CA GLU A 457 85.43 -50.74 -20.44
C GLU A 457 85.75 -51.11 -19.00
N ASN A 458 87.03 -51.04 -18.61
CA ASN A 458 87.40 -51.35 -17.24
C ASN A 458 86.80 -50.34 -16.26
N LEU A 459 86.78 -49.06 -16.63
CA LEU A 459 86.17 -48.05 -15.76
C LEU A 459 84.68 -48.32 -15.58
N PHE A 460 83.98 -48.66 -16.68
CA PHE A 460 82.56 -48.99 -16.56
C PHE A 460 82.34 -50.20 -15.66
N GLU A 461 83.11 -51.26 -15.87
CA GLU A 461 82.94 -52.48 -15.08
C GLU A 461 83.24 -52.23 -13.60
N PHE A 462 84.24 -51.40 -13.32
CA PHE A 462 84.54 -51.04 -11.94
C PHE A 462 83.40 -50.23 -11.33
N LEU A 463 82.81 -49.31 -12.10
CA LEU A 463 81.73 -48.49 -11.58
C LEU A 463 80.42 -49.25 -11.43
N ASN A 464 80.25 -50.38 -12.11
CA ASN A 464 79.05 -51.19 -11.89
C ASN A 464 79.00 -51.73 -10.46
N THR A 465 80.16 -52.11 -9.92
CA THR A 465 80.23 -52.75 -8.60
C THR A 465 80.01 -51.78 -7.45
N ARG A 466 80.01 -50.47 -7.70
CA ARG A 466 79.80 -49.47 -6.67
C ARG A 466 78.45 -48.80 -6.84
N LYS A 467 78.11 -47.96 -5.86
CA LYS A 467 76.86 -47.21 -5.86
C LYS A 467 77.05 -45.72 -6.10
N GLU A 468 78.18 -45.16 -5.72
CA GLU A 468 78.41 -43.72 -5.84
C GLU A 468 79.90 -43.48 -5.97
N VAL A 469 80.33 -42.98 -7.13
CA VAL A 469 81.73 -42.68 -7.37
C VAL A 469 82.06 -41.33 -6.74
N ASP A 470 83.32 -41.15 -6.38
CA ASP A 470 83.78 -39.90 -5.78
C ASP A 470 85.24 -39.69 -6.17
N GLN A 471 85.91 -38.77 -5.48
CA GLN A 471 87.30 -38.44 -5.79
C GLN A 471 88.22 -39.61 -5.52
N LYS A 472 88.12 -40.18 -4.31
CA LYS A 472 89.07 -41.22 -3.90
C LYS A 472 88.95 -42.46 -4.76
N ALA A 473 87.73 -42.93 -5.01
CA ALA A 473 87.53 -44.14 -5.80
C ALA A 473 88.00 -43.94 -7.24
N LEU A 474 87.65 -42.79 -7.84
CA LEU A 474 88.05 -42.53 -9.22
C LEU A 474 89.57 -42.44 -9.34
N LEU A 475 90.22 -41.79 -8.37
CA LEU A 475 91.68 -41.69 -8.41
C LEU A 475 92.32 -43.06 -8.21
N LYS A 476 91.79 -43.87 -7.29
CA LYS A 476 92.37 -45.18 -7.02
C LYS A 476 92.15 -46.14 -8.18
N HIS A 477 91.08 -45.96 -8.95
CA HIS A 477 90.84 -46.84 -10.10
C HIS A 477 91.98 -46.79 -11.10
N PHE A 478 92.63 -45.63 -11.24
CA PHE A 478 93.79 -45.47 -12.10
C PHE A 478 95.10 -45.55 -11.31
N LYS A 479 95.04 -45.92 -10.03
CA LYS A 479 96.17 -45.93 -9.10
C LYS A 479 96.71 -44.53 -8.83
N LEU A 480 95.95 -43.49 -9.15
CA LEU A 480 96.38 -42.12 -8.93
C LEU A 480 96.20 -41.74 -7.46
N ASN A 481 96.57 -40.51 -7.12
CA ASN A 481 96.57 -40.05 -5.74
C ASN A 481 95.90 -38.69 -5.64
N GLU A 482 95.46 -38.37 -4.43
CA GLU A 482 94.79 -37.08 -4.18
C GLU A 482 95.77 -35.91 -4.35
N LYS A 483 97.01 -36.08 -3.89
CA LYS A 483 97.98 -35.00 -3.90
C LYS A 483 98.47 -34.63 -5.29
N THR A 484 98.14 -35.41 -6.32
CA THR A 484 98.74 -35.22 -7.64
C THR A 484 97.76 -34.98 -8.77
N HIS A 485 96.48 -35.35 -8.62
CA HIS A 485 95.56 -35.27 -9.74
C HIS A 485 94.15 -34.98 -9.25
N ARG A 486 93.31 -34.55 -10.19
CA ARG A 486 91.89 -34.31 -9.94
C ARG A 486 91.10 -34.74 -11.17
N TRP A 487 89.79 -34.56 -11.11
CA TRP A 487 88.89 -35.01 -12.17
C TRP A 487 88.01 -33.88 -12.70
N ASN A 488 88.54 -32.65 -12.71
CA ASN A 488 87.94 -31.46 -13.32
C ASN A 488 86.65 -31.01 -12.64
N PHE A 489 86.20 -31.68 -11.57
CA PHE A 489 84.95 -31.31 -10.92
C PHE A 489 85.19 -31.12 -9.43
N VAL A 490 84.09 -30.96 -8.69
CA VAL A 490 84.18 -30.63 -7.27
C VAL A 490 84.89 -31.75 -6.52
N GLU A 491 85.91 -31.37 -5.74
CA GLU A 491 86.72 -32.35 -5.04
C GLU A 491 86.04 -32.94 -3.82
N ASP A 492 84.88 -32.40 -3.41
CA ASP A 492 84.13 -32.92 -2.28
C ASP A 492 82.66 -33.08 -2.63
N LYS A 493 82.39 -33.62 -3.82
CA LYS A 493 81.03 -33.91 -4.26
C LYS A 493 80.97 -35.32 -4.81
N LYS A 494 79.80 -35.95 -4.66
CA LYS A 494 79.59 -37.31 -5.11
C LYS A 494 78.45 -37.35 -6.13
N TYR A 495 78.58 -38.23 -7.11
CA TYR A 495 77.62 -38.32 -8.20
C TYR A 495 77.04 -39.74 -8.28
N PRO A 496 75.79 -39.87 -8.73
CA PRO A 496 75.18 -41.21 -8.82
C PRO A 496 75.97 -42.12 -9.75
N CYS A 497 76.03 -43.40 -9.39
CA CYS A 497 76.84 -44.38 -10.10
C CYS A 497 76.08 -45.68 -10.30
N ASN A 498 74.82 -45.58 -10.71
CA ASN A 498 73.95 -46.74 -10.96
C ASN A 498 73.86 -47.63 -9.72
N GLU A 499 73.31 -47.04 -8.65
CA GLU A 499 73.27 -47.73 -7.36
C GLU A 499 72.27 -48.87 -7.32
N THR A 500 71.30 -48.89 -8.22
CA THR A 500 70.28 -49.94 -8.19
C THR A 500 70.90 -51.32 -8.44
N LYS A 501 71.78 -51.43 -9.43
CA LYS A 501 72.41 -52.71 -9.73
C LYS A 501 73.30 -53.17 -8.58
N THR A 502 74.06 -52.24 -7.98
CA THR A 502 74.91 -52.61 -6.85
C THR A 502 74.08 -53.05 -5.65
N MET A 503 72.98 -52.36 -5.38
CA MET A 503 72.11 -52.75 -4.27
C MET A 503 71.48 -54.12 -4.51
N ILE A 504 71.05 -54.37 -5.74
CA ILE A 504 70.48 -55.68 -6.07
C ILE A 504 71.53 -56.77 -5.91
N SER A 505 72.76 -56.51 -6.35
CA SER A 505 73.84 -57.47 -6.17
C SER A 505 74.14 -57.72 -4.69
N SER A 506 74.12 -56.66 -3.89
CA SER A 506 74.37 -56.82 -2.45
C SER A 506 73.29 -57.68 -1.81
N ARG A 507 72.02 -57.44 -2.15
CA ARG A 507 70.95 -58.25 -1.58
C ARG A 507 71.02 -59.69 -2.06
N LEU A 508 71.31 -59.90 -3.35
CA LEU A 508 71.38 -61.25 -3.89
C LEU A 508 72.63 -61.99 -3.43
N ASP A 509 73.61 -61.28 -2.89
CA ASP A 509 74.70 -61.93 -2.17
C ASP A 509 74.36 -62.18 -0.72
N LYS A 510 73.52 -61.32 -0.12
CA LYS A 510 73.11 -61.52 1.26
C LYS A 510 72.18 -62.73 1.40
N VAL A 511 71.36 -63.00 0.40
CA VAL A 511 70.47 -64.16 0.47
C VAL A 511 71.28 -65.45 0.50
N GLU A 512 72.41 -65.48 -0.22
CA GLU A 512 73.30 -66.63 -0.28
C GLU A 512 72.61 -67.88 -0.80
N ASN A 513 73.18 -69.05 -0.49
CA ASN A 513 72.69 -70.37 -0.91
C ASN A 513 72.36 -70.44 -2.40
N ILE A 514 72.98 -69.57 -3.21
CA ILE A 514 72.79 -69.56 -4.65
C ILE A 514 74.13 -69.27 -5.31
N SER A 515 74.20 -69.54 -6.61
CA SER A 515 75.39 -69.24 -7.38
C SER A 515 75.42 -67.75 -7.73
N ASP A 516 76.56 -67.31 -8.25
CA ASP A 516 76.72 -65.91 -8.68
C ASP A 516 76.37 -65.73 -10.15
N ASP A 517 75.22 -66.28 -10.56
CA ASP A 517 74.74 -66.12 -11.93
C ASP A 517 73.25 -65.88 -12.00
N PHE A 518 72.54 -65.77 -10.87
CA PHE A 518 71.12 -65.51 -10.90
C PHE A 518 70.81 -64.10 -11.39
N LEU A 519 71.66 -63.14 -11.05
CA LEU A 519 71.42 -61.74 -11.39
C LEU A 519 71.86 -61.47 -12.83
N THR A 520 70.97 -60.90 -13.63
CA THR A 520 71.26 -60.50 -15.00
C THR A 520 70.47 -59.24 -15.31
N ARG A 521 70.55 -58.80 -16.58
CA ARG A 521 69.80 -57.62 -16.99
C ARG A 521 68.29 -57.85 -16.89
N ASP A 522 67.83 -59.02 -17.33
CA ASP A 522 66.41 -59.35 -17.23
C ASP A 522 65.96 -59.44 -15.77
N ILE A 523 66.78 -60.05 -14.92
CA ILE A 523 66.45 -60.15 -13.50
C ILE A 523 66.44 -58.77 -12.86
N GLU A 524 67.38 -57.90 -13.22
CA GLU A 524 67.40 -56.55 -12.66
C GLU A 524 66.17 -55.77 -13.08
N GLN A 525 65.78 -55.87 -14.36
CA GLN A 525 64.58 -55.17 -14.82
C GLN A 525 63.33 -55.72 -14.14
N LYS A 526 63.24 -57.04 -13.99
CA LYS A 526 62.09 -57.64 -13.33
C LYS A 526 62.02 -57.24 -11.85
N ILE A 527 63.16 -57.16 -11.17
CA ILE A 527 63.19 -56.71 -9.79
C ILE A 527 62.73 -55.26 -9.69
N TRP A 528 63.23 -54.41 -10.59
CA TRP A 528 62.78 -53.02 -10.61
C TRP A 528 61.28 -52.93 -10.83
N HIS A 529 60.75 -53.71 -11.77
CA HIS A 529 59.32 -53.70 -12.03
C HIS A 529 58.53 -54.17 -10.81
N ILE A 530 58.99 -55.23 -10.16
CA ILE A 530 58.27 -55.78 -9.02
C ILE A 530 58.22 -54.77 -7.87
N ILE A 531 59.35 -54.13 -7.58
CA ILE A 531 59.39 -53.22 -6.43
C ILE A 531 58.67 -51.92 -6.76
N TYR A 532 58.91 -51.34 -7.94
CA TYR A 532 58.38 -50.02 -8.27
C TYR A 532 56.91 -50.08 -8.64
N SER A 533 56.47 -51.15 -9.31
CA SER A 533 55.08 -51.26 -9.73
C SER A 533 54.15 -51.43 -8.54
N VAL A 534 54.48 -52.35 -7.64
CA VAL A 534 53.60 -52.71 -6.53
C VAL A 534 53.94 -51.78 -5.38
N ASN A 535 53.21 -50.67 -5.30
CA ASN A 535 53.36 -49.70 -4.21
C ASN A 535 52.34 -49.94 -3.11
N ASP A 536 52.42 -51.12 -2.51
CA ASP A 536 51.59 -51.48 -1.38
C ASP A 536 52.30 -52.58 -0.60
N LYS A 537 52.26 -52.47 0.73
CA LYS A 537 53.12 -53.28 1.58
C LYS A 537 52.81 -54.78 1.46
N VAL A 538 51.57 -55.16 1.75
CA VAL A 538 51.22 -56.57 1.73
C VAL A 538 51.32 -57.15 0.33
N GLU A 539 50.91 -56.38 -0.68
CA GLU A 539 51.03 -56.85 -2.06
C GLU A 539 52.48 -56.92 -2.48
N TYR A 540 53.33 -56.02 -1.97
CA TYR A 540 54.76 -56.14 -2.21
C TYR A 540 55.31 -57.44 -1.61
N GLU A 541 54.86 -57.79 -0.40
CA GLU A 541 55.28 -59.04 0.21
C GLU A 541 54.85 -60.23 -0.65
N LYS A 542 53.62 -60.21 -1.14
CA LYS A 542 53.12 -61.28 -1.98
C LYS A 542 53.92 -61.38 -3.27
N ALA A 543 54.22 -60.25 -3.89
CA ALA A 543 55.00 -60.25 -5.13
C ALA A 543 56.40 -60.78 -4.90
N LEU A 544 57.04 -60.39 -3.79
CA LEU A 544 58.37 -60.90 -3.49
C LEU A 544 58.35 -62.41 -3.27
N LYS A 545 57.34 -62.90 -2.53
CA LYS A 545 57.23 -64.33 -2.31
C LYS A 545 57.02 -65.08 -3.62
N SER A 546 56.18 -64.53 -4.51
CA SER A 546 55.97 -65.16 -5.81
C SER A 546 57.24 -65.15 -6.65
N PHE A 547 57.99 -64.06 -6.63
CA PHE A 547 59.24 -63.99 -7.38
C PHE A 547 60.24 -65.01 -6.85
N ALA A 548 60.32 -65.18 -5.53
CA ALA A 548 61.19 -66.18 -4.96
C ALA A 548 60.72 -67.60 -5.27
N ARG A 549 59.41 -67.79 -5.39
CA ARG A 549 58.88 -69.12 -5.68
C ARG A 549 59.13 -69.54 -7.12
N LYS A 550 58.90 -68.63 -8.08
CA LYS A 550 59.02 -68.99 -9.48
C LYS A 550 60.46 -69.38 -9.84
N HIS A 551 61.42 -68.56 -9.45
CA HIS A 551 62.82 -68.92 -9.61
C HIS A 551 63.21 -69.98 -8.56
N HIS A 552 64.12 -70.87 -8.94
CA HIS A 552 64.54 -71.97 -8.08
C HIS A 552 65.52 -71.43 -7.02
N LEU A 553 64.98 -70.62 -6.12
CA LEU A 553 65.75 -70.04 -5.03
C LEU A 553 64.99 -70.24 -3.71
N ASP A 554 65.74 -70.27 -2.62
CA ASP A 554 65.16 -70.42 -1.29
C ASP A 554 64.55 -69.12 -0.82
N GLU A 555 63.29 -69.17 -0.42
CA GLU A 555 62.57 -67.98 0.08
C GLU A 555 62.68 -67.86 1.60
N SER A 556 63.90 -67.92 2.11
CA SER A 556 64.16 -67.82 3.54
C SER A 556 64.74 -66.47 3.92
N SER A 557 65.84 -66.05 3.29
CA SER A 557 66.45 -64.76 3.57
C SER A 557 66.27 -63.76 2.44
N PHE A 558 65.90 -64.22 1.24
CA PHE A 558 65.62 -63.29 0.15
C PHE A 558 64.45 -62.38 0.50
N PHE A 559 63.38 -62.95 1.07
CA PHE A 559 62.22 -62.16 1.46
C PHE A 559 62.58 -61.14 2.53
N GLU A 560 63.39 -61.55 3.52
CA GLU A 560 63.81 -60.62 4.57
C GLU A 560 64.68 -59.50 4.00
N ALA A 561 65.57 -59.84 3.07
CA ALA A 561 66.43 -58.82 2.46
C ALA A 561 65.61 -57.84 1.63
N PHE A 562 64.63 -58.34 0.88
CA PHE A 562 63.88 -57.50 -0.05
C PHE A 562 62.64 -56.86 0.56
N ARG A 563 62.25 -57.23 1.78
CA ARG A 563 61.07 -56.61 2.36
C ARG A 563 61.36 -55.19 2.85
N LYS A 564 62.59 -54.93 3.27
CA LYS A 564 63.01 -53.60 3.68
C LYS A 564 63.61 -52.80 2.53
N PHE A 565 63.32 -53.19 1.29
CA PHE A 565 63.83 -52.45 0.14
C PHE A 565 63.24 -51.05 0.15
N PRO A 566 64.07 -50.01 0.07
CA PRO A 566 63.54 -48.64 0.11
C PRO A 566 62.69 -48.35 -1.11
N PRO A 567 61.51 -47.75 -0.93
CA PRO A 567 60.71 -47.33 -2.08
C PRO A 567 61.47 -46.32 -2.92
N PHE A 568 61.33 -46.42 -4.23
CA PHE A 568 62.12 -45.59 -5.14
C PHE A 568 61.68 -44.13 -5.08
N LYS A 569 62.64 -43.23 -5.21
CA LYS A 569 62.37 -41.80 -5.14
C LYS A 569 61.51 -41.36 -6.32
N SER A 570 60.61 -40.42 -6.07
CA SER A 570 59.69 -39.92 -7.08
C SER A 570 60.44 -38.93 -7.98
N GLU A 571 60.89 -39.42 -9.14
CA GLU A 571 61.58 -38.59 -10.10
C GLU A 571 61.53 -39.27 -11.46
N TYR A 572 61.35 -38.47 -12.52
CA TYR A 572 61.26 -38.97 -13.87
C TYR A 572 62.17 -38.16 -14.79
N GLY A 573 62.75 -38.84 -15.77
CA GLY A 573 63.68 -38.22 -16.68
C GLY A 573 63.00 -37.34 -17.72
N SER A 574 63.84 -36.69 -18.53
CA SER A 574 63.31 -35.84 -19.60
C SER A 574 62.74 -36.68 -20.73
N PHE A 575 63.44 -37.74 -21.14
CA PHE A 575 63.01 -38.61 -22.22
C PHE A 575 62.29 -39.83 -21.64
N SER A 576 62.01 -40.80 -22.50
CA SER A 576 61.36 -42.05 -22.12
C SER A 576 62.34 -43.21 -22.27
N GLU A 577 61.82 -44.42 -22.01
CA GLU A 577 62.65 -45.61 -22.15
C GLU A 577 62.89 -45.95 -23.61
N LYS A 578 61.98 -45.56 -24.51
CA LYS A 578 62.17 -45.82 -25.93
C LYS A 578 63.40 -45.09 -26.45
N ALA A 579 63.54 -43.81 -26.10
CA ALA A 579 64.69 -43.04 -26.55
C ALA A 579 66.00 -43.60 -26.00
N ILE A 580 66.00 -43.97 -24.71
CA ILE A 580 67.22 -44.50 -24.11
C ILE A 580 67.59 -45.86 -24.73
N LYS A 581 66.59 -46.70 -24.97
CA LYS A 581 66.84 -47.99 -25.62
C LYS A 581 67.39 -47.79 -27.03
N LYS A 582 66.86 -46.80 -27.77
CA LYS A 582 67.38 -46.51 -29.10
C LYS A 582 68.81 -46.00 -29.04
N LEU A 583 69.11 -45.12 -28.08
CA LEU A 583 70.38 -44.42 -28.08
C LEU A 583 71.52 -45.23 -27.46
N LEU A 584 71.24 -46.07 -26.47
CA LEU A 584 72.29 -46.71 -25.70
C LEU A 584 73.28 -47.52 -26.53
N PRO A 585 72.88 -48.33 -27.52
CA PRO A 585 73.89 -49.05 -28.31
C PRO A 585 74.94 -48.16 -28.93
N LEU A 586 74.58 -46.94 -29.35
CA LEU A 586 75.54 -46.06 -30.00
C LEU A 586 76.64 -45.61 -29.04
N MET A 587 76.28 -45.34 -27.78
CA MET A 587 77.26 -44.78 -26.85
C MET A 587 78.29 -45.82 -26.42
N ARG A 588 77.84 -47.04 -26.12
CA ARG A 588 78.74 -48.04 -25.54
C ARG A 588 79.91 -48.34 -26.47
N LEU A 589 81.02 -48.76 -25.87
CA LEU A 589 82.24 -49.07 -26.60
C LEU A 589 82.80 -50.41 -26.13
N GLY A 590 83.54 -51.06 -27.02
CA GLY A 590 84.10 -52.37 -26.73
C GLY A 590 83.15 -53.49 -27.07
N LYS A 591 83.11 -54.52 -26.21
CA LYS A 591 82.16 -55.60 -26.41
C LYS A 591 80.72 -55.16 -26.25
N TYR A 592 80.49 -54.05 -25.54
CA TYR A 592 79.15 -53.48 -25.40
C TYR A 592 78.73 -52.66 -26.62
N TRP A 593 79.64 -52.42 -27.55
CA TRP A 593 79.34 -51.73 -28.80
C TRP A 593 79.01 -52.77 -29.86
N ASN A 594 77.77 -52.73 -30.37
CA ASN A 594 77.33 -53.70 -31.35
C ASN A 594 76.49 -53.01 -32.41
N TYR A 595 76.72 -53.37 -33.68
CA TYR A 595 75.97 -52.80 -34.79
C TYR A 595 74.64 -53.48 -35.02
N ALA A 596 74.42 -54.67 -34.45
CA ALA A 596 73.20 -55.43 -34.72
C ALA A 596 72.00 -54.84 -33.99
N GLU A 597 72.17 -54.42 -32.74
CA GLU A 597 71.04 -53.94 -31.95
C GLU A 597 70.47 -52.61 -32.44
N ILE A 598 71.16 -51.93 -33.34
CA ILE A 598 70.69 -50.64 -33.84
C ILE A 598 69.52 -50.86 -34.79
N ASP A 599 68.53 -49.98 -34.73
CA ASP A 599 67.33 -50.10 -35.55
C ASP A 599 67.64 -49.73 -37.00
N LYS A 600 66.62 -49.82 -37.85
CA LYS A 600 66.80 -49.58 -39.28
C LYS A 600 67.14 -48.12 -39.56
N TYR A 601 66.45 -47.19 -38.89
CA TYR A 601 66.59 -45.78 -39.24
C TYR A 601 67.99 -45.26 -38.93
N SER A 602 68.49 -45.51 -37.72
CA SER A 602 69.81 -45.04 -37.35
C SER A 602 70.89 -45.74 -38.17
N ARG A 603 70.73 -47.04 -38.43
CA ARG A 603 71.69 -47.75 -39.26
C ARG A 603 71.75 -47.17 -40.67
N GLU A 604 70.59 -46.88 -41.26
CA GLU A 604 70.56 -46.29 -42.59
C GLU A 604 71.19 -44.90 -42.60
N ARG A 605 70.92 -44.11 -41.56
CA ARG A 605 71.52 -42.78 -41.48
C ARG A 605 73.04 -42.87 -41.34
N ILE A 606 73.52 -43.82 -40.55
CA ILE A 606 74.96 -44.02 -40.41
C ILE A 606 75.58 -44.45 -41.74
N GLN A 607 74.90 -45.35 -42.46
CA GLN A 607 75.40 -45.77 -43.77
C GLN A 607 75.45 -44.59 -44.73
N LYS A 608 74.44 -43.72 -44.69
CA LYS A 608 74.42 -42.54 -45.55
C LYS A 608 75.54 -41.57 -45.19
N ILE A 609 75.81 -41.39 -43.90
CA ILE A 609 76.82 -40.41 -43.50
C ILE A 609 78.23 -40.96 -43.74
N ILE A 610 78.41 -42.28 -43.72
CA ILE A 610 79.72 -42.82 -44.06
C ILE A 610 79.89 -42.92 -45.58
N THR A 611 78.79 -43.04 -46.32
CA THR A 611 78.88 -43.08 -47.78
C THR A 611 79.22 -41.71 -48.35
N GLY A 612 78.77 -40.64 -47.71
CA GLY A 612 79.00 -39.31 -48.22
C GLY A 612 78.00 -38.82 -49.24
N GLU A 613 76.94 -39.58 -49.50
CA GLU A 613 75.91 -39.16 -50.43
C GLU A 613 75.09 -38.03 -49.82
N TYR A 614 74.10 -37.55 -50.58
CA TYR A 614 73.30 -36.40 -50.17
C TYR A 614 71.88 -36.86 -49.84
N ASP A 615 71.44 -36.57 -48.62
CA ASP A 615 70.08 -36.80 -48.19
C ASP A 615 69.43 -35.46 -47.84
N GLU A 616 68.11 -35.39 -48.01
CA GLU A 616 67.41 -34.15 -47.69
C GLU A 616 67.44 -33.82 -46.21
N ASN A 617 67.78 -34.78 -45.36
CA ASN A 617 67.89 -34.56 -43.92
C ASN A 617 69.33 -34.30 -43.47
N ILE A 618 70.26 -34.13 -44.40
CA ILE A 618 71.67 -33.89 -44.07
C ILE A 618 72.04 -32.49 -44.53
N LYS A 619 72.57 -31.69 -43.61
CA LYS A 619 73.04 -30.34 -43.89
C LYS A 619 74.55 -30.30 -43.91
N ASP A 620 75.10 -29.13 -44.24
CA ASP A 620 76.55 -28.96 -44.20
C ASP A 620 77.07 -28.97 -42.77
N LYS A 621 76.23 -28.60 -41.80
CA LYS A 621 76.59 -28.74 -40.40
C LYS A 621 76.86 -30.20 -40.04
N VAL A 622 76.11 -31.12 -40.64
CA VAL A 622 76.30 -32.54 -40.36
C VAL A 622 77.66 -33.01 -40.86
N ARG A 623 77.99 -32.67 -42.10
CA ARG A 623 79.29 -33.09 -42.64
C ARG A 623 80.44 -32.36 -41.96
N GLU A 624 80.20 -31.16 -41.44
CA GLU A 624 81.22 -30.49 -40.65
C GLU A 624 81.47 -31.22 -39.32
N LYS A 625 80.39 -31.56 -38.61
CA LYS A 625 80.53 -32.23 -37.32
C LYS A 625 80.91 -33.70 -37.48
N SER A 626 80.29 -34.41 -38.43
CA SER A 626 80.46 -35.84 -38.57
C SER A 626 81.43 -36.22 -39.68
N VAL A 627 82.46 -35.40 -39.92
CA VAL A 627 83.46 -35.75 -40.91
C VAL A 627 84.37 -36.86 -40.39
N HIS A 628 84.47 -37.02 -39.07
CA HIS A 628 85.33 -38.03 -38.48
C HIS A 628 84.71 -39.42 -38.44
N LEU A 629 83.45 -39.54 -38.86
CA LEU A 629 82.75 -40.84 -38.87
C LEU A 629 82.87 -41.48 -40.25
N THR A 630 84.11 -41.75 -40.65
CA THR A 630 84.37 -42.29 -41.98
C THR A 630 83.92 -43.75 -42.09
N ILE A 631 84.13 -44.52 -41.03
CA ILE A 631 83.75 -45.94 -41.02
C ILE A 631 82.66 -46.14 -39.99
N GLU A 632 81.88 -47.21 -40.19
CA GLU A 632 80.80 -47.54 -39.26
C GLU A 632 81.32 -47.95 -37.89
N ASN A 633 82.58 -48.38 -37.80
CA ASN A 633 83.16 -48.75 -36.52
C ASN A 633 83.57 -47.53 -35.69
N ASP A 634 83.73 -46.37 -36.32
CA ASP A 634 84.13 -45.16 -35.60
C ASP A 634 83.03 -44.64 -34.69
N PHE A 635 81.82 -45.18 -34.78
CA PHE A 635 80.71 -44.76 -33.92
C PHE A 635 80.84 -45.40 -32.53
N GLN A 636 81.98 -45.14 -31.89
CA GLN A 636 82.31 -45.69 -30.58
C GLN A 636 82.55 -44.56 -29.60
N GLY A 637 82.02 -44.72 -28.39
CA GLY A 637 82.16 -43.68 -27.37
C GLY A 637 81.46 -42.39 -27.74
N LEU A 638 80.25 -42.48 -28.28
CA LEU A 638 79.52 -41.32 -28.75
C LEU A 638 78.90 -40.54 -27.59
N GLN A 639 78.50 -39.31 -27.88
CA GLN A 639 77.90 -38.42 -26.90
C GLN A 639 76.42 -38.22 -27.19
N LEU A 640 75.75 -37.50 -26.31
CA LEU A 640 74.29 -37.37 -26.38
C LEU A 640 73.86 -36.63 -27.65
N TRP A 641 74.51 -35.52 -27.98
CA TRP A 641 74.05 -34.67 -29.07
C TRP A 641 74.20 -35.36 -30.43
N LEU A 642 75.40 -35.90 -30.69
CA LEU A 642 75.64 -36.54 -31.98
C LEU A 642 74.77 -37.77 -32.15
N ALA A 643 74.66 -38.60 -31.10
CA ALA A 643 73.82 -39.79 -31.18
C ALA A 643 72.36 -39.42 -31.32
N GLN A 644 71.91 -38.34 -30.66
CA GLN A 644 70.54 -37.91 -30.80
C GLN A 644 70.23 -37.47 -32.23
N TYR A 645 71.13 -36.71 -32.85
CA TYR A 645 70.90 -36.32 -34.24
C TYR A 645 70.96 -37.54 -35.16
N ILE A 646 71.83 -38.50 -34.87
CA ILE A 646 71.90 -39.71 -35.67
C ILE A 646 70.58 -40.48 -35.59
N VAL A 647 70.02 -40.59 -34.39
CA VAL A 647 68.81 -41.39 -34.20
C VAL A 647 67.60 -40.70 -34.79
N TYR A 648 67.35 -39.44 -34.40
CA TYR A 648 66.11 -38.77 -34.74
C TYR A 648 66.23 -37.84 -35.93
N GLY A 649 67.36 -37.16 -36.10
CA GLY A 649 67.56 -36.27 -37.22
C GLY A 649 67.42 -34.80 -36.93
N ARG A 650 67.46 -34.39 -35.67
CA ARG A 650 67.37 -32.98 -35.30
C ARG A 650 68.48 -32.64 -34.32
N HIS A 651 69.14 -31.49 -34.55
CA HIS A 651 70.25 -31.05 -33.71
C HIS A 651 69.68 -30.23 -32.56
N SER A 652 69.61 -30.85 -31.37
CA SER A 652 69.19 -30.19 -30.13
C SER A 652 67.83 -29.52 -30.27
N GLU A 653 67.54 -28.57 -29.39
CA GLU A 653 66.27 -27.85 -29.37
C GLU A 653 66.51 -26.43 -29.89
N ALA A 654 66.04 -26.17 -31.11
CA ALA A 654 66.16 -24.85 -31.73
C ALA A 654 64.85 -24.08 -31.71
N SER A 655 63.83 -24.58 -31.00
CA SER A 655 62.52 -23.95 -30.92
C SER A 655 61.89 -23.80 -32.31
N MET A 656 60.88 -22.96 -32.43
CA MET A 656 60.30 -22.71 -33.74
C MET A 656 60.15 -21.22 -33.98
N ILE A 657 60.97 -20.41 -33.30
CA ILE A 657 60.87 -18.96 -33.44
C ILE A 657 59.46 -18.51 -33.14
N GLY A 658 58.60 -18.52 -34.15
CA GLY A 658 57.21 -18.18 -33.93
C GLY A 658 56.85 -16.79 -34.38
N LYS A 659 55.80 -16.69 -35.19
CA LYS A 659 55.34 -15.38 -35.64
C LYS A 659 53.83 -15.41 -35.68
N TRP A 660 53.20 -14.39 -35.10
CA TRP A 660 51.74 -14.27 -35.09
C TRP A 660 51.32 -13.25 -36.13
N ASN A 661 50.61 -13.71 -37.16
CA ASN A 661 50.25 -12.86 -38.29
C ASN A 661 49.14 -11.87 -37.95
N SER A 662 48.36 -12.11 -36.91
CA SER A 662 47.28 -11.21 -36.53
C SER A 662 46.84 -11.60 -35.11
N ALA A 663 45.80 -10.91 -34.63
CA ALA A 663 45.26 -11.22 -33.31
C ALA A 663 44.58 -12.58 -33.26
N ASN A 664 44.31 -13.21 -34.42
CA ASN A 664 43.73 -14.55 -34.42
C ASN A 664 44.66 -15.53 -33.74
N ASP A 665 45.96 -15.46 -34.04
CA ASP A 665 46.92 -16.36 -33.39
C ASP A 665 46.97 -16.10 -31.88
N LEU A 666 46.96 -14.83 -31.48
CA LEU A 666 47.03 -14.50 -30.06
C LEU A 666 45.78 -14.98 -29.32
N GLU A 667 44.60 -14.81 -29.91
CA GLU A 667 43.40 -15.28 -29.24
C GLU A 667 43.32 -16.81 -29.23
N VAL A 668 43.83 -17.47 -30.27
CA VAL A 668 43.91 -18.92 -30.25
C VAL A 668 44.81 -19.39 -29.12
N PHE A 669 45.98 -18.75 -28.99
CA PHE A 669 46.90 -19.11 -27.92
C PHE A 669 46.31 -18.84 -26.54
N LEU A 670 45.58 -17.73 -26.39
CA LEU A 670 44.91 -17.45 -25.13
C LEU A 670 43.86 -18.50 -24.81
N LYS A 671 43.06 -18.89 -25.81
CA LYS A 671 42.05 -19.92 -25.60
C LYS A 671 42.69 -21.25 -25.22
N ASP A 672 43.81 -21.59 -25.85
N ASP A 672 43.81 -21.59 -25.85
CA ASP A 672 44.49 -22.85 -25.59
CA ASP A 672 44.49 -22.85 -25.59
C ASP A 672 45.42 -22.80 -24.39
C ASP A 672 45.42 -22.80 -24.39
N PHE A 673 45.54 -21.65 -23.73
CA PHE A 673 46.39 -21.55 -22.55
C PHE A 673 45.86 -22.44 -21.44
N LYS A 674 46.76 -23.19 -20.81
CA LYS A 674 46.41 -24.14 -19.76
C LYS A 674 46.54 -23.47 -18.40
N GLN A 675 45.54 -23.69 -17.54
CA GLN A 675 45.56 -23.12 -16.21
C GLN A 675 46.58 -23.82 -15.34
N HIS A 676 47.05 -23.10 -14.32
CA HIS A 676 48.03 -23.62 -13.36
C HIS A 676 49.29 -24.11 -14.06
N SER A 677 49.71 -23.37 -15.09
CA SER A 677 50.91 -23.69 -15.85
C SER A 677 52.09 -22.82 -15.48
N LEU A 678 51.97 -22.03 -14.42
CA LEU A 678 53.04 -21.17 -13.93
C LEU A 678 53.35 -21.52 -12.47
N ARG A 679 54.23 -20.72 -11.86
CA ARG A 679 54.58 -20.95 -10.47
C ARG A 679 53.42 -20.65 -9.55
N ASN A 680 52.74 -19.53 -9.76
CA ASN A 680 51.67 -19.08 -8.89
C ASN A 680 50.54 -18.48 -9.72
N PRO A 681 49.31 -18.48 -9.19
CA PRO A 681 48.18 -17.93 -9.95
C PRO A 681 48.28 -16.45 -10.24
N ILE A 682 48.92 -15.67 -9.37
CA ILE A 682 48.96 -14.21 -9.55
C ILE A 682 49.67 -13.86 -10.85
N VAL A 683 50.84 -14.46 -11.08
CA VAL A 683 51.60 -14.17 -12.29
C VAL A 683 50.82 -14.60 -13.53
N GLU A 684 50.23 -15.80 -13.49
CA GLU A 684 49.54 -16.28 -14.67
C GLU A 684 48.32 -15.42 -15.00
N GLN A 685 47.61 -14.93 -13.97
CA GLN A 685 46.47 -14.07 -14.24
C GLN A 685 46.92 -12.70 -14.74
N VAL A 686 48.05 -12.20 -14.25
CA VAL A 686 48.58 -10.93 -14.75
C VAL A 686 48.94 -11.07 -16.22
N ILE A 687 49.62 -12.16 -16.58
CA ILE A 687 50.01 -12.39 -17.97
C ILE A 687 48.77 -12.54 -18.84
N THR A 688 47.76 -13.27 -18.36
CA THR A 688 46.55 -13.47 -19.14
C THR A 688 45.84 -12.14 -19.40
N GLU A 689 45.74 -11.30 -18.38
CA GLU A 689 45.09 -10.00 -18.59
C GLU A 689 45.93 -9.10 -19.49
N THR A 690 47.25 -9.20 -19.41
CA THR A 690 48.09 -8.46 -20.35
C THR A 690 47.82 -8.90 -21.78
N LEU A 691 47.71 -10.21 -22.00
CA LEU A 691 47.40 -10.71 -23.32
C LEU A 691 46.04 -10.22 -23.80
N ARG A 692 45.07 -10.19 -22.89
CA ARG A 692 43.73 -9.70 -23.24
C ARG A 692 43.79 -8.24 -23.68
N VAL A 693 44.49 -7.41 -22.92
CA VAL A 693 44.50 -5.98 -23.23
C VAL A 693 45.28 -5.71 -24.52
N VAL A 694 46.37 -6.45 -24.75
CA VAL A 694 47.09 -6.26 -26.01
C VAL A 694 46.24 -6.73 -27.19
N LYS A 695 45.47 -7.80 -27.01
CA LYS A 695 44.56 -8.23 -28.06
C LYS A 695 43.54 -7.14 -28.38
N ASP A 696 42.96 -6.55 -27.33
CA ASP A 696 41.95 -5.51 -27.54
C ASP A 696 42.54 -4.28 -28.23
N ILE A 697 43.73 -3.86 -27.80
CA ILE A 697 44.34 -2.68 -28.40
C ILE A 697 44.71 -2.93 -29.85
N TRP A 698 45.22 -4.13 -30.17
CA TRP A 698 45.53 -4.43 -31.55
C TRP A 698 44.27 -4.43 -32.40
N LEU A 699 43.19 -5.04 -31.88
CA LEU A 699 41.94 -5.08 -32.62
C LEU A 699 41.41 -3.69 -32.88
N LYS A 700 41.51 -2.79 -31.90
CA LYS A 700 40.94 -1.45 -32.07
C LYS A 700 41.83 -0.58 -32.95
N TYR A 701 43.08 -0.36 -32.55
CA TYR A 701 43.95 0.59 -33.23
C TYR A 701 44.68 0.00 -34.43
N GLY A 702 44.49 -1.27 -34.73
CA GLY A 702 45.08 -1.86 -35.92
C GLY A 702 44.02 -2.15 -36.95
N ASN A 703 42.78 -2.32 -36.49
CA ASN A 703 41.63 -2.54 -37.36
C ASN A 703 41.85 -3.77 -38.26
N GLY A 704 42.43 -4.82 -37.69
CA GLY A 704 42.68 -6.02 -38.45
C GLY A 704 43.86 -5.95 -39.40
N THR A 705 44.79 -5.02 -39.19
CA THR A 705 45.97 -4.89 -40.04
C THR A 705 47.19 -5.46 -39.33
N LYS A 706 47.86 -6.40 -39.98
CA LYS A 706 49.03 -7.05 -39.41
C LYS A 706 50.20 -6.09 -39.31
N ASP A 707 51.13 -6.41 -38.41
CA ASP A 707 52.38 -5.68 -38.23
C ASP A 707 52.14 -4.22 -37.87
N PHE A 708 50.97 -3.93 -37.28
CA PHE A 708 50.69 -2.56 -36.84
C PHE A 708 51.66 -2.12 -35.76
N PHE A 709 51.97 -3.01 -34.83
CA PHE A 709 52.97 -2.73 -33.81
C PHE A 709 54.37 -2.87 -34.41
N ASN A 710 55.27 -2.00 -33.96
CA ASN A 710 56.67 -2.08 -34.37
C ASN A 710 57.59 -2.51 -33.23
N GLU A 711 57.43 -1.92 -32.05
CA GLU A 711 58.22 -2.28 -30.88
C GLU A 711 57.33 -2.43 -29.68
N ILE A 712 57.69 -3.35 -28.79
CA ILE A 712 57.01 -3.53 -27.51
C ILE A 712 58.05 -3.55 -26.40
N HIS A 713 57.86 -2.70 -25.40
CA HIS A 713 58.77 -2.60 -24.27
C HIS A 713 58.06 -3.05 -23.01
N ILE A 714 58.79 -3.75 -22.13
CA ILE A 714 58.23 -4.39 -20.95
C ILE A 714 58.95 -3.88 -19.70
N GLU A 715 58.17 -3.43 -18.73
CA GLU A 715 58.66 -2.99 -17.43
C GLU A 715 57.97 -3.81 -16.35
N LEU A 716 58.72 -4.19 -15.32
CA LEU A 716 58.22 -5.05 -14.26
C LEU A 716 58.06 -4.31 -12.93
N GLY A 717 59.12 -3.68 -12.44
CA GLY A 717 59.07 -2.99 -11.17
C GLY A 717 59.11 -3.92 -9.98
N ASP A 930 60.97 -11.53 -6.82
CA ASP A 930 59.74 -12.30 -6.69
C ASP A 930 58.98 -12.31 -8.02
N THR A 931 58.88 -11.14 -8.64
CA THR A 931 58.24 -10.97 -9.94
C THR A 931 59.23 -11.02 -11.09
N ARG A 932 60.50 -11.31 -10.81
CA ARG A 932 61.55 -11.24 -11.82
C ARG A 932 61.42 -12.33 -12.89
N TYR A 933 60.89 -13.50 -12.54
CA TYR A 933 60.85 -14.61 -13.49
C TYR A 933 59.91 -14.35 -14.65
N ILE A 934 58.95 -13.44 -14.50
CA ILE A 934 57.95 -13.23 -15.54
C ILE A 934 58.53 -12.54 -16.75
N SER A 935 59.70 -11.91 -16.61
CA SER A 935 60.26 -11.12 -17.70
C SER A 935 60.60 -12.00 -18.90
N LYS A 936 61.34 -13.07 -18.67
CA LYS A 936 61.72 -13.95 -19.77
C LYS A 936 60.51 -14.58 -20.43
N TYR A 937 59.53 -15.01 -19.62
CA TYR A 937 58.34 -15.64 -20.18
C TYR A 937 57.55 -14.66 -21.03
N ILE A 938 57.33 -13.44 -20.53
CA ILE A 938 56.54 -12.48 -21.29
C ILE A 938 57.30 -12.05 -22.54
N SER A 939 58.63 -11.94 -22.47
CA SER A 939 59.40 -11.64 -23.67
C SER A 939 59.25 -12.75 -24.70
N GLY A 940 59.34 -14.01 -24.26
CA GLY A 940 59.16 -15.11 -25.20
C GLY A 940 57.78 -15.13 -25.82
N ILE A 941 56.75 -14.81 -25.03
CA ILE A 941 55.40 -14.78 -25.57
C ILE A 941 55.23 -13.65 -26.57
N LEU A 942 55.68 -12.44 -26.22
CA LEU A 942 55.45 -11.28 -27.06
C LEU A 942 56.43 -11.18 -28.23
N SER A 943 57.46 -12.04 -28.27
CA SER A 943 58.37 -12.03 -29.40
C SER A 943 57.65 -12.39 -30.70
N ASN A 944 56.53 -13.08 -30.61
CA ASN A 944 55.86 -13.64 -31.77
C ASN A 944 55.05 -12.63 -32.56
N ILE A 945 55.21 -11.33 -32.31
CA ILE A 945 54.43 -10.29 -32.97
C ILE A 945 55.30 -9.44 -33.89
N VAL A 946 56.35 -8.84 -33.35
CA VAL A 946 57.21 -7.95 -34.12
C VAL A 946 58.56 -8.58 -34.45
N ARG A 947 58.65 -9.92 -34.42
CA ARG A 947 59.85 -10.58 -34.89
C ARG A 947 60.07 -10.27 -36.37
N VAL A 948 61.33 -10.18 -36.75
CA VAL A 948 61.71 -9.90 -38.13
C VAL A 948 62.23 -11.19 -38.75
N GLU A 949 61.60 -11.61 -39.84
CA GLU A 949 61.81 -12.93 -40.41
C GLU A 949 62.99 -13.02 -41.38
N ASP A 950 63.62 -11.88 -41.71
CA ASP A 950 64.70 -11.89 -42.69
C ASP A 950 65.99 -12.50 -42.16
N GLY A 951 66.07 -12.77 -40.85
CA GLY A 951 67.26 -13.28 -40.23
C GLY A 951 68.04 -12.26 -39.42
N SER A 952 67.75 -10.96 -39.61
CA SER A 952 68.41 -9.92 -38.84
C SER A 952 67.91 -9.86 -37.40
N ASP A 953 66.84 -10.58 -37.07
CA ASP A 953 66.28 -10.64 -35.73
C ASP A 953 65.99 -12.11 -35.43
N GLU A 954 66.97 -12.80 -34.85
CA GLU A 954 66.83 -14.22 -34.52
C GLU A 954 67.40 -14.46 -33.12
N GLY A 955 66.92 -15.53 -32.49
CA GLY A 955 67.34 -15.91 -31.17
C GLY A 955 66.15 -16.33 -30.35
N VAL A 956 66.38 -16.53 -29.06
CA VAL A 956 65.30 -16.89 -28.15
C VAL A 956 64.28 -15.75 -28.05
N ASN A 957 64.77 -14.51 -27.95
CA ASN A 957 63.92 -13.34 -27.89
C ASN A 957 64.27 -12.39 -29.03
N SER A 958 63.27 -11.66 -29.50
CA SER A 958 63.51 -10.63 -30.50
C SER A 958 64.30 -9.48 -29.91
N LYS A 959 65.14 -8.86 -30.74
CA LYS A 959 65.84 -7.67 -30.30
C LYS A 959 64.92 -6.47 -30.16
N ASN A 960 63.72 -6.55 -30.74
CA ASN A 960 62.76 -5.45 -30.63
C ASN A 960 62.29 -5.25 -29.20
N ILE A 961 62.16 -6.32 -28.43
CA ILE A 961 61.70 -6.22 -27.05
C ILE A 961 62.82 -5.59 -26.22
N VAL A 962 62.58 -4.41 -25.70
CA VAL A 962 63.57 -3.64 -24.95
C VAL A 962 63.06 -3.49 -23.52
N PRO A 963 63.55 -4.32 -22.59
CA PRO A 963 63.17 -4.14 -21.19
C PRO A 963 63.66 -2.80 -20.65
N GLY A 964 62.92 -2.27 -19.68
CA GLY A 964 63.28 -1.05 -19.00
C GLY A 964 63.79 -1.29 -17.59
N ASN A 965 64.04 -0.18 -16.90
CA ASN A 965 64.51 -0.23 -15.53
C ASN A 965 64.09 1.04 -14.81
N GLY A 966 64.16 1.00 -13.48
CA GLY A 966 63.75 2.16 -12.70
C GLY A 966 64.59 3.39 -12.95
N LYS A 967 65.89 3.19 -13.22
CA LYS A 967 66.79 4.32 -13.39
C LYS A 967 66.37 5.23 -14.54
N ILE A 968 66.14 4.63 -15.71
CA ILE A 968 65.77 5.44 -16.88
C ILE A 968 64.40 6.08 -16.66
N THR A 969 63.49 5.36 -16.01
CA THR A 969 62.16 5.91 -15.75
C THR A 969 62.24 7.16 -14.89
N THR A 970 62.92 7.07 -13.74
CA THR A 970 62.99 8.23 -12.86
C THR A 970 63.79 9.35 -13.49
N GLN A 971 64.85 9.02 -14.23
CA GLN A 971 65.65 10.05 -14.89
C GLN A 971 64.81 10.83 -15.89
N LEU A 972 64.04 10.12 -16.72
CA LEU A 972 63.23 10.81 -17.72
C LEU A 972 62.07 11.55 -17.07
N LYS A 973 61.47 10.99 -16.02
CA LYS A 973 60.38 11.69 -15.34
C LYS A 973 60.85 13.00 -14.73
N GLN A 974 62.03 12.99 -14.11
CA GLN A 974 62.55 14.23 -13.53
C GLN A 974 63.01 15.20 -14.60
N ASP A 975 63.67 14.70 -15.64
CA ASP A 975 64.25 15.59 -16.66
C ASP A 975 63.18 16.14 -17.60
N TRP A 976 62.16 15.36 -17.92
CA TRP A 976 61.16 15.72 -18.90
C TRP A 976 59.96 16.42 -18.29
N GLY A 977 60.01 16.74 -17.00
CA GLY A 977 58.92 17.44 -16.34
C GLY A 977 57.75 16.58 -15.93
N LEU A 978 57.81 15.27 -16.15
CA LEU A 978 56.68 14.41 -15.82
C LEU A 978 56.44 14.34 -14.32
N ASN A 979 57.49 14.45 -13.51
CA ASN A 979 57.31 14.49 -12.06
C ASN A 979 56.49 15.70 -11.65
N ASP A 980 56.76 16.87 -12.25
CA ASP A 980 55.98 18.05 -11.96
C ASP A 980 54.52 17.86 -12.38
N VAL A 981 54.31 17.21 -13.53
CA VAL A 981 52.95 16.94 -13.99
C VAL A 981 52.21 16.06 -12.99
N TRP A 982 52.88 15.00 -12.52
CA TRP A 982 52.25 14.12 -11.53
C TRP A 982 51.94 14.88 -10.25
N ASN A 983 52.87 15.71 -9.78
CA ASN A 983 52.67 16.42 -8.53
C ASN A 983 51.49 17.38 -8.62
N ASP A 984 51.42 18.15 -9.71
CA ASP A 984 50.29 19.08 -9.86
C ASP A 984 48.99 18.33 -10.07
N LEU A 985 49.04 17.16 -10.71
CA LEU A 985 47.83 16.36 -10.89
C LEU A 985 47.32 15.82 -9.56
N ILE A 986 48.22 15.46 -8.65
CA ILE A 986 47.81 14.87 -7.39
C ILE A 986 47.61 15.90 -6.28
N LEU A 987 47.95 17.16 -6.52
CA LEU A 987 47.76 18.20 -5.51
C LEU A 987 46.34 18.29 -4.95
N PRO A 988 45.26 18.28 -5.76
CA PRO A 988 43.93 18.58 -5.20
C PRO A 988 43.55 17.78 -3.98
N ARG A 989 43.88 16.49 -3.97
CA ARG A 989 43.71 15.71 -2.75
C ARG A 989 44.53 16.29 -1.61
N PHE A 990 45.69 16.88 -1.92
CA PHE A 990 46.56 17.37 -0.86
C PHE A 990 46.04 18.66 -0.24
N GLU A 991 45.55 19.61 -1.06
CA GLU A 991 44.96 20.77 -0.39
C GLU A 991 43.62 20.42 0.28
N ARG A 992 42.89 19.43 -0.22
CA ARG A 992 41.72 18.97 0.54
C ARG A 992 42.14 18.38 1.88
N MET A 993 43.23 17.62 1.89
CA MET A 993 43.77 17.07 3.14
C MET A 993 44.20 18.18 4.08
N ASN A 994 44.83 19.23 3.54
CA ASN A 994 45.20 20.38 4.34
C ASN A 994 43.97 21.03 4.95
N GLN A 995 42.91 21.21 4.16
CA GLN A 995 41.70 21.85 4.66
C GLN A 995 41.07 21.04 5.78
N LEU A 996 40.96 19.72 5.60
CA LEU A 996 40.33 18.91 6.63
C LEU A 996 41.21 18.81 7.87
N THR A 997 42.52 18.78 7.69
CA THR A 997 43.44 18.71 8.82
C THR A 997 43.55 20.04 9.55
N ASN A 998 43.11 21.14 8.93
CA ASN A 998 43.27 22.49 9.47
C ASN A 998 44.75 22.81 9.71
N SER A 999 45.61 22.30 8.84
CA SER A 999 47.04 22.57 8.90
C SER A 999 47.57 22.74 7.49
N LYS A 1000 48.73 23.39 7.39
CA LYS A 1000 49.36 23.67 6.10
C LYS A 1000 50.58 22.78 5.85
N ASP A 1001 50.75 21.73 6.65
CA ASP A 1001 51.95 20.89 6.53
C ASP A 1001 51.91 19.97 5.32
N PHE A 1002 50.73 19.68 4.76
CA PHE A 1002 50.64 18.75 3.66
C PHE A 1002 51.08 19.35 2.32
N THR A 1003 51.18 20.66 2.23
CA THR A 1003 51.72 21.32 1.05
C THR A 1003 52.80 22.30 1.48
N ALA A 1004 53.99 22.17 0.89
CA ALA A 1004 55.13 23.00 1.22
C ALA A 1004 55.53 23.82 0.00
N TRP A 1005 55.74 25.12 0.19
CA TRP A 1005 56.14 25.99 -0.90
C TRP A 1005 57.62 25.83 -1.20
N ASN A 1006 57.98 25.93 -2.47
CA ASN A 1006 59.36 25.93 -2.91
C ASN A 1006 59.57 27.08 -3.88
N GLU A 1007 60.73 27.72 -3.76
CA GLU A 1007 61.10 28.86 -4.60
C GLU A 1007 61.89 28.48 -5.83
N ASN A 1008 62.53 27.31 -5.83
CA ASN A 1008 63.22 26.85 -7.03
C ASN A 1008 62.25 26.57 -8.16
N HIS A 1009 61.02 26.16 -7.84
CA HIS A 1009 59.94 26.06 -8.81
C HIS A 1009 58.84 27.07 -8.54
N GLN A 1010 58.87 27.73 -7.39
CA GLN A 1010 57.91 28.79 -7.04
C GLN A 1010 56.47 28.25 -7.11
N LYS A 1011 56.19 27.27 -6.25
CA LYS A 1011 54.87 26.65 -6.21
C LYS A 1011 54.79 25.74 -4.99
N PHE A 1012 53.60 25.19 -4.77
CA PHE A 1012 53.36 24.30 -3.64
C PHE A 1012 53.48 22.85 -4.08
N LEU A 1013 54.27 22.07 -3.34
CA LEU A 1013 54.48 20.65 -3.60
C LEU A 1013 53.91 19.83 -2.45
N PRO A 1014 53.47 18.60 -2.72
CA PRO A 1014 52.94 17.75 -1.66
C PRO A 1014 54.01 17.41 -0.63
N THR A 1015 53.57 17.25 0.61
CA THR A 1015 54.46 16.86 1.71
C THR A 1015 53.61 16.16 2.76
N VAL A 1016 54.27 15.41 3.64
CA VAL A 1016 53.57 14.66 4.68
C VAL A 1016 54.27 14.89 6.02
N PRO A 1017 53.54 14.98 7.12
CA PRO A 1017 54.19 14.96 8.44
C PRO A 1017 54.84 13.61 8.70
N ILE A 1018 55.85 13.64 9.57
CA ILE A 1018 56.72 12.48 9.75
C ILE A 1018 55.97 11.28 10.30
N GLU A 1019 54.98 11.52 11.18
CA GLU A 1019 54.25 10.40 11.77
C GLU A 1019 53.44 9.64 10.74
N PHE A 1020 53.07 10.29 9.63
CA PHE A 1020 52.31 9.66 8.56
C PHE A 1020 53.19 9.27 7.38
N SER A 1021 54.51 9.36 7.52
CA SER A 1021 55.44 9.06 6.44
C SER A 1021 56.01 7.64 6.54
N LYS A 1022 55.36 6.77 7.32
CA LYS A 1022 55.87 5.41 7.48
C LYS A 1022 55.86 4.66 6.15
N GLY A 1023 54.68 4.47 5.57
CA GLY A 1023 54.58 3.83 4.27
C GLY A 1023 54.09 4.77 3.20
N PHE A 1024 54.22 6.07 3.46
CA PHE A 1024 53.71 7.05 2.52
C PHE A 1024 54.53 7.07 1.24
N SER A 1025 53.84 7.18 0.11
CA SER A 1025 54.49 7.27 -1.19
C SER A 1025 53.59 8.08 -2.11
N LYS A 1026 54.16 9.13 -2.72
CA LYS A 1026 53.37 10.01 -3.56
C LYS A 1026 52.83 9.30 -4.79
N LYS A 1027 53.67 8.50 -5.46
CA LYS A 1027 53.33 7.95 -6.76
C LYS A 1027 52.29 6.82 -6.68
N ARG A 1028 52.00 6.29 -5.50
CA ARG A 1028 51.21 5.08 -5.38
C ARG A 1028 49.77 5.32 -4.93
N ILE A 1029 49.32 6.57 -4.91
CA ILE A 1029 47.99 6.88 -4.43
C ILE A 1029 47.03 7.19 -5.56
N ASP A 1030 47.38 6.82 -6.80
CA ASP A 1030 46.54 7.07 -7.96
C ASP A 1030 46.77 5.97 -8.97
N HIS A 1031 45.68 5.51 -9.61
CA HIS A 1031 45.78 4.38 -10.53
C HIS A 1031 46.48 4.74 -11.84
N ARG A 1032 46.80 6.00 -12.07
CA ARG A 1032 47.33 6.43 -13.36
C ARG A 1032 48.85 6.40 -13.44
N HIS A 1033 49.56 6.11 -12.34
CA HIS A 1033 51.01 6.05 -12.46
C HIS A 1033 51.43 4.90 -13.34
N HIS A 1034 50.61 3.84 -13.41
CA HIS A 1034 50.91 2.73 -14.32
C HIS A 1034 50.92 3.21 -15.76
N ALA A 1035 49.91 3.98 -16.16
CA ALA A 1035 49.87 4.52 -17.51
C ALA A 1035 51.02 5.49 -17.74
N LEU A 1036 51.36 6.28 -16.73
CA LEU A 1036 52.48 7.21 -16.86
C LEU A 1036 53.78 6.47 -17.08
N ASP A 1037 54.00 5.39 -16.33
CA ASP A 1037 55.21 4.58 -16.50
C ASP A 1037 55.21 3.89 -17.86
N ALA A 1038 54.04 3.43 -18.32
CA ALA A 1038 53.97 2.85 -19.66
C ALA A 1038 54.36 3.87 -20.70
N LEU A 1039 53.89 5.12 -20.56
CA LEU A 1039 54.25 6.17 -21.50
C LEU A 1039 55.75 6.45 -21.48
N VAL A 1040 56.33 6.55 -20.29
CA VAL A 1040 57.76 6.88 -20.22
C VAL A 1040 58.61 5.73 -20.74
N ILE A 1041 58.20 4.48 -20.50
CA ILE A 1041 58.92 3.34 -21.05
C ILE A 1041 58.80 3.32 -22.57
N ALA A 1042 57.62 3.66 -23.09
CA ALA A 1042 57.40 3.62 -24.53
C ALA A 1042 58.33 4.58 -25.25
N CYS A 1043 58.35 5.85 -24.82
CA CYS A 1043 59.20 6.83 -25.48
C CYS A 1043 60.68 6.63 -25.17
N ALA A 1044 61.01 5.79 -24.19
CA ALA A 1044 62.41 5.50 -23.88
C ALA A 1044 62.98 4.62 -24.99
N THR A 1045 63.73 5.24 -25.90
CA THR A 1045 64.34 4.48 -26.98
C THR A 1045 65.47 3.59 -26.45
N THR A 1046 65.80 2.56 -27.24
CA THR A 1046 66.84 1.62 -26.82
C THR A 1046 68.17 2.33 -26.59
N ASP A 1047 68.39 3.47 -27.25
CA ASP A 1047 69.60 4.24 -27.00
C ASP A 1047 69.67 4.71 -25.56
N HIS A 1048 68.54 5.13 -25.00
CA HIS A 1048 68.52 5.62 -23.62
C HIS A 1048 68.93 4.53 -22.63
N VAL A 1049 68.32 3.35 -22.75
CA VAL A 1049 68.62 2.27 -21.80
C VAL A 1049 70.04 1.75 -22.02
N ASN A 1050 70.47 1.65 -23.28
CA ASN A 1050 71.84 1.22 -23.54
C ASN A 1050 72.85 2.19 -22.95
N LEU A 1051 72.58 3.50 -23.08
CA LEU A 1051 73.47 4.51 -22.52
C LEU A 1051 73.50 4.45 -21.00
N LEU A 1052 72.33 4.32 -20.37
CA LEU A 1052 72.29 4.32 -18.91
C LEU A 1052 72.79 3.01 -18.31
N ASN A 1053 72.79 1.92 -19.08
CA ASN A 1053 73.39 0.67 -18.62
C ASN A 1053 74.86 0.56 -18.96
N ASN A 1054 75.34 1.36 -19.91
CA ASN A 1054 76.74 1.33 -20.31
C ASN A 1054 77.39 2.69 -20.10
N GLN A 1055 77.17 3.29 -18.93
CA GLN A 1055 77.73 4.60 -18.63
C GLN A 1055 79.25 4.57 -18.68
N SER A 1056 79.85 3.52 -18.14
CA SER A 1056 81.30 3.33 -18.27
C SER A 1056 81.66 3.13 -19.74
N ALA A 1057 82.33 4.12 -20.32
CA ALA A 1057 82.60 4.11 -21.76
C ALA A 1057 84.06 3.89 -22.10
N LYS A 1058 84.99 4.21 -21.19
CA LYS A 1058 86.43 4.13 -21.37
C LYS A 1058 86.94 5.11 -22.41
N SER A 1059 86.07 5.91 -23.02
CA SER A 1059 86.45 6.94 -23.98
C SER A 1059 85.29 7.89 -24.21
N ASP A 1060 85.54 9.19 -24.04
CA ASP A 1060 84.46 10.17 -24.22
C ASP A 1060 83.98 10.22 -25.67
N THR A 1061 84.86 9.93 -26.63
CA THR A 1061 84.50 10.06 -28.03
C THR A 1061 83.46 9.02 -28.44
N LYS A 1062 83.48 7.85 -27.82
CA LYS A 1062 82.56 6.79 -28.23
C LYS A 1062 81.11 7.13 -27.92
N ARG A 1063 80.85 7.84 -26.82
CA ARG A 1063 79.48 8.11 -26.39
C ARG A 1063 79.10 9.58 -26.50
N TYR A 1064 80.04 10.47 -26.84
CA TYR A 1064 79.71 11.88 -26.97
C TYR A 1064 78.65 12.12 -28.04
N ASP A 1065 78.61 11.27 -29.06
CA ASP A 1065 77.53 11.36 -30.05
C ASP A 1065 76.17 11.09 -29.40
N LEU A 1066 76.08 10.07 -28.55
CA LEU A 1066 74.84 9.80 -27.83
C LEU A 1066 74.57 10.90 -26.80
N LYS A 1067 75.62 11.41 -26.15
CA LYS A 1067 75.46 12.54 -25.25
C LYS A 1067 74.81 13.71 -25.97
N LYS A 1068 75.25 14.01 -27.19
CA LYS A 1068 74.70 15.12 -27.94
C LYS A 1068 73.28 14.83 -28.40
N LYS A 1069 73.03 13.62 -28.92
CA LYS A 1069 71.73 13.34 -29.53
C LYS A 1069 70.62 13.15 -28.49
N LEU A 1070 70.94 12.61 -27.32
CA LEU A 1070 69.92 12.31 -26.33
C LEU A 1070 69.90 13.26 -25.14
N MET A 1071 70.98 13.98 -24.88
CA MET A 1071 71.11 14.79 -23.68
C MET A 1071 71.40 16.24 -24.05
N LYS A 1072 70.64 17.17 -23.47
CA LYS A 1072 70.81 18.59 -23.74
C LYS A 1072 71.87 19.15 -22.81
N PHE A 1073 73.01 19.52 -23.37
CA PHE A 1073 74.14 20.04 -22.60
C PHE A 1073 73.75 21.29 -21.81
N PRO A 1092 76.08 17.41 -20.03
CA PRO A 1092 75.28 16.40 -19.32
C PRO A 1092 74.34 17.01 -18.29
N LYS A 1093 73.27 17.66 -18.75
CA LYS A 1093 72.36 18.38 -17.87
C LYS A 1093 70.96 17.77 -17.82
N GLN A 1094 70.28 17.68 -18.95
CA GLN A 1094 68.91 17.18 -19.00
C GLN A 1094 68.65 16.57 -20.38
N PHE A 1095 67.90 15.48 -20.41
CA PHE A 1095 67.63 14.78 -21.66
C PHE A 1095 66.55 15.48 -22.46
N LEU A 1096 66.69 15.43 -23.78
CA LEU A 1096 65.76 16.09 -24.68
C LEU A 1096 64.37 15.45 -24.60
N LYS A 1097 63.35 16.27 -24.80
CA LYS A 1097 61.99 15.76 -24.93
C LYS A 1097 61.80 15.11 -26.29
N PRO A 1098 60.96 14.08 -26.39
CA PRO A 1098 60.74 13.45 -27.70
C PRO A 1098 60.19 14.39 -28.75
N TRP A 1099 59.34 15.35 -28.35
CA TRP A 1099 58.86 16.38 -29.26
C TRP A 1099 58.48 17.59 -28.43
N GLU A 1100 58.04 18.65 -29.13
CA GLU A 1100 57.77 19.93 -28.47
C GLU A 1100 56.63 19.80 -27.46
N LYS A 1101 55.55 19.12 -27.83
CA LYS A 1101 54.33 19.08 -27.02
C LYS A 1101 54.23 17.80 -26.20
N PHE A 1102 55.37 17.28 -25.72
CA PHE A 1102 55.33 16.10 -24.87
C PHE A 1102 54.58 16.36 -23.57
N THR A 1103 54.96 17.42 -22.86
CA THR A 1103 54.40 17.68 -21.54
C THR A 1103 52.90 17.97 -21.63
N VAL A 1104 52.50 18.81 -22.57
CA VAL A 1104 51.10 19.20 -22.68
C VAL A 1104 50.22 18.00 -23.03
N ASP A 1105 50.64 17.23 -24.04
CA ASP A 1105 49.87 16.06 -24.43
C ASP A 1105 49.81 15.04 -23.31
N ALA A 1106 50.93 14.81 -22.64
CA ALA A 1106 50.97 13.85 -21.54
C ALA A 1106 50.01 14.26 -20.42
N LYS A 1107 50.07 15.53 -20.01
CA LYS A 1107 49.20 15.97 -18.93
C LYS A 1107 47.73 15.90 -19.34
N HIS A 1108 47.42 16.33 -20.57
CA HIS A 1108 46.03 16.29 -21.01
C HIS A 1108 45.50 14.86 -21.07
N ASN A 1109 46.30 13.93 -21.57
CA ASN A 1109 45.85 12.55 -21.65
C ASN A 1109 45.72 11.92 -20.27
N LEU A 1110 46.65 12.24 -19.35
CA LEU A 1110 46.52 11.72 -17.99
C LEU A 1110 45.29 12.27 -17.28
N GLU A 1111 44.96 13.54 -17.48
CA GLU A 1111 43.73 14.05 -16.90
C GLU A 1111 42.49 13.62 -17.68
N SER A 1112 42.66 13.03 -18.86
CA SER A 1112 41.52 12.62 -19.66
C SER A 1112 41.54 11.11 -19.89
N ILE A 1113 41.77 10.33 -18.84
CA ILE A 1113 41.78 8.88 -18.92
C ILE A 1113 40.92 8.32 -17.80
N ILE A 1114 40.27 7.19 -18.07
CA ILE A 1114 39.41 6.50 -17.11
C ILE A 1114 39.99 5.10 -16.89
N VAL A 1115 39.92 4.64 -15.65
CA VAL A 1115 40.48 3.34 -15.29
C VAL A 1115 39.43 2.26 -15.46
N SER A 1116 39.83 1.12 -16.01
CA SER A 1116 38.94 -0.01 -16.23
C SER A 1116 39.28 -1.11 -15.25
N PHE A 1117 38.27 -1.60 -14.54
CA PHE A 1117 38.44 -2.61 -13.50
C PHE A 1117 37.84 -3.94 -13.95
N LYS A 1118 38.60 -5.01 -13.78
CA LYS A 1118 38.08 -6.34 -14.01
C LYS A 1118 37.13 -6.73 -12.88
N GLN A 1119 35.99 -7.31 -13.24
CA GLN A 1119 34.97 -7.69 -12.28
C GLN A 1119 34.83 -9.21 -12.22
N ASN A 1120 34.49 -9.71 -11.05
CA ASN A 1120 34.23 -11.14 -10.83
C ASN A 1120 32.83 -11.25 -10.23
N LEU A 1121 31.85 -11.59 -11.07
CA LEU A 1121 30.46 -11.67 -10.65
C LEU A 1121 29.90 -13.08 -10.83
N ARG A 1122 30.76 -14.10 -10.83
CA ARG A 1122 30.31 -15.47 -10.97
C ARG A 1122 29.51 -15.89 -9.75
N VAL A 1123 28.20 -16.06 -9.92
CA VAL A 1123 27.35 -16.52 -8.83
C VAL A 1123 27.17 -18.02 -8.96
N ILE A 1124 26.64 -18.47 -10.10
CA ILE A 1124 26.46 -19.88 -10.37
C ILE A 1124 27.11 -20.20 -11.71
N ASN A 1125 27.46 -21.47 -11.88
CA ASN A 1125 28.04 -21.92 -13.14
C ASN A 1125 27.66 -23.38 -13.36
N LYS A 1126 27.74 -23.82 -14.61
CA LYS A 1126 27.41 -25.21 -14.90
C LYS A 1126 28.54 -26.12 -14.45
N ALA A 1127 28.20 -27.29 -13.95
CA ALA A 1127 29.17 -28.26 -13.46
C ALA A 1127 28.80 -29.64 -13.97
N THR A 1128 29.83 -30.48 -14.15
CA THR A 1128 29.66 -31.82 -14.67
C THR A 1128 30.15 -32.82 -13.63
N ASN A 1129 29.34 -33.84 -13.37
CA ASN A 1129 29.66 -34.89 -12.40
C ASN A 1129 29.75 -36.22 -13.13
N TYR A 1130 30.87 -36.92 -12.95
CA TYR A 1130 31.10 -38.23 -13.53
C TYR A 1130 31.34 -39.22 -12.41
N TYR A 1131 30.46 -40.21 -12.28
CA TYR A 1131 30.55 -41.17 -11.20
C TYR A 1131 30.59 -42.59 -11.73
N GLU A 1132 31.22 -43.48 -10.97
CA GLU A 1132 31.37 -44.87 -11.38
C GLU A 1132 30.08 -45.64 -11.14
N LYS A 1133 29.75 -46.52 -12.10
CA LYS A 1133 28.53 -47.30 -12.02
C LYS A 1133 28.68 -48.52 -12.91
N TYR A 1134 28.02 -49.60 -12.55
CA TYR A 1134 28.04 -50.83 -13.34
C TYR A 1134 26.91 -50.75 -14.38
N VAL A 1135 27.27 -50.37 -15.60
CA VAL A 1135 26.32 -50.20 -16.69
C VAL A 1135 26.19 -51.52 -17.44
N GLU A 1136 24.97 -51.82 -17.87
CA GLU A 1136 24.67 -53.03 -18.63
C GLU A 1136 24.82 -52.75 -20.12
N LYS A 1137 25.77 -53.42 -20.76
CA LYS A 1137 25.97 -53.29 -22.20
C LYS A 1137 26.31 -54.66 -22.78
N ASP A 1138 25.73 -54.95 -23.94
CA ASP A 1138 26.02 -56.18 -24.69
C ASP A 1138 25.84 -57.43 -23.84
N GLY A 1139 24.82 -57.41 -22.97
CA GLY A 1139 24.52 -58.54 -22.15
C GLY A 1139 25.41 -58.74 -20.94
N THR A 1140 26.31 -57.80 -20.66
CA THR A 1140 27.25 -57.93 -19.55
C THR A 1140 27.32 -56.63 -18.77
N LYS A 1141 27.70 -56.75 -17.49
CA LYS A 1141 27.87 -55.59 -16.63
C LYS A 1141 29.32 -55.12 -16.67
N ASN A 1142 29.51 -53.82 -16.82
CA ASN A 1142 30.85 -53.24 -16.85
C ASN A 1142 30.87 -51.97 -16.03
N LYS A 1143 31.87 -51.85 -15.16
CA LYS A 1143 32.05 -50.62 -14.39
C LYS A 1143 32.59 -49.53 -15.31
N GLU A 1144 31.94 -48.36 -15.28
CA GLU A 1144 32.32 -47.27 -16.16
C GLU A 1144 31.77 -45.96 -15.62
N ARG A 1145 32.23 -44.87 -16.23
CA ARG A 1145 31.81 -43.54 -15.82
C ARG A 1145 30.47 -43.17 -16.43
N VAL A 1146 29.61 -42.56 -15.62
CA VAL A 1146 28.31 -42.06 -16.07
C VAL A 1146 28.21 -40.60 -15.64
N GLU A 1147 27.76 -39.75 -16.57
CA GLU A 1147 27.51 -38.36 -16.25
C GLU A 1147 26.20 -38.23 -15.47
N GLN A 1148 26.20 -37.33 -14.48
CA GLN A 1148 25.01 -37.13 -13.68
C GLN A 1148 23.88 -36.57 -14.53
N ALA A 1149 22.68 -37.11 -14.35
CA ALA A 1149 21.53 -36.69 -15.12
C ALA A 1149 21.06 -35.30 -14.68
N GLY A 1150 20.34 -34.64 -15.57
CA GLY A 1150 19.77 -33.35 -15.26
C GLY A 1150 20.82 -32.25 -15.19
N THR A 1151 20.39 -31.11 -14.67
CA THR A 1151 21.24 -29.94 -14.51
C THR A 1151 21.60 -29.76 -13.04
N ASN A 1152 22.89 -29.57 -12.78
CA ASN A 1152 23.40 -29.38 -11.42
C ASN A 1152 24.27 -28.14 -11.42
N TRP A 1153 23.73 -27.03 -10.91
CA TRP A 1153 24.48 -25.80 -10.82
C TRP A 1153 25.51 -25.89 -9.71
N ALA A 1154 26.55 -25.08 -9.82
CA ALA A 1154 27.59 -24.97 -8.81
C ALA A 1154 27.69 -23.52 -8.39
N ILE A 1155 27.55 -23.27 -7.09
CA ILE A 1155 27.63 -21.92 -6.56
C ILE A 1155 29.09 -21.51 -6.50
N ARG A 1156 29.40 -20.34 -7.07
CA ARG A 1156 30.78 -19.89 -7.22
C ARG A 1156 31.20 -18.89 -6.16
N LYS A 1157 30.42 -18.75 -5.09
CA LYS A 1157 30.74 -17.85 -4.00
C LYS A 1157 30.43 -18.53 -2.69
N PRO A 1158 31.13 -18.19 -1.61
CA PRO A 1158 30.74 -18.68 -0.29
C PRO A 1158 29.35 -18.18 0.08
N MET A 1159 28.49 -19.10 0.51
CA MET A 1159 27.10 -18.75 0.78
C MET A 1159 26.93 -17.98 2.08
N HIS A 1160 27.80 -18.23 3.07
CA HIS A 1160 27.63 -17.61 4.38
C HIS A 1160 28.94 -17.78 5.15
N LYS A 1161 28.97 -17.19 6.35
CA LYS A 1161 30.12 -17.31 7.23
C LYS A 1161 30.12 -18.65 7.94
N ASP A 1162 31.25 -18.99 8.54
CA ASP A 1162 31.40 -20.31 9.16
C ASP A 1162 30.69 -20.41 10.50
N THR A 1163 30.71 -19.34 11.30
CA THR A 1163 30.18 -19.41 12.66
C THR A 1163 28.66 -19.48 12.63
N VAL A 1164 28.11 -20.42 13.40
CA VAL A 1164 26.68 -20.71 13.41
C VAL A 1164 26.08 -20.18 14.71
N SER A 1165 24.97 -19.46 14.60
CA SER A 1165 24.24 -18.94 15.75
C SER A 1165 22.86 -19.56 15.80
N GLY A 1166 22.36 -19.75 17.01
CA GLY A 1166 21.04 -20.31 17.24
C GLY A 1166 20.06 -19.23 17.67
N LYS A 1167 18.80 -19.39 17.29
CA LYS A 1167 17.78 -18.41 17.61
C LYS A 1167 17.25 -18.63 19.02
N VAL A 1168 17.29 -17.59 19.84
CA VAL A 1168 16.74 -17.62 21.18
C VAL A 1168 15.88 -16.39 21.39
N ASP A 1169 15.02 -16.45 22.40
CA ASP A 1169 14.19 -15.32 22.79
C ASP A 1169 14.35 -15.04 24.27
N LEU A 1170 14.32 -13.76 24.64
CA LEU A 1170 14.48 -13.34 26.02
C LEU A 1170 13.37 -12.35 26.34
N PRO A 1171 12.58 -12.57 27.39
CA PRO A 1171 11.53 -11.60 27.73
C PRO A 1171 12.07 -10.23 28.09
N TRP A 1172 13.25 -10.16 28.70
CA TRP A 1172 13.78 -8.91 29.22
C TRP A 1172 14.50 -8.07 28.16
N VAL A 1173 14.35 -8.40 26.88
CA VAL A 1173 14.90 -7.60 25.80
C VAL A 1173 13.79 -7.31 24.81
N LYS A 1174 13.59 -6.03 24.51
CA LYS A 1174 12.58 -5.62 23.54
C LYS A 1174 13.13 -5.81 22.13
N VAL A 1175 12.43 -6.60 21.33
CA VAL A 1175 12.86 -6.94 19.98
C VAL A 1175 12.01 -6.13 18.99
N PRO A 1176 12.62 -5.26 18.19
CA PRO A 1176 11.87 -4.59 17.13
C PRO A 1176 11.53 -5.57 16.02
N LYS A 1177 10.46 -5.25 15.29
CA LYS A 1177 10.06 -6.09 14.17
C LYS A 1177 11.11 -6.01 13.06
N GLY A 1178 11.27 -7.11 12.33
CA GLY A 1178 12.29 -7.23 11.32
C GLY A 1178 13.65 -7.66 11.83
N LYS A 1179 13.77 -7.93 13.13
CA LYS A 1179 15.01 -8.41 13.71
C LYS A 1179 14.70 -9.52 14.69
N ILE A 1180 15.70 -10.37 14.94
CA ILE A 1180 15.58 -11.50 15.84
C ILE A 1180 16.80 -11.55 16.75
N LEU A 1181 16.64 -12.25 17.87
CA LEU A 1181 17.74 -12.48 18.80
C LEU A 1181 18.40 -13.81 18.48
N THR A 1182 19.72 -13.80 18.33
CA THR A 1182 20.48 -15.01 18.07
C THR A 1182 21.69 -15.05 18.99
N ALA A 1183 22.00 -16.23 19.50
CA ALA A 1183 23.06 -16.38 20.50
C ALA A 1183 24.01 -17.50 20.10
N THR A 1184 25.25 -17.36 20.54
CA THR A 1184 26.28 -18.36 20.26
C THR A 1184 27.23 -18.43 21.43
N ARG A 1185 27.89 -19.58 21.58
CA ARG A 1185 28.79 -19.79 22.69
C ARG A 1185 30.10 -19.04 22.48
N LYS A 1186 30.67 -18.56 23.58
CA LYS A 1186 31.96 -17.90 23.59
C LYS A 1186 32.71 -18.34 24.84
N SER A 1187 34.04 -18.46 24.71
CA SER A 1187 34.86 -18.80 25.85
C SER A 1187 34.94 -17.63 26.82
N LEU A 1188 35.14 -17.95 28.09
CA LEU A 1188 35.24 -16.94 29.13
C LEU A 1188 36.69 -16.46 29.26
N ASP A 1189 36.88 -15.15 29.21
CA ASP A 1189 38.21 -14.56 29.29
C ASP A 1189 38.10 -13.16 29.86
N SER A 1190 39.26 -12.51 30.00
CA SER A 1190 39.33 -11.18 30.59
C SER A 1190 38.69 -10.11 29.73
N SER A 1191 38.36 -10.41 28.48
CA SER A 1191 37.73 -9.43 27.59
C SER A 1191 36.27 -9.18 27.91
N PHE A 1192 35.75 -9.70 29.03
CA PHE A 1192 34.37 -9.49 29.42
C PHE A 1192 34.29 -8.32 30.39
N ASP A 1193 33.61 -7.26 29.98
CA ASP A 1193 33.38 -6.10 30.82
C ASP A 1193 31.94 -6.14 31.35
N LEU A 1194 31.52 -5.05 32.00
CA LEU A 1194 30.18 -4.99 32.59
C LEU A 1194 29.10 -5.17 31.52
N LYS A 1195 29.21 -4.41 30.42
CA LYS A 1195 28.20 -4.49 29.37
C LYS A 1195 28.19 -5.86 28.71
N SER A 1196 29.37 -6.45 28.53
CA SER A 1196 29.43 -7.79 27.96
C SER A 1196 28.70 -8.79 28.85
N ILE A 1197 28.87 -8.69 30.17
CA ILE A 1197 28.08 -9.50 31.08
C ILE A 1197 26.61 -9.20 30.90
N GLY A 1198 26.27 -7.93 30.67
CA GLY A 1198 24.90 -7.56 30.35
C GLY A 1198 24.40 -8.10 29.04
N SER A 1199 25.29 -8.65 28.22
CA SER A 1199 24.93 -9.22 26.91
C SER A 1199 25.01 -10.74 26.91
N ILE A 1200 24.59 -11.38 28.00
CA ILE A 1200 24.60 -12.83 28.15
C ILE A 1200 23.17 -13.31 28.28
N THR A 1201 22.85 -14.42 27.60
CA THR A 1201 21.49 -14.94 27.62
C THR A 1201 21.06 -15.41 29.00
N ASP A 1202 21.95 -16.07 29.74
CA ASP A 1202 21.59 -16.65 31.03
C ASP A 1202 21.68 -15.57 32.10
N THR A 1203 20.52 -15.19 32.64
CA THR A 1203 20.48 -14.12 33.64
C THR A 1203 21.13 -14.54 34.94
N GLY A 1204 20.94 -15.79 35.36
CA GLY A 1204 21.62 -16.27 36.56
C GLY A 1204 23.13 -16.22 36.42
N ILE A 1205 23.63 -16.58 35.24
CA ILE A 1205 25.05 -16.45 34.98
C ILE A 1205 25.47 -14.98 35.02
N GLN A 1206 24.61 -14.10 34.50
CA GLN A 1206 24.89 -12.67 34.59
C GLN A 1206 25.06 -12.24 36.04
N LYS A 1207 24.15 -12.67 36.90
CA LYS A 1207 24.20 -12.30 38.32
C LYS A 1207 25.44 -12.86 38.99
N ILE A 1208 25.77 -14.12 38.72
CA ILE A 1208 26.94 -14.73 39.35
C ILE A 1208 28.21 -14.02 38.92
N LEU A 1209 28.31 -13.71 37.62
CA LEU A 1209 29.47 -12.99 37.11
C LEU A 1209 29.54 -11.60 37.72
N LYS A 1210 28.39 -10.94 37.90
CA LYS A 1210 28.38 -9.63 38.52
C LYS A 1210 28.89 -9.70 39.95
N ASN A 1211 28.44 -10.70 40.71
CA ASN A 1211 28.92 -10.85 42.09
C ASN A 1211 30.42 -11.08 42.11
N TYR A 1212 30.92 -11.96 41.25
CA TYR A 1212 32.35 -12.24 41.24
C TYR A 1212 33.16 -11.02 40.85
N LEU A 1213 32.69 -10.27 39.84
CA LEU A 1213 33.40 -9.07 39.42
C LEU A 1213 33.38 -8.00 40.51
N ALA A 1214 32.26 -7.88 41.22
CA ALA A 1214 32.20 -6.97 42.36
C ALA A 1214 33.22 -7.37 43.42
N PHE A 1215 33.31 -8.68 43.71
CA PHE A 1215 34.33 -9.14 44.64
C PHE A 1215 35.73 -8.86 44.12
N LYS A 1216 35.89 -8.80 42.80
CA LYS A 1216 37.16 -8.50 42.17
C LYS A 1216 37.35 -7.02 41.89
N ASP A 1217 36.53 -6.17 42.51
CA ASP A 1217 36.69 -4.71 42.44
C ASP A 1217 36.55 -4.19 41.01
N GLY A 1218 35.76 -4.88 40.19
CA GLY A 1218 35.53 -4.42 38.83
C GLY A 1218 36.78 -4.38 37.96
N ASN A 1219 37.60 -5.42 38.04
CA ASN A 1219 38.84 -5.53 37.25
C ASN A 1219 38.73 -6.77 36.38
N PRO A 1220 38.25 -6.63 35.14
CA PRO A 1220 38.04 -7.82 34.29
C PRO A 1220 39.31 -8.61 34.03
N GLU A 1221 40.47 -7.95 33.98
CA GLU A 1221 41.71 -8.67 33.71
C GLU A 1221 42.01 -9.68 34.82
N LEU A 1222 42.01 -9.23 36.07
CA LEU A 1222 42.32 -10.14 37.17
C LEU A 1222 41.14 -11.04 37.50
N ALA A 1223 39.92 -10.59 37.24
CA ALA A 1223 38.74 -11.40 37.56
C ALA A 1223 38.68 -12.65 36.69
N PHE A 1224 38.83 -12.47 35.38
CA PHE A 1224 38.57 -13.54 34.42
C PHE A 1224 39.85 -14.20 33.92
N SER A 1225 40.90 -14.20 34.73
CA SER A 1225 42.04 -15.04 34.46
C SER A 1225 41.64 -16.51 34.62
N PRO A 1226 42.31 -17.43 33.93
CA PRO A 1226 41.95 -18.85 34.07
C PRO A 1226 41.98 -19.33 35.51
N GLU A 1227 42.98 -18.91 36.29
CA GLU A 1227 43.00 -19.22 37.71
C GLU A 1227 41.82 -18.57 38.42
N GLY A 1228 41.50 -17.32 38.06
CA GLY A 1228 40.31 -16.69 38.62
C GLY A 1228 39.03 -17.40 38.21
N ILE A 1229 38.98 -17.91 36.98
CA ILE A 1229 37.83 -18.67 36.54
C ILE A 1229 37.67 -19.93 37.36
N ASP A 1230 38.78 -20.63 37.63
CA ASP A 1230 38.73 -21.81 38.49
C ASP A 1230 38.30 -21.44 39.90
N ASP A 1231 38.78 -20.31 40.40
CA ASP A 1231 38.39 -19.85 41.74
C ASP A 1231 36.89 -19.58 41.80
N LEU A 1232 36.34 -18.99 40.74
CA LEU A 1232 34.90 -18.80 40.65
C LEU A 1232 34.18 -20.15 40.65
N ASN A 1233 34.69 -21.09 39.86
CA ASN A 1233 34.02 -22.38 39.71
C ASN A 1233 33.99 -23.15 41.03
N LYS A 1234 35.10 -23.14 41.77
CA LYS A 1234 35.15 -23.89 43.02
C LYS A 1234 34.37 -23.20 44.13
N ASN A 1235 34.24 -21.88 44.09
CA ASN A 1235 33.48 -21.12 45.08
C ASN A 1235 32.22 -20.52 44.47
N ILE A 1236 31.58 -21.28 43.57
CA ILE A 1236 30.37 -20.80 42.93
C ILE A 1236 29.22 -20.65 43.92
N GLU A 1237 29.28 -21.33 45.07
CA GLU A 1237 28.27 -21.14 46.10
C GLU A 1237 28.32 -19.72 46.66
N LYS A 1238 29.52 -19.16 46.80
CA LYS A 1238 29.67 -17.84 47.39
C LYS A 1238 29.09 -16.73 46.53
N TYR A 1239 28.76 -17.01 45.27
CA TYR A 1239 28.22 -16.01 44.39
C TYR A 1239 26.84 -16.36 43.84
N ASN A 1240 26.32 -17.55 44.15
CA ASN A 1240 24.95 -17.91 43.84
C ASN A 1240 24.11 -18.04 45.10
N ASP A 1241 24.44 -17.25 46.13
CA ASP A 1241 23.72 -17.23 47.40
C ASP A 1241 23.68 -18.63 48.03
N GLY A 1242 24.78 -19.36 47.91
CA GLY A 1242 24.88 -20.68 48.48
C GLY A 1242 24.18 -21.77 47.71
N LYS A 1243 23.58 -21.46 46.55
CA LYS A 1243 22.93 -22.51 45.80
C LYS A 1243 23.92 -23.18 44.84
N PRO A 1244 23.75 -24.48 44.59
CA PRO A 1244 24.68 -25.18 43.72
C PRO A 1244 24.57 -24.72 42.27
N HIS A 1245 25.70 -24.78 41.57
CA HIS A 1245 25.74 -24.44 40.15
C HIS A 1245 26.99 -25.07 39.54
N GLN A 1246 26.90 -25.42 38.26
CA GLN A 1246 27.97 -26.11 37.57
C GLN A 1246 29.08 -25.14 37.19
N PRO A 1247 30.31 -25.65 37.00
CA PRO A 1247 31.43 -24.77 36.64
C PRO A 1247 31.21 -24.09 35.30
N ILE A 1248 31.82 -22.92 35.15
CA ILE A 1248 31.61 -22.06 33.99
C ILE A 1248 32.85 -22.07 33.13
N ASN A 1249 32.70 -22.46 31.87
CA ASN A 1249 33.78 -22.41 30.89
C ASN A 1249 33.39 -21.66 29.62
N LYS A 1250 32.15 -21.79 29.17
CA LYS A 1250 31.66 -21.09 28.00
C LYS A 1250 30.27 -20.54 28.31
N VAL A 1251 29.95 -19.39 27.71
CA VAL A 1251 28.67 -18.73 27.92
C VAL A 1251 28.11 -18.31 26.58
N ARG A 1252 26.79 -18.42 26.44
CA ARG A 1252 26.11 -18.06 25.20
C ARG A 1252 25.79 -16.58 25.23
N VAL A 1253 26.49 -15.81 24.41
CA VAL A 1253 26.22 -14.38 24.27
C VAL A 1253 25.22 -14.20 23.13
N PHE A 1254 24.33 -13.22 23.28
CA PHE A 1254 23.28 -12.98 22.31
C PHE A 1254 23.57 -11.71 21.53
N GLU A 1255 22.74 -11.49 20.51
CA GLU A 1255 22.85 -10.33 19.65
C GLU A 1255 21.55 -10.16 18.91
N LEU A 1256 21.05 -8.93 18.86
CA LEU A 1256 19.83 -8.60 18.13
C LEU A 1256 20.24 -8.19 16.71
N GLY A 1257 19.85 -8.99 15.73
CA GLY A 1257 20.26 -8.73 14.38
C GLY A 1257 19.35 -9.36 13.36
N SER A 1258 19.88 -9.53 12.16
CA SER A 1258 19.14 -10.14 11.05
C SER A 1258 20.06 -11.18 10.41
N LYS A 1259 19.97 -12.42 10.90
CA LYS A 1259 20.72 -13.55 10.35
C LYS A 1259 19.73 -14.51 9.72
N PHE A 1260 20.05 -14.99 8.52
CA PHE A 1260 19.16 -15.90 7.83
C PHE A 1260 19.48 -17.35 8.17
N GLN A 1261 18.64 -18.24 7.68
CA GLN A 1261 18.80 -19.66 7.96
C GLN A 1261 19.71 -20.31 6.93
N VAL A 1262 20.49 -21.29 7.39
CA VAL A 1262 21.38 -22.01 6.48
C VAL A 1262 20.58 -22.78 5.44
N GLY A 1263 19.60 -23.56 5.89
CA GLY A 1263 18.84 -24.41 5.00
C GLY A 1263 17.38 -24.54 5.38
N GLN A 1264 16.72 -25.57 4.85
CA GLN A 1264 15.29 -25.76 5.10
C GLN A 1264 14.90 -27.18 5.47
N THR A 1265 15.82 -28.13 5.43
CA THR A 1265 15.51 -29.51 5.76
C THR A 1265 16.26 -29.94 7.00
N GLY A 1266 15.69 -30.91 7.73
CA GLY A 1266 16.32 -31.39 8.95
C GLY A 1266 16.47 -30.28 9.96
N ASN A 1267 17.61 -30.27 10.64
CA ASN A 1267 17.93 -29.25 11.61
C ASN A 1267 18.67 -28.07 11.00
N LYS A 1268 18.75 -28.00 9.67
CA LYS A 1268 19.36 -26.84 9.03
C LYS A 1268 18.54 -25.58 9.23
N LYS A 1269 17.28 -25.71 9.64
CA LYS A 1269 16.48 -24.54 9.95
C LYS A 1269 16.87 -23.91 11.28
N GLY A 1270 17.55 -24.65 12.14
CA GLY A 1270 18.00 -24.16 13.42
C GLY A 1270 19.37 -23.52 13.42
N LYS A 1271 19.95 -23.29 12.24
CA LYS A 1271 21.27 -22.69 12.11
C LYS A 1271 21.12 -21.33 11.46
N TYR A 1272 21.57 -20.29 12.15
CA TYR A 1272 21.50 -18.92 11.65
C TYR A 1272 22.92 -18.41 11.45
N VAL A 1273 23.17 -17.79 10.31
CA VAL A 1273 24.50 -17.36 9.90
C VAL A 1273 24.42 -15.96 9.30
N GLU A 1274 25.59 -15.37 9.08
CA GLU A 1274 25.73 -14.02 8.57
C GLU A 1274 26.28 -14.06 7.16
N ALA A 1275 25.94 -13.03 6.38
CA ALA A 1275 26.39 -12.96 4.99
C ALA A 1275 27.90 -12.96 4.92
N ALA A 1276 28.43 -13.75 3.99
CA ALA A 1276 29.88 -13.92 3.88
C ALA A 1276 30.53 -12.64 3.36
N LYS A 1277 31.85 -12.57 3.53
CA LYS A 1277 32.59 -11.38 3.14
C LYS A 1277 32.67 -11.28 1.62
N GLY A 1278 32.38 -10.10 1.09
CA GLY A 1278 32.47 -9.87 -0.34
C GLY A 1278 31.45 -10.60 -1.18
N THR A 1279 30.22 -10.75 -0.67
CA THR A 1279 29.15 -11.35 -1.44
C THR A 1279 27.93 -10.44 -1.54
N ASN A 1280 28.06 -9.16 -1.22
CA ASN A 1280 27.00 -8.19 -1.47
C ASN A 1280 27.21 -7.59 -2.86
N LEU A 1281 27.00 -8.46 -3.85
CA LEU A 1281 27.38 -8.13 -5.22
C LEU A 1281 26.43 -7.15 -5.89
N PHE A 1282 25.13 -7.25 -5.62
CA PHE A 1282 24.14 -6.49 -6.37
C PHE A 1282 23.43 -5.50 -5.45
N PHE A 1283 23.34 -4.26 -5.91
CA PHE A 1283 22.70 -3.17 -5.18
C PHE A 1283 21.75 -2.47 -6.13
N ALA A 1284 20.45 -2.63 -5.91
CA ALA A 1284 19.45 -2.18 -6.87
C ALA A 1284 18.99 -0.76 -6.56
N VAL A 1285 18.86 0.05 -7.62
CA VAL A 1285 18.37 1.42 -7.53
C VAL A 1285 17.18 1.54 -8.46
N TYR A 1286 16.00 1.80 -7.87
CA TYR A 1286 14.73 2.00 -8.56
C TYR A 1286 14.32 3.46 -8.45
N GLU A 1287 13.37 3.86 -9.29
CA GLU A 1287 12.74 5.17 -9.19
C GLU A 1287 11.26 5.04 -9.51
N ASP A 1288 10.42 5.63 -8.67
CA ASP A 1288 8.98 5.53 -8.85
C ASP A 1288 8.53 6.45 -9.98
N GLU A 1289 7.21 6.51 -10.18
CA GLU A 1289 6.67 7.29 -11.29
C GLU A 1289 6.93 8.77 -11.12
N LYS A 1290 6.87 9.28 -9.88
CA LYS A 1290 7.00 10.71 -9.67
C LYS A 1290 8.44 11.18 -9.55
N GLY A 1291 9.40 10.27 -9.39
CA GLY A 1291 10.79 10.65 -9.43
C GLY A 1291 11.64 10.22 -8.25
N LYS A 1292 11.02 9.81 -7.16
CA LYS A 1292 11.78 9.45 -5.97
C LYS A 1292 12.58 8.19 -6.21
N ARG A 1293 13.83 8.18 -5.75
CA ARG A 1293 14.73 7.05 -5.91
C ARG A 1293 14.77 6.20 -4.64
N SER A 1294 14.66 4.90 -4.82
CA SER A 1294 14.72 3.93 -3.74
C SER A 1294 15.89 2.98 -3.98
N TYR A 1295 16.44 2.44 -2.90
CA TYR A 1295 17.61 1.60 -2.96
C TYR A 1295 17.42 0.36 -2.11
N GLU A 1296 17.87 -0.79 -2.62
CA GLU A 1296 17.85 -2.04 -1.87
C GLU A 1296 19.12 -2.82 -2.14
N THR A 1297 19.38 -3.79 -1.28
CA THR A 1297 20.48 -4.73 -1.46
C THR A 1297 19.90 -6.13 -1.58
N ILE A 1298 20.27 -6.83 -2.65
CA ILE A 1298 19.75 -8.16 -2.94
C ILE A 1298 20.68 -9.18 -2.27
N PRO A 1299 20.18 -10.04 -1.39
CA PRO A 1299 21.02 -11.08 -0.81
C PRO A 1299 21.43 -12.11 -1.84
N LEU A 1300 22.55 -12.78 -1.57
CA LEU A 1300 23.08 -13.75 -2.52
C LEU A 1300 22.10 -14.90 -2.75
N ASN A 1301 21.29 -15.23 -1.76
CA ASN A 1301 20.32 -16.32 -1.93
C ASN A 1301 19.31 -15.98 -3.01
N GLU A 1302 18.78 -14.75 -2.98
CA GLU A 1302 17.81 -14.34 -3.98
C GLU A 1302 18.45 -14.31 -5.37
N VAL A 1303 19.69 -13.85 -5.47
CA VAL A 1303 20.38 -13.84 -6.76
C VAL A 1303 20.55 -15.25 -7.27
N ILE A 1304 20.94 -16.18 -6.38
CA ILE A 1304 21.13 -17.56 -6.79
C ILE A 1304 19.84 -18.15 -7.32
N GLU A 1305 18.74 -17.94 -6.60
CA GLU A 1305 17.46 -18.50 -7.04
C GLU A 1305 17.00 -17.87 -8.36
N ARG A 1306 17.13 -16.55 -8.49
CA ARG A 1306 16.70 -15.87 -9.70
C ARG A 1306 17.50 -16.34 -10.90
N GLN A 1307 18.81 -16.49 -10.75
CA GLN A 1307 19.63 -16.94 -11.88
C GLN A 1307 19.38 -18.41 -12.19
N LYS A 1308 19.08 -19.22 -11.16
CA LYS A 1308 18.72 -20.61 -11.43
C LYS A 1308 17.43 -20.70 -12.22
N GLN A 1309 16.46 -19.84 -11.92
CA GLN A 1309 15.22 -19.83 -12.67
C GLN A 1309 15.38 -19.29 -14.08
N GLY A 1310 16.54 -18.73 -14.41
CA GLY A 1310 16.75 -18.13 -15.70
C GLY A 1310 16.47 -16.65 -15.76
N LEU A 1311 15.93 -16.07 -14.68
CA LEU A 1311 15.67 -14.65 -14.64
C LEU A 1311 16.97 -13.88 -14.50
N THR A 1312 16.86 -12.57 -14.36
CA THR A 1312 18.03 -11.74 -14.15
C THR A 1312 18.34 -11.63 -12.65
N SER A 1313 19.54 -11.14 -12.34
CA SER A 1313 20.01 -11.16 -10.96
C SER A 1313 19.19 -10.25 -10.07
N VAL A 1314 18.84 -9.07 -10.55
CA VAL A 1314 18.14 -8.05 -9.75
C VAL A 1314 16.71 -7.95 -10.25
N PRO A 1315 15.71 -7.96 -9.36
CA PRO A 1315 14.32 -7.88 -9.81
C PRO A 1315 14.05 -6.62 -10.60
N LEU A 1316 13.28 -6.76 -11.68
CA LEU A 1316 12.97 -5.64 -12.55
C LEU A 1316 12.07 -4.61 -11.89
N GLU A 1317 11.41 -4.96 -10.79
CA GLU A 1317 10.35 -4.11 -10.25
C GLU A 1317 10.22 -4.41 -8.77
N ASN A 1318 10.58 -3.45 -7.93
CA ASN A 1318 10.42 -3.64 -6.49
C ASN A 1318 8.94 -3.66 -6.12
N GLU A 1319 8.64 -4.25 -4.97
CA GLU A 1319 7.26 -4.33 -4.51
C GLU A 1319 6.64 -2.96 -4.29
N LYS A 1320 7.47 -1.93 -4.11
CA LYS A 1320 6.98 -0.58 -3.94
C LYS A 1320 6.26 -0.06 -5.19
N GLY A 1321 6.50 -0.67 -6.33
CA GLY A 1321 5.93 -0.20 -7.58
C GLY A 1321 6.79 0.85 -8.24
N SER A 1322 8.08 0.56 -8.38
CA SER A 1322 9.03 1.48 -8.99
C SER A 1322 9.87 0.73 -10.01
N ARG A 1323 10.01 1.29 -11.20
CA ARG A 1323 10.81 0.67 -12.25
C ARG A 1323 12.28 0.70 -11.90
N LEU A 1324 12.98 -0.38 -12.21
CA LEU A 1324 14.39 -0.50 -11.87
C LEU A 1324 15.23 0.35 -12.81
N LEU A 1325 15.94 1.32 -12.26
CA LEU A 1325 16.88 2.10 -13.05
C LEU A 1325 18.14 1.30 -13.33
N PHE A 1326 18.84 0.88 -12.27
CA PHE A 1326 20.04 0.09 -12.53
C PHE A 1326 20.50 -0.65 -11.28
N ASP A 1327 21.26 -1.71 -11.50
CA ASP A 1327 21.96 -2.41 -10.44
C ASP A 1327 23.42 -1.96 -10.42
N LEU A 1328 24.03 -2.09 -9.25
CA LEU A 1328 25.41 -1.71 -9.05
C LEU A 1328 26.16 -2.87 -8.43
N SER A 1329 27.37 -3.09 -8.90
CA SER A 1329 28.25 -4.15 -8.44
C SER A 1329 29.57 -3.53 -8.01
N PRO A 1330 30.34 -4.22 -7.17
CA PRO A 1330 31.67 -3.71 -6.82
C PRO A 1330 32.51 -3.50 -8.07
N ASN A 1331 33.30 -2.43 -8.06
CA ASN A 1331 34.11 -2.02 -9.20
C ASN A 1331 33.26 -1.65 -10.40
N ASP A 1332 32.10 -1.03 -10.17
CA ASP A 1332 31.30 -0.43 -11.22
C ASP A 1332 31.59 1.06 -11.28
N LEU A 1333 31.28 1.66 -12.42
CA LEU A 1333 31.55 3.08 -12.66
C LEU A 1333 30.24 3.84 -12.78
N VAL A 1334 30.13 4.94 -12.04
CA VAL A 1334 28.98 5.82 -12.15
C VAL A 1334 29.47 7.25 -12.35
N TYR A 1335 28.62 8.06 -12.94
CA TYR A 1335 28.89 9.48 -13.14
C TYR A 1335 27.87 10.29 -12.37
N VAL A 1336 28.35 11.29 -11.64
CA VAL A 1336 27.52 12.19 -10.85
C VAL A 1336 27.44 13.52 -11.59
N PRO A 1337 26.28 13.90 -12.13
CA PRO A 1337 26.17 15.17 -12.83
C PRO A 1337 26.28 16.34 -11.86
N GLU A 1338 26.63 17.50 -12.44
CA GLU A 1338 26.70 18.71 -11.63
C GLU A 1338 25.32 19.08 -11.09
N ILE A 1339 25.32 19.79 -9.97
CA ILE A 1339 24.06 20.13 -9.30
C ILE A 1339 23.18 20.96 -10.22
N ASP A 1340 23.76 21.95 -10.90
CA ASP A 1340 22.98 22.80 -11.78
C ASP A 1340 22.40 22.03 -12.96
N GLU A 1341 23.19 21.17 -13.59
CA GLU A 1341 22.76 20.51 -14.81
C GLU A 1341 21.76 19.40 -14.51
N ASN A 1342 20.93 19.09 -15.51
CA ASN A 1342 19.95 18.01 -15.45
C ASN A 1342 20.27 17.02 -16.56
N ILE A 1343 20.61 15.79 -16.17
CA ILE A 1343 20.95 14.74 -17.12
C ILE A 1343 19.83 13.70 -17.09
N ASP A 1344 19.06 13.65 -18.17
CA ASP A 1344 17.99 12.66 -18.33
C ASP A 1344 18.17 11.79 -19.56
N SER A 1345 18.53 12.37 -20.70
CA SER A 1345 18.87 11.63 -21.91
C SER A 1345 20.07 12.27 -22.58
N ASN A 1346 21.06 12.66 -21.76
CA ASN A 1346 22.24 13.35 -22.28
C ASN A 1346 22.95 12.51 -23.34
N PHE A 1347 23.22 11.25 -23.01
CA PHE A 1347 24.01 10.36 -23.87
C PHE A 1347 25.35 11.05 -24.13
N VAL A 1348 25.86 11.02 -25.36
CA VAL A 1348 27.04 11.79 -25.77
C VAL A 1348 28.16 11.63 -24.74
N PHE A 1349 28.73 10.43 -24.67
CA PHE A 1349 29.80 10.13 -23.73
C PHE A 1349 31.15 10.01 -24.43
N SER A 1350 31.38 10.87 -25.42
CA SER A 1350 32.69 11.00 -26.05
C SER A 1350 33.40 12.29 -25.71
N ASN A 1351 32.66 13.33 -25.31
CA ASN A 1351 33.25 14.62 -24.96
C ASN A 1351 33.61 14.67 -23.47
N LEU A 1352 34.48 13.74 -23.07
CA LEU A 1352 34.90 13.61 -21.68
C LEU A 1352 36.09 14.52 -21.44
N ASN A 1353 35.84 15.67 -20.82
CA ASN A 1353 36.87 16.61 -20.45
C ASN A 1353 37.34 16.35 -19.03
N LYS A 1354 38.08 17.30 -18.45
CA LYS A 1354 38.62 17.12 -17.10
C LYS A 1354 37.50 16.92 -16.08
N GLU A 1355 36.50 17.78 -16.10
CA GLU A 1355 35.50 17.77 -15.03
C GLU A 1355 34.61 16.53 -15.10
N LYS A 1356 34.15 16.17 -16.29
CA LYS A 1356 33.27 15.01 -16.42
C LYS A 1356 33.97 13.74 -15.96
N ILE A 1357 35.22 13.56 -16.35
CA ILE A 1357 35.98 12.39 -15.91
C ILE A 1357 36.25 12.45 -14.42
N SER A 1358 36.55 13.65 -13.91
CA SER A 1358 36.80 13.80 -12.48
C SER A 1358 35.56 13.59 -11.65
N ARG A 1359 34.37 13.58 -12.25
CA ARG A 1359 33.14 13.28 -11.55
C ARG A 1359 32.68 11.84 -11.76
N ILE A 1360 33.62 10.90 -11.85
CA ILE A 1360 33.31 9.48 -12.04
C ILE A 1360 33.74 8.74 -10.77
N TYR A 1361 32.80 8.03 -10.17
CA TYR A 1361 33.02 7.31 -8.93
C TYR A 1361 32.86 5.81 -9.15
N LYS A 1362 33.31 5.04 -8.17
CA LYS A 1362 33.30 3.59 -8.23
C LYS A 1362 32.70 3.02 -6.96
N VAL A 1363 31.83 2.03 -7.12
CA VAL A 1363 31.24 1.34 -5.98
C VAL A 1363 32.31 0.50 -5.30
N GLU A 1364 32.33 0.52 -3.97
CA GLU A 1364 33.32 -0.23 -3.22
C GLU A 1364 32.69 -1.30 -2.34
N LYS A 1365 31.66 -0.96 -1.58
CA LYS A 1365 30.97 -1.93 -0.74
C LYS A 1365 29.53 -1.48 -0.56
N THR A 1366 28.73 -2.35 0.04
CA THR A 1366 27.30 -2.11 0.13
C THR A 1366 26.74 -2.83 1.35
N SER A 1367 25.80 -2.19 2.05
CA SER A 1367 25.13 -2.79 3.19
C SER A 1367 23.76 -2.14 3.33
N GLY A 1368 22.72 -2.96 3.32
CA GLY A 1368 21.37 -2.42 3.41
C GLY A 1368 21.10 -1.49 2.24
N THR A 1369 20.64 -0.28 2.57
CA THR A 1369 20.39 0.75 1.57
C THR A 1369 21.57 1.72 1.43
N GLU A 1370 22.69 1.41 2.06
CA GLU A 1370 23.87 2.27 2.04
C GLU A 1370 24.87 1.75 1.02
N CYS A 1371 25.23 2.60 0.07
CA CYS A 1371 26.24 2.27 -0.94
C CYS A 1371 27.39 3.23 -0.81
N TYR A 1372 28.61 2.70 -0.86
CA TYR A 1372 29.82 3.49 -0.64
C TYR A 1372 30.62 3.60 -1.93
N PHE A 1373 31.10 4.81 -2.21
CA PHE A 1373 31.81 5.10 -3.44
C PHE A 1373 33.19 5.67 -3.13
N VAL A 1374 34.07 5.55 -4.11
CA VAL A 1374 35.41 6.14 -4.07
C VAL A 1374 35.69 6.73 -5.44
N ARG A 1375 36.31 7.91 -5.46
CA ARG A 1375 36.70 8.50 -6.73
C ARG A 1375 37.58 7.51 -7.49
N GLN A 1376 37.27 7.31 -8.77
CA GLN A 1376 37.81 6.16 -9.51
C GLN A 1376 39.33 6.19 -9.61
N ASP A 1377 39.95 7.36 -9.52
CA ASP A 1377 41.39 7.47 -9.65
C ASP A 1377 42.12 7.28 -8.32
N ILE A 1378 41.41 7.05 -7.23
CA ILE A 1378 42.02 6.90 -5.92
C ILE A 1378 42.33 5.43 -5.69
N ALA A 1379 43.61 5.11 -5.47
CA ALA A 1379 44.04 3.75 -5.20
C ALA A 1379 44.36 3.53 -3.72
N TYR A 1380 45.18 4.40 -3.13
CA TYR A 1380 45.53 4.32 -1.72
C TYR A 1380 45.25 5.67 -1.07
N LEU A 1381 44.59 5.64 0.07
CA LEU A 1381 44.31 6.87 0.80
C LEU A 1381 45.61 7.48 1.34
N ILE A 1382 45.65 8.81 1.35
CA ILE A 1382 46.82 9.51 1.88
C ILE A 1382 47.01 9.17 3.35
N LYS A 1383 45.93 9.21 4.11
CA LYS A 1383 45.95 8.78 5.52
C LYS A 1383 44.69 7.98 5.80
N GLN A 1384 44.87 6.78 6.34
CA GLN A 1384 43.74 5.95 6.70
C GLN A 1384 43.15 6.39 8.04
N TYR A 1385 41.89 6.02 8.26
CA TYR A 1385 41.20 6.41 9.47
C TYR A 1385 41.79 5.70 10.69
N ASP A 1386 41.78 6.39 11.82
CA ASP A 1386 42.23 5.85 13.09
C ASP A 1386 41.20 6.16 14.17
N ALA A 1387 41.12 5.28 15.16
CA ALA A 1387 40.14 5.44 16.23
C ALA A 1387 40.58 6.46 17.28
N LYS A 1388 41.87 6.70 17.43
CA LYS A 1388 42.35 7.60 18.49
C LYS A 1388 42.19 9.06 18.07
N THR A 1389 42.91 9.47 17.03
CA THR A 1389 42.84 10.85 16.56
C THR A 1389 41.58 11.11 15.76
N LYS A 1390 40.95 10.06 15.21
CA LYS A 1390 39.71 10.18 14.45
C LYS A 1390 39.84 11.15 13.29
N ILE A 1391 40.96 11.06 12.57
CA ILE A 1391 41.19 11.82 11.36
C ILE A 1391 41.55 10.86 10.23
N GLY A 1392 40.93 11.05 9.08
CA GLY A 1392 41.18 10.19 7.95
C GLY A 1392 40.78 10.89 6.67
N GLU A 1393 41.39 10.44 5.56
CA GLU A 1393 41.10 11.06 4.27
C GLU A 1393 39.64 10.90 3.90
N LEU A 1394 39.06 9.74 4.17
CA LEU A 1394 37.67 9.44 3.85
C LEU A 1394 36.95 8.87 5.07
N GLU A 1395 37.11 9.54 6.21
CA GLU A 1395 36.43 9.26 7.48
C GLU A 1395 36.50 7.79 7.89
N SER A 1396 35.58 7.38 8.77
CA SER A 1396 35.71 6.09 9.46
C SER A 1396 35.60 4.92 8.50
N GLN A 1397 34.75 5.03 7.49
CA GLN A 1397 34.54 3.93 6.56
C GLN A 1397 35.58 3.90 5.44
N ASN A 1398 36.51 4.84 5.42
CA ASN A 1398 37.51 4.96 4.35
C ASN A 1398 36.88 5.18 2.98
N LYS A 1399 35.60 5.55 2.96
CA LYS A 1399 34.86 5.82 1.74
C LYS A 1399 33.55 6.49 2.11
N LEU A 1400 33.09 7.40 1.26
CA LEU A 1400 31.94 8.23 1.54
C LEU A 1400 30.73 7.81 0.70
N GLN A 1401 29.55 7.89 1.32
CA GLN A 1401 28.30 7.71 0.58
C GLN A 1401 28.01 8.87 -0.35
N VAL A 1402 28.75 9.96 -0.23
CA VAL A 1402 28.51 11.17 -1.04
C VAL A 1402 29.78 11.53 -1.78
N THR A 1403 29.73 12.60 -2.55
CA THR A 1403 30.90 13.06 -3.29
C THR A 1403 31.98 13.56 -2.33
N MET A 1404 33.24 13.36 -2.72
CA MET A 1404 34.34 13.75 -1.86
C MET A 1404 34.49 15.27 -1.82
N THR A 1405 34.13 15.97 -2.90
CA THR A 1405 34.34 17.40 -2.98
C THR A 1405 33.41 18.14 -2.01
N ASP A 1406 33.51 19.47 -2.03
CA ASP A 1406 32.81 20.30 -1.06
C ASP A 1406 31.29 20.22 -1.17
N ASP A 1407 30.77 19.82 -2.33
CA ASP A 1407 29.33 19.82 -2.53
C ASP A 1407 28.64 18.86 -1.57
N ARG A 1408 29.22 17.67 -1.36
CA ARG A 1408 28.68 16.65 -0.47
C ARG A 1408 27.22 16.34 -0.82
N ILE A 1409 27.05 15.81 -2.01
CA ILE A 1409 25.74 15.40 -2.53
C ILE A 1409 25.70 13.88 -2.59
N ARG A 1410 24.61 13.30 -2.11
CA ARG A 1410 24.48 11.84 -2.12
C ARG A 1410 24.52 11.33 -3.54
N ILE A 1411 25.49 10.46 -3.82
CA ILE A 1411 25.76 10.03 -5.19
C ILE A 1411 24.57 9.27 -5.77
N THR A 1412 23.98 8.37 -4.97
CA THR A 1412 22.95 7.48 -5.48
C THR A 1412 21.71 8.23 -5.96
N ASP A 1413 21.51 9.47 -5.52
CA ASP A 1413 20.30 10.19 -5.91
C ASP A 1413 20.37 10.68 -7.35
N THR A 1414 21.57 10.96 -7.87
CA THR A 1414 21.71 11.50 -9.22
C THR A 1414 22.66 10.71 -10.11
N CYS A 1415 23.31 9.68 -9.60
CA CYS A 1415 24.31 8.98 -10.39
C CYS A 1415 23.69 8.26 -11.57
N VAL A 1416 24.49 8.08 -12.62
CA VAL A 1416 24.10 7.31 -13.79
C VAL A 1416 25.19 6.27 -14.05
N LYS A 1417 24.77 5.03 -14.29
CA LYS A 1417 25.72 3.95 -14.49
C LYS A 1417 26.40 4.09 -15.86
N ILE A 1418 27.68 3.74 -15.90
CA ILE A 1418 28.48 3.79 -17.12
C ILE A 1418 29.22 2.47 -17.27
N ASN A 1419 29.16 1.88 -18.46
CA ASN A 1419 29.90 0.66 -18.76
C ASN A 1419 31.02 0.96 -19.75
N CYS A 1420 32.15 0.28 -19.57
CA CYS A 1420 33.33 0.51 -20.39
C CYS A 1420 33.96 -0.81 -20.77
N ASP A 1421 34.73 -0.79 -21.85
CA ASP A 1421 35.46 -1.97 -22.31
C ASP A 1421 36.78 -2.08 -21.54
N ARG A 1422 37.62 -3.02 -21.97
CA ARG A 1422 38.91 -3.21 -21.30
C ARG A 1422 39.79 -1.97 -21.45
N LEU A 1423 39.80 -1.35 -22.62
CA LEU A 1423 40.67 -0.23 -22.90
C LEU A 1423 40.19 1.09 -22.29
N GLY A 1424 39.20 1.03 -21.39
CA GLY A 1424 38.72 2.25 -20.78
C GLY A 1424 38.03 3.19 -21.74
N ASN A 1425 37.18 2.67 -22.62
CA ASN A 1425 36.41 3.47 -23.55
C ASN A 1425 34.94 3.33 -23.21
N ILE A 1426 34.25 4.47 -23.09
CA ILE A 1426 32.85 4.46 -22.71
C ILE A 1426 32.01 3.97 -23.88
N ASN A 1427 31.09 3.05 -23.61
CA ASN A 1427 30.20 2.50 -24.63
C ASN A 1427 28.79 2.99 -24.36
N PHE A 1428 28.17 3.61 -25.36
CA PHE A 1428 26.78 4.03 -25.28
C PHE A 1428 26.09 3.68 -26.58
N ILE A 1429 24.76 3.61 -26.52
CA ILE A 1429 23.98 3.19 -27.68
C ILE A 1429 24.17 4.17 -28.83
N THR A 1430 24.22 3.63 -30.05
CA THR A 1430 24.30 4.41 -31.26
C THR A 1430 23.25 3.90 -32.24
N LYS A 1431 23.06 4.67 -33.31
CA LYS A 1431 22.13 4.24 -34.35
C LYS A 1431 22.60 2.93 -34.98
N GLU A 1432 23.91 2.80 -35.21
CA GLU A 1432 24.44 1.57 -35.77
C GLU A 1432 24.25 0.39 -34.84
N LYS A 1433 24.42 0.60 -33.53
CA LYS A 1433 24.21 -0.47 -32.57
C LYS A 1433 22.76 -0.94 -32.58
N ILE A 1434 21.82 -0.01 -32.61
CA ILE A 1434 20.42 -0.38 -32.68
C ILE A 1434 20.13 -1.11 -33.99
N LYS A 1435 20.77 -0.69 -35.08
CA LYS A 1435 20.62 -1.40 -36.34
C LYS A 1435 21.09 -2.85 -36.21
N GLN A 1436 22.28 -3.04 -35.64
CA GLN A 1436 22.88 -4.36 -35.58
C GLN A 1436 22.17 -5.29 -34.60
N ILE A 1437 21.60 -4.72 -33.53
CA ILE A 1437 21.07 -5.54 -32.44
C ILE A 1437 19.98 -6.47 -32.95
N PHE A 1438 19.26 -6.07 -34.00
CA PHE A 1438 18.33 -6.97 -34.68
C PHE A 1438 18.69 -7.21 -36.13
N ASN A 1439 19.77 -6.62 -36.65
CA ASN A 1439 20.35 -7.13 -37.87
C ASN A 1439 20.89 -8.53 -37.67
N GLU A 1440 21.34 -8.84 -36.45
CA GLU A 1440 21.91 -10.15 -36.17
C GLU A 1440 20.84 -11.25 -36.17
N PHE A 1441 19.62 -10.94 -35.70
CA PHE A 1441 18.56 -11.93 -35.68
C PHE A 1441 17.97 -12.22 -37.06
N ARG A 1442 18.31 -11.42 -38.06
CA ARG A 1442 17.76 -11.61 -39.39
C ARG A 1442 18.59 -12.58 -40.21
N MET B 1 -60.75 -20.13 4.19
CA MET B 1 -60.10 -19.94 2.90
C MET B 1 -58.69 -19.36 3.08
N ILE B 2 -57.73 -19.91 2.35
CA ILE B 2 -56.35 -19.43 2.40
C ILE B 2 -56.26 -18.11 1.65
N LYS B 3 -55.64 -17.12 2.29
CA LYS B 3 -55.49 -15.80 1.69
C LYS B 3 -54.13 -15.23 2.05
N ASN B 4 -53.65 -14.32 1.20
CA ASN B 4 -52.38 -13.65 1.39
C ASN B 4 -52.63 -12.27 2.00
N ILE B 5 -51.94 -11.98 3.10
CA ILE B 5 -52.10 -10.72 3.82
C ILE B 5 -50.77 -10.00 3.83
N LEU B 6 -50.79 -8.72 3.46
CA LEU B 6 -49.59 -7.88 3.49
C LEU B 6 -49.83 -6.75 4.46
N GLY B 7 -49.02 -6.68 5.51
CA GLY B 7 -49.11 -5.65 6.53
C GLY B 7 -48.00 -4.63 6.34
N LEU B 8 -48.38 -3.36 6.39
CA LEU B 8 -47.47 -2.24 6.22
C LEU B 8 -47.55 -1.32 7.44
N ALA B 9 -46.39 -0.97 7.97
CA ALA B 9 -46.25 -0.02 9.07
C ALA B 9 -45.40 1.12 8.58
N LEU B 10 -46.02 2.29 8.40
CA LEU B 10 -45.35 3.42 7.76
C LEU B 10 -44.90 4.41 8.82
N GLY B 11 -43.61 4.40 9.13
CA GLY B 11 -43.02 5.37 10.02
C GLY B 11 -42.69 6.66 9.30
N THR B 12 -42.02 7.56 10.02
CA THR B 12 -41.61 8.83 9.43
C THR B 12 -40.42 8.66 8.50
N ASN B 13 -39.60 7.64 8.72
CA ASN B 13 -38.48 7.36 7.82
C ASN B 13 -38.31 5.86 7.60
N SER B 14 -39.31 5.06 7.93
CA SER B 14 -39.18 3.62 7.88
C SER B 14 -40.42 3.01 7.24
N ILE B 15 -40.24 1.82 6.67
CA ILE B 15 -41.34 1.04 6.11
C ILE B 15 -41.16 -0.39 6.61
N GLY B 16 -42.05 -0.84 7.49
CA GLY B 16 -42.04 -2.21 7.95
C GLY B 16 -43.06 -3.01 7.16
N TRP B 17 -42.60 -4.10 6.56
CA TRP B 17 -43.46 -4.91 5.72
C TRP B 17 -43.47 -6.35 6.23
N ALA B 18 -44.64 -6.97 6.19
CA ALA B 18 -44.75 -8.37 6.58
C ALA B 18 -45.80 -9.04 5.72
N LEU B 19 -45.39 -10.03 4.93
CA LEU B 19 -46.31 -10.79 4.09
C LEU B 19 -46.48 -12.17 4.69
N VAL B 20 -47.74 -12.58 4.88
CA VAL B 20 -48.08 -13.88 5.45
C VAL B 20 -49.16 -14.53 4.59
N LYS B 21 -49.29 -15.84 4.76
CA LYS B 21 -50.36 -16.61 4.14
C LYS B 21 -51.12 -17.31 5.26
N GLN B 22 -52.45 -17.20 5.24
CA GLN B 22 -53.22 -17.61 6.40
C GLN B 22 -54.65 -17.93 5.99
N ASP B 23 -55.20 -18.98 6.59
CA ASP B 23 -56.62 -19.28 6.51
C ASP B 23 -57.26 -18.89 7.84
N PHE B 24 -58.33 -18.10 7.76
CA PHE B 24 -58.91 -17.52 8.97
C PHE B 24 -59.74 -18.55 9.74
N GLU B 25 -60.42 -19.45 9.03
CA GLU B 25 -61.28 -20.42 9.71
C GLU B 25 -60.47 -21.51 10.39
N ASN B 26 -59.42 -22.01 9.73
CA ASN B 26 -58.70 -23.17 10.23
C ASN B 26 -57.67 -22.82 11.31
N LYS B 27 -57.43 -21.53 11.56
CA LYS B 27 -56.49 -21.09 12.59
C LYS B 27 -55.08 -21.62 12.34
N GLN B 28 -54.65 -21.55 11.09
CA GLN B 28 -53.26 -21.82 10.73
C GLN B 28 -52.79 -20.79 9.73
N GLY B 29 -51.51 -20.46 9.82
CA GLY B 29 -50.91 -19.49 8.92
C GLY B 29 -49.40 -19.59 8.96
N GLU B 30 -48.76 -19.00 7.96
CA GLU B 30 -47.32 -19.06 7.83
C GLU B 30 -46.78 -17.74 7.33
N ILE B 31 -45.72 -17.26 7.99
CA ILE B 31 -45.03 -16.06 7.53
C ILE B 31 -44.31 -16.36 6.23
N LEU B 32 -44.62 -15.59 5.19
CA LEU B 32 -43.79 -15.64 4.00
C LEU B 32 -42.54 -14.79 4.16
N GLY B 33 -42.64 -13.66 4.86
CA GLY B 33 -41.46 -12.88 5.16
C GLY B 33 -41.81 -11.58 5.84
N MET B 34 -40.77 -10.93 6.36
CA MET B 34 -40.88 -9.56 6.83
C MET B 34 -39.54 -8.84 6.67
N GLY B 35 -39.60 -7.52 6.77
CA GLY B 35 -38.40 -6.70 6.71
C GLY B 35 -38.72 -5.29 7.11
N SER B 36 -37.65 -4.50 7.25
CA SER B 36 -37.78 -3.10 7.66
C SER B 36 -36.82 -2.27 6.82
N ARG B 37 -37.36 -1.55 5.85
CA ARG B 37 -36.57 -0.68 5.00
C ARG B 37 -36.45 0.70 5.65
N ILE B 38 -35.23 1.20 5.77
CA ILE B 38 -34.96 2.43 6.50
C ILE B 38 -34.44 3.46 5.52
N ILE B 39 -35.08 4.63 5.50
CA ILE B 39 -34.62 5.76 4.70
C ILE B 39 -33.75 6.65 5.58
N PRO B 40 -32.44 6.53 5.50
CA PRO B 40 -31.58 7.27 6.44
C PRO B 40 -31.54 8.75 6.14
N MET B 41 -31.65 9.54 7.20
CA MET B 41 -31.55 10.99 7.10
C MET B 41 -31.31 11.54 8.50
N SER B 42 -30.70 12.73 8.55
CA SER B 42 -30.15 13.23 9.79
C SER B 42 -31.25 13.47 10.82
N GLN B 43 -30.91 13.23 12.09
CA GLN B 43 -31.86 13.42 13.19
C GLN B 43 -32.30 14.87 13.31
N ASP B 44 -31.51 15.82 12.80
CA ASP B 44 -31.97 17.21 12.78
C ASP B 44 -33.20 17.36 11.91
N ILE B 45 -33.24 16.69 10.77
CA ILE B 45 -34.42 16.71 9.91
C ILE B 45 -35.60 16.06 10.61
N LEU B 46 -35.35 14.97 11.32
CA LEU B 46 -36.43 14.32 12.07
C LEU B 46 -37.00 15.25 13.13
N GLY B 47 -36.13 15.96 13.85
CA GLY B 47 -36.61 16.89 14.86
C GLY B 47 -37.37 18.05 14.26
N ASP B 48 -36.86 18.63 13.18
CA ASP B 48 -37.53 19.76 12.55
C ASP B 48 -38.89 19.36 11.99
N PHE B 49 -38.95 18.20 11.34
CA PHE B 49 -40.23 17.72 10.82
C PHE B 49 -41.22 17.44 11.94
N GLY B 50 -40.74 16.82 13.03
CA GLY B 50 -41.61 16.57 14.17
C GLY B 50 -42.17 17.85 14.76
N LYS B 51 -41.34 18.89 14.83
CA LYS B 51 -41.80 20.21 15.23
C LYS B 51 -42.42 20.98 14.08
N GLY B 52 -42.37 20.44 12.85
CA GLY B 52 -42.96 21.11 11.71
C GLY B 52 -42.29 22.41 11.34
N ASN B 53 -40.97 22.50 11.47
CA ASN B 53 -40.25 23.74 11.18
C ASN B 53 -39.84 23.82 9.71
N SER B 54 -40.81 23.61 8.82
CA SER B 54 -40.65 23.83 7.38
C SER B 54 -39.42 23.12 6.82
N VAL B 55 -39.47 21.79 6.87
CA VAL B 55 -38.42 20.99 6.24
C VAL B 55 -38.46 21.20 4.74
N SER B 56 -37.28 21.37 4.13
CA SER B 56 -37.18 21.67 2.71
C SER B 56 -36.11 20.80 2.08
N GLN B 57 -36.22 20.62 0.77
CA GLN B 57 -35.30 19.78 0.00
C GLN B 57 -34.49 20.57 -1.00
N THR B 58 -35.16 21.37 -1.85
CA THR B 58 -34.50 22.07 -2.95
C THR B 58 -34.26 23.55 -2.65
N ALA B 59 -34.43 23.98 -1.41
CA ALA B 59 -34.31 25.40 -1.09
C ALA B 59 -32.90 25.90 -1.35
N GLU B 60 -31.90 25.21 -0.82
CA GLU B 60 -30.52 25.63 -1.02
C GLU B 60 -30.11 25.52 -2.49
N ARG B 61 -30.60 24.50 -3.19
CA ARG B 61 -30.31 24.39 -4.63
C ARG B 61 -30.85 25.59 -5.39
N THR B 62 -32.08 26.00 -5.08
CA THR B 62 -32.65 27.18 -5.73
C THR B 62 -31.89 28.44 -5.36
N LYS B 63 -31.43 28.53 -4.11
CA LYS B 63 -30.62 29.68 -3.71
C LYS B 63 -29.36 29.79 -4.56
N TYR B 64 -28.62 28.68 -4.68
CA TYR B 64 -27.42 28.68 -5.48
C TYR B 64 -27.74 29.00 -6.93
N ARG B 65 -28.85 28.46 -7.44
CA ARG B 65 -29.22 28.73 -8.83
C ARG B 65 -29.49 30.20 -9.06
N SER B 66 -30.17 30.86 -8.11
CA SER B 66 -30.45 32.28 -8.26
C SER B 66 -29.16 33.11 -8.26
N VAL B 67 -28.23 32.76 -7.37
CA VAL B 67 -26.94 33.46 -7.37
C VAL B 67 -26.25 33.31 -8.72
N ARG B 68 -26.21 32.08 -9.24
CA ARG B 68 -25.60 31.85 -10.54
C ARG B 68 -26.33 32.63 -11.63
N ARG B 69 -27.65 32.73 -11.53
CA ARG B 69 -28.44 33.45 -12.52
C ARG B 69 -28.02 34.91 -12.58
N LEU B 70 -27.89 35.55 -11.42
CA LEU B 70 -27.47 36.95 -11.40
C LEU B 70 -26.08 37.10 -12.02
N ARG B 71 -25.15 36.22 -11.64
CA ARG B 71 -23.80 36.31 -12.19
C ARG B 71 -23.81 36.17 -13.71
N GLU B 72 -24.54 35.17 -14.22
CA GLU B 72 -24.56 34.91 -15.65
C GLU B 72 -25.18 36.07 -16.41
N ARG B 73 -26.25 36.67 -15.86
CA ARG B 73 -26.87 37.80 -16.54
C ARG B 73 -25.93 38.99 -16.59
N PHE B 74 -25.17 39.23 -15.51
CA PHE B 74 -24.18 40.30 -15.57
C PHE B 74 -23.15 40.03 -16.66
N LEU B 75 -22.67 38.79 -16.73
CA LEU B 75 -21.69 38.45 -17.76
C LEU B 75 -22.25 38.68 -19.15
N LEU B 76 -23.50 38.27 -19.37
CA LEU B 76 -24.12 38.45 -20.68
C LEU B 76 -24.24 39.93 -21.03
N ARG B 77 -24.60 40.76 -20.04
CA ARG B 77 -24.65 42.19 -20.29
C ARG B 77 -23.28 42.73 -20.70
N ARG B 78 -22.23 42.28 -20.03
CA ARG B 78 -20.89 42.73 -20.40
C ARG B 78 -20.55 42.32 -21.83
N GLU B 79 -20.88 41.08 -22.21
CA GLU B 79 -20.57 40.63 -23.57
C GLU B 79 -21.31 41.45 -24.61
N ARG B 80 -22.59 41.73 -24.37
CA ARG B 80 -23.35 42.52 -25.33
C ARG B 80 -22.78 43.93 -25.44
N LEU B 81 -22.39 44.51 -24.31
CA LEU B 81 -21.73 45.81 -24.35
C LEU B 81 -20.44 45.76 -25.16
N HIS B 82 -19.67 44.69 -24.98
CA HIS B 82 -18.43 44.52 -25.74
C HIS B 82 -18.71 44.50 -27.24
N ARG B 83 -19.71 43.72 -27.65
CA ARG B 83 -20.02 43.60 -29.06
C ARG B 83 -20.43 44.95 -29.65
N VAL B 84 -21.33 45.66 -28.95
CA VAL B 84 -21.81 46.93 -29.48
C VAL B 84 -20.66 47.93 -29.57
N LEU B 85 -19.82 47.99 -28.54
CA LEU B 85 -18.70 48.94 -28.57
C LEU B 85 -17.72 48.58 -29.67
N TYR B 86 -17.49 47.30 -29.91
CA TYR B 86 -16.58 46.90 -30.99
C TYR B 86 -17.11 47.33 -32.35
N ILE B 87 -18.41 47.11 -32.59
CA ILE B 87 -18.97 47.55 -33.87
C ILE B 87 -18.90 49.06 -33.99
N LEU B 88 -19.12 49.78 -32.89
CA LEU B 88 -18.91 51.22 -32.90
C LEU B 88 -17.44 51.60 -32.83
N ASN B 89 -16.54 50.61 -32.76
CA ASN B 89 -15.10 50.84 -32.77
C ASN B 89 -14.67 51.76 -31.63
N PHE B 90 -15.17 51.46 -30.43
CA PHE B 90 -14.76 52.19 -29.25
C PHE B 90 -13.72 51.46 -28.42
N LEU B 91 -13.66 50.14 -28.51
CA LEU B 91 -12.70 49.37 -27.73
C LEU B 91 -11.28 49.67 -28.19
N PRO B 92 -10.31 49.69 -27.27
CA PRO B 92 -8.91 49.81 -27.68
C PRO B 92 -8.46 48.58 -28.44
N GLU B 93 -7.43 48.77 -29.26
CA GLU B 93 -7.03 47.75 -30.23
C GLU B 93 -6.63 46.45 -29.55
N HIS B 94 -5.84 46.51 -28.48
CA HIS B 94 -5.41 45.28 -27.83
C HIS B 94 -6.57 44.59 -27.13
N TYR B 95 -7.46 45.36 -26.52
CA TYR B 95 -8.61 44.78 -25.85
C TYR B 95 -9.50 44.04 -26.83
N ALA B 96 -9.81 44.67 -27.97
CA ALA B 96 -10.63 44.01 -28.98
C ALA B 96 -9.90 42.80 -29.57
N SER B 97 -8.59 42.91 -29.78
CA SER B 97 -7.82 41.78 -30.30
C SER B 97 -7.77 40.62 -29.32
N GLN B 98 -7.99 40.88 -28.02
CA GLN B 98 -8.00 39.83 -27.02
C GLN B 98 -9.39 39.23 -26.79
N ILE B 99 -10.39 39.64 -27.57
CA ILE B 99 -11.77 39.21 -27.38
C ILE B 99 -12.26 38.56 -28.66
N ASP B 100 -12.87 37.40 -28.52
CA ASP B 100 -13.49 36.72 -29.66
C ASP B 100 -14.69 37.51 -30.16
N PHE B 101 -14.91 37.46 -31.47
CA PHE B 101 -16.06 38.13 -32.08
C PHE B 101 -16.71 37.30 -33.17
N GLU B 102 -16.32 36.05 -33.37
CA GLU B 102 -16.81 35.25 -34.48
C GLU B 102 -17.59 34.02 -34.07
N LYS B 103 -17.13 33.29 -33.05
CA LYS B 103 -17.84 32.10 -32.57
C LYS B 103 -18.37 32.30 -31.16
N ARG B 104 -17.50 32.64 -30.20
CA ARG B 104 -17.92 32.99 -28.84
C ARG B 104 -17.98 34.51 -28.80
N LEU B 105 -19.15 35.06 -29.12
CA LEU B 105 -19.28 36.49 -29.34
C LEU B 105 -19.03 37.25 -28.04
N GLY B 106 -18.10 38.20 -28.09
CA GLY B 106 -17.85 39.10 -26.99
C GLY B 106 -17.15 38.50 -25.79
N LYS B 107 -16.81 37.22 -25.82
CA LYS B 107 -16.16 36.58 -24.69
C LYS B 107 -14.65 36.76 -24.77
N PHE B 108 -14.02 36.81 -23.60
CA PHE B 108 -12.57 36.91 -23.55
C PHE B 108 -11.94 35.69 -24.18
N LYS B 109 -10.82 35.89 -24.86
CA LYS B 109 -10.05 34.78 -25.38
C LYS B 109 -9.50 33.94 -24.23
N VAL B 110 -9.36 32.63 -24.48
CA VAL B 110 -9.06 31.70 -23.40
C VAL B 110 -7.71 32.05 -22.76
N GLU B 111 -7.68 31.96 -21.43
CA GLU B 111 -6.47 32.22 -20.64
C GLU B 111 -5.93 33.63 -20.88
N THR B 112 -6.84 34.58 -21.08
CA THR B 112 -6.48 35.98 -21.24
C THR B 112 -7.22 36.80 -20.20
N GLU B 113 -6.50 37.71 -19.54
CA GLU B 113 -7.07 38.57 -18.50
C GLU B 113 -6.70 40.00 -18.83
N PRO B 114 -7.36 40.59 -19.82
CA PRO B 114 -6.97 41.93 -20.28
C PRO B 114 -7.58 43.03 -19.42
N LYS B 115 -6.81 44.08 -19.23
CA LYS B 115 -7.26 45.29 -18.57
C LYS B 115 -7.37 46.40 -19.62
N LEU B 116 -8.51 47.10 -19.63
CA LEU B 116 -8.74 48.08 -20.68
C LEU B 116 -7.76 49.23 -20.60
N VAL B 117 -7.42 49.69 -19.40
CA VAL B 117 -6.58 50.87 -19.24
C VAL B 117 -5.12 50.47 -19.09
N TRP B 118 -4.80 49.22 -19.41
CA TRP B 118 -3.44 48.73 -19.27
C TRP B 118 -2.97 48.12 -20.57
N LYS B 119 -1.77 48.50 -21.01
CA LYS B 119 -1.16 47.96 -22.21
C LYS B 119 0.16 47.30 -21.84
N ASN B 120 0.38 46.09 -22.34
CA ASN B 120 1.58 45.32 -22.06
C ASN B 120 2.54 45.41 -23.24
N THR B 121 3.79 45.78 -22.96
CA THR B 121 4.84 45.86 -23.97
C THR B 121 6.09 45.24 -23.37
N ASP B 122 6.50 44.10 -23.92
CA ASP B 122 7.64 43.34 -23.39
C ASP B 122 7.45 42.99 -21.92
N GLY B 123 6.20 42.65 -21.55
CA GLY B 123 5.88 42.35 -20.17
C GLY B 123 5.81 43.55 -19.26
N GLN B 124 5.90 44.75 -19.80
CA GLN B 124 5.86 45.98 -19.02
C GLN B 124 4.50 46.62 -19.19
N PHE B 125 3.83 46.89 -18.08
CA PHE B 125 2.47 47.41 -18.11
C PHE B 125 2.48 48.93 -18.02
N SER B 126 1.72 49.57 -18.91
CA SER B 126 1.65 51.02 -18.99
C SER B 126 0.20 51.47 -18.98
N PHE B 127 -0.03 52.63 -18.38
CA PHE B 127 -1.34 53.25 -18.37
C PHE B 127 -1.73 53.67 -19.78
N LEU B 128 -3.03 53.87 -19.99
CA LEU B 128 -3.54 54.17 -21.32
C LEU B 128 -4.17 55.56 -21.44
N PHE B 129 -4.33 56.28 -20.33
CA PHE B 129 -5.04 57.56 -20.32
C PHE B 129 -4.22 58.62 -19.61
N GLN B 130 -2.94 58.74 -20.01
CA GLN B 130 -2.02 59.61 -19.31
C GLN B 130 -2.48 61.07 -19.30
N ASN B 131 -3.19 61.50 -20.34
CA ASN B 131 -3.64 62.89 -20.39
C ASN B 131 -4.66 63.18 -19.29
N SER B 132 -5.68 62.34 -19.18
CA SER B 132 -6.66 62.51 -18.11
C SER B 132 -6.01 62.30 -16.74
N PHE B 133 -5.02 61.42 -16.65
CA PHE B 133 -4.30 61.26 -15.40
C PHE B 133 -3.59 62.55 -15.01
N ASN B 134 -2.92 63.20 -15.96
CA ASN B 134 -2.26 64.47 -15.65
C ASN B 134 -3.28 65.53 -15.29
N GLU B 135 -4.44 65.51 -15.94
CA GLU B 135 -5.52 66.42 -15.54
C GLU B 135 -5.92 66.20 -14.10
N MET B 136 -6.07 64.94 -13.68
CA MET B 136 -6.39 64.66 -12.29
C MET B 136 -5.29 65.12 -11.34
N LEU B 137 -4.02 64.92 -11.73
CA LEU B 137 -2.93 65.41 -10.89
C LEU B 137 -2.99 66.92 -10.71
N GLU B 138 -3.25 67.64 -11.80
CA GLU B 138 -3.37 69.09 -11.68
C GLU B 138 -4.56 69.47 -10.80
N ASP B 139 -5.68 68.76 -10.94
CA ASP B 139 -6.85 69.05 -10.14
C ASP B 139 -6.58 68.81 -8.66
N PHE B 140 -5.94 67.70 -8.33
CA PHE B 140 -5.63 67.40 -6.94
C PHE B 140 -4.60 68.39 -6.38
N LYS B 141 -3.65 68.81 -7.21
CA LYS B 141 -2.72 69.85 -6.79
C LYS B 141 -3.46 71.14 -6.46
N ALA B 142 -4.45 71.50 -7.29
CA ALA B 142 -5.29 72.65 -6.97
C ALA B 142 -6.03 72.44 -5.66
N ALA B 143 -6.55 71.23 -5.44
CA ALA B 143 -7.25 70.92 -4.20
C ALA B 143 -6.34 70.97 -2.98
N GLY B 144 -5.02 70.87 -3.19
CA GLY B 144 -4.07 70.87 -2.11
C GLY B 144 -3.56 69.51 -1.69
N GLN B 145 -4.20 68.43 -2.14
CA GLN B 145 -3.71 67.10 -1.82
C GLN B 145 -2.34 66.88 -2.47
N GLU B 146 -1.48 66.15 -1.78
CA GLU B 146 -0.05 66.20 -2.06
C GLU B 146 0.35 65.69 -3.44
N LEU B 147 0.26 64.38 -3.70
CA LEU B 147 0.78 63.80 -4.94
C LEU B 147 0.57 62.29 -4.97
N LYS B 148 1.08 61.65 -6.02
CA LYS B 148 1.26 60.20 -6.12
C LYS B 148 -0.02 59.44 -5.77
N ILE B 149 -1.07 59.78 -6.50
CA ILE B 149 -2.38 59.14 -6.41
C ILE B 149 -2.41 57.93 -7.33
N PRO B 150 -3.28 56.95 -7.08
CA PRO B 150 -3.31 55.76 -7.95
C PRO B 150 -3.71 56.11 -9.37
N TYR B 151 -3.23 55.30 -10.31
CA TYR B 151 -3.55 55.52 -11.71
C TYR B 151 -5.04 55.37 -11.98
N ASP B 152 -5.67 54.38 -11.35
CA ASP B 152 -7.03 53.98 -11.73
C ASP B 152 -8.11 54.86 -11.13
N TRP B 153 -7.76 55.88 -10.36
CA TRP B 153 -8.78 56.84 -9.96
C TRP B 153 -9.30 57.64 -11.13
N THR B 154 -8.64 57.56 -12.29
CA THR B 154 -8.99 58.41 -13.43
C THR B 154 -10.43 58.23 -13.87
N ILE B 155 -11.03 57.08 -13.54
CA ILE B 155 -12.39 56.81 -13.96
C ILE B 155 -13.34 57.88 -13.43
N TYR B 156 -13.13 58.33 -12.18
CA TYR B 156 -14.04 59.31 -11.61
C TYR B 156 -13.81 60.71 -12.16
N HIS B 157 -12.57 61.05 -12.48
CA HIS B 157 -12.34 62.32 -13.18
C HIS B 157 -13.01 62.32 -14.54
N LEU B 158 -12.95 61.18 -15.25
CA LEU B 158 -13.67 61.08 -16.51
C LEU B 158 -15.16 61.23 -16.31
N ARG B 159 -15.72 60.55 -15.29
CA ARG B 159 -17.15 60.60 -15.07
C ARG B 159 -17.63 62.01 -14.76
N LYS B 160 -16.89 62.73 -13.92
CA LYS B 160 -17.24 64.14 -13.68
C LYS B 160 -17.06 64.97 -14.94
N LYS B 161 -15.96 64.74 -15.67
CA LYS B 161 -15.68 65.53 -16.86
C LYS B 161 -16.70 65.28 -17.96
N ALA B 162 -17.14 64.04 -18.12
CA ALA B 162 -18.05 63.70 -19.21
C ALA B 162 -19.39 64.40 -19.08
N ILE B 163 -19.72 64.92 -17.89
CA ILE B 163 -20.98 65.62 -17.71
C ILE B 163 -21.01 66.90 -18.53
N SER B 164 -19.87 67.58 -18.65
CA SER B 164 -19.82 68.87 -19.31
C SER B 164 -18.80 68.98 -20.44
N GLN B 165 -17.84 68.07 -20.52
CA GLN B 165 -16.79 68.17 -21.53
C GLN B 165 -16.77 66.93 -22.42
N LYS B 166 -15.77 66.85 -23.27
CA LYS B 166 -15.59 65.75 -24.20
C LYS B 166 -14.54 64.79 -23.66
N ILE B 167 -14.77 63.48 -23.84
CA ILE B 167 -13.85 62.46 -23.41
C ILE B 167 -13.60 61.50 -24.56
N GLU B 168 -12.49 60.77 -24.48
CA GLU B 168 -12.09 59.88 -25.56
C GLU B 168 -12.99 58.65 -25.61
N LYS B 169 -13.04 58.04 -26.79
CA LYS B 169 -13.94 56.90 -27.00
C LYS B 169 -13.60 55.73 -26.09
N GLU B 170 -12.31 55.45 -25.89
CA GLU B 170 -11.93 54.39 -24.97
C GLU B 170 -12.34 54.74 -23.55
N GLU B 171 -12.26 56.03 -23.18
CA GLU B 171 -12.74 56.45 -21.88
C GLU B 171 -14.25 56.22 -21.76
N LEU B 172 -14.99 56.46 -22.84
CA LEU B 172 -16.43 56.21 -22.85
C LEU B 172 -16.71 54.73 -22.67
N ALA B 173 -15.94 53.87 -23.34
CA ALA B 173 -16.13 52.42 -23.17
C ALA B 173 -15.83 52.02 -21.73
N TRP B 174 -14.77 52.58 -21.14
CA TRP B 174 -14.44 52.29 -19.75
C TRP B 174 -15.59 52.69 -18.83
N ILE B 175 -16.15 53.88 -19.05
CA ILE B 175 -17.23 54.34 -18.19
C ILE B 175 -18.45 53.45 -18.33
N LEU B 176 -18.79 53.05 -19.55
CA LEU B 176 -19.95 52.17 -19.74
C LEU B 176 -19.73 50.82 -19.08
N LEU B 177 -18.55 50.23 -19.27
CA LEU B 177 -18.29 48.94 -18.65
C LEU B 177 -18.23 49.05 -17.13
N ASN B 178 -17.91 50.23 -16.60
CA ASN B 178 -17.97 50.43 -15.16
C ASN B 178 -19.41 50.54 -14.69
N PHE B 179 -20.25 51.27 -15.43
CA PHE B 179 -21.66 51.38 -15.07
C PHE B 179 -22.35 50.04 -15.10
N ASN B 180 -21.89 49.13 -15.96
CA ASN B 180 -22.48 47.80 -15.98
C ASN B 180 -22.31 47.08 -14.64
N HIS B 181 -21.36 47.50 -13.81
CA HIS B 181 -21.02 46.76 -12.60
C HIS B 181 -22.06 46.94 -11.51
N LYS B 182 -22.50 48.17 -11.27
CA LYS B 182 -23.19 48.54 -10.03
C LYS B 182 -24.53 49.20 -10.33
N ARG B 183 -25.34 48.52 -11.15
CA ARG B 183 -26.65 49.00 -11.58
C ARG B 183 -27.46 49.70 -10.51
N GLY B 184 -27.47 49.18 -9.29
CA GLY B 184 -28.19 49.80 -8.20
C GLY B 184 -29.48 49.08 -7.86
N TYR B 185 -30.13 49.56 -6.80
CA TYR B 185 -31.32 48.92 -6.27
C TYR B 185 -32.58 49.42 -6.97
N TYR B 186 -33.47 48.49 -7.29
CA TYR B 186 -34.71 48.77 -7.99
C TYR B 186 -35.86 48.24 -7.14
N GLN B 187 -36.44 49.12 -6.32
CA GLN B 187 -37.46 48.69 -5.38
C GLN B 187 -38.73 48.24 -6.10
N LEU B 188 -39.38 47.23 -5.54
CA LEU B 188 -40.58 46.65 -6.10
C LEU B 188 -41.79 47.08 -5.28
N ARG B 189 -42.97 46.60 -5.70
CA ARG B 189 -44.22 46.97 -5.06
C ARG B 189 -44.28 46.42 -3.64
N GLY B 190 -44.87 47.21 -2.73
CA GLY B 190 -45.09 46.78 -1.37
C GLY B 190 -44.12 47.33 -0.35
N GLU B 191 -43.19 48.19 -0.74
CA GLU B 191 -42.24 48.79 0.18
C GLU B 191 -42.17 50.29 -0.05
N ASP B 192 -41.84 51.02 1.01
CA ASP B 192 -41.79 52.48 0.98
C ASP B 192 -40.36 53.00 1.06
N PHE B 193 -39.62 52.61 2.10
CA PHE B 193 -38.22 52.96 2.34
C PHE B 193 -38.02 54.45 2.59
N GLU B 194 -39.08 55.26 2.53
CA GLU B 194 -39.02 56.67 2.88
C GLU B 194 -39.76 56.98 4.17
N GLU B 195 -40.76 56.18 4.52
CA GLU B 195 -41.43 56.29 5.80
C GLU B 195 -40.59 55.61 6.88
N GLU B 196 -41.14 55.49 8.08
CA GLU B 196 -40.45 54.90 9.23
C GLU B 196 -39.13 55.64 9.48
N LYS B 197 -39.24 56.96 9.58
CA LYS B 197 -38.08 57.83 9.78
C LYS B 197 -37.68 57.94 11.24
N ASP B 198 -38.27 57.13 12.12
CA ASP B 198 -37.85 57.11 13.52
C ASP B 198 -36.39 56.68 13.64
N LYS B 199 -35.99 55.68 12.86
CA LYS B 199 -34.62 55.18 12.86
C LYS B 199 -33.87 55.79 11.69
N THR B 200 -32.78 56.50 11.98
CA THR B 200 -31.96 57.12 10.95
C THR B 200 -30.48 56.86 11.25
N PHE B 201 -29.68 56.86 10.20
CA PHE B 201 -28.23 56.73 10.32
C PHE B 201 -27.62 58.13 10.39
N VAL B 202 -26.88 58.39 11.47
CA VAL B 202 -26.36 59.73 11.73
C VAL B 202 -24.94 59.61 12.28
N ARG B 203 -24.14 60.64 11.99
CA ARG B 203 -22.78 60.76 12.49
C ARG B 203 -22.75 61.89 13.51
N LEU B 204 -22.36 61.59 14.75
CA LEU B 204 -22.29 62.57 15.82
C LEU B 204 -20.90 62.54 16.45
N LYS B 205 -20.40 63.72 16.79
CA LYS B 205 -19.09 63.87 17.42
C LYS B 205 -19.26 64.23 18.89
N VAL B 206 -18.51 63.53 19.75
CA VAL B 206 -18.59 63.79 21.19
C VAL B 206 -18.09 65.20 21.49
N ASP B 207 -18.82 65.91 22.34
CA ASP B 207 -18.47 67.28 22.71
C ASP B 207 -17.74 67.35 24.04
N ARG B 208 -18.35 66.84 25.11
CA ARG B 208 -17.73 66.91 26.43
C ARG B 208 -18.31 65.80 27.29
N ILE B 209 -17.57 65.47 28.35
CA ILE B 209 -17.98 64.44 29.30
C ILE B 209 -17.84 65.01 30.70
N VAL B 210 -18.90 64.91 31.50
CA VAL B 210 -18.92 65.38 32.87
C VAL B 210 -19.39 64.24 33.76
N ASP B 211 -18.96 64.26 35.01
CA ASP B 211 -19.38 63.24 35.96
C ASP B 211 -20.88 63.36 36.24
N SER B 212 -21.55 62.23 36.35
CA SER B 212 -22.98 62.19 36.63
C SER B 212 -23.30 62.09 38.11
N GLY B 213 -22.30 62.05 38.98
CA GLY B 213 -22.52 61.96 40.40
C GLY B 213 -22.83 60.57 40.93
N GLU B 214 -22.80 59.55 40.08
CA GLU B 214 -23.09 58.18 40.48
C GLU B 214 -21.80 57.36 40.52
N ASN B 215 -21.89 56.20 41.16
CA ASN B 215 -20.73 55.32 41.33
C ASN B 215 -21.21 53.94 41.72
N VAL B 216 -20.70 52.92 41.02
CA VAL B 216 -20.88 51.52 41.41
C VAL B 216 -19.53 50.83 41.32
N LYS B 217 -19.25 49.95 42.29
CA LYS B 217 -18.01 49.17 42.32
C LYS B 217 -16.78 50.06 42.28
N GLY B 218 -16.86 51.22 42.95
CA GLY B 218 -15.74 52.13 42.98
C GLY B 218 -15.44 52.79 41.65
N LYS B 219 -16.40 52.82 40.73
CA LYS B 219 -16.22 53.40 39.41
C LYS B 219 -17.30 54.45 39.20
N ILE B 220 -16.87 55.69 38.94
CA ILE B 220 -17.81 56.79 38.81
C ILE B 220 -18.44 56.74 37.42
N LEU B 221 -19.77 56.69 37.38
CA LEU B 221 -20.48 56.60 36.11
C LEU B 221 -20.58 57.98 35.47
N TYR B 222 -20.18 58.08 34.20
CA TYR B 222 -20.18 59.32 33.46
C TYR B 222 -21.23 59.27 32.36
N ASP B 223 -21.57 60.45 31.85
CA ASP B 223 -22.47 60.59 30.71
C ASP B 223 -21.81 61.45 29.65
N VAL B 224 -22.26 61.28 28.41
CA VAL B 224 -21.63 61.89 27.24
C VAL B 224 -22.61 62.86 26.60
N TYR B 225 -22.12 64.06 26.29
CA TYR B 225 -22.88 65.08 25.58
C TYR B 225 -22.22 65.34 24.23
N PHE B 226 -23.03 65.72 23.25
CA PHE B 226 -22.57 65.86 21.88
C PHE B 226 -22.71 67.30 21.42
N GLU B 227 -21.96 67.62 20.37
CA GLU B 227 -21.89 69.00 19.87
C GLU B 227 -23.23 69.52 19.39
N ASN B 228 -24.16 68.62 19.04
CA ASN B 228 -25.48 69.01 18.57
C ASN B 228 -26.55 68.92 19.65
N GLY B 229 -26.14 68.82 20.92
CA GLY B 229 -27.08 68.80 22.03
C GLY B 229 -27.67 67.45 22.35
N TRP B 230 -27.32 66.41 21.60
CA TRP B 230 -27.88 65.08 21.82
C TRP B 230 -27.07 64.35 22.89
N LYS B 231 -27.78 63.75 23.84
CA LYS B 231 -27.17 63.06 24.97
C LYS B 231 -27.37 61.56 24.82
N TYR B 232 -26.31 60.79 25.06
CA TYR B 232 -26.41 59.35 24.99
C TYR B 232 -27.29 58.83 26.12
N ASP B 233 -28.10 57.82 25.82
CA ASP B 233 -29.23 57.46 26.67
C ASP B 233 -28.82 56.89 28.02
N LYS B 234 -27.59 56.39 28.17
CA LYS B 234 -27.20 55.73 29.41
C LYS B 234 -25.92 56.31 29.99
N GLN B 235 -25.37 55.64 31.00
CA GLN B 235 -24.15 56.05 31.66
C GLN B 235 -23.00 55.16 31.24
N VAL B 236 -21.78 55.71 31.33
CA VAL B 236 -20.57 55.00 30.92
C VAL B 236 -19.53 55.11 32.02
N VAL B 237 -18.57 54.18 31.98
CA VAL B 237 -17.45 54.19 32.91
C VAL B 237 -16.14 54.57 32.25
N LYS B 238 -15.83 54.02 31.08
CA LYS B 238 -14.62 54.37 30.36
C LYS B 238 -14.74 55.79 29.79
N THR B 239 -13.59 56.45 29.67
CA THR B 239 -13.52 57.82 29.19
C THR B 239 -12.71 57.97 27.90
N GLU B 240 -11.62 57.21 27.75
CA GLU B 240 -10.73 57.39 26.62
C GLU B 240 -11.38 57.05 25.29
N ASP B 241 -12.44 56.24 25.29
CA ASP B 241 -13.08 55.82 24.05
C ASP B 241 -13.90 56.93 23.41
N TRP B 242 -14.30 57.94 24.19
CA TRP B 242 -15.18 58.99 23.71
C TRP B 242 -14.54 60.37 23.65
N VAL B 243 -13.41 60.58 24.32
CA VAL B 243 -12.81 61.91 24.39
C VAL B 243 -12.30 62.30 23.01
N ASP B 244 -12.88 63.36 22.45
CA ASP B 244 -12.45 63.92 21.16
C ASP B 244 -12.47 62.86 20.06
N ARG B 245 -13.53 62.04 20.04
CA ARG B 245 -13.65 60.97 19.07
C ARG B 245 -15.09 60.88 18.59
N THR B 246 -15.26 60.40 17.36
CA THR B 246 -16.55 60.33 16.70
C THR B 246 -17.13 58.93 16.85
N LYS B 247 -18.46 58.86 16.97
CA LYS B 247 -19.17 57.61 17.12
C LYS B 247 -20.27 57.49 16.08
N GLU B 248 -20.55 56.24 15.68
CA GLU B 248 -21.59 55.94 14.71
C GLU B 248 -22.75 55.26 15.42
N PHE B 249 -23.90 55.92 15.42
CA PHE B 249 -25.12 55.39 16.00
C PHE B 249 -26.29 55.55 15.02
N ILE B 250 -27.31 54.73 15.23
CA ILE B 250 -28.61 54.90 14.59
C ILE B 250 -29.60 55.23 15.70
N VAL B 251 -30.26 56.37 15.59
CA VAL B 251 -31.13 56.89 16.63
C VAL B 251 -32.56 56.55 16.27
N SER B 252 -33.27 55.92 17.20
CA SER B 252 -34.69 55.61 17.05
C SER B 252 -35.46 56.59 17.92
N GLU B 253 -36.00 57.63 17.30
CA GLU B 253 -36.76 58.64 18.02
C GLU B 253 -38.07 58.07 18.53
N SER B 254 -38.39 58.35 19.79
CA SER B 254 -39.62 57.87 20.41
C SER B 254 -40.15 58.95 21.33
N ILE B 255 -41.30 59.52 20.99
CA ILE B 255 -41.91 60.59 21.77
C ILE B 255 -42.77 59.97 22.86
N LEU B 256 -42.52 60.35 24.11
CA LEU B 256 -43.24 59.79 25.24
C LEU B 256 -44.57 60.51 25.43
N LYS B 257 -45.25 60.24 26.55
CA LYS B 257 -46.53 60.87 26.82
C LYS B 257 -46.38 62.38 27.04
N ASN B 258 -45.33 62.77 27.75
CA ASN B 258 -45.07 64.19 28.02
C ASN B 258 -44.41 64.91 26.87
N GLY B 259 -44.39 64.32 25.67
CA GLY B 259 -43.79 64.96 24.51
C GLY B 259 -42.29 64.81 24.40
N GLU B 260 -41.65 64.09 25.31
CA GLU B 260 -40.20 63.92 25.27
C GLU B 260 -39.84 62.89 24.21
N THR B 261 -39.14 63.34 23.17
CA THR B 261 -38.69 62.45 22.09
C THR B 261 -37.46 61.71 22.60
N LYS B 262 -37.68 60.52 23.17
CA LYS B 262 -36.59 59.75 23.73
C LYS B 262 -35.67 59.26 22.62
N ARG B 263 -34.41 59.68 22.67
CA ARG B 263 -33.41 59.29 21.70
C ARG B 263 -32.72 58.02 22.16
N THR B 264 -32.92 56.93 21.43
CA THR B 264 -32.34 55.64 21.76
C THR B 264 -31.21 55.34 20.79
N PHE B 265 -30.02 55.10 21.33
CA PHE B 265 -28.83 54.88 20.52
C PHE B 265 -28.50 53.39 20.48
N LYS B 266 -28.21 52.89 19.28
CA LYS B 266 -27.82 51.50 19.10
C LYS B 266 -26.65 51.44 18.12
N ALA B 267 -25.77 50.49 18.34
CA ALA B 267 -24.61 50.32 17.47
C ALA B 267 -25.06 49.99 16.05
N VAL B 268 -24.45 50.64 15.08
CA VAL B 268 -24.79 50.44 13.68
C VAL B 268 -23.99 49.26 13.14
N ASP B 269 -24.68 48.37 12.43
CA ASP B 269 -24.03 47.24 11.78
C ASP B 269 -24.66 47.07 10.41
N SER B 270 -23.86 47.22 9.36
CA SER B 270 -24.38 47.14 8.01
C SER B 270 -24.88 45.73 7.70
N GLU B 271 -25.47 45.59 6.51
CA GLU B 271 -26.02 44.37 5.95
C GLU B 271 -27.32 43.91 6.62
N LYS B 272 -27.75 44.54 7.71
CA LYS B 272 -29.05 44.22 8.29
C LYS B 272 -29.97 45.43 8.30
N ASP B 273 -29.54 46.56 8.85
CA ASP B 273 -30.34 47.79 8.85
C ASP B 273 -29.86 48.74 7.75
N TRP B 274 -29.91 48.24 6.53
CA TRP B 274 -29.42 48.99 5.38
C TRP B 274 -30.38 50.06 4.90
N ILE B 275 -31.63 50.06 5.34
CA ILE B 275 -32.58 51.07 4.90
C ILE B 275 -32.13 52.46 5.34
N ALA B 276 -31.74 52.58 6.61
CA ALA B 276 -31.35 53.89 7.14
C ALA B 276 -30.10 54.41 6.46
N ILE B 277 -29.10 53.56 6.28
CA ILE B 277 -27.85 54.01 5.66
C ILE B 277 -28.08 54.34 4.19
N LYS B 278 -28.93 53.57 3.51
CA LYS B 278 -29.25 53.87 2.12
C LYS B 278 -29.96 55.21 1.99
N THR B 279 -30.93 55.47 2.87
CA THR B 279 -31.61 56.76 2.84
C THR B 279 -30.65 57.89 3.17
N LYS B 280 -29.74 57.67 4.11
CA LYS B 280 -28.75 58.69 4.45
C LYS B 280 -27.86 59.00 3.26
N THR B 281 -27.38 57.97 2.55
CA THR B 281 -26.54 58.19 1.39
C THR B 281 -27.29 58.92 0.29
N GLU B 282 -28.55 58.54 0.05
CA GLU B 282 -29.34 59.21 -0.97
C GLU B 282 -29.59 60.67 -0.60
N GLN B 283 -29.84 60.94 0.68
CA GLN B 283 -30.02 62.32 1.12
C GLN B 283 -28.74 63.12 0.93
N GLU B 284 -27.59 62.52 1.24
CA GLU B 284 -26.32 63.20 1.06
C GLU B 284 -26.07 63.52 -0.42
N ILE B 285 -26.39 62.57 -1.30
CA ILE B 285 -26.21 62.81 -2.73
C ILE B 285 -27.14 63.91 -3.21
N GLU B 286 -28.39 63.88 -2.75
CA GLU B 286 -29.35 64.91 -3.15
C GLU B 286 -28.91 66.29 -2.67
N HIS B 287 -28.37 66.37 -1.45
CA HIS B 287 -27.97 67.65 -0.88
C HIS B 287 -26.90 68.31 -1.74
N SER B 288 -25.93 67.54 -2.21
CA SER B 288 -24.84 68.09 -3.02
C SER B 288 -25.32 68.62 -4.37
N HIS B 289 -26.53 68.26 -4.79
CA HIS B 289 -27.06 68.67 -6.09
C HIS B 289 -26.13 68.24 -7.22
N LYS B 290 -25.53 67.07 -7.07
CA LYS B 290 -24.61 66.53 -8.05
C LYS B 290 -24.87 65.04 -8.22
N THR B 291 -24.47 64.51 -9.36
CA THR B 291 -24.65 63.09 -9.64
C THR B 291 -23.71 62.26 -8.76
N VAL B 292 -23.91 60.94 -8.82
CA VAL B 292 -23.13 60.04 -7.96
C VAL B 292 -21.64 60.14 -8.28
N GLY B 293 -21.28 60.18 -9.56
CA GLY B 293 -19.88 60.21 -9.91
C GLY B 293 -19.19 61.46 -9.42
N THR B 294 -19.80 62.62 -9.63
CA THR B 294 -19.20 63.86 -9.16
C THR B 294 -19.12 63.89 -7.64
N TYR B 295 -20.12 63.35 -6.96
CA TYR B 295 -20.10 63.30 -5.50
C TYR B 295 -18.94 62.45 -5.00
N ILE B 296 -18.77 61.26 -5.58
CA ILE B 296 -17.66 60.39 -5.19
C ILE B 296 -16.33 61.08 -5.49
N TYR B 297 -16.23 61.73 -6.65
CA TYR B 297 -15.00 62.41 -7.02
C TYR B 297 -14.65 63.51 -6.03
N GLU B 298 -15.64 64.30 -5.62
CA GLU B 298 -15.38 65.37 -4.66
C GLU B 298 -15.03 64.82 -3.29
N THR B 299 -15.67 63.71 -2.89
CA THR B 299 -15.31 63.09 -1.62
C THR B 299 -13.87 62.61 -1.65
N LEU B 300 -13.43 62.03 -2.77
CA LEU B 300 -12.03 61.67 -2.92
C LEU B 300 -11.14 62.90 -2.87
N LEU B 301 -11.60 64.00 -3.48
CA LEU B 301 -10.82 65.23 -3.48
C LEU B 301 -10.56 65.73 -2.06
N GLN B 302 -11.59 65.66 -1.20
CA GLN B 302 -11.41 66.16 0.16
C GLN B 302 -10.69 65.17 1.07
N ASN B 303 -10.70 63.88 0.75
CA ASN B 303 -10.16 62.86 1.63
C ASN B 303 -9.56 61.74 0.77
N PRO B 304 -8.26 61.80 0.51
CA PRO B 304 -7.66 60.77 -0.36
C PRO B 304 -7.73 59.37 0.19
N LYS B 305 -7.92 59.20 1.50
CA LYS B 305 -7.96 57.88 2.11
C LYS B 305 -9.38 57.32 2.20
N GLN B 306 -10.35 58.00 1.60
CA GLN B 306 -11.73 57.55 1.68
C GLN B 306 -11.90 56.21 0.98
N LYS B 307 -12.80 55.39 1.53
CA LYS B 307 -13.16 54.10 0.95
C LYS B 307 -14.52 54.23 0.30
N ILE B 308 -14.62 53.77 -0.95
CA ILE B 308 -15.84 53.99 -1.73
C ILE B 308 -16.71 52.75 -1.71
N LYS B 309 -16.20 51.65 -2.26
CA LYS B 309 -16.97 50.41 -2.40
C LYS B 309 -17.37 49.89 -1.02
N GLY B 310 -18.66 49.88 -0.74
CA GLY B 310 -19.17 49.31 0.49
C GLY B 310 -19.20 50.26 1.67
N LYS B 311 -18.50 51.39 1.58
CA LYS B 311 -18.51 52.36 2.67
C LYS B 311 -19.17 53.67 2.26
N LEU B 312 -18.70 54.29 1.18
CA LEU B 312 -19.25 55.60 0.82
C LEU B 312 -20.59 55.46 0.13
N VAL B 313 -20.68 54.59 -0.87
CA VAL B 313 -21.90 54.41 -1.65
C VAL B 313 -22.20 52.91 -1.70
N ARG B 314 -23.04 52.45 -0.79
CA ARG B 314 -23.61 51.11 -0.86
C ARG B 314 -24.89 51.18 -1.70
N THR B 315 -25.70 50.13 -1.63
CA THR B 315 -26.95 50.07 -2.40
C THR B 315 -27.75 51.36 -2.31
N ILE B 316 -28.03 51.96 -3.47
CA ILE B 316 -28.84 53.15 -3.60
C ILE B 316 -29.82 52.95 -4.74
N GLU B 317 -30.69 53.92 -4.94
CA GLU B 317 -31.72 53.80 -5.96
C GLU B 317 -31.12 53.81 -7.35
N ARG B 318 -31.66 52.95 -8.23
CA ARG B 318 -31.17 52.85 -9.60
C ARG B 318 -31.35 54.16 -10.36
N LYS B 319 -32.32 54.97 -9.96
CA LYS B 319 -32.59 56.21 -10.68
C LYS B 319 -31.38 57.13 -10.70
N PHE B 320 -30.54 57.08 -9.67
CA PHE B 320 -29.35 57.92 -9.63
C PHE B 320 -28.38 57.53 -10.74
N TYR B 321 -28.10 56.23 -10.86
CA TYR B 321 -27.22 55.76 -11.92
C TYR B 321 -27.82 56.04 -13.29
N LYS B 322 -29.12 55.83 -13.44
CA LYS B 322 -29.75 56.09 -14.73
C LYS B 322 -29.65 57.55 -15.10
N GLU B 323 -29.87 58.46 -14.15
CA GLU B 323 -29.77 59.89 -14.44
C GLU B 323 -28.34 60.28 -14.81
N GLU B 324 -27.36 59.80 -14.05
CA GLU B 324 -25.98 60.15 -14.35
C GLU B 324 -25.57 59.62 -15.73
N LEU B 325 -25.92 58.37 -16.03
CA LEU B 325 -25.57 57.80 -17.32
C LEU B 325 -26.29 58.53 -18.46
N ARG B 326 -27.55 58.90 -18.25
CA ARG B 326 -28.28 59.64 -19.26
C ARG B 326 -27.60 60.97 -19.55
N GLN B 327 -27.21 61.69 -18.50
CA GLN B 327 -26.54 62.97 -18.70
C GLN B 327 -25.23 62.80 -19.44
N ILE B 328 -24.44 61.80 -19.04
CA ILE B 328 -23.14 61.58 -19.68
C ILE B 328 -23.33 61.24 -21.16
N LEU B 329 -24.23 60.31 -21.45
CA LEU B 329 -24.44 59.87 -22.82
C LEU B 329 -24.95 61.02 -23.68
N GLU B 330 -25.90 61.81 -23.16
CA GLU B 330 -26.43 62.91 -23.96
C GLU B 330 -25.39 63.99 -24.19
N LYS B 331 -24.56 64.29 -23.19
CA LYS B 331 -23.50 65.27 -23.40
C LYS B 331 -22.50 64.79 -24.41
N GLN B 332 -22.13 63.51 -24.38
CA GLN B 332 -21.13 63.01 -25.30
C GLN B 332 -21.67 62.73 -26.69
N LYS B 333 -22.99 62.61 -26.84
CA LYS B 333 -23.57 62.34 -28.16
C LYS B 333 -23.30 63.48 -29.14
N GLU B 334 -23.11 64.70 -28.64
CA GLU B 334 -22.88 65.85 -29.50
C GLU B 334 -21.40 66.07 -29.82
N PHE B 335 -20.53 65.16 -29.39
CA PHE B 335 -19.10 65.27 -29.66
C PHE B 335 -18.55 64.12 -30.48
N HIS B 336 -19.28 63.02 -30.63
CA HIS B 336 -18.82 61.84 -31.36
C HIS B 336 -19.84 61.50 -32.43
N GLN B 337 -19.40 61.53 -33.70
CA GLN B 337 -20.31 61.36 -34.82
C GLN B 337 -20.90 59.96 -34.89
N GLU B 338 -20.21 58.95 -34.36
CA GLU B 338 -20.72 57.58 -34.43
C GLU B 338 -22.05 57.45 -33.70
N LEU B 339 -22.18 58.11 -32.55
CA LEU B 339 -23.45 58.08 -31.83
C LEU B 339 -24.57 58.78 -32.58
N GLN B 340 -24.25 59.55 -33.62
CA GLN B 340 -25.27 60.13 -34.49
C GLN B 340 -25.50 59.32 -35.75
N SER B 341 -24.58 58.41 -36.09
CA SER B 341 -24.68 57.67 -37.35
C SER B 341 -25.88 56.74 -37.32
N ASP B 342 -26.73 56.85 -38.34
CA ASP B 342 -27.90 55.99 -38.44
C ASP B 342 -27.57 54.62 -39.00
N ASP B 343 -26.58 54.53 -39.87
CA ASP B 343 -26.26 53.26 -40.48
C ASP B 343 -25.57 52.43 -39.47
N LEU B 344 -24.70 53.03 -38.68
CA LEU B 344 -24.06 52.30 -37.59
C LEU B 344 -25.08 51.83 -36.57
N TYR B 345 -26.08 52.67 -36.27
CA TYR B 345 -27.13 52.28 -35.34
C TYR B 345 -27.89 51.06 -35.86
N ASN B 346 -28.24 51.07 -37.15
CA ASN B 346 -28.96 49.92 -37.71
C ASN B 346 -28.08 48.68 -37.76
N ASP B 347 -26.79 48.85 -38.02
CA ASP B 347 -25.88 47.72 -37.97
C ASP B 347 -25.83 47.12 -36.58
N CYS B 348 -25.75 47.96 -35.54
CA CYS B 348 -25.78 47.46 -34.17
C CYS B 348 -27.09 46.74 -33.87
N ILE B 349 -28.20 47.31 -34.32
CA ILE B 349 -29.51 46.70 -34.07
C ILE B 349 -29.56 45.31 -34.70
N ARG B 350 -29.14 45.21 -35.97
CA ARG B 350 -29.13 43.91 -36.64
C ARG B 350 -28.15 42.94 -35.97
N GLU B 351 -27.04 43.46 -35.44
CA GLU B 351 -26.10 42.61 -34.73
C GLU B 351 -26.74 42.01 -33.48
N LEU B 352 -27.44 42.83 -32.70
CA LEU B 352 -27.98 42.35 -31.45
C LEU B 352 -29.25 41.53 -31.63
N TYR B 353 -30.08 41.84 -32.62
CA TYR B 353 -31.40 41.22 -32.76
C TYR B 353 -31.65 40.79 -34.20
N ARG B 354 -30.69 40.05 -34.78
CA ARG B 354 -30.83 39.63 -36.17
C ARG B 354 -32.08 38.76 -36.37
N ASN B 355 -32.48 38.00 -35.36
CA ASN B 355 -33.65 37.12 -35.49
C ASN B 355 -34.95 37.87 -35.23
N ASN B 356 -35.10 38.43 -34.03
CA ASN B 356 -36.37 39.03 -33.63
C ASN B 356 -36.58 40.35 -34.36
N GLU B 357 -37.31 40.30 -35.47
CA GLU B 357 -37.52 41.49 -36.28
C GLU B 357 -38.46 42.49 -35.61
N VAL B 358 -39.34 42.01 -34.73
CA VAL B 358 -40.24 42.92 -34.02
C VAL B 358 -39.45 43.85 -33.12
N HIS B 359 -38.47 43.31 -32.40
CA HIS B 359 -37.64 44.16 -31.56
C HIS B 359 -36.80 45.11 -32.41
N GLN B 360 -36.35 44.64 -33.57
CA GLN B 360 -35.65 45.54 -34.50
C GLN B 360 -36.55 46.71 -34.90
N LEU B 361 -37.82 46.42 -35.20
CA LEU B 361 -38.76 47.48 -35.55
C LEU B 361 -38.94 48.45 -34.40
N THR B 362 -39.13 47.93 -33.18
CA THR B 362 -39.32 48.81 -32.03
C THR B 362 -38.09 49.66 -31.78
N LEU B 363 -36.91 49.15 -32.11
CA LEU B 363 -35.69 49.92 -31.91
C LEU B 363 -35.34 50.81 -33.10
N ARG B 364 -36.02 50.66 -34.24
CA ARG B 364 -35.78 51.57 -35.36
C ARG B 364 -36.01 53.01 -34.97
N LYS B 365 -36.97 53.27 -34.09
CA LYS B 365 -37.41 54.62 -33.75
C LYS B 365 -36.77 55.13 -32.47
N LYS B 366 -35.53 54.76 -32.20
CA LYS B 366 -34.84 55.20 -31.00
C LYS B 366 -33.47 55.77 -31.36
N ASP B 367 -32.65 56.05 -30.35
CA ASP B 367 -31.31 56.57 -30.54
C ASP B 367 -30.33 55.73 -29.73
N PHE B 368 -29.05 56.09 -29.81
CA PHE B 368 -28.03 55.33 -29.11
C PHE B 368 -28.17 55.44 -27.59
N VAL B 369 -28.63 56.58 -27.08
CA VAL B 369 -28.76 56.75 -25.64
C VAL B 369 -29.71 55.71 -25.07
N HIS B 370 -30.87 55.54 -25.73
CA HIS B 370 -31.82 54.53 -25.29
C HIS B 370 -31.25 53.13 -25.43
N LEU B 371 -30.49 52.88 -26.51
CA LEU B 371 -29.92 51.56 -26.72
C LEU B 371 -28.93 51.19 -25.62
N PHE B 372 -28.07 52.14 -25.23
CA PHE B 372 -27.07 51.87 -24.21
C PHE B 372 -27.68 51.81 -22.82
N MET B 373 -28.60 52.72 -22.51
CA MET B 373 -29.08 52.86 -21.14
C MET B 373 -30.33 52.04 -20.87
N GLU B 374 -31.41 52.32 -21.60
CA GLU B 374 -32.67 51.67 -21.30
C GLU B 374 -32.70 50.21 -21.77
N ASP B 375 -31.91 49.87 -22.79
CA ASP B 375 -32.00 48.57 -23.41
C ASP B 375 -30.96 47.57 -22.89
N ILE B 376 -29.69 47.98 -22.81
CA ILE B 376 -28.63 47.01 -22.54
C ILE B 376 -28.26 47.01 -21.06
N ILE B 377 -27.79 48.14 -20.55
CA ILE B 377 -27.19 48.15 -19.22
C ILE B 377 -28.25 47.96 -18.15
N PHE B 378 -29.40 48.63 -18.29
CA PHE B 378 -30.43 48.66 -17.26
C PHE B 378 -31.66 47.86 -17.68
N TYR B 379 -31.46 46.72 -18.32
CA TYR B 379 -32.56 45.85 -18.69
C TYR B 379 -32.86 44.91 -17.52
N GLN B 380 -34.11 44.89 -17.09
CA GLN B 380 -34.56 44.00 -16.03
C GLN B 380 -35.78 43.23 -16.52
N ARG B 381 -35.73 41.92 -16.39
CA ARG B 381 -36.78 41.10 -16.97
C ARG B 381 -38.03 41.09 -16.09
N PRO B 382 -39.20 40.92 -16.68
CA PRO B 382 -40.42 40.77 -15.88
C PRO B 382 -40.42 39.46 -15.11
N LEU B 383 -41.20 39.44 -14.03
CA LEU B 383 -41.32 38.23 -13.24
C LEU B 383 -41.89 37.10 -14.08
N ARG B 384 -41.26 35.92 -14.00
CA ARG B 384 -41.65 34.81 -14.84
C ARG B 384 -43.03 34.29 -14.46
N SER B 385 -43.75 33.82 -15.46
CA SER B 385 -45.10 33.31 -15.25
C SER B 385 -45.05 31.99 -14.47
N GLN B 386 -45.95 31.85 -13.51
CA GLN B 386 -46.13 30.61 -12.76
C GLN B 386 -47.36 29.91 -13.35
N LYS B 387 -47.12 28.94 -14.21
CA LYS B 387 -48.22 28.21 -14.84
C LYS B 387 -48.13 26.71 -14.63
N SER B 388 -46.92 26.15 -14.58
CA SER B 388 -46.77 24.71 -14.36
C SER B 388 -47.10 24.36 -12.91
N SER B 389 -46.64 25.17 -11.97
CA SER B 389 -46.83 24.90 -10.54
C SER B 389 -48.23 25.28 -10.05
N VAL B 390 -49.03 25.95 -10.87
CA VAL B 390 -50.40 26.30 -10.51
C VAL B 390 -51.31 25.14 -10.91
N SER B 391 -52.08 24.63 -9.95
CA SER B 391 -52.92 23.48 -10.22
C SER B 391 -54.02 23.83 -11.22
N ASN B 392 -54.31 22.88 -12.10
CA ASN B 392 -55.41 23.02 -13.04
C ASN B 392 -56.74 22.71 -12.35
N CYS B 393 -57.83 23.01 -13.04
CA CYS B 393 -59.15 22.73 -12.50
C CYS B 393 -59.36 21.24 -12.35
N THR B 394 -59.85 20.82 -11.19
CA THR B 394 -60.12 19.41 -10.94
C THR B 394 -61.40 18.94 -11.63
N LEU B 395 -62.21 19.85 -12.15
CA LEU B 395 -63.49 19.50 -12.76
C LEU B 395 -63.56 19.88 -14.24
N GLU B 396 -63.27 21.14 -14.58
CA GLU B 396 -63.48 21.60 -15.94
C GLU B 396 -62.41 21.08 -16.89
N PHE B 397 -62.68 21.22 -18.19
CA PHE B 397 -61.79 20.76 -19.23
C PHE B 397 -62.25 21.37 -20.55
N ARG B 398 -61.46 21.17 -21.59
CA ARG B 398 -61.85 21.58 -22.94
C ARG B 398 -61.19 20.64 -23.94
N LYS B 399 -61.99 19.89 -24.68
CA LYS B 399 -61.47 18.96 -25.68
C LYS B 399 -61.26 19.68 -27.00
N TYR B 400 -60.09 19.48 -27.59
CA TYR B 400 -59.83 20.03 -28.92
C TYR B 400 -58.89 19.10 -29.67
N LYS B 401 -58.96 19.17 -30.99
CA LYS B 401 -58.18 18.29 -31.87
C LYS B 401 -56.90 18.98 -32.29
N GLY B 402 -55.78 18.28 -32.17
CA GLY B 402 -54.52 18.77 -32.66
C GLY B 402 -54.36 18.52 -34.15
N GLU B 403 -53.26 19.06 -34.69
CA GLU B 403 -52.94 18.87 -36.10
C GLU B 403 -52.48 17.45 -36.40
N ASN B 404 -52.15 16.66 -35.37
CA ASN B 404 -51.62 15.31 -35.54
C ASN B 404 -52.71 14.26 -35.69
N GLY B 405 -53.92 14.66 -36.08
CA GLY B 405 -55.02 13.71 -36.20
C GLY B 405 -55.43 13.09 -34.87
N ALA B 406 -55.46 13.88 -33.81
CA ALA B 406 -55.84 13.39 -32.49
C ALA B 406 -56.86 14.32 -31.85
N GLU B 407 -57.18 14.08 -30.59
CA GLU B 407 -58.12 14.94 -29.85
C GLU B 407 -57.80 14.80 -28.37
N HIS B 408 -57.25 15.86 -27.77
CA HIS B 408 -56.86 15.81 -26.37
C HIS B 408 -57.47 16.98 -25.62
N THR B 409 -57.32 16.94 -24.31
CA THR B 409 -57.99 17.86 -23.40
C THR B 409 -57.00 18.85 -22.82
N GLN B 410 -57.35 20.13 -22.89
CA GLN B 410 -56.62 21.19 -22.20
C GLN B 410 -57.44 21.65 -21.00
N TYR B 411 -56.77 21.85 -19.87
CA TYR B 411 -57.45 22.14 -18.63
C TYR B 411 -57.38 23.63 -18.32
N LEU B 412 -58.09 24.01 -17.26
CA LEU B 412 -58.22 25.41 -16.86
C LEU B 412 -57.54 25.60 -15.50
N LYS B 413 -56.86 26.73 -15.34
CA LYS B 413 -56.15 27.00 -14.11
C LYS B 413 -57.12 27.23 -12.96
N ALA B 414 -56.72 26.80 -11.76
CA ALA B 414 -57.54 26.99 -10.58
C ALA B 414 -57.66 28.46 -10.23
N ILE B 415 -58.80 28.84 -9.66
CA ILE B 415 -59.06 30.24 -9.35
C ILE B 415 -58.17 30.66 -8.17
N PRO B 416 -57.43 31.76 -8.29
CA PRO B 416 -56.63 32.23 -7.16
C PRO B 416 -57.50 32.53 -5.95
N LYS B 417 -56.95 32.28 -4.76
CA LYS B 417 -57.70 32.48 -3.53
C LYS B 417 -58.01 33.95 -3.27
N SER B 418 -57.20 34.87 -3.81
CA SER B 418 -57.48 36.29 -3.66
C SER B 418 -58.61 36.78 -4.55
N ASN B 419 -59.07 35.94 -5.48
CA ASN B 419 -60.23 36.30 -6.29
C ASN B 419 -61.45 36.49 -5.40
N PRO B 420 -62.25 37.53 -5.64
CA PRO B 420 -63.47 37.72 -4.83
C PRO B 420 -64.41 36.53 -4.88
N TYR B 421 -64.48 35.85 -6.02
CA TYR B 421 -65.35 34.68 -6.12
C TYR B 421 -64.93 33.59 -5.14
N TYR B 422 -63.63 33.35 -5.01
CA TYR B 422 -63.17 32.34 -4.06
C TYR B 422 -63.48 32.76 -2.62
N GLN B 423 -63.32 34.04 -2.30
CA GLN B 423 -63.65 34.51 -0.96
C GLN B 423 -65.13 34.29 -0.67
N GLU B 424 -65.99 34.62 -1.63
CA GLU B 424 -67.42 34.37 -1.48
C GLU B 424 -67.72 32.90 -1.28
N PHE B 425 -67.08 32.04 -2.09
CA PHE B 425 -67.29 30.61 -1.97
C PHE B 425 -66.84 30.08 -0.61
N ARG B 426 -65.69 30.57 -0.12
CA ARG B 426 -65.21 30.13 1.18
C ARG B 426 -66.15 30.56 2.29
N LEU B 427 -66.65 31.80 2.22
CA LEU B 427 -67.61 32.26 3.23
C LEU B 427 -68.87 31.42 3.21
N TRP B 428 -69.41 31.14 2.01
CA TRP B 428 -70.62 30.33 1.92
C TRP B 428 -70.38 28.90 2.39
N GLN B 429 -69.22 28.34 2.05
CA GLN B 429 -68.90 26.98 2.49
C GLN B 429 -68.80 26.90 4.00
N TRP B 430 -68.13 27.88 4.62
CA TRP B 430 -68.05 27.88 6.08
C TRP B 430 -69.41 28.14 6.72
N ILE B 431 -70.27 28.91 6.05
CA ILE B 431 -71.58 29.18 6.63
C ILE B 431 -72.47 27.94 6.51
N PHE B 432 -72.17 27.07 5.54
CA PHE B 432 -72.88 25.79 5.47
C PHE B 432 -72.33 24.77 6.46
N ASN B 433 -71.01 24.65 6.55
CA ASN B 433 -70.38 23.60 7.36
C ASN B 433 -70.42 23.88 8.85
N LEU B 434 -70.82 25.08 9.27
CA LEU B 434 -70.77 25.40 10.70
C LEU B 434 -71.73 24.53 11.49
N ASN B 435 -71.33 24.20 12.71
CA ASN B 435 -72.15 23.48 13.66
C ASN B 435 -72.23 24.27 14.96
N LEU B 436 -73.32 24.10 15.70
CA LEU B 436 -73.51 24.76 16.98
C LEU B 436 -73.71 23.72 18.07
N TYR B 437 -72.90 23.80 19.12
CA TYR B 437 -72.92 22.84 20.21
C TYR B 437 -73.10 23.56 21.54
N THR B 438 -73.88 22.94 22.43
CA THR B 438 -74.06 23.46 23.78
C THR B 438 -72.80 23.21 24.60
N LYS B 439 -72.51 24.15 25.51
CA LYS B 439 -71.32 24.07 26.35
C LYS B 439 -71.58 23.38 27.68
N ASP B 440 -72.81 22.92 27.93
CA ASP B 440 -73.12 22.19 29.15
C ASP B 440 -73.43 20.72 28.91
N ASN B 441 -73.95 20.35 27.74
CA ASN B 441 -74.24 18.96 27.45
C ASN B 441 -73.89 18.54 26.03
N ASP B 442 -73.27 19.42 25.23
CA ASP B 442 -72.83 19.09 23.87
C ASP B 442 -73.99 18.60 23.00
N GLU B 443 -74.94 19.50 22.78
CA GLU B 443 -76.10 19.23 21.94
C GLU B 443 -76.01 20.08 20.67
N ASN B 444 -76.19 19.44 19.52
CA ASN B 444 -76.11 20.13 18.24
C ASN B 444 -77.34 21.01 18.08
N VAL B 445 -77.18 22.31 18.31
CA VAL B 445 -78.30 23.26 18.32
C VAL B 445 -78.17 24.24 17.16
N THR B 446 -77.57 23.79 16.05
CA THR B 446 -77.44 24.65 14.88
C THR B 446 -78.80 25.02 14.31
N LYS B 447 -79.74 24.07 14.31
CA LYS B 447 -81.08 24.36 13.81
C LYS B 447 -81.80 25.36 14.71
N VAL B 448 -81.51 25.33 16.01
CA VAL B 448 -82.19 26.20 16.96
C VAL B 448 -82.01 27.67 16.56
N PHE B 449 -80.79 28.05 16.22
CA PHE B 449 -80.53 29.43 15.80
C PHE B 449 -80.83 29.63 14.32
N LEU B 450 -80.27 28.77 13.47
CA LEU B 450 -80.51 28.87 12.03
C LEU B 450 -81.76 28.10 11.63
N ASN B 451 -82.88 28.36 12.32
CA ASN B 451 -84.13 27.72 11.95
C ASN B 451 -84.64 28.20 10.60
N THR B 452 -84.30 29.43 10.20
CA THR B 452 -84.82 30.03 8.98
C THR B 452 -83.67 30.60 8.17
N THR B 453 -83.85 30.62 6.85
CA THR B 453 -82.84 31.14 5.94
C THR B 453 -82.51 32.60 6.22
N GLN B 454 -83.43 33.34 6.84
CA GLN B 454 -83.13 34.73 7.18
C GLN B 454 -81.95 34.82 8.12
N ASP B 455 -81.77 33.84 9.01
CA ASP B 455 -80.59 33.82 9.87
C ASP B 455 -79.32 33.60 9.05
N PHE B 456 -79.40 32.77 8.01
CA PHE B 456 -78.25 32.61 7.12
C PHE B 456 -77.92 33.91 6.39
N GLU B 457 -78.95 34.63 5.95
CA GLU B 457 -78.71 35.94 5.32
C GLU B 457 -78.09 36.91 6.32
N ASN B 458 -78.58 36.91 7.56
CA ASN B 458 -78.03 37.78 8.59
C ASN B 458 -76.57 37.45 8.85
N LEU B 459 -76.23 36.18 8.91
CA LEU B 459 -74.85 35.79 9.17
C LEU B 459 -73.95 36.12 7.98
N PHE B 460 -74.46 35.96 6.76
CA PHE B 460 -73.69 36.34 5.60
C PHE B 460 -73.40 37.84 5.59
N GLU B 461 -74.41 38.65 5.95
CA GLU B 461 -74.18 40.09 6.04
C GLU B 461 -73.21 40.42 7.16
N PHE B 462 -73.31 39.72 8.29
CA PHE B 462 -72.39 39.96 9.41
C PHE B 462 -70.96 39.65 9.01
N LEU B 463 -70.74 38.52 8.35
CA LEU B 463 -69.38 38.09 8.02
C LEU B 463 -68.82 38.86 6.82
N ASN B 464 -69.68 39.27 5.90
CA ASN B 464 -69.22 39.86 4.64
C ASN B 464 -68.51 41.18 4.86
N THR B 465 -68.97 42.00 5.80
CA THR B 465 -68.44 43.34 5.95
C THR B 465 -67.03 43.35 6.56
N ARG B 466 -66.71 42.37 7.39
CA ARG B 466 -65.42 42.30 8.07
C ARG B 466 -64.54 41.24 7.42
N LYS B 467 -63.37 41.04 8.02
CA LYS B 467 -62.33 40.16 7.49
C LYS B 467 -62.06 38.95 8.35
N GLU B 468 -61.99 39.11 9.67
CA GLU B 468 -61.66 38.03 10.59
C GLU B 468 -62.73 37.92 11.65
N VAL B 469 -63.12 36.68 11.97
CA VAL B 469 -64.17 36.40 12.94
C VAL B 469 -63.62 35.40 13.96
N ASP B 470 -63.91 35.65 15.23
CA ASP B 470 -63.54 34.78 16.33
C ASP B 470 -64.81 34.33 17.06
N GLN B 471 -64.62 33.53 18.11
CA GLN B 471 -65.75 33.04 18.89
C GLN B 471 -66.51 34.18 19.56
N LYS B 472 -65.79 35.15 20.12
CA LYS B 472 -66.43 36.22 20.87
C LYS B 472 -67.42 36.99 20.01
N ALA B 473 -66.95 37.50 18.86
CA ALA B 473 -67.82 38.31 18.02
C ALA B 473 -68.93 37.47 17.38
N LEU B 474 -68.60 36.25 16.95
CA LEU B 474 -69.59 35.40 16.29
C LEU B 474 -70.73 35.05 17.25
N LEU B 475 -70.40 34.77 18.50
CA LEU B 475 -71.44 34.49 19.48
C LEU B 475 -72.17 35.75 19.93
N LYS B 476 -71.46 36.89 20.00
CA LYS B 476 -72.10 38.14 20.37
C LYS B 476 -73.11 38.59 19.33
N HIS B 477 -72.87 38.25 18.05
CA HIS B 477 -73.85 38.57 17.03
C HIS B 477 -75.17 37.84 17.29
N PHE B 478 -75.10 36.58 17.70
CA PHE B 478 -76.27 35.84 18.15
C PHE B 478 -76.73 36.23 19.55
N LYS B 479 -76.06 37.19 20.19
CA LYS B 479 -76.29 37.55 21.58
C LYS B 479 -76.04 36.34 22.49
N LEU B 480 -74.85 35.76 22.34
CA LEU B 480 -74.41 34.62 23.12
C LEU B 480 -73.16 34.97 23.90
N ASN B 481 -72.58 33.96 24.55
CA ASN B 481 -71.36 34.12 25.33
C ASN B 481 -70.43 32.96 25.06
N GLU B 482 -69.12 33.23 25.21
CA GLU B 482 -68.12 32.19 24.99
C GLU B 482 -68.27 31.02 25.95
N LYS B 483 -68.88 31.25 27.12
CA LYS B 483 -69.07 30.18 28.09
C LYS B 483 -70.32 29.35 27.81
N THR B 484 -71.11 29.70 26.78
CA THR B 484 -72.37 29.03 26.52
C THR B 484 -72.43 28.31 25.18
N HIS B 485 -71.57 28.64 24.22
CA HIS B 485 -71.69 28.05 22.89
C HIS B 485 -70.32 27.97 22.24
N ARG B 486 -70.24 27.13 21.20
CA ARG B 486 -69.03 26.93 20.41
C ARG B 486 -69.41 26.21 19.14
N TRP B 487 -68.49 26.18 18.18
CA TRP B 487 -68.71 25.51 16.91
C TRP B 487 -67.74 24.36 16.73
N ASN B 488 -68.01 23.54 15.71
CA ASN B 488 -67.26 22.30 15.52
C ASN B 488 -65.80 22.56 15.23
N PHE B 489 -65.50 23.58 14.43
CA PHE B 489 -64.12 23.89 14.09
C PHE B 489 -63.41 24.53 15.29
N VAL B 490 -62.15 24.91 15.07
CA VAL B 490 -61.34 25.46 16.15
C VAL B 490 -61.93 26.77 16.63
N GLU B 491 -61.78 27.02 17.94
CA GLU B 491 -62.26 28.26 18.54
C GLU B 491 -61.15 29.29 18.73
N ASP B 492 -59.96 28.83 19.14
CA ASP B 492 -58.84 29.75 19.33
C ASP B 492 -58.33 30.28 18.00
N LYS B 493 -58.31 29.44 16.97
CA LYS B 493 -57.88 29.86 15.64
C LYS B 493 -58.98 30.69 15.00
N LYS B 494 -58.68 31.96 14.71
CA LYS B 494 -59.64 32.83 14.07
C LYS B 494 -59.87 32.40 12.63
N TYR B 495 -61.04 32.74 12.10
CA TYR B 495 -61.39 32.30 10.77
C TYR B 495 -61.60 33.49 9.84
N PRO B 496 -61.27 33.35 8.56
CA PRO B 496 -61.32 34.49 7.64
C PRO B 496 -62.74 34.78 7.17
N CYS B 497 -62.85 35.90 6.49
CA CYS B 497 -64.10 36.38 5.90
C CYS B 497 -63.75 36.93 4.53
N ASN B 498 -64.64 37.72 3.94
CA ASN B 498 -64.31 38.29 2.65
C ASN B 498 -63.20 39.32 2.84
N GLU B 499 -61.95 38.86 2.73
CA GLU B 499 -60.81 39.72 2.99
C GLU B 499 -60.64 40.76 1.89
N THR B 500 -60.81 40.35 0.63
CA THR B 500 -60.65 41.29 -0.48
C THR B 500 -61.67 42.41 -0.40
N LYS B 501 -62.95 42.07 -0.22
CA LYS B 501 -63.99 43.07 -0.15
C LYS B 501 -63.78 44.01 1.02
N THR B 502 -63.45 43.45 2.19
CA THR B 502 -63.23 44.28 3.37
C THR B 502 -62.06 45.21 3.17
N MET B 503 -60.97 44.71 2.60
CA MET B 503 -59.78 45.53 2.35
C MET B 503 -60.10 46.66 1.38
N ILE B 504 -60.83 46.35 0.30
CA ILE B 504 -61.16 47.37 -0.69
C ILE B 504 -62.08 48.42 -0.08
N SER B 505 -63.04 48.02 0.74
CA SER B 505 -63.92 48.99 1.39
C SER B 505 -63.14 49.86 2.37
N SER B 506 -62.28 49.24 3.19
CA SER B 506 -61.48 49.97 4.16
C SER B 506 -60.42 50.85 3.52
N ARG B 507 -60.15 50.67 2.22
CA ARG B 507 -59.33 51.63 1.50
C ARG B 507 -60.13 52.69 0.77
N LEU B 508 -61.29 52.34 0.21
CA LEU B 508 -62.08 53.31 -0.53
C LEU B 508 -62.77 54.32 0.38
N ASP B 509 -63.08 53.95 1.64
CA ASP B 509 -63.71 54.93 2.52
C ASP B 509 -62.79 56.09 2.85
N LYS B 510 -61.48 55.91 2.71
CA LYS B 510 -60.54 57.00 2.93
C LYS B 510 -60.46 57.96 1.75
N VAL B 511 -61.07 57.62 0.62
CA VAL B 511 -61.05 58.51 -0.54
C VAL B 511 -61.97 59.70 -0.27
N GLU B 512 -61.46 60.90 -0.53
CA GLU B 512 -62.27 62.10 -0.36
C GLU B 512 -63.41 62.12 -1.36
N ASN B 513 -64.53 62.73 -0.95
CA ASN B 513 -65.78 62.88 -1.70
C ASN B 513 -66.07 61.70 -2.61
N ILE B 514 -65.90 60.49 -2.08
CA ILE B 514 -66.18 59.26 -2.81
C ILE B 514 -67.65 58.90 -2.65
N SER B 515 -68.23 58.32 -3.70
CA SER B 515 -69.58 57.79 -3.59
C SER B 515 -69.60 56.58 -2.67
N ASP B 516 -70.61 56.54 -1.79
CA ASP B 516 -70.68 55.47 -0.81
C ASP B 516 -71.29 54.18 -1.37
N ASP B 517 -71.79 54.21 -2.60
CA ASP B 517 -72.26 53.01 -3.28
C ASP B 517 -71.42 52.71 -4.52
N PHE B 518 -70.19 53.23 -4.56
CA PHE B 518 -69.30 52.99 -5.69
C PHE B 518 -68.91 51.52 -5.80
N LEU B 519 -68.74 50.85 -4.65
CA LEU B 519 -68.26 49.47 -4.61
C LEU B 519 -69.36 48.53 -5.07
N THR B 520 -69.28 48.08 -6.31
CA THR B 520 -70.21 47.11 -6.87
C THR B 520 -69.44 45.87 -7.35
N ARG B 521 -70.20 44.88 -7.82
CA ARG B 521 -69.60 43.59 -8.14
C ARG B 521 -68.60 43.70 -9.29
N ASP B 522 -69.03 44.30 -10.40
CA ASP B 522 -68.13 44.47 -11.54
C ASP B 522 -66.95 45.36 -11.17
N ILE B 523 -67.22 46.46 -10.45
CA ILE B 523 -66.15 47.38 -10.08
C ILE B 523 -65.18 46.70 -9.12
N GLU B 524 -65.69 45.94 -8.16
CA GLU B 524 -64.81 45.23 -7.23
C GLU B 524 -63.97 44.19 -7.95
N GLN B 525 -64.58 43.45 -8.88
CA GLN B 525 -63.82 42.47 -9.66
C GLN B 525 -62.72 43.14 -10.47
N LYS B 526 -63.02 44.27 -11.09
CA LYS B 526 -62.01 44.97 -11.87
C LYS B 526 -60.90 45.51 -10.98
N ILE B 527 -61.25 46.01 -9.80
CA ILE B 527 -60.23 46.47 -8.84
C ILE B 527 -59.33 45.31 -8.45
N TRP B 528 -59.94 44.15 -8.16
CA TRP B 528 -59.13 42.99 -7.80
C TRP B 528 -58.20 42.59 -8.94
N HIS B 529 -58.70 42.60 -10.17
CA HIS B 529 -57.86 42.22 -11.29
C HIS B 529 -56.70 43.20 -11.48
N ILE B 530 -56.98 44.50 -11.31
CA ILE B 530 -55.92 45.48 -11.54
C ILE B 530 -54.92 45.49 -10.39
N ILE B 531 -55.35 45.07 -9.19
CA ILE B 531 -54.42 44.98 -8.08
C ILE B 531 -53.67 43.65 -8.05
N TYR B 532 -54.16 42.64 -8.75
CA TYR B 532 -53.50 41.34 -8.80
C TYR B 532 -52.61 41.16 -10.02
N SER B 533 -52.88 41.87 -11.12
CA SER B 533 -52.12 41.68 -12.35
C SER B 533 -50.87 42.54 -12.39
N VAL B 534 -51.01 43.85 -12.17
CA VAL B 534 -49.87 44.75 -12.23
C VAL B 534 -49.01 44.57 -10.98
N ASN B 535 -47.73 44.30 -11.19
CA ASN B 535 -46.80 44.05 -10.10
C ASN B 535 -45.63 45.03 -10.08
N ASP B 536 -45.25 45.58 -11.23
CA ASP B 536 -44.17 46.57 -11.26
C ASP B 536 -44.62 47.85 -10.57
N LYS B 537 -43.78 48.35 -9.66
CA LYS B 537 -44.21 49.39 -8.74
C LYS B 537 -44.58 50.68 -9.48
N VAL B 538 -43.72 51.12 -10.40
CA VAL B 538 -44.01 52.36 -11.11
C VAL B 538 -45.20 52.18 -12.03
N GLU B 539 -45.30 51.02 -12.69
CA GLU B 539 -46.49 50.73 -13.48
C GLU B 539 -47.72 50.63 -12.59
N TYR B 540 -47.55 50.13 -11.36
CA TYR B 540 -48.65 50.08 -10.41
C TYR B 540 -49.17 51.48 -10.10
N GLU B 541 -48.27 52.41 -9.79
CA GLU B 541 -48.68 53.77 -9.49
C GLU B 541 -49.33 54.42 -10.70
N LYS B 542 -48.76 54.22 -11.89
CA LYS B 542 -49.34 54.80 -13.10
C LYS B 542 -50.74 54.24 -13.34
N ALA B 543 -50.93 52.94 -13.13
CA ALA B 543 -52.25 52.33 -13.30
C ALA B 543 -53.24 52.90 -12.30
N LEU B 544 -52.81 53.10 -11.05
CA LEU B 544 -53.68 53.72 -10.06
C LEU B 544 -54.12 55.11 -10.50
N LYS B 545 -53.16 55.93 -10.94
CA LYS B 545 -53.47 57.28 -11.37
C LYS B 545 -54.45 57.27 -12.54
N SER B 546 -54.18 56.42 -13.53
CA SER B 546 -55.05 56.38 -14.71
C SER B 546 -56.45 55.88 -14.35
N PHE B 547 -56.54 54.83 -13.53
CA PHE B 547 -57.85 54.33 -13.12
C PHE B 547 -58.65 55.42 -12.41
N ALA B 548 -58.02 56.12 -11.47
CA ALA B 548 -58.70 57.24 -10.84
C ALA B 548 -59.10 58.30 -11.88
N ARG B 549 -58.30 58.43 -12.94
CA ARG B 549 -58.64 59.38 -13.99
C ARG B 549 -59.93 58.99 -14.70
N LYS B 550 -60.10 57.70 -15.02
CA LYS B 550 -61.29 57.31 -15.78
C LYS B 550 -62.57 57.56 -15.00
N HIS B 551 -62.59 57.18 -13.72
CA HIS B 551 -63.85 57.10 -12.98
C HIS B 551 -64.08 58.29 -12.06
N HIS B 552 -63.43 59.43 -12.33
CA HIS B 552 -63.74 60.70 -11.67
C HIS B 552 -63.60 60.60 -10.16
N LEU B 553 -62.37 60.31 -9.71
CA LEU B 553 -62.07 60.20 -8.30
C LEU B 553 -60.81 60.98 -7.98
N ASP B 554 -60.67 61.36 -6.71
CA ASP B 554 -59.52 62.12 -6.26
C ASP B 554 -58.24 61.33 -6.49
N GLU B 555 -57.36 61.88 -7.33
CA GLU B 555 -56.10 61.20 -7.62
C GLU B 555 -55.24 61.08 -6.36
N SER B 556 -55.19 62.14 -5.55
CA SER B 556 -54.33 62.12 -4.37
C SER B 556 -54.78 61.08 -3.37
N SER B 557 -56.06 61.06 -3.03
CA SER B 557 -56.53 60.19 -1.95
C SER B 557 -56.57 58.72 -2.39
N PHE B 558 -56.93 58.47 -3.65
CA PHE B 558 -56.97 57.10 -4.15
C PHE B 558 -55.57 56.48 -4.18
N PHE B 559 -54.61 57.19 -4.77
CA PHE B 559 -53.24 56.70 -4.83
C PHE B 559 -52.66 56.53 -3.44
N GLU B 560 -52.87 57.49 -2.55
CA GLU B 560 -52.39 57.38 -1.18
C GLU B 560 -53.00 56.18 -0.48
N ALA B 561 -54.29 55.93 -0.71
CA ALA B 561 -54.95 54.78 -0.12
C ALA B 561 -54.39 53.48 -0.66
N PHE B 562 -53.93 53.47 -1.91
CA PHE B 562 -53.45 52.25 -2.53
C PHE B 562 -51.96 52.32 -2.90
N ARG B 563 -51.21 53.28 -2.37
CA ARG B 563 -49.77 53.30 -2.58
C ARG B 563 -49.09 52.17 -1.81
N LYS B 564 -49.44 52.03 -0.53
CA LYS B 564 -48.80 51.07 0.37
C LYS B 564 -49.57 49.76 0.46
N PHE B 565 -50.33 49.42 -0.57
CA PHE B 565 -51.18 48.24 -0.48
C PHE B 565 -50.31 46.99 -0.52
N PRO B 566 -50.45 46.08 0.45
CA PRO B 566 -49.60 44.88 0.49
C PRO B 566 -49.96 43.93 -0.63
N PRO B 567 -48.98 43.24 -1.20
CA PRO B 567 -49.27 42.31 -2.30
C PRO B 567 -49.99 41.07 -1.79
N PHE B 568 -50.80 40.49 -2.68
CA PHE B 568 -51.51 39.26 -2.34
C PHE B 568 -50.54 38.09 -2.33
N LYS B 569 -50.74 37.17 -1.38
CA LYS B 569 -49.92 35.97 -1.33
C LYS B 569 -50.30 35.02 -2.47
N SER B 570 -49.30 34.34 -3.01
CA SER B 570 -49.51 33.44 -4.14
C SER B 570 -50.19 32.17 -3.70
N GLU B 571 -51.48 32.26 -3.39
CA GLU B 571 -52.29 31.12 -2.98
C GLU B 571 -53.41 30.92 -3.97
N TYR B 572 -53.62 29.67 -4.39
CA TYR B 572 -54.58 29.35 -5.43
C TYR B 572 -55.59 28.33 -4.91
N GLY B 573 -56.78 28.36 -5.51
CA GLY B 573 -57.85 27.46 -5.15
C GLY B 573 -57.76 26.13 -5.88
N SER B 574 -58.93 25.50 -6.07
CA SER B 574 -59.00 24.21 -6.74
C SER B 574 -59.93 24.18 -7.94
N PHE B 575 -60.81 25.17 -8.10
CA PHE B 575 -61.76 25.21 -9.19
C PHE B 575 -61.42 26.35 -10.15
N SER B 576 -61.99 26.27 -11.35
CA SER B 576 -61.78 27.27 -12.38
C SER B 576 -62.96 28.22 -12.46
N GLU B 577 -62.86 29.20 -13.35
CA GLU B 577 -63.87 30.25 -13.45
C GLU B 577 -65.22 29.69 -13.88
N LYS B 578 -65.23 28.76 -14.84
CA LYS B 578 -66.51 28.21 -15.31
C LYS B 578 -67.19 27.40 -14.21
N ALA B 579 -66.42 26.59 -13.48
CA ALA B 579 -66.99 25.79 -12.41
C ALA B 579 -67.57 26.66 -11.30
N ILE B 580 -66.83 27.68 -10.88
CA ILE B 580 -67.32 28.54 -9.81
C ILE B 580 -68.51 29.37 -10.29
N LYS B 581 -68.49 29.80 -11.55
CA LYS B 581 -69.62 30.56 -12.08
C LYS B 581 -70.87 29.69 -12.16
N LYS B 582 -70.71 28.39 -12.40
CA LYS B 582 -71.86 27.50 -12.43
C LYS B 582 -72.35 27.17 -11.03
N LEU B 583 -71.43 27.04 -10.06
CA LEU B 583 -71.84 26.75 -8.69
C LEU B 583 -72.38 27.99 -7.98
N LEU B 584 -72.07 29.18 -8.48
CA LEU B 584 -72.49 30.41 -7.82
C LEU B 584 -74.00 30.55 -7.66
N PRO B 585 -74.83 30.37 -8.70
CA PRO B 585 -76.27 30.59 -8.50
C PRO B 585 -76.89 29.66 -7.47
N LEU B 586 -76.43 28.41 -7.39
CA LEU B 586 -77.03 27.45 -6.47
C LEU B 586 -76.63 27.71 -5.02
N MET B 587 -75.36 28.06 -4.78
CA MET B 587 -74.80 28.07 -3.45
C MET B 587 -75.30 29.24 -2.60
N ARG B 588 -75.85 30.29 -3.21
CA ARG B 588 -76.42 31.40 -2.48
C ARG B 588 -77.85 31.09 -2.05
N LEU B 589 -78.38 31.91 -1.15
CA LEU B 589 -79.71 31.72 -0.60
C LEU B 589 -80.43 33.05 -0.44
N GLY B 590 -81.76 32.97 -0.40
CA GLY B 590 -82.56 34.16 -0.14
C GLY B 590 -82.47 35.16 -1.28
N LYS B 591 -82.25 36.43 -0.92
CA LYS B 591 -82.12 37.47 -1.93
C LYS B 591 -80.90 37.24 -2.82
N TYR B 592 -79.91 36.49 -2.33
CA TYR B 592 -78.73 36.20 -3.11
C TYR B 592 -78.94 35.06 -4.10
N TRP B 593 -80.01 34.28 -3.94
CA TRP B 593 -80.32 33.18 -4.83
C TRP B 593 -81.34 33.63 -5.87
N ASN B 594 -81.18 33.15 -7.10
CA ASN B 594 -82.12 33.44 -8.16
C ASN B 594 -82.05 32.31 -9.20
N TYR B 595 -83.21 31.98 -9.78
CA TYR B 595 -83.25 30.97 -10.83
C TYR B 595 -82.73 31.50 -12.16
N ALA B 596 -82.97 32.78 -12.46
CA ALA B 596 -82.53 33.34 -13.73
C ALA B 596 -81.01 33.32 -13.84
N GLU B 597 -80.30 33.37 -12.71
CA GLU B 597 -78.84 33.28 -12.73
C GLU B 597 -78.36 31.87 -13.05
N ILE B 598 -79.25 30.89 -13.09
CA ILE B 598 -78.87 29.51 -13.39
C ILE B 598 -78.90 29.30 -14.90
N ASP B 599 -77.83 28.73 -15.44
CA ASP B 599 -77.75 28.48 -16.88
C ASP B 599 -78.73 27.37 -17.28
N LYS B 600 -79.01 27.33 -18.58
CA LYS B 600 -80.12 26.52 -19.09
C LYS B 600 -79.92 25.03 -18.80
N TYR B 601 -78.68 24.55 -18.94
CA TYR B 601 -78.42 23.13 -18.67
C TYR B 601 -78.77 22.78 -17.23
N SER B 602 -78.28 23.58 -16.28
CA SER B 602 -78.59 23.33 -14.88
C SER B 602 -80.08 23.52 -14.60
N ARG B 603 -80.76 24.37 -15.39
CA ARG B 603 -82.21 24.47 -15.27
C ARG B 603 -82.88 23.16 -15.67
N GLU B 604 -82.38 22.53 -16.74
CA GLU B 604 -82.87 21.21 -17.11
C GLU B 604 -82.64 20.19 -16.00
N ARG B 605 -81.44 20.21 -15.41
CA ARG B 605 -81.17 19.28 -14.31
C ARG B 605 -82.09 19.54 -13.12
N ILE B 606 -82.34 20.81 -12.83
CA ILE B 606 -83.23 21.18 -11.73
C ILE B 606 -84.63 20.65 -11.98
N GLN B 607 -85.14 20.80 -13.20
CA GLN B 607 -86.44 20.24 -13.53
C GLN B 607 -86.45 18.73 -13.40
N LYS B 608 -85.39 18.06 -13.87
CA LYS B 608 -85.32 16.60 -13.79
C LYS B 608 -85.35 16.14 -12.34
N ILE B 609 -84.61 16.81 -11.46
CA ILE B 609 -84.54 16.35 -10.08
C ILE B 609 -85.78 16.78 -9.30
N ILE B 610 -86.45 17.86 -9.70
CA ILE B 610 -87.73 18.21 -9.10
C ILE B 610 -88.77 17.14 -9.44
N THR B 611 -88.81 16.72 -10.70
CA THR B 611 -89.71 15.64 -11.08
C THR B 611 -89.10 14.26 -10.82
N GLY B 612 -87.87 14.20 -10.33
CA GLY B 612 -87.25 12.93 -10.01
C GLY B 612 -86.98 12.06 -11.21
N GLU B 613 -86.87 12.64 -12.40
CA GLU B 613 -86.68 11.88 -13.63
C GLU B 613 -85.25 11.37 -13.70
N TYR B 614 -85.09 10.05 -13.68
CA TYR B 614 -83.77 9.47 -13.89
C TYR B 614 -83.32 9.71 -15.33
N ASP B 615 -82.04 10.03 -15.49
CA ASP B 615 -81.51 10.36 -16.81
C ASP B 615 -80.01 10.06 -16.81
N GLU B 616 -79.37 10.39 -17.94
CA GLU B 616 -77.92 10.26 -18.05
C GLU B 616 -77.18 11.27 -17.19
N ASN B 617 -77.89 12.24 -16.61
CA ASN B 617 -77.28 13.27 -15.79
C ASN B 617 -77.20 12.86 -14.32
N ILE B 618 -78.31 12.41 -13.75
CA ILE B 618 -78.40 12.08 -12.33
C ILE B 618 -78.80 10.61 -12.21
N LYS B 619 -78.14 9.89 -11.31
CA LYS B 619 -78.38 8.47 -11.10
C LYS B 619 -79.01 8.24 -9.73
N ASP B 620 -79.34 6.96 -9.46
CA ASP B 620 -80.10 6.63 -8.27
C ASP B 620 -79.31 6.89 -6.99
N LYS B 621 -78.02 6.54 -6.97
CA LYS B 621 -77.23 6.74 -5.76
C LYS B 621 -77.00 8.23 -5.50
N VAL B 622 -77.03 9.06 -6.53
CA VAL B 622 -76.98 10.50 -6.33
C VAL B 622 -78.26 10.97 -5.64
N ARG B 623 -79.42 10.50 -6.11
CA ARG B 623 -80.69 10.87 -5.53
C ARG B 623 -80.95 10.22 -4.16
N GLU B 624 -80.13 9.24 -3.78
CA GLU B 624 -80.34 8.57 -2.50
C GLU B 624 -80.16 9.53 -1.33
N LYS B 625 -79.14 10.38 -1.39
CA LYS B 625 -78.84 11.28 -0.28
C LYS B 625 -79.66 12.56 -0.31
N SER B 626 -80.39 12.82 -1.38
CA SER B 626 -81.25 13.98 -1.45
C SER B 626 -82.56 13.70 -0.73
N VAL B 627 -82.81 14.41 0.37
CA VAL B 627 -83.99 14.18 1.19
C VAL B 627 -84.97 15.35 1.15
N HIS B 628 -84.49 16.59 1.06
CA HIS B 628 -85.35 17.77 1.10
C HIS B 628 -85.31 18.53 -0.23
N LEU B 629 -85.39 17.82 -1.35
CA LEU B 629 -85.40 18.42 -2.68
C LEU B 629 -86.71 18.07 -3.37
N THR B 630 -87.68 18.98 -3.30
CA THR B 630 -88.97 18.78 -3.97
C THR B 630 -89.45 19.99 -4.75
N ILE B 631 -88.95 21.20 -4.47
CA ILE B 631 -89.38 22.42 -5.15
C ILE B 631 -88.15 23.23 -5.52
N GLU B 632 -88.38 24.34 -6.23
CA GLU B 632 -87.28 25.21 -6.63
C GLU B 632 -86.60 25.82 -5.41
N ASN B 633 -87.37 26.26 -4.42
CA ASN B 633 -86.77 26.77 -3.19
C ASN B 633 -86.08 25.68 -2.39
N ASP B 634 -86.47 24.41 -2.60
CA ASP B 634 -85.68 23.29 -2.08
C ASP B 634 -84.35 23.17 -2.79
N PHE B 635 -84.22 23.71 -3.99
CA PHE B 635 -83.01 23.60 -4.79
C PHE B 635 -82.06 24.77 -4.57
N GLN B 636 -82.37 25.66 -3.64
CA GLN B 636 -81.48 26.75 -3.27
C GLN B 636 -80.77 26.37 -1.98
N GLY B 637 -79.46 26.65 -1.92
CA GLY B 637 -78.67 26.34 -0.75
C GLY B 637 -78.32 24.88 -0.61
N LEU B 638 -77.63 24.32 -1.60
CA LEU B 638 -77.17 22.94 -1.56
C LEU B 638 -75.68 22.88 -1.28
N GLN B 639 -75.25 21.74 -0.73
CA GLN B 639 -73.85 21.56 -0.40
C GLN B 639 -73.00 21.44 -1.66
N LEU B 640 -71.69 21.57 -1.48
CA LEU B 640 -70.77 21.62 -2.62
C LEU B 640 -70.89 20.36 -3.48
N TRP B 641 -70.82 19.20 -2.85
CA TRP B 641 -71.00 17.95 -3.60
C TRP B 641 -72.42 17.83 -4.13
N LEU B 642 -73.40 18.28 -3.35
CA LEU B 642 -74.79 18.28 -3.81
C LEU B 642 -74.96 19.21 -5.02
N ALA B 643 -74.38 20.40 -4.94
CA ALA B 643 -74.47 21.35 -6.05
C ALA B 643 -73.76 20.82 -7.29
N GLN B 644 -72.62 20.13 -7.09
CA GLN B 644 -71.94 19.50 -8.21
C GLN B 644 -72.82 18.42 -8.83
N TYR B 645 -73.52 17.64 -8.00
CA TYR B 645 -74.47 16.66 -8.52
C TYR B 645 -75.55 17.35 -9.35
N ILE B 646 -76.07 18.47 -8.86
CA ILE B 646 -77.15 19.18 -9.57
C ILE B 646 -76.64 19.66 -10.92
N VAL B 647 -75.46 20.29 -10.93
CA VAL B 647 -74.99 20.95 -12.15
C VAL B 647 -74.46 19.93 -13.15
N TYR B 648 -73.43 19.18 -12.76
CA TYR B 648 -72.80 18.20 -13.65
C TYR B 648 -73.19 16.77 -13.31
N GLY B 649 -73.14 16.42 -12.03
CA GLY B 649 -73.32 15.04 -11.62
C GLY B 649 -71.98 14.39 -11.30
N ARG B 650 -71.90 13.78 -10.12
CA ARG B 650 -70.72 13.09 -9.58
C ARG B 650 -69.51 14.02 -9.45
N HIS B 651 -68.49 13.58 -8.73
CA HIS B 651 -67.28 14.36 -8.50
C HIS B 651 -66.09 13.46 -8.82
N SER B 652 -65.69 13.45 -10.09
CA SER B 652 -64.62 12.58 -10.60
C SER B 652 -64.89 11.11 -10.31
N GLU B 653 -66.16 10.74 -10.15
CA GLU B 653 -66.50 9.37 -9.81
C GLU B 653 -66.37 8.47 -11.05
N ALA B 654 -66.27 7.16 -10.78
CA ALA B 654 -66.04 6.15 -11.81
C ALA B 654 -64.75 6.40 -12.58
N SER B 655 -63.79 7.10 -11.98
CA SER B 655 -62.52 7.42 -12.60
C SER B 655 -61.34 6.73 -11.92
N MET B 656 -61.21 6.89 -10.60
CA MET B 656 -60.13 6.25 -9.87
C MET B 656 -60.53 4.83 -9.49
N ILE B 657 -60.99 4.06 -10.46
CA ILE B 657 -61.34 2.65 -10.26
C ILE B 657 -60.61 1.87 -11.35
N GLY B 658 -59.41 1.41 -11.01
CA GLY B 658 -58.61 0.65 -11.97
C GLY B 658 -57.72 -0.37 -11.29
N LYS B 659 -57.78 -1.61 -11.74
CA LYS B 659 -57.01 -2.68 -11.13
C LYS B 659 -55.70 -2.90 -11.87
N TRP B 660 -54.59 -2.80 -11.13
CA TRP B 660 -53.28 -3.08 -11.70
C TRP B 660 -53.16 -4.59 -11.89
N ASN B 661 -53.27 -5.03 -13.15
CA ASN B 661 -53.20 -6.45 -13.44
C ASN B 661 -51.85 -7.06 -13.10
N SER B 662 -50.79 -6.26 -13.12
CA SER B 662 -49.45 -6.76 -12.83
C SER B 662 -48.62 -5.64 -12.24
N ALA B 663 -47.41 -6.00 -11.78
CA ALA B 663 -46.50 -5.00 -11.26
C ALA B 663 -46.08 -4.00 -12.32
N ASN B 664 -46.28 -4.32 -13.59
CA ASN B 664 -45.95 -3.37 -14.66
C ASN B 664 -46.80 -2.11 -14.53
N ASP B 665 -48.08 -2.25 -14.19
CA ASP B 665 -48.92 -1.08 -13.97
C ASP B 665 -48.42 -0.28 -12.78
N LEU B 666 -47.94 -0.96 -11.74
CA LEU B 666 -47.37 -0.26 -10.60
C LEU B 666 -46.12 0.53 -11.01
N GLU B 667 -45.28 -0.07 -11.85
CA GLU B 667 -44.12 0.66 -12.36
C GLU B 667 -44.55 1.86 -13.18
N VAL B 668 -45.59 1.70 -13.99
CA VAL B 668 -46.09 2.81 -14.81
C VAL B 668 -46.56 3.94 -13.90
N PHE B 669 -47.32 3.59 -12.85
CA PHE B 669 -47.81 4.62 -11.93
C PHE B 669 -46.65 5.30 -11.21
N LEU B 670 -45.63 4.53 -10.83
CA LEU B 670 -44.47 5.13 -10.18
C LEU B 670 -43.73 6.08 -11.11
N LYS B 671 -43.61 5.70 -12.38
CA LYS B 671 -42.92 6.57 -13.34
C LYS B 671 -43.72 7.83 -13.62
N ASP B 672 -45.05 7.71 -13.67
CA ASP B 672 -45.89 8.88 -13.90
C ASP B 672 -45.96 9.80 -12.69
N PHE B 673 -45.43 9.37 -11.54
CA PHE B 673 -45.47 10.20 -10.34
C PHE B 673 -44.70 11.49 -10.56
N LYS B 674 -45.31 12.60 -10.17
CA LYS B 674 -44.72 13.93 -10.32
C LYS B 674 -44.11 14.35 -9.00
N GLN B 675 -42.87 14.84 -9.05
CA GLN B 675 -42.19 15.27 -7.84
C GLN B 675 -42.90 16.47 -7.23
N HIS B 676 -42.82 16.56 -5.90
CA HIS B 676 -43.42 17.62 -5.10
C HIS B 676 -44.94 17.62 -5.16
N SER B 677 -45.55 16.55 -5.68
CA SER B 677 -47.00 16.50 -5.75
C SER B 677 -47.64 16.50 -4.37
N LEU B 678 -47.05 15.74 -3.43
CA LEU B 678 -47.60 15.68 -2.09
C LEU B 678 -47.33 16.93 -1.27
N ARG B 679 -46.49 17.84 -1.76
CA ARG B 679 -46.16 19.09 -1.08
C ARG B 679 -45.56 18.84 0.29
N ASN B 680 -44.91 17.69 0.46
CA ASN B 680 -44.19 17.34 1.68
C ASN B 680 -43.13 16.31 1.33
N PRO B 681 -41.85 16.71 1.21
CA PRO B 681 -40.84 15.78 0.71
C PRO B 681 -40.70 14.51 1.52
N ILE B 682 -40.81 14.58 2.85
CA ILE B 682 -40.62 13.40 3.68
C ILE B 682 -41.73 12.39 3.42
N VAL B 683 -42.99 12.86 3.43
CA VAL B 683 -44.11 11.95 3.23
C VAL B 683 -44.08 11.36 1.83
N GLU B 684 -43.74 12.17 0.82
CA GLU B 684 -43.74 11.66 -0.54
C GLU B 684 -42.61 10.64 -0.74
N GLN B 685 -41.44 10.89 -0.16
CA GLN B 685 -40.36 9.91 -0.30
C GLN B 685 -40.71 8.61 0.43
N VAL B 686 -41.34 8.70 1.60
CA VAL B 686 -41.76 7.50 2.30
C VAL B 686 -42.77 6.73 1.48
N ILE B 687 -43.74 7.41 0.88
CA ILE B 687 -44.77 6.74 0.11
C ILE B 687 -44.17 6.07 -1.13
N THR B 688 -43.26 6.77 -1.82
CA THR B 688 -42.62 6.16 -2.98
C THR B 688 -41.82 4.93 -2.58
N GLU B 689 -41.06 5.01 -1.48
CA GLU B 689 -40.33 3.84 -1.03
C GLU B 689 -41.27 2.70 -0.65
N THR B 690 -42.44 3.02 -0.10
CA THR B 690 -43.42 2.00 0.22
C THR B 690 -43.91 1.31 -1.04
N LEU B 691 -44.18 2.09 -2.09
CA LEU B 691 -44.59 1.48 -3.35
C LEU B 691 -43.49 0.61 -3.92
N ARG B 692 -42.24 1.05 -3.82
CA ARG B 692 -41.11 0.22 -4.26
C ARG B 692 -41.09 -1.11 -3.53
N VAL B 693 -41.24 -1.08 -2.21
CA VAL B 693 -41.19 -2.29 -1.41
C VAL B 693 -42.35 -3.21 -1.77
N VAL B 694 -43.54 -2.65 -1.97
CA VAL B 694 -44.70 -3.45 -2.33
C VAL B 694 -44.47 -4.12 -3.68
N LYS B 695 -43.93 -3.38 -4.65
CA LYS B 695 -43.65 -3.96 -5.96
C LYS B 695 -42.64 -5.08 -5.86
N ASP B 696 -41.58 -4.89 -5.06
CA ASP B 696 -40.57 -5.94 -4.93
C ASP B 696 -41.15 -7.18 -4.26
N ILE B 697 -41.99 -7.00 -3.24
CA ILE B 697 -42.65 -8.14 -2.61
C ILE B 697 -43.52 -8.87 -3.61
N TRP B 698 -44.30 -8.13 -4.39
CA TRP B 698 -45.16 -8.74 -5.39
C TRP B 698 -44.35 -9.56 -6.37
N LEU B 699 -43.27 -8.97 -6.91
CA LEU B 699 -42.45 -9.68 -7.88
C LEU B 699 -41.82 -10.92 -7.27
N LYS B 700 -41.32 -10.83 -6.04
CA LYS B 700 -40.58 -11.94 -5.46
C LYS B 700 -41.49 -13.10 -5.10
N TYR B 701 -42.64 -12.80 -4.45
CA TYR B 701 -43.46 -13.87 -3.90
C TYR B 701 -44.69 -14.21 -4.72
N GLY B 702 -44.97 -13.47 -5.78
CA GLY B 702 -46.12 -13.79 -6.62
C GLY B 702 -45.85 -13.60 -8.09
N ASN B 703 -44.63 -13.18 -8.43
CA ASN B 703 -44.22 -12.96 -9.81
C ASN B 703 -45.17 -11.98 -10.53
N GLY B 704 -45.69 -11.02 -9.80
CA GLY B 704 -46.57 -10.02 -10.40
C GLY B 704 -47.89 -10.56 -10.88
N THR B 705 -48.29 -11.75 -10.44
CA THR B 705 -49.57 -12.30 -10.87
C THR B 705 -50.73 -11.47 -10.33
N LYS B 706 -51.80 -11.41 -11.11
CA LYS B 706 -52.96 -10.60 -10.75
C LYS B 706 -53.64 -11.21 -9.52
N ASP B 707 -54.11 -10.33 -8.63
CA ASP B 707 -54.78 -10.72 -7.39
C ASP B 707 -53.89 -11.61 -6.52
N PHE B 708 -52.59 -11.32 -6.52
CA PHE B 708 -51.69 -12.06 -5.64
C PHE B 708 -51.91 -11.68 -4.18
N PHE B 709 -52.06 -10.39 -3.90
CA PHE B 709 -52.29 -9.91 -2.54
C PHE B 709 -53.79 -9.97 -2.27
N ASN B 710 -54.20 -10.85 -1.35
CA ASN B 710 -55.61 -10.96 -1.02
C ASN B 710 -56.10 -9.80 -0.17
N GLU B 711 -55.31 -9.37 0.81
CA GLU B 711 -55.64 -8.18 1.59
C GLU B 711 -54.37 -7.44 1.97
N ILE B 712 -54.52 -6.13 2.13
CA ILE B 712 -53.45 -5.27 2.61
C ILE B 712 -53.97 -4.54 3.83
N HIS B 713 -53.22 -4.60 4.93
CA HIS B 713 -53.53 -3.85 6.14
C HIS B 713 -52.40 -2.85 6.36
N ILE B 714 -52.73 -1.57 6.34
CA ILE B 714 -51.77 -0.49 6.44
C ILE B 714 -52.05 0.31 7.68
N GLU B 715 -50.99 0.75 8.37
CA GLU B 715 -51.18 1.69 9.47
C GLU B 715 -50.01 2.67 9.45
N LEU B 716 -50.33 3.93 9.70
CA LEU B 716 -49.40 5.03 9.53
C LEU B 716 -48.93 5.52 10.89
N GLY B 717 -47.76 6.16 10.90
CA GLY B 717 -47.26 6.75 12.13
C GLY B 717 -48.07 7.95 12.56
N ARG B 718 -47.98 8.26 13.85
CA ARG B 718 -48.72 9.39 14.40
C ARG B 718 -48.24 10.71 13.81
N GLU B 719 -46.92 10.86 13.68
CA GLU B 719 -46.37 12.18 13.32
C GLU B 719 -46.58 12.49 11.85
N MET B 720 -46.51 11.48 10.98
CA MET B 720 -46.54 11.76 9.55
C MET B 720 -47.96 11.81 8.99
N LYS B 721 -48.99 11.53 9.81
CA LYS B 721 -50.36 11.76 9.36
C LYS B 721 -50.71 13.23 9.42
N LEU B 722 -50.19 13.95 10.41
CA LEU B 722 -50.61 15.31 10.68
C LEU B 722 -49.98 16.31 9.70
N PRO B 723 -50.61 17.47 9.55
CA PRO B 723 -49.96 18.59 8.87
C PRO B 723 -48.92 19.23 9.78
N ALA B 724 -48.21 20.23 9.25
CA ALA B 724 -47.18 20.90 10.02
C ALA B 724 -47.75 21.59 11.24
N ASP B 725 -48.89 22.28 11.08
CA ASP B 725 -49.48 23.00 12.20
C ASP B 725 -49.92 22.05 13.30
N ASP B 726 -50.58 20.95 12.92
CA ASP B 726 -50.94 19.93 13.91
C ASP B 726 -49.74 19.17 14.42
N ARG B 727 -48.62 19.18 13.68
CA ARG B 727 -47.42 18.50 14.14
C ARG B 727 -46.71 19.29 15.23
N LYS B 728 -46.65 20.62 15.09
CA LYS B 728 -45.84 21.39 16.04
C LYS B 728 -46.40 21.31 17.45
N LYS B 729 -47.71 21.16 17.59
CA LYS B 729 -48.30 21.06 18.92
C LYS B 729 -48.03 19.71 19.56
N LEU B 730 -48.06 18.62 18.78
CA LEU B 730 -48.00 17.28 19.35
C LEU B 730 -46.73 17.06 20.15
N THR B 731 -45.66 17.80 19.84
CA THR B 731 -44.45 17.71 20.64
C THR B 731 -44.71 18.17 22.08
N ASN B 732 -45.56 19.18 22.25
CA ASN B 732 -45.80 19.73 23.58
C ASN B 732 -46.46 18.69 24.48
N GLN B 733 -47.53 18.04 24.00
CA GLN B 733 -48.23 17.08 24.85
C GLN B 733 -47.34 15.89 25.21
N ILE B 734 -46.59 15.37 24.23
CA ILE B 734 -45.73 14.22 24.54
C ILE B 734 -44.63 14.61 25.52
N THR B 735 -44.00 15.77 25.31
CA THR B 735 -42.95 16.21 26.23
C THR B 735 -43.49 16.41 27.64
N GLU B 736 -44.67 17.02 27.76
CA GLU B 736 -45.31 17.12 29.06
C GLU B 736 -45.60 15.74 29.62
N ASN B 737 -45.88 14.75 28.76
CA ASN B 737 -46.12 13.40 29.24
C ASN B 737 -44.87 12.81 29.88
N GLU B 738 -43.71 12.92 29.21
CA GLU B 738 -42.51 12.41 29.86
C GLU B 738 -42.14 13.21 31.10
N ASN B 739 -42.45 14.52 31.11
CA ASN B 739 -42.24 15.29 32.33
C ASN B 739 -43.09 14.73 33.48
N THR B 740 -44.35 14.41 33.19
CA THR B 740 -45.22 13.83 34.20
C THR B 740 -44.72 12.46 34.65
N ASN B 741 -44.21 11.64 33.72
CA ASN B 741 -43.67 10.34 34.10
C ASN B 741 -42.47 10.51 35.03
N LEU B 742 -41.56 11.43 34.68
CA LEU B 742 -40.43 11.73 35.54
C LEU B 742 -40.89 12.13 36.94
N ARG B 743 -41.87 13.03 37.01
CA ARG B 743 -42.40 13.45 38.30
C ARG B 743 -43.02 12.28 39.06
N ILE B 744 -43.72 11.40 38.35
CA ILE B 744 -44.40 10.27 39.00
C ILE B 744 -43.36 9.35 39.65
N LYS B 745 -42.33 8.99 38.89
CA LYS B 745 -41.35 8.06 39.46
C LYS B 745 -40.50 8.74 40.54
N ALA B 746 -40.22 10.03 40.40
CA ALA B 746 -39.53 10.74 41.47
C ALA B 746 -40.38 10.77 42.74
N LEU B 747 -41.68 11.02 42.58
CA LEU B 747 -42.57 11.02 43.74
C LEU B 747 -42.63 9.65 44.39
N LEU B 748 -42.67 8.59 43.59
CA LEU B 748 -42.69 7.24 44.16
C LEU B 748 -41.38 6.92 44.88
N ALA B 749 -40.25 7.35 44.31
CA ALA B 749 -38.97 7.16 44.96
C ALA B 749 -38.87 7.95 46.25
N GLU B 750 -39.61 9.06 46.35
CA GLU B 750 -39.72 9.74 47.63
C GLU B 750 -40.66 9.01 48.58
N MET B 751 -41.71 8.40 48.05
CA MET B 751 -42.70 7.75 48.89
C MET B 751 -42.16 6.48 49.54
N MET B 752 -41.29 5.74 48.84
CA MET B 752 -40.84 4.47 49.40
C MET B 752 -40.06 4.67 50.70
N ASN B 753 -39.60 5.89 50.97
CA ASN B 753 -38.98 6.22 52.24
C ASN B 753 -39.99 6.53 53.34
N ASP B 754 -41.25 6.72 52.99
CA ASP B 754 -42.30 7.03 53.95
C ASP B 754 -43.29 5.87 54.01
N HIS B 755 -43.74 5.54 55.21
CA HIS B 755 -44.58 4.36 55.44
C HIS B 755 -46.04 4.74 55.23
N SER B 756 -46.40 4.97 53.97
CA SER B 756 -47.80 5.28 53.69
C SER B 756 -48.63 4.01 53.76
N VAL B 757 -48.45 3.10 52.80
CA VAL B 757 -48.83 1.71 52.95
C VAL B 757 -47.68 0.82 52.49
N GLU B 758 -47.27 0.99 51.23
CA GLU B 758 -46.31 0.11 50.60
C GLU B 758 -45.91 0.72 49.26
N ASN B 759 -44.68 0.42 48.83
CA ASN B 759 -44.16 0.87 47.55
C ASN B 759 -43.11 -0.12 47.05
N VAL B 760 -43.40 -0.84 45.96
CA VAL B 760 -42.51 -1.90 45.52
C VAL B 760 -41.32 -1.30 44.79
N ARG B 761 -41.55 -0.77 43.59
CA ARG B 761 -40.49 -0.09 42.80
C ARG B 761 -40.93 0.03 41.33
N PRO B 762 -40.96 -1.11 40.60
CA PRO B 762 -41.29 -0.97 39.19
C PRO B 762 -42.74 -1.26 38.91
N PHE B 763 -43.49 -1.67 39.93
CA PHE B 763 -44.88 -2.05 39.69
C PHE B 763 -45.60 -0.97 38.90
N SER B 764 -45.86 -1.24 37.62
CA SER B 764 -46.51 -0.23 36.77
C SER B 764 -47.92 0.13 37.20
N PRO B 765 -48.80 -0.81 37.62
CA PRO B 765 -50.17 -0.38 37.95
C PRO B 765 -50.25 0.66 39.05
N MET B 766 -49.39 0.60 40.08
CA MET B 766 -49.43 1.64 41.09
C MET B 766 -48.96 2.98 40.53
N GLN B 767 -48.01 2.95 39.59
CA GLN B 767 -47.59 4.18 38.92
C GLN B 767 -48.75 4.77 38.13
N GLN B 768 -49.53 3.92 37.45
CA GLN B 768 -50.71 4.40 36.74
C GLN B 768 -51.75 4.96 37.71
N GLU B 769 -51.91 4.32 38.87
CA GLU B 769 -52.84 4.81 39.87
C GLU B 769 -52.44 6.18 40.37
N ILE B 770 -51.14 6.40 40.59
CA ILE B 770 -50.66 7.73 40.99
C ILE B 770 -50.87 8.72 39.84
N LEU B 771 -50.60 8.29 38.60
CA LEU B 771 -50.79 9.15 37.44
C LEU B 771 -52.24 9.55 37.26
N LYS B 772 -53.17 8.75 37.78
CA LYS B 772 -54.58 9.12 37.76
C LYS B 772 -55.04 9.83 39.03
N ILE B 773 -54.29 9.70 40.13
CA ILE B 773 -54.68 10.31 41.39
C ILE B 773 -54.10 11.70 41.58
N TYR B 774 -53.07 12.08 40.81
CA TYR B 774 -52.49 13.39 40.98
C TYR B 774 -53.23 14.49 40.22
N GLU B 775 -54.32 14.15 39.53
CA GLU B 775 -55.09 15.11 38.74
C GLU B 775 -55.88 16.09 39.60
N ASP B 776 -55.70 16.16 40.92
CA ASP B 776 -56.46 17.10 41.73
C ASP B 776 -56.14 18.56 41.41
N GLY B 777 -55.06 18.83 40.67
CA GLY B 777 -54.76 20.20 40.29
C GLY B 777 -55.85 20.81 39.43
N VAL B 778 -56.42 20.03 38.51
CA VAL B 778 -57.53 20.50 37.70
C VAL B 778 -58.85 20.48 38.44
N LEU B 779 -58.85 20.09 39.71
CA LEU B 779 -60.07 20.05 40.51
C LEU B 779 -60.21 21.34 41.31
N LYS B 780 -60.52 22.42 40.60
CA LYS B 780 -60.86 23.71 41.17
C LYS B 780 -59.73 24.32 42.01
N SER B 781 -59.78 24.10 43.32
CA SER B 781 -58.91 24.83 44.25
C SER B 781 -57.44 24.62 43.93
N ASP B 782 -56.69 25.72 43.93
CA ASP B 782 -55.26 25.68 43.62
C ASP B 782 -54.58 26.87 44.28
N ILE B 783 -53.28 26.72 44.52
CA ILE B 783 -52.44 27.79 45.02
C ILE B 783 -51.17 27.84 44.17
N GLU B 784 -50.57 29.02 44.10
CA GLU B 784 -49.44 29.26 43.21
C GLU B 784 -48.09 28.88 43.82
N ILE B 785 -48.03 28.56 45.11
CA ILE B 785 -46.75 28.31 45.76
C ILE B 785 -46.06 27.12 45.12
N GLU B 786 -46.68 25.95 45.19
CA GLU B 786 -46.16 24.75 44.52
C GLU B 786 -46.79 24.57 43.13
N ASP B 787 -46.77 25.65 42.34
CA ASP B 787 -47.24 25.60 40.96
C ASP B 787 -46.10 25.33 39.99
N ASP B 788 -44.91 25.86 40.26
CA ASP B 788 -43.74 25.52 39.45
C ASP B 788 -43.37 24.05 39.60
N ILE B 789 -43.72 23.45 40.74
CA ILE B 789 -43.40 22.04 40.96
C ILE B 789 -44.22 21.15 40.02
N LEU B 790 -45.44 21.57 39.68
CA LEU B 790 -46.26 20.78 38.77
C LEU B 790 -45.67 20.79 37.36
N LYS B 791 -45.27 21.96 36.86
CA LYS B 791 -44.77 22.05 35.50
C LYS B 791 -43.36 21.49 35.36
N ILE B 792 -42.56 21.51 36.42
CA ILE B 792 -41.21 20.96 36.38
C ILE B 792 -41.30 19.44 36.30
N SER B 793 -40.19 18.79 35.98
CA SER B 793 -40.17 17.34 35.80
C SER B 793 -39.29 16.59 36.79
N LYS B 794 -38.22 17.21 37.29
CA LYS B 794 -37.25 16.51 38.14
C LYS B 794 -37.45 16.75 39.63
N THR B 795 -37.69 18.01 40.03
CA THR B 795 -37.86 18.38 41.43
C THR B 795 -36.64 18.02 42.27
N ALA B 796 -36.75 18.23 43.58
CA ALA B 796 -35.69 17.82 44.48
C ALA B 796 -36.31 16.67 45.21
N GLN B 797 -35.62 15.54 45.28
CA GLN B 797 -36.23 14.36 45.87
C GLN B 797 -35.86 14.10 47.33
N PRO B 798 -34.56 14.04 47.64
CA PRO B 798 -34.21 13.66 49.01
C PRO B 798 -34.33 14.79 50.03
N SER B 799 -34.46 14.44 51.30
CA SER B 799 -34.51 15.45 52.36
C SER B 799 -35.51 16.58 52.18
N SER B 800 -35.25 17.69 52.84
CA SER B 800 -36.15 18.84 52.78
C SER B 800 -36.24 19.30 51.33
N SER B 801 -37.31 18.89 50.65
CA SER B 801 -37.41 19.15 49.24
C SER B 801 -38.82 19.51 48.75
N ASP B 802 -38.90 20.13 47.58
CA ASP B 802 -40.18 20.48 47.01
C ASP B 802 -41.11 19.27 46.89
N LEU B 803 -40.53 18.08 46.72
CA LEU B 803 -41.35 16.87 46.71
C LEU B 803 -42.06 16.68 48.04
N LYS B 804 -41.37 16.94 49.15
CA LYS B 804 -41.97 16.79 50.46
C LYS B 804 -43.17 17.71 50.63
N ARG B 805 -42.99 19.01 50.36
CA ARG B 805 -44.08 19.95 50.51
C ARG B 805 -45.21 19.65 49.52
N TYR B 806 -44.86 19.18 48.33
CA TYR B 806 -45.87 18.74 47.38
C TYR B 806 -46.70 17.61 47.98
N LYS B 807 -46.05 16.68 48.67
CA LYS B 807 -46.78 15.61 49.34
C LYS B 807 -47.67 16.16 50.45
N LEU B 808 -47.17 17.13 51.22
CA LEU B 808 -47.99 17.69 52.30
C LEU B 808 -49.25 18.36 51.76
N TRP B 809 -49.11 19.28 50.81
CA TRP B 809 -50.31 19.93 50.29
C TRP B 809 -51.16 18.95 49.50
N LEU B 810 -50.55 18.22 48.57
CA LEU B 810 -51.23 17.20 47.79
C LEU B 810 -51.19 15.91 48.61
N GLU B 811 -52.05 15.85 49.62
CA GLU B 811 -52.18 14.63 50.42
C GLU B 811 -53.64 14.21 50.52
N GLN B 812 -54.57 15.17 50.54
CA GLN B 812 -55.98 14.83 50.70
C GLN B 812 -56.90 15.68 49.83
N LYS B 813 -56.37 16.54 48.96
CA LYS B 813 -57.23 17.43 48.18
C LYS B 813 -57.78 16.73 46.94
N TYR B 814 -58.36 15.54 47.11
CA TYR B 814 -58.92 14.81 45.97
C TYR B 814 -59.95 13.83 46.51
N LYS B 815 -61.20 14.00 46.10
CA LYS B 815 -62.31 13.18 46.60
C LYS B 815 -62.56 11.99 45.68
N SER B 816 -63.14 10.95 46.25
CA SER B 816 -63.44 9.74 45.47
C SER B 816 -64.61 10.00 44.52
N PRO B 817 -64.50 9.62 43.25
CA PRO B 817 -65.64 9.81 42.34
C PRO B 817 -66.89 9.03 42.75
N TYR B 818 -66.74 7.82 43.28
CA TYR B 818 -67.88 6.98 43.58
C TYR B 818 -68.31 6.96 45.03
N THR B 819 -67.65 7.72 45.91
CA THR B 819 -68.17 7.96 47.25
C THR B 819 -68.07 9.40 47.70
N GLY B 820 -67.38 10.27 46.96
CA GLY B 820 -67.27 11.66 47.36
C GLY B 820 -66.56 11.86 48.68
N GLN B 821 -65.49 11.08 48.92
CA GLN B 821 -64.67 11.20 50.10
C GLN B 821 -63.23 11.45 49.69
N ILE B 822 -62.56 12.35 50.41
CA ILE B 822 -61.16 12.64 50.16
C ILE B 822 -60.33 11.39 50.40
N ILE B 823 -59.19 11.29 49.70
CA ILE B 823 -58.32 10.13 49.78
C ILE B 823 -56.96 10.58 50.28
N PRO B 824 -56.45 10.03 51.39
CA PRO B 824 -55.16 10.47 51.91
C PRO B 824 -53.99 10.08 51.03
N LEU B 825 -54.27 9.47 49.89
CA LEU B 825 -53.32 9.10 48.85
C LEU B 825 -52.43 7.94 49.30
N ASN B 826 -52.57 7.52 50.55
CA ASN B 826 -51.88 6.34 51.03
C ASN B 826 -52.71 5.08 50.90
N LYS B 827 -54.02 5.19 51.03
CA LYS B 827 -54.94 4.08 50.87
C LYS B 827 -55.16 3.68 49.41
N LEU B 828 -54.51 4.37 48.47
CA LEU B 828 -54.62 4.02 47.07
C LEU B 828 -54.11 2.61 46.80
N PHE B 829 -52.89 2.32 47.24
CA PHE B 829 -52.28 1.03 46.96
C PHE B 829 -52.98 -0.10 47.70
N THR B 830 -53.74 0.20 48.75
CA THR B 830 -54.47 -0.80 49.48
C THR B 830 -55.45 -1.50 48.54
N PRO B 831 -55.65 -2.82 48.68
CA PRO B 831 -56.55 -3.52 47.75
C PRO B 831 -57.98 -3.02 47.81
N GLU B 832 -58.34 -2.33 48.89
CA GLU B 832 -59.67 -1.76 49.01
C GLU B 832 -59.96 -0.71 47.95
N TYR B 833 -58.92 -0.15 47.32
CA TYR B 833 -59.07 0.89 46.31
C TYR B 833 -58.22 0.53 45.09
N GLU B 834 -58.77 0.74 43.90
CA GLU B 834 -58.13 0.31 42.67
C GLU B 834 -58.59 1.19 41.52
N ILE B 835 -58.20 0.81 40.31
CA ILE B 835 -58.55 1.57 39.11
C ILE B 835 -59.95 1.21 38.67
N GLU B 836 -60.75 2.22 38.35
CA GLU B 836 -62.12 2.03 37.90
C GLU B 836 -62.26 2.46 36.45
N ALA B 837 -62.86 1.61 35.63
CA ALA B 837 -63.12 1.90 34.24
C ALA B 837 -64.54 2.44 34.10
N ILE B 838 -64.67 3.66 33.59
CA ILE B 838 -65.99 4.25 33.39
C ILE B 838 -66.79 3.42 32.39
N ILE B 839 -66.16 2.99 31.32
CA ILE B 839 -66.77 2.14 30.30
C ILE B 839 -66.25 0.73 30.49
N PRO B 840 -67.09 -0.30 30.49
CA PRO B 840 -66.65 -1.65 30.85
C PRO B 840 -65.83 -2.31 29.74
N GLN B 841 -65.13 -3.37 30.14
CA GLN B 841 -64.39 -4.18 29.19
C GLN B 841 -65.33 -4.94 28.25
N SER B 842 -66.49 -5.35 28.74
CA SER B 842 -67.51 -6.06 27.96
C SER B 842 -68.28 -5.15 27.03
N ARG B 843 -67.76 -3.94 26.83
CA ARG B 843 -68.37 -2.90 26.02
C ARG B 843 -67.24 -2.13 25.35
N TYR B 844 -67.53 -0.90 24.92
CA TYR B 844 -66.59 -0.05 24.19
C TYR B 844 -65.17 -0.18 24.73
N PHE B 845 -64.22 -0.34 23.80
CA PHE B 845 -62.84 -0.73 24.13
C PHE B 845 -61.92 0.48 24.29
N ASP B 846 -62.43 1.60 24.77
CA ASP B 846 -61.60 2.78 24.97
C ASP B 846 -60.49 2.51 25.98
N ASP B 847 -59.31 3.04 25.70
CA ASP B 847 -58.18 2.95 26.62
C ASP B 847 -57.62 4.31 27.00
N SER B 848 -58.27 5.40 26.59
CA SER B 848 -57.77 6.74 26.89
C SER B 848 -57.90 7.04 28.38
N PHE B 849 -57.10 8.02 28.83
CA PHE B 849 -57.10 8.39 30.24
C PHE B 849 -58.43 8.98 30.68
N SER B 850 -59.23 9.50 29.75
CA SER B 850 -60.53 10.06 30.10
C SER B 850 -61.54 8.97 30.44
N ASN B 851 -61.23 7.70 30.19
CA ASN B 851 -62.07 6.59 30.58
C ASN B 851 -61.39 5.75 31.64
N LYS B 852 -60.74 6.41 32.59
CA LYS B 852 -60.04 5.74 33.67
C LYS B 852 -60.12 6.59 34.93
N ILE B 853 -60.66 6.00 36.00
CA ILE B 853 -60.68 6.62 37.31
C ILE B 853 -60.28 5.57 38.34
N ILE B 854 -60.28 5.95 39.61
CA ILE B 854 -59.88 5.08 40.70
C ILE B 854 -60.80 5.31 41.90
N CYS B 855 -61.21 4.22 42.54
CA CYS B 855 -62.09 4.30 43.69
C CYS B 855 -62.01 2.98 44.46
N GLU B 856 -62.98 2.73 45.35
CA GLU B 856 -62.92 1.54 46.20
C GLU B 856 -63.04 0.26 45.39
N SER B 857 -62.56 -0.83 46.01
CA SER B 857 -62.74 -2.15 45.42
C SER B 857 -64.19 -2.62 45.51
N ALA B 858 -64.92 -2.20 46.55
CA ALA B 858 -66.30 -2.65 46.72
C ALA B 858 -67.17 -2.14 45.58
N VAL B 859 -67.07 -0.86 45.24
CA VAL B 859 -67.86 -0.32 44.16
C VAL B 859 -67.41 -0.88 42.82
N ASN B 860 -66.12 -1.19 42.68
CA ASN B 860 -65.63 -1.85 41.47
C ASN B 860 -66.26 -3.22 41.30
N LYS B 861 -66.35 -3.98 42.40
CA LYS B 861 -66.98 -5.30 42.34
C LYS B 861 -68.47 -5.19 42.05
N LEU B 862 -69.14 -4.20 42.65
CA LEU B 862 -70.58 -4.06 42.53
C LEU B 862 -71.01 -3.35 41.25
N LYS B 863 -70.07 -2.76 40.50
CA LYS B 863 -70.46 -2.00 39.31
C LYS B 863 -71.15 -2.87 38.28
N ASP B 864 -70.69 -4.11 38.14
CA ASP B 864 -71.33 -5.04 37.22
C ASP B 864 -71.40 -4.45 35.83
N ASN B 865 -70.25 -4.39 35.16
CA ASN B 865 -70.19 -3.87 33.79
C ASN B 865 -71.13 -2.73 33.43
N TYR B 866 -72.33 -3.04 32.95
CA TYR B 866 -73.22 -2.00 32.46
C TYR B 866 -73.31 -0.85 33.46
N ILE B 867 -73.29 0.38 32.94
CA ILE B 867 -72.96 1.55 33.73
C ILE B 867 -74.18 2.45 33.93
N GLY B 868 -74.17 3.20 35.03
CA GLY B 868 -75.23 4.15 35.29
C GLY B 868 -76.71 3.84 35.21
N LEU B 869 -77.52 4.88 35.16
CA LEU B 869 -78.97 4.72 35.04
C LEU B 869 -79.55 3.70 35.99
N GLY B 870 -80.40 2.83 35.48
CA GLY B 870 -81.05 1.83 36.32
C GLY B 870 -80.31 1.50 37.59
N PHE B 871 -79.18 0.80 37.46
CA PHE B 871 -78.46 0.36 38.65
C PHE B 871 -77.98 1.54 39.52
N ILE B 872 -77.46 2.60 38.92
CA ILE B 872 -76.95 3.69 39.75
C ILE B 872 -78.09 4.38 40.48
N LYS B 873 -79.30 4.35 39.93
CA LYS B 873 -80.46 4.85 40.64
C LYS B 873 -81.11 3.79 41.51
N GLN B 874 -80.98 2.52 41.14
CA GLN B 874 -81.58 1.44 41.92
C GLN B 874 -80.81 1.19 43.21
N PHE B 875 -79.48 1.23 43.16
CA PHE B 875 -78.62 0.99 44.31
C PHE B 875 -78.28 2.26 45.08
N GLY B 876 -78.79 3.41 44.66
CA GLY B 876 -78.50 4.66 45.34
C GLY B 876 -78.90 4.65 46.80
N GLY B 877 -77.99 5.06 47.68
CA GLY B 877 -78.23 5.07 49.10
C GLY B 877 -77.83 3.80 49.83
N THR B 878 -77.38 2.78 49.12
CA THR B 878 -76.95 1.55 49.77
C THR B 878 -75.67 1.79 50.57
N ILE B 879 -75.59 1.17 51.74
CA ILE B 879 -74.43 1.29 52.63
C ILE B 879 -73.63 0.01 52.52
N ILE B 880 -72.35 0.13 52.18
CA ILE B 880 -71.47 -1.01 51.96
C ILE B 880 -70.27 -0.89 52.88
N GLU B 881 -69.94 -1.98 53.57
CA GLU B 881 -68.81 -1.99 54.49
C GLU B 881 -67.50 -2.16 53.71
N LEU B 882 -66.54 -1.28 53.97
CA LEU B 882 -65.22 -1.36 53.37
C LEU B 882 -64.28 -2.25 54.17
N GLY B 883 -64.82 -3.12 55.02
CA GLY B 883 -64.02 -3.97 55.86
C GLY B 883 -63.61 -3.29 57.16
N PHE B 884 -63.31 -4.13 58.15
CA PHE B 884 -62.82 -3.67 59.46
C PHE B 884 -63.82 -2.74 60.14
N GLY B 885 -65.11 -2.97 59.91
CA GLY B 885 -66.15 -2.22 60.59
C GLY B 885 -66.51 -0.89 59.97
N LYS B 886 -65.88 -0.50 58.86
CA LYS B 886 -66.14 0.78 58.23
C LYS B 886 -67.11 0.59 57.07
N SER B 887 -68.27 1.21 57.16
CA SER B 887 -69.30 1.11 56.13
C SER B 887 -69.54 2.48 55.51
N VAL B 888 -69.64 2.50 54.18
CA VAL B 888 -69.82 3.74 53.42
C VAL B 888 -71.10 3.62 52.61
N LYS B 889 -71.76 4.76 52.38
CA LYS B 889 -73.05 4.79 51.71
C LYS B 889 -72.88 5.18 50.25
N VAL B 890 -73.59 4.48 49.37
CA VAL B 890 -73.68 4.89 47.98
C VAL B 890 -74.39 6.25 47.91
N PHE B 891 -74.02 7.05 46.93
CA PHE B 891 -74.66 8.34 46.71
C PHE B 891 -76.16 8.25 46.77
N ASP B 892 -76.75 9.00 47.68
CA ASP B 892 -78.17 9.32 47.59
C ASP B 892 -78.41 10.06 46.28
N THR B 893 -79.27 9.50 45.42
CA THR B 893 -79.48 10.06 44.09
C THR B 893 -79.97 11.49 44.14
N GLU B 894 -80.70 11.86 45.20
CA GLU B 894 -81.17 13.24 45.35
C GLU B 894 -80.00 14.21 45.38
N GLU B 895 -78.96 13.89 46.14
CA GLU B 895 -77.75 14.70 46.15
C GLU B 895 -76.82 14.35 45.00
N TYR B 896 -76.85 13.10 44.53
CA TYR B 896 -75.90 12.69 43.51
C TYR B 896 -76.22 13.28 42.15
N GLU B 897 -77.47 13.60 41.87
CA GLU B 897 -77.77 14.30 40.63
C GLU B 897 -77.08 15.65 40.59
N ASP B 898 -77.21 16.42 41.67
CA ASP B 898 -76.51 17.69 41.77
C ASP B 898 -75.00 17.50 41.79
N PHE B 899 -74.52 16.38 42.35
CA PHE B 899 -73.09 16.11 42.35
C PHE B 899 -72.56 15.88 40.94
N VAL B 900 -73.23 15.02 40.18
CA VAL B 900 -72.82 14.67 38.82
C VAL B 900 -73.18 15.82 37.89
N LYS B 901 -73.86 16.83 38.42
CA LYS B 901 -74.10 18.05 37.65
C LYS B 901 -73.03 19.11 37.90
N LYS B 902 -72.63 19.33 39.14
CA LYS B 902 -71.76 20.46 39.46
C LYS B 902 -70.51 20.10 40.25
N HIS B 903 -70.59 19.13 41.18
CA HIS B 903 -69.52 18.92 42.14
C HIS B 903 -68.17 18.68 41.46
N TYR B 904 -68.12 17.73 40.52
CA TYR B 904 -66.93 17.52 39.70
C TYR B 904 -66.90 18.62 38.63
N ALA B 905 -66.58 19.84 39.09
CA ALA B 905 -66.62 21.01 38.24
C ALA B 905 -65.51 21.03 37.20
N ASN B 906 -64.54 20.11 37.29
CA ASN B 906 -63.51 20.04 36.26
C ASN B 906 -64.13 19.83 34.88
N ASN B 907 -64.96 18.80 34.75
CA ASN B 907 -65.92 18.67 33.66
C ASN B 907 -65.28 18.85 32.28
N ARG B 908 -64.12 18.23 32.08
CA ARG B 908 -63.47 18.35 30.79
C ARG B 908 -64.30 17.71 29.68
N GLY B 909 -64.41 16.39 29.68
CA GLY B 909 -65.28 15.72 28.73
C GLY B 909 -65.87 14.40 29.17
N LYS B 910 -65.65 14.00 30.42
CA LYS B 910 -65.78 12.58 30.75
C LYS B 910 -66.81 12.27 31.84
N ARG B 911 -67.05 13.21 32.75
CA ARG B 911 -67.96 12.92 33.87
C ARG B 911 -69.37 12.60 33.38
N ASN B 912 -69.87 13.35 32.40
CA ASN B 912 -71.24 13.17 31.94
C ASN B 912 -71.46 11.81 31.27
N LYS B 913 -70.42 11.19 30.73
CA LYS B 913 -70.58 9.93 30.00
C LYS B 913 -70.90 8.76 30.90
N LEU B 914 -70.87 8.94 32.23
CA LEU B 914 -71.02 7.81 33.14
C LEU B 914 -72.42 7.20 33.04
N LEU B 915 -73.45 8.03 32.92
CA LEU B 915 -74.81 7.53 33.09
C LEU B 915 -75.83 8.08 32.11
N MET B 916 -75.43 8.90 31.13
CA MET B 916 -76.43 9.56 30.29
C MET B 916 -77.23 8.56 29.46
N GLU B 917 -76.60 7.87 28.49
CA GLU B 917 -77.16 6.66 27.89
C GLU B 917 -76.14 6.01 26.95
N ASP B 918 -75.86 4.72 27.16
CA ASP B 918 -74.99 3.92 26.29
C ASP B 918 -73.86 4.72 25.65
N ILE B 919 -73.84 4.76 24.32
CA ILE B 919 -72.87 5.53 23.54
C ILE B 919 -73.64 6.33 22.51
N PRO B 920 -73.31 7.61 22.28
CA PRO B 920 -74.05 8.41 21.30
C PRO B 920 -73.92 7.84 19.89
N GLU B 921 -74.75 8.38 19.00
CA GLU B 921 -74.84 7.90 17.63
C GLU B 921 -73.80 8.54 16.71
N LYS B 922 -72.92 9.38 17.25
CA LYS B 922 -71.87 10.00 16.44
C LYS B 922 -70.49 9.90 17.07
N MET B 923 -70.39 9.59 18.36
CA MET B 923 -69.09 9.57 19.03
C MET B 923 -68.19 8.48 18.45
N ILE B 924 -68.74 7.28 18.24
CA ILE B 924 -67.95 6.22 17.63
C ILE B 924 -67.65 6.51 16.17
N GLU B 925 -68.61 7.09 15.45
CA GLU B 925 -68.35 7.49 14.06
C GLU B 925 -67.29 8.58 13.96
N ARG B 926 -67.05 9.32 15.03
CA ARG B 926 -65.89 10.21 15.06
C ARG B 926 -64.60 9.41 14.89
N GLN B 927 -64.49 8.27 15.58
CA GLN B 927 -63.44 7.31 15.27
C GLN B 927 -63.77 6.59 13.96
N LEU B 928 -62.77 5.90 13.41
CA LEU B 928 -62.89 5.19 12.14
C LEU B 928 -63.09 6.17 10.99
N ASN B 929 -62.91 5.71 9.75
CA ASN B 929 -63.05 6.55 8.56
C ASN B 929 -62.09 7.74 8.62
N ASP B 930 -60.79 7.41 8.61
CA ASP B 930 -59.76 8.42 8.69
C ASP B 930 -59.86 9.39 7.52
N THR B 931 -60.09 10.66 7.83
CA THR B 931 -60.30 11.68 6.80
C THR B 931 -59.02 12.49 6.55
N ARG B 932 -57.92 12.15 7.21
CA ARG B 932 -56.65 12.80 6.92
C ARG B 932 -56.25 12.54 5.47
N TYR B 933 -55.70 13.56 4.81
CA TYR B 933 -55.44 13.46 3.38
C TYR B 933 -54.38 12.40 3.10
N ILE B 934 -53.32 12.35 3.90
CA ILE B 934 -52.25 11.39 3.65
C ILE B 934 -52.78 9.97 3.73
N SER B 935 -53.56 9.68 4.78
CA SER B 935 -54.10 8.35 4.98
C SER B 935 -55.02 7.94 3.84
N LYS B 936 -55.99 8.79 3.50
CA LYS B 936 -56.90 8.45 2.42
C LYS B 936 -56.18 8.36 1.09
N TYR B 937 -55.14 9.16 0.90
CA TYR B 937 -54.40 9.15 -0.35
C TYR B 937 -53.65 7.83 -0.52
N ILE B 938 -52.92 7.41 0.50
CA ILE B 938 -52.19 6.14 0.40
C ILE B 938 -53.18 4.98 0.30
N SER B 939 -54.31 5.08 1.00
CA SER B 939 -55.32 4.03 0.91
C SER B 939 -55.89 3.93 -0.50
N GLY B 940 -56.19 5.07 -1.12
CA GLY B 940 -56.68 5.06 -2.49
C GLY B 940 -55.66 4.51 -3.46
N ILE B 941 -54.40 4.88 -3.27
CA ILE B 941 -53.34 4.36 -4.14
C ILE B 941 -53.27 2.84 -4.03
N LEU B 942 -53.22 2.32 -2.81
CA LEU B 942 -53.11 0.89 -2.63
C LEU B 942 -54.40 0.16 -2.98
N SER B 943 -55.52 0.88 -3.09
CA SER B 943 -56.77 0.23 -3.48
C SER B 943 -56.68 -0.36 -4.87
N ASN B 944 -55.85 0.23 -5.74
CA ASN B 944 -55.74 -0.28 -7.11
C ASN B 944 -55.25 -1.71 -7.14
N ILE B 945 -54.45 -2.11 -6.16
CA ILE B 945 -53.93 -3.49 -6.14
C ILE B 945 -55.04 -4.48 -5.82
N VAL B 946 -55.86 -4.17 -4.81
CA VAL B 946 -56.77 -5.16 -4.27
C VAL B 946 -58.23 -4.76 -4.44
N ARG B 947 -58.53 -4.00 -5.49
CA ARG B 947 -59.91 -3.63 -5.78
C ARG B 947 -60.60 -4.76 -6.55
N VAL B 948 -61.82 -5.08 -6.15
CA VAL B 948 -62.62 -6.11 -6.81
C VAL B 948 -63.58 -5.43 -7.76
N GLU B 949 -63.64 -5.91 -9.01
CA GLU B 949 -64.43 -5.28 -10.05
C GLU B 949 -65.75 -5.99 -10.31
N ASP B 950 -66.17 -6.89 -9.40
CA ASP B 950 -67.46 -7.54 -9.55
C ASP B 950 -68.63 -6.59 -9.37
N GLY B 951 -68.38 -5.36 -8.89
CA GLY B 951 -69.42 -4.41 -8.60
C GLY B 951 -69.75 -4.27 -7.13
N SER B 952 -69.30 -5.19 -6.29
CA SER B 952 -69.54 -5.11 -4.86
C SER B 952 -68.56 -4.20 -4.13
N ASP B 953 -67.53 -3.72 -4.83
CA ASP B 953 -66.53 -2.82 -4.26
C ASP B 953 -66.55 -1.52 -5.05
N GLU B 954 -67.21 -0.49 -4.51
CA GLU B 954 -67.37 0.76 -5.22
C GLU B 954 -67.03 1.99 -4.39
N GLY B 955 -66.59 1.82 -3.15
CA GLY B 955 -66.18 2.96 -2.36
C GLY B 955 -64.86 3.54 -2.84
N VAL B 956 -64.52 4.70 -2.29
CA VAL B 956 -63.26 5.34 -2.64
C VAL B 956 -62.09 4.48 -2.20
N ASN B 957 -62.19 3.86 -1.03
CA ASN B 957 -61.22 2.89 -0.57
C ASN B 957 -61.78 1.48 -0.79
N SER B 958 -60.96 0.62 -1.36
CA SER B 958 -61.39 -0.76 -1.58
C SER B 958 -61.70 -1.43 -0.25
N LYS B 959 -62.73 -2.28 -0.25
CA LYS B 959 -63.08 -3.02 0.96
C LYS B 959 -61.97 -3.98 1.38
N ASN B 960 -61.03 -4.27 0.47
CA ASN B 960 -59.90 -5.12 0.79
C ASN B 960 -58.73 -4.35 1.38
N ILE B 961 -58.86 -3.04 1.56
CA ILE B 961 -57.89 -2.23 2.27
C ILE B 961 -58.50 -1.87 3.61
N VAL B 962 -57.81 -2.22 4.69
CA VAL B 962 -58.28 -1.97 6.04
C VAL B 962 -57.20 -1.18 6.78
N PRO B 963 -57.48 0.04 7.21
CA PRO B 963 -56.48 0.80 7.96
C PRO B 963 -56.39 0.33 9.41
N GLY B 964 -55.41 0.88 10.12
CA GLY B 964 -55.22 0.54 11.51
C GLY B 964 -54.81 1.70 12.38
N ASN B 965 -54.31 1.39 13.57
CA ASN B 965 -53.84 2.40 14.53
C ASN B 965 -53.03 1.65 15.59
N GLY B 966 -52.67 2.36 16.65
CA GLY B 966 -51.88 1.76 17.71
C GLY B 966 -52.69 1.06 18.78
N LYS B 967 -53.98 1.40 18.89
CA LYS B 967 -54.82 0.82 19.92
C LYS B 967 -54.96 -0.69 19.75
N ILE B 968 -55.25 -1.12 18.53
CA ILE B 968 -55.31 -2.56 18.25
C ILE B 968 -53.94 -3.18 18.42
N THR B 969 -52.90 -2.52 17.92
CA THR B 969 -51.56 -3.09 17.90
C THR B 969 -51.07 -3.38 19.31
N THR B 970 -51.29 -2.46 20.25
CA THR B 970 -50.77 -2.64 21.60
C THR B 970 -51.37 -3.87 22.26
N GLN B 971 -52.70 -3.97 22.26
CA GLN B 971 -53.35 -5.09 22.92
C GLN B 971 -53.02 -6.41 22.23
N LEU B 972 -53.02 -6.42 20.89
CA LEU B 972 -52.72 -7.65 20.18
C LEU B 972 -51.30 -8.12 20.44
N LYS B 973 -50.34 -7.19 20.49
CA LYS B 973 -48.96 -7.58 20.73
C LYS B 973 -48.73 -7.98 22.17
N GLN B 974 -49.51 -7.42 23.11
CA GLN B 974 -49.36 -7.83 24.49
C GLN B 974 -49.95 -9.21 24.75
N ASP B 975 -51.13 -9.48 24.17
CA ASP B 975 -51.79 -10.76 24.45
C ASP B 975 -51.15 -11.93 23.70
N TRP B 976 -50.62 -11.68 22.50
CA TRP B 976 -50.04 -12.75 21.70
C TRP B 976 -48.63 -13.10 22.11
N GLY B 977 -48.18 -12.66 23.28
CA GLY B 977 -46.85 -12.99 23.76
C GLY B 977 -45.75 -12.47 22.85
N LEU B 978 -45.83 -11.20 22.45
CA LEU B 978 -44.82 -10.61 21.59
C LEU B 978 -43.99 -9.54 22.28
N ASN B 979 -44.53 -8.86 23.29
CA ASN B 979 -43.73 -7.90 24.03
C ASN B 979 -42.60 -8.59 24.78
N ASP B 980 -42.87 -9.75 25.37
CA ASP B 980 -41.82 -10.53 26.01
C ASP B 980 -40.79 -11.00 24.99
N VAL B 981 -41.25 -11.32 23.76
CA VAL B 981 -40.32 -11.68 22.70
C VAL B 981 -39.40 -10.52 22.38
N TRP B 982 -39.95 -9.31 22.29
CA TRP B 982 -39.12 -8.14 22.04
C TRP B 982 -38.14 -7.91 23.19
N ASN B 983 -38.61 -8.13 24.42
CA ASN B 983 -37.72 -7.98 25.56
C ASN B 983 -36.56 -8.97 25.50
N ASP B 984 -36.85 -10.22 25.13
CA ASP B 984 -35.79 -11.21 24.99
C ASP B 984 -34.82 -10.82 23.90
N LEU B 985 -35.33 -10.30 22.78
CA LEU B 985 -34.46 -9.88 21.69
C LEU B 985 -33.54 -8.74 22.11
N ILE B 986 -34.07 -7.80 22.90
CA ILE B 986 -33.27 -6.63 23.30
C ILE B 986 -32.45 -6.87 24.55
N LEU B 987 -32.66 -7.98 25.26
CA LEU B 987 -31.99 -8.19 26.54
C LEU B 987 -30.46 -8.15 26.48
N PRO B 988 -29.78 -8.76 25.50
CA PRO B 988 -28.31 -8.74 25.54
C PRO B 988 -27.72 -7.33 25.58
N ARG B 989 -28.36 -6.36 24.93
CA ARG B 989 -27.90 -4.99 25.03
C ARG B 989 -27.97 -4.49 26.47
N PHE B 990 -29.06 -4.82 27.17
CA PHE B 990 -29.20 -4.40 28.56
C PHE B 990 -28.18 -5.10 29.45
N GLU B 991 -27.90 -6.38 29.18
CA GLU B 991 -26.86 -7.07 29.94
C GLU B 991 -25.50 -6.43 29.73
N ARG B 992 -25.20 -6.05 28.49
CA ARG B 992 -23.95 -5.33 28.21
C ARG B 992 -23.90 -4.00 28.93
N MET B 993 -25.04 -3.29 28.97
CA MET B 993 -25.10 -2.05 29.73
C MET B 993 -24.79 -2.29 31.20
N ASN B 994 -25.36 -3.35 31.77
CA ASN B 994 -25.07 -3.70 33.15
C ASN B 994 -23.58 -3.99 33.33
N GLN B 995 -22.99 -4.71 32.39
CA GLN B 995 -21.58 -5.11 32.51
C GLN B 995 -20.67 -3.89 32.49
N LEU B 996 -20.87 -2.97 31.54
CA LEU B 996 -20.05 -1.77 31.53
C LEU B 996 -20.30 -0.90 32.75
N THR B 997 -21.56 -0.81 33.19
CA THR B 997 -21.84 -0.06 34.41
C THR B 997 -21.47 -0.82 35.67
N ASN B 998 -21.20 -2.11 35.57
CA ASN B 998 -20.84 -2.96 36.71
C ASN B 998 -21.92 -2.91 37.80
N SER B 999 -23.17 -2.81 37.36
CA SER B 999 -24.31 -2.74 38.26
C SER B 999 -25.38 -3.70 37.78
N LYS B 1000 -26.46 -3.80 38.57
CA LYS B 1000 -27.59 -4.67 38.23
C LYS B 1000 -28.86 -3.88 37.98
N ASP B 1001 -28.74 -2.58 37.71
CA ASP B 1001 -29.92 -1.74 37.51
C ASP B 1001 -30.57 -1.94 36.15
N PHE B 1002 -29.77 -2.23 35.12
CA PHE B 1002 -30.33 -2.33 33.77
C PHE B 1002 -31.17 -3.58 33.57
N THR B 1003 -31.18 -4.52 34.51
CA THR B 1003 -32.04 -5.68 34.44
C THR B 1003 -32.77 -5.83 35.76
N ALA B 1004 -33.97 -6.42 35.71
CA ALA B 1004 -34.76 -6.62 36.93
C ALA B 1004 -35.47 -7.95 36.86
N TRP B 1005 -35.37 -8.74 37.92
CA TRP B 1005 -36.06 -10.00 37.97
C TRP B 1005 -37.56 -9.80 38.09
N ASN B 1006 -38.32 -10.71 37.47
CA ASN B 1006 -39.78 -10.72 37.57
C ASN B 1006 -40.22 -12.15 37.85
N GLU B 1007 -40.94 -12.34 38.96
CA GLU B 1007 -41.49 -13.64 39.29
C GLU B 1007 -42.71 -13.98 38.44
N ASN B 1008 -43.43 -12.95 37.98
CA ASN B 1008 -44.60 -13.20 37.14
C ASN B 1008 -44.20 -13.90 35.85
N HIS B 1009 -43.12 -13.47 35.22
CA HIS B 1009 -42.54 -14.18 34.09
C HIS B 1009 -41.32 -15.00 34.48
N GLN B 1010 -40.85 -14.88 35.72
CA GLN B 1010 -39.71 -15.63 36.23
C GLN B 1010 -38.48 -15.46 35.34
N LYS B 1011 -38.21 -14.21 34.98
CA LYS B 1011 -37.08 -13.92 34.10
C LYS B 1011 -36.60 -12.49 34.35
N PHE B 1012 -35.42 -12.20 33.83
CA PHE B 1012 -34.83 -10.87 33.99
C PHE B 1012 -35.24 -10.00 32.82
N LEU B 1013 -36.09 -9.03 33.08
CA LEU B 1013 -36.59 -8.08 32.09
C LEU B 1013 -35.64 -6.89 31.98
N PRO B 1014 -35.59 -6.28 30.79
CA PRO B 1014 -34.76 -5.07 30.63
C PRO B 1014 -35.27 -3.94 31.50
N THR B 1015 -34.35 -3.09 31.93
CA THR B 1015 -34.67 -2.01 32.85
C THR B 1015 -33.73 -0.85 32.58
N VAL B 1016 -34.19 0.36 32.87
CA VAL B 1016 -33.34 1.55 32.73
C VAL B 1016 -33.41 2.34 34.03
N PRO B 1017 -32.28 2.81 34.55
CA PRO B 1017 -32.30 3.63 35.76
C PRO B 1017 -33.03 4.95 35.53
N ILE B 1018 -33.43 5.58 36.64
CA ILE B 1018 -34.30 6.75 36.57
C ILE B 1018 -33.62 7.88 35.81
N GLU B 1019 -32.33 8.14 36.10
CA GLU B 1019 -31.64 9.24 35.46
C GLU B 1019 -31.49 9.03 33.96
N PHE B 1020 -31.44 7.78 33.51
CA PHE B 1020 -31.27 7.46 32.10
C PHE B 1020 -32.59 7.14 31.40
N SER B 1021 -33.71 7.22 32.09
CA SER B 1021 -34.99 6.79 31.52
C SER B 1021 -35.84 7.96 31.01
N LYS B 1022 -35.26 9.16 30.92
CA LYS B 1022 -35.98 10.28 30.34
C LYS B 1022 -36.00 10.14 28.83
N GLY B 1023 -37.19 10.09 28.25
CA GLY B 1023 -37.31 9.95 26.80
C GLY B 1023 -36.75 8.64 26.28
N PHE B 1024 -37.01 7.55 26.98
CA PHE B 1024 -36.56 6.22 26.56
C PHE B 1024 -37.75 5.38 26.13
N SER B 1025 -37.56 4.58 25.08
CA SER B 1025 -38.58 3.67 24.61
C SER B 1025 -37.95 2.31 24.32
N LYS B 1026 -38.64 1.25 24.73
CA LYS B 1026 -38.17 -0.10 24.41
C LYS B 1026 -38.19 -0.35 22.91
N LYS B 1027 -39.25 0.08 22.24
CA LYS B 1027 -39.40 -0.21 20.82
C LYS B 1027 -38.49 0.65 19.96
N ARG B 1028 -38.08 1.82 20.44
CA ARG B 1028 -37.34 2.77 19.62
C ARG B 1028 -35.87 2.40 19.46
N ILE B 1029 -35.36 1.43 20.23
CA ILE B 1029 -33.91 1.21 20.22
C ILE B 1029 -33.47 0.36 19.04
N ASP B 1030 -34.37 -0.42 18.45
CA ASP B 1030 -34.00 -1.31 17.36
C ASP B 1030 -34.92 -1.10 16.17
N HIS B 1031 -34.35 -1.22 14.97
CA HIS B 1031 -35.12 -1.03 13.74
C HIS B 1031 -36.16 -2.12 13.56
N ARG B 1032 -35.96 -3.29 14.14
CA ARG B 1032 -36.83 -4.44 13.87
C ARG B 1032 -38.22 -4.26 14.45
N HIS B 1033 -38.44 -3.27 15.30
CA HIS B 1033 -39.78 -3.06 15.83
C HIS B 1033 -40.76 -2.66 14.73
N HIS B 1034 -40.25 -2.08 13.64
CA HIS B 1034 -41.10 -1.80 12.49
C HIS B 1034 -41.63 -3.09 11.87
N ALA B 1035 -40.74 -4.07 11.68
CA ALA B 1035 -41.17 -5.36 11.15
C ALA B 1035 -42.14 -6.05 12.11
N LEU B 1036 -41.88 -5.94 13.41
CA LEU B 1036 -42.80 -6.50 14.39
C LEU B 1036 -44.17 -5.85 14.28
N ASP B 1037 -44.21 -4.53 14.14
CA ASP B 1037 -45.48 -3.83 13.97
C ASP B 1037 -46.19 -4.27 12.71
N ALA B 1038 -45.44 -4.43 11.62
CA ALA B 1038 -46.04 -4.88 10.37
C ALA B 1038 -46.66 -6.26 10.53
N LEU B 1039 -45.94 -7.19 11.18
CA LEU B 1039 -46.49 -8.52 11.39
C LEU B 1039 -47.74 -8.47 12.27
N VAL B 1040 -47.71 -7.65 13.32
CA VAL B 1040 -48.85 -7.57 14.22
C VAL B 1040 -50.07 -7.06 13.47
N ILE B 1041 -49.91 -5.96 12.73
CA ILE B 1041 -51.05 -5.36 12.04
C ILE B 1041 -51.54 -6.28 10.92
N ALA B 1042 -50.65 -7.08 10.34
CA ALA B 1042 -51.05 -7.93 9.23
C ALA B 1042 -51.99 -9.04 9.69
N CYS B 1043 -51.62 -9.74 10.77
CA CYS B 1043 -52.35 -10.94 11.16
C CYS B 1043 -53.71 -10.66 11.76
N ALA B 1044 -54.03 -9.40 12.08
CA ALA B 1044 -55.32 -9.04 12.64
C ALA B 1044 -56.34 -9.01 11.51
N THR B 1045 -57.39 -9.83 11.61
CA THR B 1045 -58.40 -9.90 10.57
C THR B 1045 -59.36 -8.71 10.68
N THR B 1046 -60.29 -8.64 9.74
CA THR B 1046 -61.33 -7.61 9.80
C THR B 1046 -62.19 -7.78 11.04
N ASP B 1047 -62.37 -9.02 11.50
CA ASP B 1047 -63.07 -9.25 12.76
C ASP B 1047 -62.35 -8.56 13.91
N HIS B 1048 -61.02 -8.65 13.94
CA HIS B 1048 -60.26 -8.00 14.99
C HIS B 1048 -60.45 -6.49 14.97
N VAL B 1049 -60.37 -5.88 13.78
CA VAL B 1049 -60.43 -4.42 13.72
C VAL B 1049 -61.83 -3.92 14.05
N ASN B 1050 -62.87 -4.57 13.52
CA ASN B 1050 -64.21 -4.08 13.82
C ASN B 1050 -64.71 -4.54 15.18
N LEU B 1051 -63.98 -5.42 15.87
CA LEU B 1051 -64.27 -5.72 17.27
C LEU B 1051 -63.57 -4.76 18.22
N LEU B 1052 -62.33 -4.36 17.90
CA LEU B 1052 -61.62 -3.40 18.73
C LEU B 1052 -62.00 -1.96 18.41
N ASN B 1053 -62.72 -1.71 17.32
CA ASN B 1053 -63.28 -0.41 17.04
C ASN B 1053 -64.70 -0.26 17.56
N ASN B 1054 -65.22 -1.28 18.24
CA ASN B 1054 -66.54 -1.22 18.89
C ASN B 1054 -67.66 -0.91 17.89
N GLN B 1055 -67.55 -1.45 16.69
CA GLN B 1055 -68.62 -1.30 15.71
C GLN B 1055 -69.87 -2.06 16.10
N SER B 1056 -69.78 -2.95 17.09
CA SER B 1056 -70.92 -3.70 17.60
C SER B 1056 -71.28 -3.32 19.04
N ALA B 1057 -70.65 -2.27 19.57
CA ALA B 1057 -70.90 -1.89 20.96
C ALA B 1057 -72.34 -1.49 21.19
N LYS B 1058 -72.98 -0.88 20.20
CA LYS B 1058 -74.36 -0.44 20.32
C LYS B 1058 -75.36 -1.49 19.83
N SER B 1059 -74.89 -2.66 19.41
CA SER B 1059 -75.77 -3.70 18.89
C SER B 1059 -76.10 -4.76 19.95
N ASP B 1060 -75.09 -5.31 20.62
CA ASP B 1060 -75.18 -6.26 21.71
C ASP B 1060 -75.72 -7.63 21.28
N THR B 1061 -76.09 -7.81 20.01
CA THR B 1061 -76.47 -9.11 19.50
C THR B 1061 -75.39 -9.76 18.64
N LYS B 1062 -74.50 -8.94 18.07
CA LYS B 1062 -73.33 -9.44 17.37
C LYS B 1062 -72.03 -9.21 18.13
N ARG B 1063 -72.03 -8.27 19.09
CA ARG B 1063 -70.83 -8.02 19.88
C ARG B 1063 -70.44 -9.25 20.69
N TYR B 1064 -71.43 -9.93 21.28
CA TYR B 1064 -71.16 -11.21 21.91
C TYR B 1064 -70.75 -12.26 20.87
N ASP B 1065 -71.39 -12.23 19.70
CA ASP B 1065 -71.10 -13.22 18.66
C ASP B 1065 -69.68 -13.06 18.13
N LEU B 1066 -69.29 -11.83 17.77
CA LEU B 1066 -67.95 -11.60 17.24
C LEU B 1066 -66.90 -11.95 18.29
N LYS B 1067 -67.14 -11.55 19.54
CA LYS B 1067 -66.20 -11.86 20.61
C LYS B 1067 -66.08 -13.36 20.80
N LYS B 1068 -67.19 -14.10 20.72
CA LYS B 1068 -67.13 -15.55 20.86
C LYS B 1068 -66.34 -16.19 19.72
N LYS B 1069 -66.55 -15.73 18.48
CA LYS B 1069 -65.75 -16.25 17.38
C LYS B 1069 -64.28 -15.82 17.47
N LEU B 1070 -63.97 -14.78 18.23
CA LEU B 1070 -62.60 -14.26 18.21
C LEU B 1070 -61.91 -14.31 19.56
N MET B 1071 -62.61 -13.98 20.63
CA MET B 1071 -62.02 -13.90 21.96
C MET B 1071 -62.35 -15.15 22.76
N LYS B 1072 -61.35 -15.67 23.46
CA LYS B 1072 -61.58 -16.81 24.32
C LYS B 1072 -62.35 -16.39 25.57
N PHE B 1073 -63.01 -17.37 26.18
CA PHE B 1073 -63.79 -17.17 27.39
C PHE B 1073 -63.23 -18.04 28.51
N GLU B 1074 -63.15 -17.47 29.71
CA GLU B 1074 -62.60 -18.18 30.87
C GLU B 1074 -63.60 -18.12 32.02
N LYS B 1075 -64.05 -19.28 32.46
CA LYS B 1075 -65.04 -19.35 33.53
C LYS B 1075 -64.41 -18.95 34.86
N VAL B 1076 -65.11 -18.10 35.61
CA VAL B 1076 -64.66 -17.63 36.92
C VAL B 1076 -65.81 -17.78 37.90
N VAL B 1077 -65.54 -18.38 39.05
CA VAL B 1077 -66.54 -18.60 40.09
C VAL B 1077 -66.53 -17.38 41.00
N TYR B 1078 -67.63 -16.61 40.97
CA TYR B 1078 -67.79 -15.46 41.85
C TYR B 1078 -69.18 -15.52 42.48
N HIS B 1079 -69.28 -15.00 43.70
CA HIS B 1079 -70.49 -15.11 44.50
C HIS B 1079 -71.08 -13.73 44.73
N HIS B 1080 -72.38 -13.60 44.49
CA HIS B 1080 -73.07 -12.34 44.76
C HIS B 1080 -73.06 -12.06 46.26
N THR B 1081 -72.76 -10.80 46.62
CA THR B 1081 -72.63 -10.43 48.02
C THR B 1081 -73.95 -10.55 48.76
N GLN B 1082 -75.06 -10.18 48.11
CA GLN B 1082 -76.35 -10.14 48.80
C GLN B 1082 -76.81 -11.53 49.22
N THR B 1083 -76.62 -12.54 48.37
CA THR B 1083 -77.12 -13.88 48.65
C THR B 1083 -76.04 -14.92 48.86
N GLY B 1084 -74.85 -14.72 48.31
CA GLY B 1084 -73.83 -15.74 48.33
C GLY B 1084 -73.96 -16.79 47.26
N GLU B 1085 -74.84 -16.58 46.28
CA GLU B 1085 -75.05 -17.56 45.22
C GLU B 1085 -73.78 -17.74 44.39
N LYS B 1086 -73.39 -19.00 44.20
CA LYS B 1086 -72.21 -19.32 43.40
C LYS B 1086 -72.55 -19.15 41.93
N ILE B 1087 -72.17 -18.00 41.36
CA ILE B 1087 -72.47 -17.67 39.97
C ILE B 1087 -71.20 -17.87 39.14
N GLU B 1088 -71.30 -18.72 38.12
CA GLU B 1088 -70.19 -18.97 37.21
C GLU B 1088 -70.32 -18.08 35.99
N ARG B 1089 -69.30 -17.26 35.73
CA ARG B 1089 -69.29 -16.32 34.63
C ARG B 1089 -68.01 -16.47 33.83
N GLU B 1090 -68.11 -16.20 32.53
CA GLU B 1090 -66.95 -16.24 31.65
C GLU B 1090 -66.39 -14.84 31.48
N ILE B 1091 -65.08 -14.70 31.65
CA ILE B 1091 -64.43 -13.40 31.55
C ILE B 1091 -63.29 -13.46 30.54
N PRO B 1092 -62.97 -12.35 29.87
CA PRO B 1092 -61.83 -12.34 28.96
C PRO B 1092 -60.51 -12.31 29.72
N LYS B 1093 -59.50 -12.97 29.16
CA LYS B 1093 -58.18 -12.88 29.79
C LYS B 1093 -57.07 -12.48 28.82
N GLN B 1094 -57.12 -12.93 27.57
CA GLN B 1094 -56.11 -12.61 26.57
C GLN B 1094 -56.52 -13.23 25.25
N PHE B 1095 -56.06 -12.62 24.16
CA PHE B 1095 -56.40 -13.10 22.83
C PHE B 1095 -55.68 -14.42 22.53
N LEU B 1096 -56.18 -15.11 21.51
CA LEU B 1096 -55.62 -16.38 21.08
C LEU B 1096 -54.72 -16.18 19.87
N LYS B 1097 -53.65 -16.97 19.81
CA LYS B 1097 -52.74 -16.89 18.68
C LYS B 1097 -53.44 -17.36 17.42
N PRO B 1098 -53.09 -16.79 16.25
CA PRO B 1098 -53.66 -17.29 15.00
C PRO B 1098 -53.34 -18.76 14.77
N TRP B 1099 -52.18 -19.23 15.21
CA TRP B 1099 -51.85 -20.63 15.21
C TRP B 1099 -50.84 -20.90 16.31
N GLU B 1100 -50.66 -22.18 16.65
CA GLU B 1100 -49.83 -22.53 17.81
C GLU B 1100 -48.40 -22.09 17.61
N LYS B 1101 -47.84 -22.32 16.43
CA LYS B 1101 -46.45 -22.00 16.12
C LYS B 1101 -46.21 -20.50 15.95
N PHE B 1102 -47.22 -19.66 16.19
CA PHE B 1102 -47.13 -18.25 15.83
C PHE B 1102 -46.00 -17.55 16.56
N THR B 1103 -45.90 -17.76 17.88
CA THR B 1103 -44.91 -17.03 18.66
C THR B 1103 -43.49 -17.41 18.27
N VAL B 1104 -43.22 -18.71 18.14
CA VAL B 1104 -41.87 -19.15 17.80
C VAL B 1104 -41.54 -18.78 16.36
N ASP B 1105 -42.52 -18.84 15.45
CA ASP B 1105 -42.30 -18.39 14.09
C ASP B 1105 -41.93 -16.92 14.05
N ALA B 1106 -42.65 -16.10 14.82
CA ALA B 1106 -42.33 -14.68 14.88
C ALA B 1106 -40.94 -14.47 15.47
N LYS B 1107 -40.58 -15.23 16.50
CA LYS B 1107 -39.25 -15.11 17.08
C LYS B 1107 -38.18 -15.40 16.03
N HIS B 1108 -38.31 -16.52 15.32
CA HIS B 1108 -37.33 -16.89 14.30
C HIS B 1108 -37.22 -15.81 13.23
N ASN B 1109 -38.35 -15.40 12.67
CA ASN B 1109 -38.33 -14.42 11.59
C ASN B 1109 -37.75 -13.10 12.06
N LEU B 1110 -38.13 -12.65 13.25
CA LEU B 1110 -37.64 -11.37 13.75
C LEU B 1110 -36.15 -11.42 14.02
N GLU B 1111 -35.65 -12.54 14.56
CA GLU B 1111 -34.22 -12.65 14.80
C GLU B 1111 -33.44 -12.97 13.55
N SER B 1112 -34.11 -13.22 12.42
CA SER B 1112 -33.46 -13.49 11.15
C SER B 1112 -33.73 -12.39 10.14
N ILE B 1113 -33.63 -11.13 10.57
CA ILE B 1113 -33.92 -9.98 9.73
C ILE B 1113 -32.66 -9.15 9.57
N ILE B 1114 -32.38 -8.74 8.34
CA ILE B 1114 -31.33 -7.77 8.03
C ILE B 1114 -32.01 -6.48 7.63
N VAL B 1115 -31.57 -5.38 8.23
CA VAL B 1115 -32.21 -4.08 8.00
C VAL B 1115 -31.65 -3.46 6.73
N SER B 1116 -32.54 -3.10 5.81
CA SER B 1116 -32.15 -2.55 4.53
C SER B 1116 -32.11 -1.03 4.60
N PHE B 1117 -30.98 -0.45 4.19
CA PHE B 1117 -30.78 0.99 4.23
C PHE B 1117 -30.74 1.54 2.82
N LYS B 1118 -31.59 2.53 2.55
CA LYS B 1118 -31.54 3.21 1.27
C LYS B 1118 -30.26 4.02 1.16
N GLN B 1119 -29.64 3.99 -0.01
CA GLN B 1119 -28.41 4.74 -0.25
C GLN B 1119 -28.54 5.54 -1.53
N ASN B 1120 -27.94 6.72 -1.53
CA ASN B 1120 -27.82 7.54 -2.75
C ASN B 1120 -26.40 8.12 -2.84
N LEU B 1121 -25.57 7.45 -3.62
CA LEU B 1121 -24.19 7.88 -3.85
C LEU B 1121 -24.08 8.69 -5.13
N ARG B 1122 -24.90 9.72 -5.27
CA ARG B 1122 -24.89 10.55 -6.46
C ARG B 1122 -23.73 11.52 -6.37
N VAL B 1123 -22.74 11.35 -7.24
CA VAL B 1123 -21.61 12.26 -7.34
C VAL B 1123 -21.70 13.11 -8.60
N ILE B 1124 -21.92 12.47 -9.74
CA ILE B 1124 -22.19 13.17 -10.99
C ILE B 1124 -23.44 12.55 -11.62
N ASN B 1125 -24.03 13.28 -12.55
CA ASN B 1125 -25.20 12.78 -13.25
C ASN B 1125 -25.32 13.49 -14.59
N LYS B 1126 -26.17 12.96 -15.45
CA LYS B 1126 -26.45 13.63 -16.71
C LYS B 1126 -27.22 14.91 -16.46
N ALA B 1127 -26.86 15.97 -17.15
CA ALA B 1127 -27.48 17.28 -16.97
C ALA B 1127 -28.53 17.50 -18.05
N THR B 1128 -29.72 17.93 -17.62
CA THR B 1128 -30.83 18.20 -18.52
C THR B 1128 -30.93 19.72 -18.71
N ASN B 1129 -30.86 20.17 -19.95
CA ASN B 1129 -30.85 21.60 -20.25
C ASN B 1129 -31.78 21.85 -21.44
N TYR B 1130 -32.97 22.39 -21.15
CA TYR B 1130 -33.92 22.79 -22.18
C TYR B 1130 -33.88 24.30 -22.28
N TYR B 1131 -33.33 24.81 -23.38
CA TYR B 1131 -33.19 26.24 -23.57
C TYR B 1131 -33.82 26.67 -24.88
N GLU B 1132 -34.45 27.83 -24.89
CA GLU B 1132 -35.20 28.28 -26.05
C GLU B 1132 -34.30 29.07 -27.00
N LYS B 1133 -34.50 28.83 -28.29
CA LYS B 1133 -33.77 29.55 -29.32
C LYS B 1133 -34.58 29.52 -30.60
N TYR B 1134 -34.12 30.29 -31.59
CA TYR B 1134 -34.80 30.40 -32.86
C TYR B 1134 -34.37 29.28 -33.80
N VAL B 1135 -35.34 28.53 -34.32
CA VAL B 1135 -35.08 27.45 -35.26
C VAL B 1135 -35.92 27.66 -36.50
N GLU B 1136 -35.44 27.12 -37.62
CA GLU B 1136 -36.09 27.29 -38.91
C GLU B 1136 -36.92 26.05 -39.23
N LYS B 1137 -38.22 26.25 -39.43
CA LYS B 1137 -39.13 25.18 -39.82
C LYS B 1137 -40.02 25.72 -40.94
N ASP B 1138 -40.15 24.95 -42.01
CA ASP B 1138 -40.92 25.33 -43.22
C ASP B 1138 -40.63 26.77 -43.66
N GLY B 1139 -39.39 27.21 -43.50
CA GLY B 1139 -38.97 28.51 -43.95
C GLY B 1139 -39.22 29.65 -43.00
N THR B 1140 -39.87 29.40 -41.86
CA THR B 1140 -40.13 30.41 -40.86
C THR B 1140 -39.32 30.12 -39.60
N LYS B 1141 -38.79 31.18 -38.98
CA LYS B 1141 -37.98 31.05 -37.79
C LYS B 1141 -38.85 31.31 -36.57
N ASN B 1142 -38.87 30.36 -35.65
CA ASN B 1142 -39.70 30.45 -34.45
C ASN B 1142 -38.89 30.08 -33.22
N LYS B 1143 -39.29 30.64 -32.08
CA LYS B 1143 -38.66 30.31 -30.81
C LYS B 1143 -39.21 29.01 -30.28
N GLU B 1144 -38.31 28.10 -29.91
CA GLU B 1144 -38.72 26.85 -29.28
C GLU B 1144 -37.56 26.35 -28.43
N ARG B 1145 -37.90 25.59 -27.39
CA ARG B 1145 -36.90 25.07 -26.47
C ARG B 1145 -36.33 23.77 -27.02
N VAL B 1146 -35.01 23.64 -26.95
CA VAL B 1146 -34.30 22.47 -27.45
C VAL B 1146 -33.42 21.93 -26.33
N GLU B 1147 -33.07 20.65 -26.48
CA GLU B 1147 -32.14 20.00 -25.58
C GLU B 1147 -30.72 20.49 -25.85
N GLN B 1148 -29.87 20.34 -24.85
CA GLN B 1148 -28.45 20.65 -25.00
C GLN B 1148 -27.74 19.45 -25.61
N ALA B 1149 -26.97 19.71 -26.66
CA ALA B 1149 -26.26 18.65 -27.36
C ALA B 1149 -24.87 18.46 -26.78
N GLY B 1150 -24.45 17.21 -26.68
CA GLY B 1150 -23.15 16.86 -26.15
C GLY B 1150 -23.26 16.19 -24.79
N THR B 1151 -22.12 16.13 -24.11
CA THR B 1151 -22.00 15.50 -22.80
C THR B 1151 -21.89 16.61 -21.75
N ASN B 1152 -22.95 16.78 -20.98
CA ASN B 1152 -22.99 17.73 -19.87
C ASN B 1152 -23.12 16.98 -18.57
N TRP B 1153 -22.20 17.21 -17.64
CA TRP B 1153 -22.20 16.54 -16.35
C TRP B 1153 -22.62 17.53 -15.27
N ALA B 1154 -23.55 17.10 -14.43
CA ALA B 1154 -23.99 17.87 -13.28
C ALA B 1154 -23.37 17.25 -12.03
N ILE B 1155 -22.65 18.07 -11.27
CA ILE B 1155 -22.08 17.62 -10.01
C ILE B 1155 -23.18 17.64 -8.95
N ARG B 1156 -23.37 16.52 -8.27
CA ARG B 1156 -24.50 16.34 -7.36
C ARG B 1156 -24.09 16.42 -5.89
N LYS B 1157 -22.97 17.05 -5.58
CA LYS B 1157 -22.55 17.24 -4.20
C LYS B 1157 -21.88 18.60 -4.06
N PRO B 1158 -21.96 19.21 -2.88
CA PRO B 1158 -21.20 20.44 -2.65
C PRO B 1158 -19.71 20.17 -2.70
N MET B 1159 -19.04 20.71 -3.71
CA MET B 1159 -17.67 20.32 -4.00
C MET B 1159 -16.71 20.71 -2.87
N HIS B 1160 -16.87 21.90 -2.31
CA HIS B 1160 -15.90 22.40 -1.34
C HIS B 1160 -16.58 23.42 -0.45
N LYS B 1161 -15.83 23.90 0.54
CA LYS B 1161 -16.32 24.92 1.45
C LYS B 1161 -16.26 26.30 0.78
N ASP B 1162 -16.93 27.26 1.42
CA ASP B 1162 -17.04 28.60 0.83
C ASP B 1162 -15.73 29.38 0.94
N THR B 1163 -15.03 29.28 2.07
CA THR B 1163 -13.83 30.07 2.27
C THR B 1163 -12.75 29.70 1.28
N VAL B 1164 -12.06 30.70 0.76
CA VAL B 1164 -11.02 30.53 -0.23
C VAL B 1164 -9.71 31.05 0.33
N SER B 1165 -8.65 30.24 0.24
CA SER B 1165 -7.35 30.57 0.78
C SER B 1165 -6.31 30.58 -0.32
N GLY B 1166 -5.27 31.37 -0.12
CA GLY B 1166 -4.17 31.48 -1.07
C GLY B 1166 -2.90 30.87 -0.50
N LYS B 1167 -2.11 30.25 -1.38
CA LYS B 1167 -0.88 29.58 -0.95
C LYS B 1167 0.23 30.58 -0.72
N VAL B 1168 1.01 30.36 0.34
CA VAL B 1168 2.16 31.19 0.66
C VAL B 1168 3.36 30.29 0.93
N ASP B 1169 4.55 30.88 0.84
CA ASP B 1169 5.80 30.17 1.12
C ASP B 1169 6.58 30.98 2.15
N LEU B 1170 6.48 30.59 3.41
CA LEU B 1170 7.21 31.25 4.49
C LEU B 1170 8.44 30.43 4.82
N PRO B 1171 9.65 30.94 4.54
CA PRO B 1171 10.86 30.16 4.86
C PRO B 1171 11.02 29.88 6.35
N TRP B 1172 10.47 30.73 7.20
CA TRP B 1172 10.64 30.61 8.64
C TRP B 1172 9.62 29.67 9.28
N VAL B 1173 8.98 28.82 8.50
CA VAL B 1173 8.03 27.84 9.01
C VAL B 1173 8.35 26.49 8.40
N LYS B 1174 8.46 25.46 9.24
CA LYS B 1174 8.73 24.12 8.74
C LYS B 1174 7.48 23.56 8.08
N VAL B 1175 7.65 23.01 6.87
CA VAL B 1175 6.54 22.51 6.07
C VAL B 1175 6.59 20.99 6.09
N PRO B 1176 5.67 20.32 6.77
CA PRO B 1176 5.63 18.85 6.71
C PRO B 1176 5.39 18.36 5.28
N LYS B 1177 5.98 17.21 4.97
CA LYS B 1177 5.85 16.64 3.63
C LYS B 1177 4.41 16.28 3.33
N GLY B 1178 4.00 16.51 2.09
CA GLY B 1178 2.63 16.22 1.69
C GLY B 1178 1.61 17.14 2.31
N LYS B 1179 2.01 18.34 2.71
CA LYS B 1179 1.16 19.25 3.45
C LYS B 1179 1.34 20.64 2.86
N ILE B 1180 0.28 21.46 2.90
CA ILE B 1180 0.25 22.72 2.19
C ILE B 1180 0.02 23.87 3.17
N LEU B 1181 0.78 24.94 2.99
CA LEU B 1181 0.66 26.16 3.79
C LEU B 1181 -0.11 27.20 2.99
N THR B 1182 -1.25 27.65 3.51
CA THR B 1182 -2.12 28.60 2.85
C THR B 1182 -2.31 29.83 3.73
N ALA B 1183 -3.04 30.81 3.23
CA ALA B 1183 -3.26 32.05 3.96
C ALA B 1183 -4.63 32.61 3.61
N THR B 1184 -5.14 33.46 4.50
CA THR B 1184 -6.47 34.05 4.32
C THR B 1184 -6.54 35.34 5.12
N ARG B 1185 -7.19 36.35 4.55
CA ARG B 1185 -7.39 37.60 5.27
C ARG B 1185 -8.35 37.40 6.43
N LYS B 1186 -8.10 38.11 7.53
CA LYS B 1186 -8.97 38.08 8.69
C LYS B 1186 -8.97 39.46 9.34
N SER B 1187 -10.08 39.79 9.99
CA SER B 1187 -10.23 41.06 10.68
C SER B 1187 -9.48 41.04 12.00
N LEU B 1188 -8.89 42.18 12.33
CA LEU B 1188 -8.15 42.31 13.59
C LEU B 1188 -9.13 42.61 14.71
N ASP B 1189 -9.17 41.75 15.72
CA ASP B 1189 -10.11 41.91 16.82
C ASP B 1189 -9.48 41.34 18.09
N SER B 1190 -10.26 41.34 19.17
CA SER B 1190 -9.76 40.93 20.49
C SER B 1190 -9.37 39.46 20.55
N SER B 1191 -9.78 38.65 19.58
CA SER B 1191 -9.45 37.23 19.57
C SER B 1191 -8.01 36.95 19.18
N PHE B 1192 -7.17 37.98 19.11
CA PHE B 1192 -5.77 37.84 18.72
C PHE B 1192 -4.90 37.99 19.97
N ASP B 1193 -4.14 36.95 20.29
CA ASP B 1193 -3.20 36.98 21.40
C ASP B 1193 -1.79 36.83 20.86
N LEU B 1194 -0.80 36.74 21.77
CA LEU B 1194 0.58 36.54 21.35
C LEU B 1194 0.74 35.26 20.57
N LYS B 1195 -0.06 34.23 20.86
CA LYS B 1195 -0.07 33.03 20.05
C LYS B 1195 -0.65 33.30 18.66
N SER B 1196 -1.73 34.08 18.60
CA SER B 1196 -2.36 34.37 17.32
C SER B 1196 -1.45 35.20 16.43
N ILE B 1197 -0.74 36.17 17.00
CA ILE B 1197 0.14 37.02 16.21
C ILE B 1197 1.22 36.19 15.53
N GLY B 1198 1.60 35.07 16.13
CA GLY B 1198 2.55 34.18 15.49
C GLY B 1198 2.04 33.53 14.21
N SER B 1199 0.74 33.64 13.94
CA SER B 1199 0.13 33.07 12.75
C SER B 1199 -0.11 34.11 11.65
N ILE B 1200 0.47 35.29 11.79
CA ILE B 1200 0.33 36.35 10.78
C ILE B 1200 1.48 36.22 9.80
N THR B 1201 1.16 36.30 8.50
CA THR B 1201 2.19 36.13 7.48
C THR B 1201 3.24 37.23 7.52
N ASP B 1202 2.82 38.48 7.72
CA ASP B 1202 3.74 39.60 7.62
C ASP B 1202 4.49 39.79 8.93
N THR B 1203 5.83 39.81 8.84
CA THR B 1203 6.66 39.93 10.03
C THR B 1203 6.61 41.34 10.61
N GLY B 1204 6.65 42.37 9.75
CA GLY B 1204 6.60 43.74 10.25
C GLY B 1204 5.30 44.03 10.98
N ILE B 1205 4.19 43.53 10.46
CA ILE B 1205 2.91 43.67 11.16
C ILE B 1205 2.98 42.96 12.50
N GLN B 1206 3.64 41.80 12.54
CA GLN B 1206 3.80 41.08 13.80
C GLN B 1206 4.55 41.93 14.82
N LYS B 1207 5.65 42.57 14.37
CA LYS B 1207 6.44 43.40 15.28
C LYS B 1207 5.64 44.58 15.79
N ILE B 1208 5.00 45.32 14.88
CA ILE B 1208 4.22 46.49 15.28
C ILE B 1208 3.09 46.08 16.23
N LEU B 1209 2.40 44.99 15.89
CA LEU B 1209 1.24 44.57 16.67
C LEU B 1209 1.67 44.12 18.07
N LYS B 1210 2.77 43.35 18.15
CA LYS B 1210 3.29 42.93 19.44
C LYS B 1210 3.72 44.12 20.28
N ASN B 1211 4.41 45.08 19.66
CA ASN B 1211 4.85 46.25 20.41
C ASN B 1211 3.66 47.04 20.96
N TYR B 1212 2.64 47.25 20.14
CA TYR B 1212 1.48 47.99 20.63
C TYR B 1212 0.74 47.20 21.70
N LEU B 1213 0.63 45.87 21.54
CA LEU B 1213 -0.04 45.06 22.54
C LEU B 1213 0.69 45.14 23.87
N ALA B 1214 2.02 45.06 23.84
CA ALA B 1214 2.80 45.24 25.06
C ALA B 1214 2.61 46.63 25.63
N PHE B 1215 2.47 47.64 24.77
CA PHE B 1215 2.21 49.00 25.22
C PHE B 1215 0.91 49.10 26.01
N LYS B 1216 -0.02 48.18 25.80
CA LYS B 1216 -1.29 48.18 26.52
C LYS B 1216 -1.43 46.92 27.37
N ASP B 1217 -0.37 46.58 28.10
CA ASP B 1217 -0.39 45.55 29.14
C ASP B 1217 -0.66 44.16 28.56
N GLY B 1218 -0.34 43.96 27.28
CA GLY B 1218 -0.51 42.67 26.66
C GLY B 1218 -1.92 42.14 26.74
N ASN B 1219 -2.89 43.04 26.82
CA ASN B 1219 -4.29 42.67 26.98
C ASN B 1219 -5.05 42.92 25.67
N PRO B 1220 -5.41 41.87 24.93
CA PRO B 1220 -6.09 42.10 23.64
C PRO B 1220 -7.42 42.82 23.75
N GLU B 1221 -8.12 42.69 24.88
CA GLU B 1221 -9.46 43.25 24.99
C GLU B 1221 -9.46 44.76 24.80
N LEU B 1222 -8.50 45.45 25.42
CA LEU B 1222 -8.40 46.89 25.22
C LEU B 1222 -7.53 47.22 24.02
N ALA B 1223 -6.52 46.40 23.75
CA ALA B 1223 -5.62 46.67 22.63
C ALA B 1223 -6.33 46.49 21.29
N PHE B 1224 -7.16 45.46 21.16
CA PHE B 1224 -7.75 45.11 19.88
C PHE B 1224 -9.23 45.40 19.81
N SER B 1225 -9.74 46.23 20.71
CA SER B 1225 -11.04 46.83 20.52
C SER B 1225 -10.96 47.79 19.35
N PRO B 1226 -12.10 48.13 18.72
CA PRO B 1226 -12.05 49.09 17.61
C PRO B 1226 -11.37 50.40 17.99
N GLU B 1227 -11.56 50.83 19.24
CA GLU B 1227 -10.85 52.00 19.74
C GLU B 1227 -9.34 51.77 19.73
N GLY B 1228 -8.90 50.58 20.15
CA GLY B 1228 -7.49 50.28 20.10
C GLY B 1228 -6.95 50.24 18.69
N ILE B 1229 -7.73 49.70 17.75
CA ILE B 1229 -7.32 49.67 16.35
C ILE B 1229 -7.17 51.10 15.83
N ASP B 1230 -8.12 51.97 16.17
CA ASP B 1230 -8.02 53.36 15.74
C ASP B 1230 -6.78 54.03 16.34
N ASP B 1231 -6.51 53.78 17.61
CA ASP B 1231 -5.34 54.37 18.25
C ASP B 1231 -4.04 53.90 17.58
N LEU B 1232 -3.96 52.61 17.27
CA LEU B 1232 -2.78 52.10 16.57
C LEU B 1232 -2.65 52.72 15.18
N ASN B 1233 -3.76 52.81 14.45
CA ASN B 1233 -3.72 53.34 13.10
C ASN B 1233 -3.30 54.80 13.09
N LYS B 1234 -3.78 55.59 14.05
CA LYS B 1234 -3.45 57.01 14.07
C LYS B 1234 -2.05 57.30 14.61
N ASN B 1235 -1.40 56.32 15.21
CA ASN B 1235 -0.06 56.51 15.77
C ASN B 1235 0.84 55.33 15.45
N ILE B 1236 0.79 54.88 14.20
CA ILE B 1236 1.58 53.73 13.78
C ILE B 1236 3.08 54.00 13.73
N GLU B 1237 3.48 55.27 13.82
CA GLU B 1237 4.90 55.61 13.71
C GLU B 1237 5.70 55.03 14.88
N LYS B 1238 5.15 55.11 16.10
CA LYS B 1238 5.92 54.73 17.28
C LYS B 1238 6.30 53.27 17.25
N TYR B 1239 5.37 52.40 16.89
CA TYR B 1239 5.58 50.96 16.95
C TYR B 1239 6.21 50.39 15.68
N ASN B 1240 6.53 51.25 14.71
CA ASN B 1240 7.19 50.80 13.49
C ASN B 1240 8.54 51.48 13.36
N ASP B 1241 9.27 51.61 14.47
CA ASP B 1241 10.63 52.16 14.48
C ASP B 1241 10.67 53.57 13.91
N GLY B 1242 9.56 54.29 14.00
CA GLY B 1242 9.47 55.61 13.42
C GLY B 1242 9.26 55.64 11.93
N LYS B 1243 9.28 54.47 11.27
CA LYS B 1243 9.07 54.43 9.84
C LYS B 1243 7.59 54.62 9.52
N PRO B 1244 7.27 55.22 8.36
CA PRO B 1244 5.88 55.35 8.04
C PRO B 1244 5.28 53.99 7.87
N HIS B 1245 3.97 53.90 7.89
CA HIS B 1245 3.28 52.66 7.60
C HIS B 1245 1.85 52.97 7.20
N GLN B 1246 1.35 52.23 6.22
CA GLN B 1246 -0.05 52.33 5.85
C GLN B 1246 -0.92 51.75 6.97
N PRO B 1247 -2.14 52.27 7.16
CA PRO B 1247 -2.98 51.80 8.25
C PRO B 1247 -3.27 50.31 8.13
N ILE B 1248 -3.69 49.72 9.24
CA ILE B 1248 -3.93 48.28 9.32
C ILE B 1248 -5.37 48.06 9.79
N ASN B 1249 -6.10 47.26 9.03
CA ASN B 1249 -7.45 46.84 9.40
C ASN B 1249 -7.64 45.32 9.33
N LYS B 1250 -7.00 44.66 8.36
CA LYS B 1250 -7.06 43.21 8.21
C LYS B 1250 -5.67 42.68 7.98
N VAL B 1251 -5.46 41.41 8.33
CA VAL B 1251 -4.16 40.76 8.16
C VAL B 1251 -4.37 39.35 7.62
N ARG B 1252 -3.40 38.86 6.88
CA ARG B 1252 -3.55 37.58 6.24
C ARG B 1252 -2.91 36.52 7.08
N VAL B 1253 -3.70 35.86 7.89
CA VAL B 1253 -3.20 34.81 8.77
C VAL B 1253 -2.94 33.57 7.94
N PHE B 1254 -1.88 32.84 8.29
CA PHE B 1254 -1.54 31.62 7.58
C PHE B 1254 -1.96 30.40 8.37
N GLU B 1255 -2.19 29.31 7.65
CA GLU B 1255 -2.59 28.04 8.24
C GLU B 1255 -1.91 26.92 7.48
N LEU B 1256 -1.91 25.75 8.12
CA LEU B 1256 -1.21 24.56 7.62
C LEU B 1256 -2.21 23.43 7.54
N GLY B 1257 -2.35 22.83 6.36
CA GLY B 1257 -3.37 21.82 6.17
C GLY B 1257 -3.34 21.28 4.75
N SER B 1258 -4.35 20.45 4.47
CA SER B 1258 -4.50 19.81 3.16
C SER B 1258 -5.61 20.50 2.40
N LYS B 1259 -5.24 21.26 1.37
CA LYS B 1259 -6.20 22.01 0.57
C LYS B 1259 -5.87 21.83 -0.90
N PHE B 1260 -6.88 21.99 -1.75
CA PHE B 1260 -6.70 21.77 -3.18
C PHE B 1260 -7.23 22.97 -3.96
N GLN B 1261 -6.71 23.13 -5.17
CA GLN B 1261 -7.13 24.22 -6.03
C GLN B 1261 -8.58 24.04 -6.48
N VAL B 1262 -9.26 25.17 -6.69
CA VAL B 1262 -10.64 25.13 -7.14
C VAL B 1262 -10.73 24.59 -8.56
N GLY B 1263 -9.88 25.09 -9.45
CA GLY B 1263 -9.93 24.68 -10.83
C GLY B 1263 -8.60 24.88 -11.51
N GLN B 1264 -8.61 24.77 -12.83
CA GLN B 1264 -7.41 24.88 -13.64
C GLN B 1264 -7.41 26.11 -14.54
N THR B 1265 -8.51 26.36 -15.24
CA THR B 1265 -8.57 27.48 -16.17
C THR B 1265 -8.52 28.81 -15.42
N GLY B 1266 -7.82 29.78 -15.99
CA GLY B 1266 -7.73 31.09 -15.39
C GLY B 1266 -7.00 31.06 -14.06
N ASN B 1267 -7.31 32.03 -13.22
CA ASN B 1267 -6.72 32.10 -11.88
C ASN B 1267 -7.42 31.18 -10.89
N LYS B 1268 -8.26 30.26 -11.37
CA LYS B 1268 -8.88 29.28 -10.49
C LYS B 1268 -7.87 28.30 -9.91
N LYS B 1269 -6.65 28.26 -10.45
CA LYS B 1269 -5.57 27.49 -9.86
C LYS B 1269 -4.89 28.21 -8.71
N GLY B 1270 -5.15 29.49 -8.53
CA GLY B 1270 -4.60 30.27 -7.44
C GLY B 1270 -5.42 30.31 -6.18
N LYS B 1271 -6.57 29.62 -6.15
CA LYS B 1271 -7.45 29.62 -5.00
C LYS B 1271 -7.53 28.21 -4.43
N TYR B 1272 -7.34 28.10 -3.12
CA TYR B 1272 -7.29 26.81 -2.45
C TYR B 1272 -8.44 26.70 -1.46
N VAL B 1273 -9.13 25.56 -1.50
CA VAL B 1273 -10.30 25.31 -0.68
C VAL B 1273 -10.17 23.94 -0.03
N GLU B 1274 -11.20 23.55 0.72
CA GLU B 1274 -11.22 22.28 1.41
C GLU B 1274 -12.60 21.65 1.27
N ALA B 1275 -12.65 20.33 1.44
CA ALA B 1275 -13.86 19.57 1.16
C ALA B 1275 -14.99 19.96 2.09
N ALA B 1276 -16.21 19.95 1.56
CA ALA B 1276 -17.39 20.27 2.35
C ALA B 1276 -17.67 19.18 3.37
N LYS B 1277 -18.30 19.57 4.47
CA LYS B 1277 -18.59 18.63 5.54
C LYS B 1277 -19.56 17.56 5.04
N GLY B 1278 -19.28 16.30 5.38
CA GLY B 1278 -20.11 15.20 4.97
C GLY B 1278 -19.87 14.70 3.56
N THR B 1279 -18.81 15.14 2.90
CA THR B 1279 -18.49 14.69 1.55
C THR B 1279 -17.48 13.54 1.54
N ASN B 1280 -17.03 13.09 2.71
CA ASN B 1280 -16.13 11.94 2.80
C ASN B 1280 -16.98 10.68 2.74
N LEU B 1281 -17.16 10.16 1.53
CA LEU B 1281 -18.12 9.09 1.29
C LEU B 1281 -17.48 7.78 0.81
N PHE B 1282 -16.15 7.71 0.73
CA PHE B 1282 -15.51 6.52 0.20
C PHE B 1282 -14.35 6.09 1.09
N PHE B 1283 -14.27 4.79 1.32
CA PHE B 1283 -13.24 4.20 2.17
C PHE B 1283 -12.74 2.93 1.49
N ALA B 1284 -11.56 3.00 0.90
CA ALA B 1284 -11.01 1.89 0.15
C ALA B 1284 -10.21 0.95 1.03
N VAL B 1285 -10.40 -0.35 0.82
CA VAL B 1285 -9.65 -1.40 1.50
C VAL B 1285 -8.98 -2.23 0.42
N TYR B 1286 -7.65 -2.20 0.41
CA TYR B 1286 -6.80 -2.90 -0.54
C TYR B 1286 -6.14 -4.09 0.12
N GLU B 1287 -5.84 -5.11 -0.68
CA GLU B 1287 -5.19 -6.33 -0.23
C GLU B 1287 -3.91 -6.55 -1.01
N ASP B 1288 -2.84 -6.90 -0.30
CA ASP B 1288 -1.58 -7.30 -0.93
C ASP B 1288 -1.45 -8.82 -0.90
N GLU B 1289 -0.54 -9.32 -1.73
CA GLU B 1289 -0.32 -10.77 -1.80
C GLU B 1289 0.20 -11.31 -0.47
N LYS B 1290 0.86 -10.47 0.33
CA LYS B 1290 1.33 -10.90 1.63
C LYS B 1290 0.17 -11.24 2.56
N GLY B 1291 -0.88 -10.42 2.54
CA GLY B 1291 -2.03 -10.66 3.39
C GLY B 1291 -2.44 -9.44 4.18
N LYS B 1292 -1.62 -8.39 4.13
CA LYS B 1292 -1.90 -7.18 4.90
C LYS B 1292 -2.98 -6.36 4.22
N ARG B 1293 -3.91 -5.85 5.03
CA ARG B 1293 -4.99 -5.00 4.55
C ARG B 1293 -4.61 -3.54 4.74
N SER B 1294 -4.74 -2.75 3.67
CA SER B 1294 -4.44 -1.33 3.71
C SER B 1294 -5.73 -0.53 3.58
N TYR B 1295 -5.86 0.50 4.40
CA TYR B 1295 -7.06 1.33 4.43
C TYR B 1295 -6.74 2.73 3.96
N GLU B 1296 -7.65 3.32 3.19
CA GLU B 1296 -7.46 4.65 2.64
C GLU B 1296 -8.82 5.32 2.52
N THR B 1297 -8.81 6.65 2.51
CA THR B 1297 -10.01 7.43 2.25
C THR B 1297 -9.80 8.25 1.00
N ILE B 1298 -10.72 8.13 0.04
CA ILE B 1298 -10.65 8.85 -1.22
C ILE B 1298 -11.51 10.10 -1.08
N PRO B 1299 -10.93 11.30 -1.08
CA PRO B 1299 -11.75 12.51 -1.07
C PRO B 1299 -12.61 12.62 -2.31
N LEU B 1300 -13.49 13.61 -2.31
CA LEU B 1300 -14.51 13.68 -3.36
C LEU B 1300 -13.91 14.02 -4.72
N ASN B 1301 -13.07 15.06 -4.79
CA ASN B 1301 -12.65 15.60 -6.08
C ASN B 1301 -12.01 14.53 -6.98
N GLU B 1302 -11.23 13.62 -6.39
CA GLU B 1302 -10.72 12.50 -7.18
C GLU B 1302 -11.86 11.62 -7.68
N VAL B 1303 -12.92 11.46 -6.88
CA VAL B 1303 -14.05 10.66 -7.31
C VAL B 1303 -14.74 11.31 -8.51
N ILE B 1304 -14.95 12.64 -8.45
CA ILE B 1304 -15.51 13.34 -9.61
C ILE B 1304 -14.63 13.15 -10.82
N GLU B 1305 -13.32 13.32 -10.65
CA GLU B 1305 -12.43 13.18 -11.80
C GLU B 1305 -12.50 11.78 -12.40
N ARG B 1306 -12.44 10.75 -11.56
CA ARG B 1306 -12.47 9.38 -12.06
C ARG B 1306 -13.79 9.08 -12.75
N GLN B 1307 -14.91 9.49 -12.17
CA GLN B 1307 -16.21 9.23 -12.78
C GLN B 1307 -16.36 9.97 -14.09
N LYS B 1308 -15.85 11.21 -14.16
CA LYS B 1308 -15.87 11.95 -15.41
C LYS B 1308 -15.04 11.24 -16.47
N GLN B 1309 -13.93 10.62 -16.06
CA GLN B 1309 -13.13 9.82 -16.98
C GLN B 1309 -13.83 8.54 -17.40
N GLY B 1310 -14.95 8.19 -16.77
CA GLY B 1310 -15.62 6.94 -17.04
C GLY B 1310 -15.10 5.77 -16.22
N LEU B 1311 -14.17 6.01 -15.30
CA LEU B 1311 -13.57 4.95 -14.50
C LEU B 1311 -14.47 4.62 -13.32
N THR B 1312 -13.96 3.85 -12.37
CA THR B 1312 -14.70 3.59 -11.15
C THR B 1312 -14.40 4.65 -10.11
N SER B 1313 -15.23 4.68 -9.06
CA SER B 1313 -15.10 5.70 -8.03
C SER B 1313 -13.77 5.58 -7.31
N VAL B 1314 -13.34 4.36 -7.02
CA VAL B 1314 -12.14 4.13 -6.23
C VAL B 1314 -11.07 3.50 -7.11
N PRO B 1315 -9.81 3.94 -7.02
CA PRO B 1315 -8.74 3.30 -7.79
C PRO B 1315 -8.64 1.82 -7.43
N LEU B 1316 -8.46 0.99 -8.45
CA LEU B 1316 -8.45 -0.46 -8.24
C LEU B 1316 -7.14 -0.95 -7.65
N GLU B 1317 -6.12 -0.11 -7.54
CA GLU B 1317 -4.89 -0.47 -6.85
C GLU B 1317 -4.19 0.80 -6.40
N ASN B 1318 -3.72 0.79 -5.16
CA ASN B 1318 -3.01 1.94 -4.62
C ASN B 1318 -1.55 1.90 -5.03
N GLU B 1319 -0.79 2.93 -4.63
CA GLU B 1319 0.61 3.00 -5.03
C GLU B 1319 1.44 1.86 -4.46
N LYS B 1320 0.92 1.15 -3.44
CA LYS B 1320 1.56 -0.09 -3.03
C LYS B 1320 1.51 -1.15 -4.12
N GLY B 1321 0.60 -1.01 -5.07
CA GLY B 1321 0.28 -2.07 -6.00
C GLY B 1321 -0.73 -3.07 -5.48
N SER B 1322 -1.24 -2.88 -4.27
CA SER B 1322 -2.17 -3.84 -3.68
C SER B 1322 -3.50 -3.86 -4.42
N ARG B 1323 -4.04 -5.06 -4.62
CA ARG B 1323 -5.33 -5.20 -5.24
C ARG B 1323 -6.43 -4.67 -4.32
N LEU B 1324 -7.39 -3.95 -4.91
CA LEU B 1324 -8.47 -3.37 -4.13
C LEU B 1324 -9.46 -4.44 -3.73
N LEU B 1325 -9.61 -4.66 -2.42
CA LEU B 1325 -10.64 -5.58 -1.95
C LEU B 1325 -12.03 -4.99 -2.14
N PHE B 1326 -12.29 -3.84 -1.52
CA PHE B 1326 -13.61 -3.24 -1.69
C PHE B 1326 -13.62 -1.81 -1.19
N ASP B 1327 -14.66 -1.09 -1.59
CA ASP B 1327 -14.89 0.29 -1.16
C ASP B 1327 -16.12 0.35 -0.25
N LEU B 1328 -16.11 1.29 0.67
CA LEU B 1328 -17.16 1.46 1.65
C LEU B 1328 -17.74 2.87 1.57
N SER B 1329 -19.05 2.96 1.67
CA SER B 1329 -19.79 4.21 1.74
C SER B 1329 -20.68 4.15 2.97
N PRO B 1330 -21.14 5.29 3.48
CA PRO B 1330 -22.01 5.26 4.65
C PRO B 1330 -23.25 4.42 4.40
N ASN B 1331 -23.64 3.67 5.43
CA ASN B 1331 -24.83 2.82 5.41
C ASN B 1331 -24.71 1.66 4.43
N ASP B 1332 -23.59 0.94 4.48
CA ASP B 1332 -23.47 -0.36 3.85
C ASP B 1332 -23.07 -1.39 4.89
N LEU B 1333 -23.35 -2.65 4.59
CA LEU B 1333 -23.26 -3.72 5.56
C LEU B 1333 -22.04 -4.59 5.32
N VAL B 1334 -21.30 -4.87 6.39
CA VAL B 1334 -20.16 -5.77 6.36
C VAL B 1334 -20.39 -6.86 7.39
N TYR B 1335 -19.73 -7.99 7.16
CA TYR B 1335 -19.80 -9.14 8.06
C TYR B 1335 -18.43 -9.35 8.69
N VAL B 1336 -18.41 -9.56 10.00
CA VAL B 1336 -17.19 -9.77 10.77
C VAL B 1336 -17.15 -11.25 11.17
N PRO B 1337 -16.22 -12.04 10.66
CA PRO B 1337 -16.18 -13.47 10.99
C PRO B 1337 -15.66 -13.70 12.40
N GLU B 1338 -15.90 -14.91 12.89
CA GLU B 1338 -15.42 -15.29 14.20
C GLU B 1338 -13.91 -15.43 14.20
N ILE B 1339 -13.32 -15.39 15.39
CA ILE B 1339 -11.86 -15.46 15.52
C ILE B 1339 -11.35 -16.80 14.99
N ASP B 1340 -12.01 -17.89 15.35
CA ASP B 1340 -11.62 -19.23 14.91
C ASP B 1340 -12.14 -19.57 13.52
N GLU B 1341 -12.87 -18.66 12.88
CA GLU B 1341 -13.46 -18.90 11.57
C GLU B 1341 -12.81 -18.01 10.51
N ASN B 1342 -11.48 -17.89 10.56
CA ASN B 1342 -10.74 -17.12 9.57
C ASN B 1342 -11.03 -17.64 8.17
N ILE B 1343 -11.69 -16.83 7.36
CA ILE B 1343 -12.22 -17.26 6.07
C ILE B 1343 -11.91 -16.20 5.01
N ASP B 1344 -12.02 -16.61 3.75
CA ASP B 1344 -11.75 -15.73 2.62
C ASP B 1344 -13.02 -15.04 2.12
N SER B 1345 -14.03 -15.83 1.75
CA SER B 1345 -15.32 -15.31 1.30
C SER B 1345 -16.49 -15.93 2.03
N ASN B 1346 -16.38 -17.21 2.38
CA ASN B 1346 -17.29 -17.95 3.26
C ASN B 1346 -18.62 -18.25 2.58
N PHE B 1347 -18.91 -17.58 1.46
CA PHE B 1347 -20.20 -17.68 0.78
C PHE B 1347 -21.35 -17.93 1.76
N VAL B 1348 -22.04 -19.06 1.58
CA VAL B 1348 -23.12 -19.58 2.42
C VAL B 1348 -24.06 -18.46 2.85
N PHE B 1349 -24.25 -17.47 1.97
CA PHE B 1349 -25.05 -16.29 2.28
C PHE B 1349 -26.53 -16.48 1.97
N SER B 1350 -27.02 -17.71 1.96
CA SER B 1350 -28.43 -17.98 1.76
C SER B 1350 -29.14 -18.49 3.01
N ASN B 1351 -28.40 -18.97 4.01
CA ASN B 1351 -28.99 -19.54 5.21
C ASN B 1351 -28.24 -19.07 6.45
N LEU B 1352 -27.93 -17.79 6.52
CA LEU B 1352 -27.25 -17.24 7.69
C LEU B 1352 -28.12 -17.40 8.93
N ASN B 1353 -27.52 -17.88 10.01
CA ASN B 1353 -28.25 -18.18 11.23
C ASN B 1353 -28.42 -16.91 12.06
N LYS B 1354 -28.83 -17.07 13.32
CA LYS B 1354 -28.93 -15.93 14.22
C LYS B 1354 -27.56 -15.29 14.45
N GLU B 1355 -26.52 -16.11 14.59
CA GLU B 1355 -25.19 -15.58 14.90
C GLU B 1355 -24.59 -14.83 13.72
N LYS B 1356 -24.69 -15.42 12.51
CA LYS B 1356 -24.18 -14.75 11.33
C LYS B 1356 -24.82 -13.38 11.17
N ILE B 1357 -26.15 -13.32 11.29
CA ILE B 1357 -26.85 -12.05 11.18
C ILE B 1357 -26.43 -11.10 12.30
N SER B 1358 -26.29 -11.63 13.51
CA SER B 1358 -25.87 -10.81 14.65
C SER B 1358 -24.45 -10.29 14.50
N ARG B 1359 -23.67 -10.84 13.57
CA ARG B 1359 -22.30 -10.38 13.34
C ARG B 1359 -22.21 -9.46 12.13
N ILE B 1360 -23.21 -8.60 11.91
CA ILE B 1360 -23.25 -7.69 10.77
C ILE B 1360 -23.18 -6.25 11.29
N TYR B 1361 -22.31 -5.45 10.68
CA TYR B 1361 -22.08 -4.07 11.11
C TYR B 1361 -22.29 -3.12 9.94
N LYS B 1362 -22.48 -1.84 10.27
CA LYS B 1362 -22.84 -0.82 9.29
C LYS B 1362 -21.95 0.40 9.47
N VAL B 1363 -21.52 0.97 8.35
CA VAL B 1363 -20.62 2.12 8.32
C VAL B 1363 -21.42 3.40 8.53
N GLU B 1364 -20.90 4.30 9.35
CA GLU B 1364 -21.42 5.67 9.35
C GLU B 1364 -20.39 6.71 8.94
N LYS B 1365 -19.25 6.78 9.61
CA LYS B 1365 -18.31 7.88 9.45
C LYS B 1365 -16.95 7.36 9.02
N THR B 1366 -16.38 8.00 7.99
CA THR B 1366 -15.04 7.70 7.51
C THR B 1366 -14.18 8.94 7.64
N SER B 1367 -13.03 8.82 8.30
CA SER B 1367 -12.12 9.93 8.47
C SER B 1367 -10.69 9.40 8.51
N GLY B 1368 -9.84 9.94 7.65
CA GLY B 1368 -8.47 9.45 7.58
C GLY B 1368 -8.45 8.00 7.18
N THR B 1369 -7.87 7.16 8.03
CA THR B 1369 -7.90 5.73 7.85
C THR B 1369 -8.91 5.04 8.78
N GLU B 1370 -9.80 5.82 9.37
CA GLU B 1370 -10.72 5.32 10.38
C GLU B 1370 -12.13 5.22 9.82
N CYS B 1371 -12.73 4.04 9.95
CA CYS B 1371 -14.12 3.81 9.55
C CYS B 1371 -14.89 3.35 10.78
N TYR B 1372 -16.00 4.02 11.06
CA TYR B 1372 -16.75 3.79 12.29
C TYR B 1372 -18.01 2.99 12.00
N PHE B 1373 -18.29 2.01 12.87
CA PHE B 1373 -19.32 1.01 12.64
C PHE B 1373 -20.27 0.94 13.82
N VAL B 1374 -21.51 0.58 13.52
CA VAL B 1374 -22.51 0.24 14.53
C VAL B 1374 -23.30 -0.96 14.02
N ARG B 1375 -23.66 -1.86 14.94
CA ARG B 1375 -24.42 -3.03 14.54
C ARG B 1375 -25.67 -2.62 13.78
N GLN B 1376 -26.04 -3.42 12.79
CA GLN B 1376 -27.05 -3.00 11.82
C GLN B 1376 -28.41 -2.80 12.47
N ASP B 1377 -28.77 -3.63 13.45
CA ASP B 1377 -30.09 -3.55 14.04
C ASP B 1377 -30.18 -2.53 15.18
N ILE B 1378 -29.11 -1.80 15.48
CA ILE B 1378 -29.14 -0.82 16.56
C ILE B 1378 -29.68 0.49 16.00
N ALA B 1379 -30.85 0.90 16.49
CA ALA B 1379 -31.47 2.15 16.05
C ALA B 1379 -31.08 3.31 16.97
N TYR B 1380 -31.39 3.18 18.26
CA TYR B 1380 -31.08 4.21 19.23
C TYR B 1380 -30.44 3.60 20.46
N LEU B 1381 -29.37 4.23 20.92
CA LEU B 1381 -28.62 3.72 22.07
C LEU B 1381 -29.43 3.90 23.36
N ILE B 1382 -29.24 2.95 24.28
CA ILE B 1382 -29.93 3.04 25.57
C ILE B 1382 -29.51 4.29 26.31
N LYS B 1383 -28.20 4.58 26.33
CA LYS B 1383 -27.68 5.78 26.97
C LYS B 1383 -26.69 6.44 26.03
N GLN B 1384 -26.96 7.68 25.65
CA GLN B 1384 -26.02 8.44 24.86
C GLN B 1384 -24.73 8.64 25.65
N TYR B 1385 -23.60 8.48 24.98
CA TYR B 1385 -22.32 8.61 25.66
C TYR B 1385 -22.11 10.03 26.16
N ASP B 1386 -21.58 10.14 27.37
CA ASP B 1386 -21.22 11.43 27.97
C ASP B 1386 -19.71 11.44 28.19
N ALA B 1387 -19.03 12.43 27.62
CA ALA B 1387 -17.59 12.51 27.78
C ALA B 1387 -17.20 12.79 29.23
N LYS B 1388 -18.04 13.50 29.97
CA LYS B 1388 -17.73 13.83 31.34
C LYS B 1388 -17.72 12.59 32.23
N THR B 1389 -18.77 11.77 32.15
CA THR B 1389 -18.83 10.56 32.93
C THR B 1389 -18.22 9.35 32.23
N LYS B 1390 -18.00 9.44 30.91
CA LYS B 1390 -17.37 8.37 30.13
C LYS B 1390 -18.07 7.03 30.28
N ILE B 1391 -19.41 7.05 30.38
CA ILE B 1391 -20.20 5.84 30.49
C ILE B 1391 -21.37 5.93 29.52
N GLY B 1392 -21.61 4.85 28.79
CA GLY B 1392 -22.71 4.81 27.84
C GLY B 1392 -22.71 3.48 27.11
N GLU B 1393 -23.71 3.31 26.26
CA GLU B 1393 -23.79 2.09 25.45
C GLU B 1393 -22.61 2.00 24.50
N LEU B 1394 -22.24 3.10 23.89
CA LEU B 1394 -21.08 3.17 23.00
C LEU B 1394 -20.13 4.24 23.51
N GLU B 1395 -18.89 4.17 23.06
CA GLU B 1395 -17.83 5.02 23.55
C GLU B 1395 -17.93 6.41 22.91
N SER B 1396 -16.88 7.21 23.03
CA SER B 1396 -16.85 8.55 22.46
C SER B 1396 -17.27 8.53 21.00
N GLN B 1397 -17.93 9.61 20.59
CA GLN B 1397 -18.56 9.76 19.28
C GLN B 1397 -19.71 8.77 19.06
N ASN B 1398 -20.04 7.98 20.08
CA ASN B 1398 -21.09 6.95 19.98
C ASN B 1398 -20.83 6.00 18.83
N LYS B 1399 -19.55 5.73 18.56
CA LYS B 1399 -19.15 4.83 17.48
C LYS B 1399 -18.00 3.96 17.97
N LEU B 1400 -17.91 2.76 17.41
CA LEU B 1400 -16.82 1.84 17.70
C LEU B 1400 -16.17 1.37 16.42
N GLN B 1401 -14.85 1.47 16.36
CA GLN B 1401 -14.08 0.85 15.30
C GLN B 1401 -13.94 -0.65 15.51
N VAL B 1402 -14.39 -1.16 16.66
CA VAL B 1402 -14.26 -2.56 17.03
C VAL B 1402 -15.64 -3.09 17.36
N THR B 1403 -15.77 -4.41 17.30
CA THR B 1403 -17.04 -5.05 17.57
C THR B 1403 -17.46 -4.87 19.03
N MET B 1404 -18.77 -4.87 19.26
CA MET B 1404 -19.30 -4.67 20.59
C MET B 1404 -18.94 -5.83 21.52
N THR B 1405 -18.82 -7.04 20.98
CA THR B 1405 -18.61 -8.22 21.80
C THR B 1405 -17.27 -8.15 22.51
N ASP B 1406 -17.10 -9.04 23.50
CA ASP B 1406 -15.94 -8.99 24.38
C ASP B 1406 -14.64 -9.17 23.62
N ASP B 1407 -14.66 -9.92 22.51
CA ASP B 1407 -13.44 -10.13 21.74
C ASP B 1407 -12.85 -8.81 21.24
N ARG B 1408 -13.72 -7.83 20.94
CA ARG B 1408 -13.29 -6.47 20.64
C ARG B 1408 -12.30 -6.43 19.48
N ILE B 1409 -12.55 -7.22 18.46
CA ILE B 1409 -11.66 -7.29 17.31
C ILE B 1409 -11.98 -6.14 16.37
N ARG B 1410 -10.94 -5.56 15.77
CA ARG B 1410 -11.12 -4.44 14.86
C ARG B 1410 -11.87 -4.89 13.61
N ILE B 1411 -12.86 -4.10 13.21
CA ILE B 1411 -13.76 -4.52 12.14
C ILE B 1411 -13.03 -4.56 10.80
N THR B 1412 -12.26 -3.52 10.50
CA THR B 1412 -11.66 -3.38 9.17
C THR B 1412 -10.65 -4.49 8.85
N ASP B 1413 -10.19 -5.23 9.86
CA ASP B 1413 -9.19 -6.26 9.59
C ASP B 1413 -9.79 -7.48 8.90
N THR B 1414 -10.98 -7.91 9.33
CA THR B 1414 -11.58 -9.13 8.81
C THR B 1414 -12.92 -8.92 8.13
N CYS B 1415 -13.39 -7.68 8.03
CA CYS B 1415 -14.72 -7.44 7.49
C CYS B 1415 -14.80 -7.85 6.02
N VAL B 1416 -15.96 -8.37 5.63
CA VAL B 1416 -16.26 -8.67 4.23
C VAL B 1416 -17.56 -7.97 3.86
N LYS B 1417 -17.51 -7.17 2.80
CA LYS B 1417 -18.70 -6.43 2.38
C LYS B 1417 -19.77 -7.38 1.89
N ILE B 1418 -21.03 -7.06 2.20
CA ILE B 1418 -22.17 -7.79 1.67
C ILE B 1418 -23.16 -6.78 1.11
N ASN B 1419 -23.66 -7.05 -0.09
CA ASN B 1419 -24.66 -6.18 -0.71
C ASN B 1419 -26.05 -6.75 -0.43
N CYS B 1420 -26.96 -5.87 -0.03
CA CYS B 1420 -28.31 -6.25 0.36
C CYS B 1420 -29.31 -5.49 -0.49
N ASP B 1421 -30.29 -6.20 -1.05
CA ASP B 1421 -31.31 -5.58 -1.86
C ASP B 1421 -32.36 -4.94 -0.95
N ARG B 1422 -33.46 -4.49 -1.54
CA ARG B 1422 -34.47 -3.76 -0.79
C ARG B 1422 -35.13 -4.63 0.28
N LEU B 1423 -35.43 -5.88 -0.07
CA LEU B 1423 -36.21 -6.75 0.81
C LEU B 1423 -35.38 -7.41 1.90
N GLY B 1424 -34.08 -7.15 1.96
CA GLY B 1424 -33.25 -7.73 2.98
C GLY B 1424 -32.43 -8.93 2.56
N ASN B 1425 -32.61 -9.43 1.34
CA ASN B 1425 -31.84 -10.56 0.86
C ASN B 1425 -30.38 -10.14 0.61
N ILE B 1426 -29.51 -11.14 0.56
CA ILE B 1426 -28.10 -10.95 0.27
C ILE B 1426 -27.84 -11.44 -1.15
N ASN B 1427 -27.14 -10.64 -1.93
CA ASN B 1427 -26.80 -11.01 -3.30
C ASN B 1427 -25.41 -11.64 -3.35
N PHE B 1428 -25.30 -12.77 -4.02
CA PHE B 1428 -24.02 -13.40 -4.25
C PHE B 1428 -24.05 -14.08 -5.60
N ILE B 1429 -22.87 -14.23 -6.20
CA ILE B 1429 -22.79 -14.83 -7.52
C ILE B 1429 -23.20 -16.30 -7.45
N THR B 1430 -23.96 -16.75 -8.44
CA THR B 1430 -24.46 -18.12 -8.47
C THR B 1430 -24.18 -18.76 -9.82
N LYS B 1431 -24.55 -20.03 -9.96
CA LYS B 1431 -24.37 -20.75 -11.21
C LYS B 1431 -25.25 -20.21 -12.32
N GLU B 1432 -26.23 -19.39 -12.00
CA GLU B 1432 -27.18 -18.86 -12.97
C GLU B 1432 -26.92 -17.41 -13.34
N LYS B 1433 -26.42 -16.60 -12.40
CA LYS B 1433 -26.17 -15.19 -12.71
C LYS B 1433 -25.10 -15.05 -13.78
N ILE B 1434 -24.10 -15.94 -13.78
CA ILE B 1434 -23.10 -15.93 -14.83
C ILE B 1434 -23.74 -16.25 -16.17
N LYS B 1435 -24.67 -17.20 -16.19
CA LYS B 1435 -25.34 -17.55 -17.44
C LYS B 1435 -26.16 -16.37 -17.97
N GLN B 1436 -26.85 -15.65 -17.08
CA GLN B 1436 -27.53 -14.43 -17.55
C GLN B 1436 -26.53 -13.38 -18.00
N ILE B 1437 -25.38 -13.29 -17.34
CA ILE B 1437 -24.36 -12.32 -17.76
C ILE B 1437 -23.95 -12.59 -19.20
N PHE B 1438 -23.72 -13.85 -19.53
CA PHE B 1438 -23.36 -14.20 -20.90
C PHE B 1438 -24.54 -14.05 -21.86
N ASN B 1439 -25.76 -14.35 -21.39
CA ASN B 1439 -26.92 -14.24 -22.26
C ASN B 1439 -27.23 -12.80 -22.63
N GLU B 1440 -26.88 -11.85 -21.75
CA GLU B 1440 -27.10 -10.44 -22.07
C GLU B 1440 -26.36 -10.03 -23.34
N PHE B 1441 -25.26 -10.69 -23.65
CA PHE B 1441 -24.44 -10.36 -24.82
C PHE B 1441 -24.35 -11.60 -25.70
N ARG B 1442 -25.35 -11.77 -26.55
CA ARG B 1442 -25.39 -12.89 -27.49
C ARG B 1442 -26.52 -12.71 -28.50
N LEU D 3 9.64 18.97 -22.73
CA LEU D 3 9.34 18.01 -21.67
C LEU D 3 8.01 17.31 -21.95
N ASP D 4 8.10 16.08 -22.44
CA ASP D 4 6.91 15.31 -22.80
C ASP D 4 7.28 13.83 -22.84
N LYS D 5 6.26 12.99 -22.82
CA LYS D 5 6.43 11.55 -22.87
C LYS D 5 5.95 11.02 -24.22
N ILE D 6 6.70 10.07 -24.77
CA ILE D 6 6.44 9.55 -26.11
C ILE D 6 6.24 8.04 -26.02
N ALA D 7 5.21 7.56 -26.71
CA ALA D 7 4.98 6.13 -26.90
C ALA D 7 5.08 5.80 -28.38
N ILE D 8 5.01 4.52 -28.70
CA ILE D 8 5.11 4.04 -30.08
C ILE D 8 4.10 2.92 -30.29
N ASP D 9 4.09 2.39 -31.51
CA ASP D 9 3.16 1.35 -31.93
C ASP D 9 3.93 0.19 -32.55
N THR D 10 3.20 -0.89 -32.86
CA THR D 10 3.83 -2.07 -33.43
C THR D 10 4.43 -1.79 -34.80
N ASN D 11 3.77 -0.95 -35.60
CA ASN D 11 4.27 -0.66 -36.94
C ASN D 11 5.65 -0.03 -36.90
N ILE D 12 5.96 0.74 -35.87
CA ILE D 12 7.28 1.35 -35.77
C ILE D 12 8.35 0.29 -35.56
N LEU D 13 8.11 -0.64 -34.64
CA LEU D 13 9.06 -1.72 -34.44
C LEU D 13 9.22 -2.55 -35.70
N LEU D 14 8.12 -2.85 -36.38
CA LEU D 14 8.20 -3.63 -37.61
C LEU D 14 8.98 -2.89 -38.69
N TYR D 15 8.73 -1.61 -38.87
CA TYR D 15 9.44 -0.83 -39.88
C TYR D 15 10.91 -0.69 -39.53
N ALA D 16 11.24 -0.73 -38.23
CA ALA D 16 12.64 -0.86 -37.86
C ALA D 16 13.19 -2.20 -38.29
N TYR D 17 12.42 -3.27 -38.08
CA TYR D 17 12.94 -4.61 -38.35
C TYR D 17 12.92 -4.95 -39.83
N ASP D 18 11.92 -4.45 -40.56
CA ASP D 18 11.78 -4.81 -41.96
C ASP D 18 12.91 -4.21 -42.78
N ASN D 19 13.16 -4.80 -43.95
CA ASN D 19 14.27 -4.37 -44.79
C ASN D 19 13.81 -4.04 -46.22
N ARG D 20 12.73 -3.27 -46.35
CA ARG D 20 12.31 -2.81 -47.66
C ARG D 20 11.85 -1.35 -47.65
N ASP D 21 12.05 -0.63 -46.56
CA ASP D 21 11.64 0.78 -46.45
C ASP D 21 12.78 1.56 -45.79
N LEU D 22 13.98 1.44 -46.37
CA LEU D 22 15.22 1.95 -45.77
C LEU D 22 15.07 3.32 -45.10
N ASP D 23 14.40 4.25 -45.76
CA ASP D 23 14.15 5.55 -45.15
C ASP D 23 13.23 5.44 -43.94
N LYS D 24 12.17 4.64 -44.03
CA LYS D 24 11.32 4.40 -42.88
C LYS D 24 12.06 3.62 -41.80
N GLN D 25 12.93 2.69 -42.20
CA GLN D 25 13.85 2.06 -41.27
C GLN D 25 14.63 3.11 -40.49
N ASP D 26 15.20 4.09 -41.21
CA ASP D 26 15.94 5.13 -40.53
C ASP D 26 15.04 5.88 -39.57
N ARG D 27 13.91 6.39 -40.07
CA ARG D 27 13.02 7.15 -39.20
C ARG D 27 12.72 6.38 -37.93
N ALA D 28 12.44 5.08 -38.07
CA ALA D 28 12.19 4.25 -36.89
C ALA D 28 13.40 4.22 -35.96
N VAL D 29 14.60 4.07 -36.53
CA VAL D 29 15.76 3.88 -35.65
C VAL D 29 16.09 5.15 -34.88
N GLU D 30 16.09 6.32 -35.52
CA GLU D 30 16.33 7.49 -34.68
C GLU D 30 15.12 7.85 -33.82
N ILE D 31 13.94 7.27 -34.08
CA ILE D 31 12.91 7.32 -33.05
C ILE D 31 13.36 6.56 -31.81
N LEU D 32 13.91 5.35 -32.00
CA LEU D 32 14.32 4.52 -30.87
C LEU D 32 15.52 5.08 -30.12
N LEU D 33 16.34 5.92 -30.76
CA LEU D 33 17.47 6.52 -30.07
C LEU D 33 17.03 7.39 -28.90
N LYS D 34 15.79 7.84 -28.88
CA LYS D 34 15.29 8.71 -27.83
C LYS D 34 14.70 7.94 -26.65
N LYS D 35 14.80 6.61 -26.66
CA LYS D 35 14.28 5.75 -25.60
C LYS D 35 12.79 5.95 -25.43
N PRO D 36 11.98 5.53 -26.40
CA PRO D 36 10.52 5.68 -26.26
C PRO D 36 9.94 4.70 -25.25
N PHE D 37 8.65 4.79 -25.02
CA PHE D 37 7.94 3.87 -24.16
C PHE D 37 7.06 2.96 -25.01
N VAL D 38 6.73 1.79 -24.47
CA VAL D 38 5.85 0.85 -25.14
C VAL D 38 4.82 0.34 -24.14
N THR D 39 3.61 0.12 -24.62
CA THR D 39 2.65 -0.69 -23.90
C THR D 39 3.04 -2.15 -24.03
N GLN D 40 2.61 -2.96 -23.04
CA GLN D 40 2.80 -4.39 -23.22
C GLN D 40 2.01 -4.93 -24.39
N LEU D 41 0.94 -4.24 -24.77
CA LEU D 41 0.10 -4.68 -25.89
C LEU D 41 0.90 -4.67 -27.19
N VAL D 42 1.65 -3.61 -27.45
CA VAL D 42 2.43 -3.57 -28.68
C VAL D 42 3.53 -4.62 -28.64
N VAL D 43 4.06 -4.92 -27.45
CA VAL D 43 5.08 -5.97 -27.34
C VAL D 43 4.48 -7.32 -27.72
N PHE D 44 3.30 -7.63 -27.19
CA PHE D 44 2.67 -8.89 -27.51
C PHE D 44 2.31 -8.96 -28.99
N GLU D 45 1.79 -7.87 -29.55
CA GLU D 45 1.45 -7.87 -30.96
C GLU D 45 2.68 -8.02 -31.83
N PHE D 46 3.79 -7.37 -31.45
CA PHE D 46 5.04 -7.50 -32.17
C PHE D 46 5.53 -8.94 -32.16
N ILE D 47 5.46 -9.59 -30.99
CA ILE D 47 5.86 -10.98 -30.88
C ILE D 47 4.99 -11.87 -31.76
N LYS D 48 3.67 -11.64 -31.73
CA LYS D 48 2.77 -12.44 -32.54
C LYS D 48 3.05 -12.25 -34.02
N VAL D 49 3.29 -11.01 -34.44
CA VAL D 49 3.56 -10.73 -35.84
C VAL D 49 4.86 -11.41 -36.27
N LEU D 50 5.90 -11.32 -35.45
CA LEU D 50 7.16 -11.97 -35.79
C LEU D 50 6.99 -13.48 -35.92
N GLU D 51 6.25 -14.08 -34.99
CA GLU D 51 6.05 -15.53 -35.05
C GLU D 51 5.17 -15.91 -36.23
N ARG D 52 4.30 -15.00 -36.67
CA ARG D 52 3.32 -15.32 -37.71
C ARG D 52 3.80 -14.90 -39.10
N ARG D 53 4.13 -13.62 -39.26
CA ARG D 53 4.42 -13.10 -40.61
C ARG D 53 5.82 -13.49 -41.07
N PHE D 54 6.83 -13.22 -40.25
CA PHE D 54 8.21 -13.42 -40.67
C PHE D 54 8.70 -14.84 -40.46
N LYS D 55 7.93 -15.69 -39.79
CA LYS D 55 8.28 -17.09 -39.59
C LYS D 55 9.65 -17.24 -38.91
N MET D 56 9.93 -16.34 -37.98
CA MET D 56 11.19 -16.36 -37.24
C MET D 56 10.95 -16.96 -35.87
N ASP D 57 11.78 -17.95 -35.52
CA ASP D 57 11.43 -18.93 -34.50
C ASP D 57 11.35 -18.30 -33.10
N LYS D 58 10.76 -19.06 -32.18
CA LYS D 58 10.36 -18.54 -30.87
C LYS D 58 11.57 -18.10 -30.04
N LYS D 59 12.63 -18.90 -30.02
CA LYS D 59 13.77 -18.59 -29.15
C LYS D 59 14.39 -17.25 -29.53
N GLU D 60 14.59 -17.03 -30.83
CA GLU D 60 15.12 -15.75 -31.26
C GLU D 60 14.14 -14.61 -30.99
N ILE D 61 12.83 -14.88 -31.09
CA ILE D 61 11.84 -13.87 -30.72
C ILE D 61 12.06 -13.43 -29.29
N THR D 62 12.17 -14.41 -28.38
CA THR D 62 12.31 -14.08 -26.97
C THR D 62 13.62 -13.36 -26.70
N LYS D 63 14.70 -13.82 -27.32
CA LYS D 63 15.99 -13.15 -27.14
C LYS D 63 15.92 -11.69 -27.58
N LEU D 64 15.36 -11.46 -28.79
CA LEU D 64 15.28 -10.11 -29.32
C LEU D 64 14.41 -9.22 -28.45
N THR D 65 13.25 -9.71 -28.03
CA THR D 65 12.37 -8.87 -27.24
C THR D 65 12.95 -8.59 -25.86
N ILE D 66 13.66 -9.56 -25.28
CA ILE D 66 14.31 -9.34 -23.99
C ILE D 66 15.37 -8.26 -24.13
N LYS D 67 16.19 -8.34 -25.17
CA LYS D 67 17.24 -7.34 -25.35
C LYS D 67 16.65 -5.96 -25.60
N LEU D 68 15.60 -5.88 -26.43
CA LEU D 68 14.98 -4.61 -26.71
C LEU D 68 14.39 -3.98 -25.46
N LEU D 69 13.55 -4.75 -24.73
CA LEU D 69 12.96 -4.23 -23.52
C LEU D 69 14.02 -3.91 -22.47
N LYS D 70 15.17 -4.58 -22.53
CA LYS D 70 16.23 -4.32 -21.57
C LYS D 70 16.91 -2.99 -21.82
N GLU D 71 17.24 -2.69 -23.08
CA GLU D 71 18.08 -1.52 -23.30
C GLU D 71 17.46 -0.49 -24.23
N VAL D 72 16.81 -0.91 -25.32
CA VAL D 72 16.32 0.06 -26.30
C VAL D 72 15.12 0.82 -25.76
N ILE D 73 14.15 0.12 -25.19
CA ILE D 73 12.84 0.68 -24.90
C ILE D 73 12.55 0.54 -23.41
N ILE D 74 11.63 1.37 -22.93
CA ILE D 74 11.14 1.31 -21.55
C ILE D 74 9.71 0.78 -21.59
N PRO D 75 9.45 -0.45 -21.17
CA PRO D 75 8.06 -0.93 -21.15
C PRO D 75 7.24 -0.21 -20.10
N LEU D 76 5.94 -0.12 -20.36
CA LEU D 76 5.01 0.55 -19.47
C LEU D 76 4.19 -0.47 -18.70
N SER D 77 4.03 -0.24 -17.40
CA SER D 77 3.20 -1.11 -16.60
C SER D 77 1.77 -1.07 -17.10
N LEU D 78 1.16 -2.25 -17.21
CA LEU D 78 -0.20 -2.36 -17.73
C LEU D 78 -1.17 -1.80 -16.70
N HIS D 79 -1.78 -0.66 -17.01
CA HIS D 79 -2.63 0.02 -16.05
C HIS D 79 -3.90 -0.77 -15.78
N ARG D 80 -4.38 -0.66 -14.55
CA ARG D 80 -5.56 -1.41 -14.14
C ARG D 80 -6.85 -0.85 -14.71
N ASP D 81 -6.90 0.46 -14.95
CA ASP D 81 -8.09 1.11 -15.46
C ASP D 81 -8.18 1.09 -16.97
N ILE D 82 -7.52 0.14 -17.63
CA ILE D 82 -7.45 0.14 -19.09
C ILE D 82 -8.82 -0.16 -19.69
N TYR D 83 -9.57 -1.08 -19.11
CA TYR D 83 -10.83 -1.50 -19.72
C TYR D 83 -11.91 -0.43 -19.59
N ASN D 84 -12.04 0.15 -18.39
CA ASN D 84 -13.03 1.22 -18.21
C ASN D 84 -12.72 2.42 -19.09
N TYR D 85 -11.46 2.87 -19.09
CA TYR D 85 -11.08 4.01 -19.90
C TYR D 85 -11.23 3.70 -21.39
N SER D 86 -10.93 2.47 -21.79
CA SER D 86 -11.13 2.08 -23.18
C SER D 86 -12.60 2.14 -23.55
N GLN D 87 -13.48 1.71 -22.65
CA GLN D 87 -14.91 1.89 -22.88
C GLN D 87 -15.27 3.36 -23.01
N PHE D 88 -14.69 4.20 -22.17
CA PHE D 88 -14.99 5.63 -22.20
C PHE D 88 -14.56 6.26 -23.52
N LEU D 89 -13.33 5.97 -23.96
CA LEU D 89 -12.87 6.49 -25.24
C LEU D 89 -13.62 5.87 -26.40
N LEU D 90 -14.16 4.68 -26.23
CA LEU D 90 -14.84 3.98 -27.32
C LEU D 90 -16.14 4.66 -27.72
N GLN D 91 -16.64 5.59 -26.90
CA GLN D 91 -17.91 6.24 -27.21
C GLN D 91 -17.82 7.07 -28.47
N ARG D 92 -16.77 7.87 -28.63
CA ARG D 92 -16.71 8.86 -29.68
C ARG D 92 -15.65 8.59 -30.75
N TYR D 93 -14.70 7.71 -30.51
CA TYR D 93 -13.66 7.38 -31.49
C TYR D 93 -13.95 6.02 -32.10
N ASN D 94 -14.00 5.98 -33.44
CA ASN D 94 -14.31 4.75 -34.16
C ASN D 94 -13.01 4.12 -34.63
N PHE D 95 -12.31 3.50 -33.69
CA PHE D 95 -11.08 2.77 -33.96
C PHE D 95 -11.28 1.29 -33.68
N GLY D 96 -10.30 0.50 -34.07
CA GLY D 96 -10.29 -0.90 -33.68
C GLY D 96 -10.12 -1.04 -32.18
N LEU D 97 -10.68 -2.13 -31.64
CA LEU D 97 -10.61 -2.33 -30.19
C LEU D 97 -9.17 -2.50 -29.72
N SER D 98 -8.33 -3.15 -30.52
CA SER D 98 -6.91 -3.22 -30.20
C SER D 98 -6.29 -1.82 -30.18
N ASP D 99 -6.60 -1.01 -31.20
CA ASP D 99 -6.04 0.33 -31.26
C ASP D 99 -6.52 1.18 -30.09
N ILE D 100 -7.80 1.08 -29.74
CA ILE D 100 -8.30 1.89 -28.63
C ILE D 100 -7.74 1.40 -27.31
N LEU D 101 -7.49 0.09 -27.16
CA LEU D 101 -6.83 -0.39 -25.96
C LEU D 101 -5.42 0.18 -25.84
N VAL D 102 -4.67 0.18 -26.95
CA VAL D 102 -3.34 0.76 -26.95
C VAL D 102 -3.41 2.22 -26.55
N LEU D 103 -4.36 2.96 -27.16
CA LEU D 103 -4.52 4.37 -26.86
C LEU D 103 -4.84 4.60 -25.39
N SER D 104 -5.75 3.80 -24.84
CA SER D 104 -6.19 3.99 -23.47
C SER D 104 -5.07 3.73 -22.48
N ASP D 105 -4.33 2.64 -22.67
CA ASP D 105 -3.28 2.32 -21.72
C ASP D 105 -2.12 3.29 -21.87
N SER D 106 -1.87 3.77 -23.09
CA SER D 106 -0.87 4.81 -23.29
C SER D 106 -1.24 6.08 -22.55
N ILE D 107 -2.48 6.53 -22.70
CA ILE D 107 -2.93 7.75 -22.04
C ILE D 107 -2.88 7.59 -20.53
N LEU D 108 -3.32 6.44 -20.03
CA LEU D 108 -3.34 6.22 -18.58
C LEU D 108 -1.95 6.27 -17.97
N ASN D 109 -0.91 6.05 -18.76
CA ASN D 109 0.47 6.15 -18.29
C ASN D 109 1.05 7.54 -18.55
N ASN D 110 0.19 8.55 -18.73
CA ASN D 110 0.62 9.94 -18.91
C ASN D 110 1.53 10.10 -20.13
N CYS D 111 1.21 9.39 -21.20
CA CYS D 111 1.91 9.59 -22.46
C CYS D 111 1.33 10.80 -23.18
N THR D 112 2.20 11.69 -23.65
CA THR D 112 1.77 12.94 -24.26
C THR D 112 1.69 12.87 -25.77
N ILE D 113 2.55 12.09 -26.40
CA ILE D 113 2.56 11.93 -27.85
C ILE D 113 2.69 10.46 -28.19
N LEU D 114 1.84 9.98 -29.08
CA LEU D 114 1.95 8.63 -29.63
C LEU D 114 2.41 8.73 -31.07
N LEU D 115 3.26 7.79 -31.48
CA LEU D 115 3.78 7.74 -32.84
C LEU D 115 3.28 6.47 -33.51
N SER D 116 2.73 6.62 -34.70
CA SER D 116 2.18 5.49 -35.45
C SER D 116 1.88 5.93 -36.86
N GLU D 117 1.25 5.04 -37.63
CA GLU D 117 0.75 5.35 -38.95
C GLU D 117 -0.69 4.93 -39.16
N ASP D 118 -1.26 4.13 -38.26
CA ASP D 118 -2.57 3.53 -38.47
C ASP D 118 -3.71 4.34 -37.87
N MET D 119 -3.48 5.62 -37.58
CA MET D 119 -4.47 6.49 -36.97
C MET D 119 -4.64 7.74 -37.83
N CYS D 120 -5.38 8.71 -37.30
CA CYS D 120 -5.53 10.02 -37.95
C CYS D 120 -4.41 10.91 -37.46
N ASN D 121 -3.48 11.25 -38.36
CA ASN D 121 -2.31 12.02 -37.98
C ASN D 121 -2.72 13.35 -37.36
N GLY D 122 -2.11 13.68 -36.23
CA GLY D 122 -2.38 14.93 -35.54
C GLY D 122 -3.68 14.96 -34.77
N MET D 123 -4.57 13.99 -34.97
CA MET D 123 -5.85 14.00 -34.28
C MET D 123 -5.65 13.79 -32.79
N ILE D 124 -6.43 14.51 -31.99
CA ILE D 124 -6.28 14.53 -30.54
C ILE D 124 -7.32 13.64 -29.92
N VAL D 125 -6.92 12.82 -28.96
CA VAL D 125 -7.82 11.94 -28.23
C VAL D 125 -7.97 12.48 -26.82
N ASP D 126 -9.22 12.80 -26.45
CA ASP D 126 -9.59 13.20 -25.09
C ASP D 126 -8.78 14.38 -24.57
N LYS D 127 -8.24 15.20 -25.46
CA LYS D 127 -7.42 16.36 -25.08
C LYS D 127 -6.27 15.96 -24.15
N LYS D 128 -5.73 14.76 -24.34
CA LYS D 128 -4.62 14.30 -23.52
C LYS D 128 -3.43 13.82 -24.35
N LEU D 129 -3.67 13.18 -25.47
CA LEU D 129 -2.61 12.58 -26.28
C LEU D 129 -2.73 13.07 -27.72
N LYS D 130 -1.60 13.18 -28.39
CA LYS D 130 -1.53 13.59 -29.79
C LYS D 130 -0.91 12.46 -30.59
N ILE D 131 -1.61 12.00 -31.62
CA ILE D 131 -1.12 10.94 -32.49
C ILE D 131 -0.38 11.56 -33.65
N VAL D 132 0.85 11.10 -33.89
CA VAL D 132 1.74 11.70 -34.88
C VAL D 132 2.22 10.60 -35.81
N ASN D 133 2.31 10.93 -37.11
CA ASN D 133 2.98 10.06 -38.07
C ASN D 133 4.40 10.56 -38.27
N PRO D 134 5.38 10.03 -37.54
CA PRO D 134 6.77 10.53 -37.69
C PRO D 134 7.36 10.25 -39.06
N PHE D 135 6.82 9.30 -39.82
CA PHE D 135 7.35 8.97 -41.13
C PHE D 135 6.97 9.99 -42.19
N LEU D 136 6.00 10.86 -41.91
CA LEU D 136 5.57 11.86 -42.88
C LEU D 136 5.85 13.27 -42.36
N LEU E 3 -5.98 -23.42 -0.47
CA LEU E 3 -4.81 -24.25 -0.20
C LEU E 3 -3.87 -24.28 -1.40
N ASP E 4 -4.43 -23.98 -2.58
CA ASP E 4 -3.62 -23.92 -3.80
C ASP E 4 -4.32 -23.02 -4.80
N LYS E 5 -3.58 -22.11 -5.40
CA LYS E 5 -4.16 -21.16 -6.34
C LYS E 5 -4.56 -21.88 -7.63
N ILE E 6 -5.47 -21.24 -8.37
CA ILE E 6 -6.02 -21.81 -9.60
C ILE E 6 -6.11 -20.72 -10.65
N ALA E 7 -5.67 -21.03 -11.87
CA ALA E 7 -5.77 -20.11 -13.00
C ALA E 7 -6.47 -20.82 -14.16
N ILE E 8 -6.91 -20.02 -15.14
CA ILE E 8 -7.69 -20.54 -16.25
C ILE E 8 -7.08 -20.08 -17.57
N ASP E 9 -7.45 -20.78 -18.63
CA ASP E 9 -7.05 -20.47 -20.00
C ASP E 9 -8.23 -19.89 -20.76
N THR E 10 -7.94 -19.27 -21.89
CA THR E 10 -8.97 -18.60 -22.68
C THR E 10 -10.07 -19.56 -23.11
N ASN E 11 -9.72 -20.81 -23.39
CA ASN E 11 -10.73 -21.76 -23.86
C ASN E 11 -11.81 -22.01 -22.81
N ILE E 12 -11.47 -21.85 -21.52
CA ILE E 12 -12.48 -21.98 -20.47
C ILE E 12 -13.54 -20.90 -20.62
N LEU E 13 -13.11 -19.65 -20.79
CA LEU E 13 -14.07 -18.56 -21.01
C LEU E 13 -14.85 -18.76 -22.29
N LEU E 14 -14.17 -19.21 -23.36
CA LEU E 14 -14.85 -19.40 -24.63
C LEU E 14 -15.94 -20.45 -24.53
N TYR E 15 -15.66 -21.55 -23.83
CA TYR E 15 -16.69 -22.57 -23.63
C TYR E 15 -17.78 -22.09 -22.68
N ALA E 16 -17.43 -21.22 -21.73
CA ALA E 16 -18.46 -20.65 -20.86
C ALA E 16 -19.43 -19.79 -21.67
N TYR E 17 -18.91 -19.00 -22.61
CA TYR E 17 -19.76 -18.14 -23.42
C TYR E 17 -20.49 -18.94 -24.50
N ASP E 18 -19.74 -19.58 -25.39
CA ASP E 18 -20.33 -20.31 -26.49
C ASP E 18 -21.10 -21.52 -25.98
N ASN E 19 -22.26 -21.77 -26.59
CA ASN E 19 -23.18 -22.81 -26.12
C ASN E 19 -23.38 -23.92 -27.15
N ARG E 20 -22.41 -24.15 -28.04
CA ARG E 20 -22.57 -25.22 -29.02
C ARG E 20 -22.54 -26.59 -28.36
N ASP E 21 -21.69 -26.77 -27.36
CA ASP E 21 -21.68 -27.99 -26.54
C ASP E 21 -22.10 -27.60 -25.14
N LEU E 22 -23.30 -28.00 -24.74
CA LEU E 22 -23.87 -27.53 -23.49
C LEU E 22 -23.12 -28.09 -22.28
N ASP E 23 -22.68 -29.35 -22.36
CA ASP E 23 -22.05 -29.97 -21.20
C ASP E 23 -20.74 -29.28 -20.84
N LYS E 24 -19.90 -29.00 -21.84
CA LYS E 24 -18.66 -28.30 -21.56
C LYS E 24 -18.94 -26.87 -21.08
N GLN E 25 -20.02 -26.26 -21.57
CA GLN E 25 -20.41 -24.95 -21.07
C GLN E 25 -20.77 -25.01 -19.59
N ASP E 26 -21.50 -26.05 -19.18
CA ASP E 26 -21.83 -26.21 -17.78
C ASP E 26 -20.59 -26.42 -16.94
N ARG E 27 -19.64 -27.24 -17.43
CA ARG E 27 -18.39 -27.42 -16.71
C ARG E 27 -17.64 -26.11 -16.55
N ALA E 28 -17.56 -25.33 -17.63
CA ALA E 28 -16.85 -24.05 -17.57
C ALA E 28 -17.52 -23.09 -16.60
N VAL E 29 -18.86 -23.04 -16.61
CA VAL E 29 -19.57 -22.18 -15.68
C VAL E 29 -19.29 -22.61 -14.24
N GLU E 30 -19.32 -23.93 -14.00
CA GLU E 30 -19.02 -24.42 -12.66
C GLU E 30 -17.61 -24.03 -12.22
N ILE E 31 -16.64 -24.10 -13.13
CA ILE E 31 -15.28 -23.70 -12.79
C ILE E 31 -15.24 -22.21 -12.45
N LEU E 32 -15.92 -21.39 -13.25
CA LEU E 32 -15.92 -19.94 -13.01
C LEU E 32 -16.57 -19.59 -11.68
N LEU E 33 -17.41 -20.47 -11.14
CA LEU E 33 -18.13 -20.19 -9.90
C LEU E 33 -17.19 -20.07 -8.71
N LYS E 34 -15.97 -20.60 -8.79
CA LYS E 34 -15.06 -20.65 -7.66
C LYS E 34 -14.11 -19.48 -7.61
N LYS E 35 -14.37 -18.43 -8.39
CA LYS E 35 -13.54 -17.23 -8.44
C LYS E 35 -12.09 -17.59 -8.80
N PRO E 36 -11.83 -18.00 -10.04
CA PRO E 36 -10.48 -18.37 -10.43
C PRO E 36 -9.68 -17.17 -10.91
N PHE E 37 -8.37 -17.24 -10.66
CA PHE E 37 -7.48 -16.19 -11.12
C PHE E 37 -7.29 -16.30 -12.62
N VAL E 38 -6.88 -15.19 -13.23
CA VAL E 38 -6.70 -15.13 -14.67
C VAL E 38 -5.62 -14.11 -14.99
N THR E 39 -4.87 -14.37 -16.06
CA THR E 39 -3.83 -13.48 -16.52
C THR E 39 -4.35 -12.61 -17.66
N GLN E 40 -3.80 -11.39 -17.74
CA GLN E 40 -4.31 -10.41 -18.69
C GLN E 40 -4.17 -10.88 -20.13
N LEU E 41 -3.17 -11.71 -20.43
CA LEU E 41 -3.03 -12.25 -21.78
C LEU E 41 -4.25 -13.06 -22.16
N VAL E 42 -4.77 -13.85 -21.23
CA VAL E 42 -5.99 -14.61 -21.49
C VAL E 42 -7.14 -13.67 -21.80
N VAL E 43 -7.23 -12.56 -21.07
CA VAL E 43 -8.31 -11.60 -21.31
C VAL E 43 -8.20 -11.01 -22.70
N PHE E 44 -6.98 -10.62 -23.10
CA PHE E 44 -6.80 -10.03 -24.43
C PHE E 44 -7.10 -11.04 -25.52
N GLU E 45 -6.68 -12.29 -25.34
CA GLU E 45 -7.00 -13.33 -26.32
C GLU E 45 -8.51 -13.55 -26.41
N PHE E 46 -9.19 -13.52 -25.27
CA PHE E 46 -10.64 -13.66 -25.25
C PHE E 46 -11.30 -12.52 -26.01
N ILE E 47 -10.83 -11.29 -25.79
CA ILE E 47 -11.39 -10.13 -26.49
C ILE E 47 -11.17 -10.27 -27.99
N LYS E 48 -9.97 -10.65 -28.39
CA LYS E 48 -9.67 -10.80 -29.82
C LYS E 48 -10.56 -11.86 -30.44
N VAL E 49 -10.74 -12.99 -29.76
CA VAL E 49 -11.57 -14.06 -30.31
C VAL E 49 -13.01 -13.61 -30.43
N LEU E 50 -13.53 -12.94 -29.39
CA LEU E 50 -14.92 -12.48 -29.44
C LEU E 50 -15.13 -11.51 -30.60
N GLU E 51 -14.22 -10.55 -30.76
CA GLU E 51 -14.37 -9.59 -31.84
C GLU E 51 -14.25 -10.26 -33.20
N ARG E 52 -13.33 -11.23 -33.33
CA ARG E 52 -13.09 -11.87 -34.61
C ARG E 52 -14.04 -13.02 -34.88
N ARG E 53 -14.05 -14.03 -34.01
CA ARG E 53 -14.82 -15.24 -34.29
C ARG E 53 -16.32 -14.99 -34.19
N PHE E 54 -16.76 -14.37 -33.10
CA PHE E 54 -18.18 -14.21 -32.84
C PHE E 54 -18.75 -12.88 -33.32
N LYS E 55 -17.90 -12.00 -33.83
CA LYS E 55 -18.32 -10.78 -34.52
C LYS E 55 -19.12 -9.84 -33.63
N MET E 56 -18.98 -9.95 -32.31
CA MET E 56 -19.62 -8.99 -31.42
C MET E 56 -18.95 -7.62 -31.58
N ASP E 57 -19.75 -6.57 -31.40
CA ASP E 57 -19.21 -5.23 -31.55
C ASP E 57 -18.41 -4.84 -30.31
N LYS E 58 -17.66 -3.74 -30.45
CA LYS E 58 -16.67 -3.36 -29.45
C LYS E 58 -17.30 -3.05 -28.10
N LYS E 59 -18.42 -2.31 -28.09
CA LYS E 59 -18.95 -1.82 -26.82
C LYS E 59 -19.45 -2.97 -25.94
N GLU E 60 -20.18 -3.92 -26.51
CA GLU E 60 -20.67 -5.03 -25.70
C GLU E 60 -19.52 -5.91 -25.23
N ILE E 61 -18.48 -6.07 -26.05
CA ILE E 61 -17.32 -6.85 -25.62
C ILE E 61 -16.65 -6.20 -24.42
N THR E 62 -16.47 -4.88 -24.48
CA THR E 62 -15.86 -4.18 -23.36
C THR E 62 -16.72 -4.27 -22.11
N LYS E 63 -18.04 -4.13 -22.27
CA LYS E 63 -18.94 -4.26 -21.13
C LYS E 63 -18.85 -5.63 -20.51
N LEU E 64 -18.84 -6.68 -21.35
CA LEU E 64 -18.73 -8.04 -20.84
C LEU E 64 -17.43 -8.25 -20.10
N THR E 65 -16.32 -7.76 -20.65
CA THR E 65 -15.03 -7.91 -19.99
C THR E 65 -15.01 -7.20 -18.64
N ILE E 66 -15.53 -5.97 -18.59
CA ILE E 66 -15.54 -5.23 -17.34
C ILE E 66 -16.38 -5.95 -16.30
N LYS E 67 -17.56 -6.44 -16.69
CA LYS E 67 -18.40 -7.17 -15.75
C LYS E 67 -17.73 -8.42 -15.24
N LEU E 68 -17.10 -9.19 -16.15
CA LEU E 68 -16.44 -10.42 -15.76
C LEU E 68 -15.31 -10.15 -14.77
N LEU E 69 -14.50 -9.12 -15.05
CA LEU E 69 -13.40 -8.80 -14.15
C LEU E 69 -13.89 -8.26 -12.82
N LYS E 70 -15.02 -7.54 -12.82
CA LYS E 70 -15.51 -6.97 -11.57
C LYS E 70 -16.13 -8.03 -10.68
N GLU E 71 -16.82 -9.01 -11.26
CA GLU E 71 -17.58 -9.97 -10.48
C GLU E 71 -16.99 -11.37 -10.50
N VAL E 72 -16.75 -11.93 -11.68
CA VAL E 72 -16.57 -13.38 -11.79
C VAL E 72 -15.14 -13.80 -11.46
N ILE E 73 -14.15 -13.21 -12.12
CA ILE E 73 -12.78 -13.70 -12.06
C ILE E 73 -11.87 -12.60 -11.51
N ILE E 74 -10.72 -13.03 -11.00
CA ILE E 74 -9.72 -12.13 -10.45
C ILE E 74 -8.60 -11.99 -11.49
N PRO E 75 -8.38 -10.82 -12.07
CA PRO E 75 -7.25 -10.65 -12.97
C PRO E 75 -5.94 -10.64 -12.19
N LEU E 76 -4.89 -11.11 -12.85
CA LEU E 76 -3.55 -11.15 -12.27
C LEU E 76 -2.70 -10.06 -12.89
N SER E 77 -1.99 -9.32 -12.04
CA SER E 77 -1.10 -8.28 -12.54
C SER E 77 0.00 -8.88 -13.38
N LEU E 78 0.36 -8.20 -14.47
CA LEU E 78 1.42 -8.68 -15.34
C LEU E 78 2.77 -8.61 -14.62
N HIS E 79 3.54 -9.66 -14.75
CA HIS E 79 4.84 -9.76 -14.09
C HIS E 79 5.95 -9.25 -15.01
N ARG E 80 6.94 -8.60 -14.41
CA ARG E 80 8.04 -8.04 -15.18
C ARG E 80 9.01 -9.10 -15.68
N ASP E 81 8.99 -10.30 -15.08
CA ASP E 81 9.90 -11.38 -15.43
C ASP E 81 9.28 -12.37 -16.40
N ILE E 82 8.22 -11.97 -17.10
CA ILE E 82 7.52 -12.89 -17.99
C ILE E 82 8.41 -13.32 -19.14
N TYR E 83 9.17 -12.39 -19.72
CA TYR E 83 9.94 -12.70 -20.92
C TYR E 83 11.14 -13.60 -20.61
N ASN E 84 11.88 -13.27 -19.55
CA ASN E 84 13.03 -14.09 -19.17
C ASN E 84 12.59 -15.50 -18.82
N TYR E 85 11.55 -15.63 -18.00
CA TYR E 85 11.08 -16.95 -17.61
C TYR E 85 10.53 -17.71 -18.81
N SER E 86 9.84 -17.01 -19.72
CA SER E 86 9.37 -17.66 -20.94
C SER E 86 10.54 -18.20 -21.75
N GLN E 87 11.64 -17.46 -21.79
CA GLN E 87 12.85 -17.98 -22.42
C GLN E 87 13.34 -19.23 -21.69
N PHE E 88 13.32 -19.21 -20.36
CA PHE E 88 13.77 -20.36 -19.60
C PHE E 88 12.87 -21.57 -19.84
N LEU E 89 11.55 -21.36 -19.87
CA LEU E 89 10.63 -22.47 -20.04
C LEU E 89 10.77 -23.12 -21.41
N LEU E 90 11.17 -22.35 -22.42
CA LEU E 90 11.27 -22.89 -23.77
C LEU E 90 12.36 -23.94 -23.90
N GLN E 91 13.34 -23.96 -22.99
CA GLN E 91 14.43 -24.91 -23.08
C GLN E 91 13.94 -26.34 -22.93
N ARG E 92 13.02 -26.57 -22.00
CA ARG E 92 12.55 -27.93 -21.71
C ARG E 92 11.21 -28.27 -22.33
N TYR E 93 10.32 -27.30 -22.51
CA TYR E 93 8.97 -27.54 -22.99
C TYR E 93 8.80 -26.98 -24.39
N ASN E 94 8.04 -27.70 -25.22
CA ASN E 94 7.78 -27.30 -26.59
C ASN E 94 6.28 -27.09 -26.75
N PHE E 95 5.82 -25.89 -26.40
CA PHE E 95 4.45 -25.45 -26.62
C PHE E 95 4.45 -24.25 -27.55
N GLY E 96 3.26 -23.69 -27.78
CA GLY E 96 3.18 -22.44 -28.50
C GLY E 96 3.75 -21.30 -27.68
N LEU E 97 4.20 -20.25 -28.38
CA LEU E 97 4.79 -19.12 -27.69
C LEU E 97 3.77 -18.41 -26.80
N SER E 98 2.54 -18.23 -27.30
CA SER E 98 1.50 -17.63 -26.47
C SER E 98 1.20 -18.52 -25.27
N ASP E 99 1.16 -19.83 -25.48
CA ASP E 99 0.94 -20.74 -24.37
C ASP E 99 2.08 -20.65 -23.36
N ILE E 100 3.31 -20.50 -23.86
CA ILE E 100 4.46 -20.36 -22.96
C ILE E 100 4.33 -19.09 -22.14
N LEU E 101 3.90 -17.99 -22.77
CA LEU E 101 3.72 -16.74 -22.03
C LEU E 101 2.64 -16.88 -20.97
N VAL E 102 1.53 -17.56 -21.31
CA VAL E 102 0.47 -17.78 -20.34
C VAL E 102 0.99 -18.58 -19.16
N LEU E 103 1.74 -19.64 -19.44
CA LEU E 103 2.31 -20.46 -18.35
C LEU E 103 3.26 -19.65 -17.49
N SER E 104 4.10 -18.83 -18.11
CA SER E 104 5.08 -18.05 -17.35
C SER E 104 4.39 -17.05 -16.44
N ASP E 105 3.37 -16.36 -16.96
CA ASP E 105 2.66 -15.40 -16.11
C ASP E 105 1.88 -16.09 -15.01
N SER E 106 1.33 -17.27 -15.28
CA SER E 106 0.64 -18.01 -14.23
C SER E 106 1.61 -18.45 -13.14
N ILE E 107 2.77 -18.98 -13.53
CA ILE E 107 3.73 -19.50 -12.56
C ILE E 107 4.30 -18.36 -11.73
N LEU E 108 4.66 -17.24 -12.36
CA LEU E 108 5.26 -16.13 -11.64
C LEU E 108 4.31 -15.55 -10.60
N ASN E 109 3.01 -15.83 -10.70
CA ASN E 109 2.04 -15.38 -9.72
C ASN E 109 1.58 -16.50 -8.78
N ASN E 110 2.44 -17.51 -8.59
CA ASN E 110 2.23 -18.57 -7.60
C ASN E 110 0.96 -19.38 -7.87
N CYS E 111 0.55 -19.48 -9.13
CA CYS E 111 -0.55 -20.37 -9.47
C CYS E 111 -0.06 -21.80 -9.56
N THR E 112 -0.85 -22.72 -9.02
CA THR E 112 -0.47 -24.12 -8.98
C THR E 112 -1.25 -25.01 -9.93
N ILE E 113 -2.42 -24.58 -10.39
CA ILE E 113 -3.23 -25.35 -11.32
C ILE E 113 -3.63 -24.42 -12.46
N LEU E 114 -3.51 -24.89 -13.70
CA LEU E 114 -3.91 -24.13 -14.88
C LEU E 114 -5.03 -24.91 -15.57
N LEU E 115 -6.28 -24.51 -15.33
CA LEU E 115 -7.42 -25.18 -15.93
C LEU E 115 -7.45 -24.83 -17.41
N SER E 116 -6.95 -25.75 -18.25
CA SER E 116 -6.94 -25.56 -19.68
C SER E 116 -7.37 -26.86 -20.35
N GLU E 117 -7.59 -26.79 -21.66
CA GLU E 117 -7.94 -27.96 -22.44
C GLU E 117 -6.88 -28.30 -23.48
N ASP E 118 -6.54 -27.37 -24.37
CA ASP E 118 -5.63 -27.64 -25.48
C ASP E 118 -4.17 -27.46 -25.07
N MET E 119 -3.77 -28.11 -23.98
CA MET E 119 -2.41 -27.95 -23.48
C MET E 119 -1.84 -29.26 -22.97
N CYS E 120 -2.28 -30.39 -23.54
CA CYS E 120 -1.81 -31.74 -23.21
C CYS E 120 -1.75 -31.93 -21.69
N ASN E 121 -2.93 -31.94 -21.08
CA ASN E 121 -3.05 -31.97 -19.63
C ASN E 121 -2.26 -33.10 -18.99
N GLY E 122 -1.92 -32.92 -17.71
CA GLY E 122 -1.33 -33.98 -16.93
C GLY E 122 0.06 -33.74 -16.38
N MET E 123 0.99 -33.20 -17.17
CA MET E 123 2.36 -33.10 -16.67
C MET E 123 2.56 -31.82 -15.88
N ILE E 124 3.46 -31.89 -14.91
CA ILE E 124 3.85 -30.72 -14.15
C ILE E 124 4.67 -29.80 -15.04
N VAL E 125 4.73 -28.52 -14.69
CA VAL E 125 5.54 -27.55 -15.41
C VAL E 125 6.52 -26.95 -14.42
N ASP E 126 7.81 -27.21 -14.63
CA ASP E 126 8.90 -26.69 -13.79
C ASP E 126 8.75 -27.08 -12.32
N LYS E 127 7.99 -28.13 -12.04
CA LYS E 127 7.72 -28.59 -10.67
C LYS E 127 7.07 -27.49 -9.83
N LYS E 128 6.33 -26.59 -10.47
CA LYS E 128 5.60 -25.55 -9.77
C LYS E 128 4.12 -25.52 -10.12
N LEU E 129 3.77 -25.84 -11.36
CA LEU E 129 2.39 -25.78 -11.83
C LEU E 129 2.09 -27.03 -12.63
N LYS E 130 0.81 -27.41 -12.65
CA LYS E 130 0.37 -28.56 -13.42
C LYS E 130 -0.85 -28.18 -14.25
N ILE E 131 -0.94 -28.78 -15.43
CA ILE E 131 -2.01 -28.50 -16.38
C ILE E 131 -3.06 -29.60 -16.24
N VAL E 132 -4.31 -29.18 -16.05
CA VAL E 132 -5.42 -30.11 -15.82
C VAL E 132 -6.53 -29.78 -16.80
N ASN E 133 -7.03 -30.82 -17.47
CA ASN E 133 -8.19 -30.64 -18.34
C ASN E 133 -9.44 -30.93 -17.52
N PRO E 134 -10.31 -29.95 -17.28
CA PRO E 134 -11.47 -30.19 -16.44
C PRO E 134 -12.64 -30.84 -17.16
N PHE E 135 -12.60 -30.90 -18.48
CA PHE E 135 -13.67 -31.50 -19.27
C PHE E 135 -13.53 -33.02 -19.38
N LEU E 136 -12.48 -33.60 -18.81
CA LEU E 136 -12.31 -35.04 -18.80
C LEU E 136 -12.47 -35.60 -17.38
#